data_5ZLA
#
_entry.id   5ZLA
#
_cell.length_a   116.408
_cell.length_b   79.437
_cell.length_c   141.009
_cell.angle_alpha   90.00
_cell.angle_beta   100.62
_cell.angle_gamma   90.00
#
_symmetry.space_group_name_H-M   'P 1 21 1'
#
loop_
_entity.id
_entity.type
_entity.pdbx_description
1 polymer 'DFA-IIIase C387A mutant'
2 non-polymer "(2R,3'S,4'S,4aR,5'R,6R,7R,7aS)-4a,5',6-tris(hydroxymethyl)spiro[3,6,7,7a-tetrahydrofuro[2,3-b][1,4]dioxine-2,2'-oxolane ]-3',4',7-triol"
3 water water
#
_entity_poly.entity_id   1
_entity_poly.type   'polypeptide(L)'
_entity_poly.pdbx_seq_one_letter_code
;MPSNNRYDVTEWPAGNPAKDIGEVINSIIADIKARQGAADVDDGGKPGAVIYLPPGDYHLRTQVLIDISFLRIEGSGHGF
TSSSIRFNVPEEEWPDLHELWPGGSRVIVDLPAGGAGDSAAGAAFLVAREGSPRISSVEFSNFCIDGLHFTADGSGRHPE
NTYANGKTGIHVASANDSFRVTDMGFVYLENALTIHKADALSIHHNFIAECGSCIELRGWGQASKITDNLVGAGPRGHSI
YAENHGGLLVTANNVFPRGASSVHFKGVTRSSVTNNRLHAFYPGMVRLEENSSENLVATNHFLRDHEPWTPFFGVDNGLD
DLTGLLSISGNNNSVIGNHFSEVVDANEIRPEGATPVIIRLTAGTGNFVSTNHVVAMDVDAASSDSAFEAQVDALLATEA
ADLAVTAVLVDPGSARNTILDSGSDTQVVADRAVNAIRATPTVGF
;
_entity_poly.pdbx_strand_id   A,B,C,D,E,F
#
loop_
_chem_comp.id
_chem_comp.type
_chem_comp.name
_chem_comp.formula
9F3 non-polymer '(2R,3'S,4'S,4aR,5'R,6R,7R,7aS)-4a,5',6-tris(hydroxymethyl)spiro[3,6,7,7a-tetrahydrofuro[2,3-b][1,4]dioxine-2,2'-oxolane ]-3',4',7-triol' 'C12 H20 O10'
#
# COMPACT_ATOMS: atom_id res chain seq x y z
N PRO A 2 1.48 18.34 -29.24
CA PRO A 2 0.55 17.90 -30.21
C PRO A 2 -0.66 17.29 -29.50
N SER A 3 -1.83 17.70 -29.96
CA SER A 3 -3.10 17.17 -29.49
C SER A 3 -3.18 15.65 -29.58
N ASN A 4 -2.46 15.02 -30.52
CA ASN A 4 -2.52 13.56 -30.66
C ASN A 4 -1.51 12.72 -29.86
N ASN A 5 -0.79 13.37 -28.95
CA ASN A 5 0.04 12.67 -27.96
C ASN A 5 1.17 11.83 -28.56
N ARG A 6 1.68 12.26 -29.72
CA ARG A 6 2.80 11.61 -30.39
C ARG A 6 3.95 12.62 -30.44
N TYR A 7 5.10 12.21 -29.98
CA TYR A 7 6.28 13.05 -29.95
C TYR A 7 7.46 12.31 -30.57
N ASP A 8 8.30 13.04 -31.29
CA ASP A 8 9.56 12.51 -31.84
C ASP A 8 10.65 13.36 -31.17
N VAL A 9 11.63 12.73 -30.52
CA VAL A 9 12.67 13.50 -29.82
C VAL A 9 13.49 14.42 -30.72
N THR A 10 13.57 14.09 -32.01
CA THR A 10 14.30 14.92 -32.96
C THR A 10 13.46 16.10 -33.50
N GLU A 11 12.19 16.17 -33.14
CA GLU A 11 11.30 17.26 -33.55
C GLU A 11 10.91 18.16 -32.37
N TRP A 12 11.53 18.00 -31.22
CA TRP A 12 11.14 18.74 -30.05
C TRP A 12 11.72 20.15 -30.11
N PRO A 13 10.85 21.19 -30.08
CA PRO A 13 11.32 22.57 -30.22
C PRO A 13 12.39 22.94 -29.22
N ALA A 14 13.49 23.48 -29.74
CA ALA A 14 14.65 23.92 -28.95
C ALA A 14 15.41 22.77 -28.25
N GLY A 15 15.02 21.51 -28.50
CA GLY A 15 15.67 20.38 -27.87
C GLY A 15 16.85 19.92 -28.70
N ASN A 16 17.81 19.31 -28.04
CA ASN A 16 18.95 18.71 -28.72
C ASN A 16 19.20 17.32 -28.13
N PRO A 17 18.56 16.30 -28.70
CA PRO A 17 18.70 14.96 -28.12
C PRO A 17 20.09 14.35 -28.31
N ALA A 18 20.88 14.86 -29.26
CA ALA A 18 22.29 14.43 -29.36
C ALA A 18 23.07 14.83 -28.09
N LYS A 19 22.77 16.02 -27.54
CA LYS A 19 23.49 16.56 -26.40
C LYS A 19 22.88 16.10 -25.08
N ASP A 20 21.56 16.14 -24.96
CA ASP A 20 20.89 15.67 -23.74
C ASP A 20 19.45 15.29 -24.02
N ILE A 21 19.27 14.05 -24.45
CA ILE A 21 17.94 13.48 -24.70
C ILE A 21 17.12 13.38 -23.40
N GLY A 22 17.79 13.29 -22.26
CA GLY A 22 17.08 13.32 -21.00
C GLY A 22 16.28 14.59 -20.77
N GLU A 23 16.93 15.72 -21.01
CA GLU A 23 16.25 17.02 -20.92
C GLU A 23 15.06 17.08 -21.91
N VAL A 24 15.27 16.56 -23.12
CA VAL A 24 14.23 16.56 -24.16
C VAL A 24 13.03 15.74 -23.69
N ILE A 25 13.28 14.52 -23.20
CA ILE A 25 12.20 13.65 -22.79
C ILE A 25 11.49 14.21 -21.56
N ASN A 26 12.24 14.77 -20.60
CA ASN A 26 11.61 15.44 -19.47
C ASN A 26 10.72 16.60 -19.91
N SER A 27 11.18 17.37 -20.90
CA SER A 27 10.36 18.49 -21.40
C SER A 27 9.07 17.98 -22.03
N ILE A 28 9.17 16.88 -22.77
CA ILE A 28 8.00 16.25 -23.39
C ILE A 28 7.02 15.78 -22.31
N ILE A 29 7.53 15.15 -21.26
CA ILE A 29 6.68 14.68 -20.19
C ILE A 29 5.95 15.84 -19.52
N ALA A 30 6.66 16.95 -19.30
CA ALA A 30 6.01 18.15 -18.77
C ALA A 30 4.88 18.65 -19.70
N ASP A 31 5.13 18.61 -21.01
CA ASP A 31 4.12 19.01 -22.00
C ASP A 31 2.86 18.12 -21.93
N ILE A 32 3.07 16.82 -21.81
CA ILE A 32 1.98 15.83 -21.68
C ILE A 32 1.16 16.14 -20.41
N LYS A 33 1.83 16.34 -19.28
CA LYS A 33 1.14 16.60 -18.02
C LYS A 33 0.34 17.89 -18.05
N ALA A 34 0.90 18.92 -18.68
CA ALA A 34 0.21 20.21 -18.83
C ALA A 34 -1.09 20.11 -19.62
N ARG A 35 -1.11 19.25 -20.66
CA ARG A 35 -2.30 19.04 -21.47
C ARG A 35 -3.29 18.04 -20.87
N GLN A 36 -2.78 17.10 -20.07
CA GLN A 36 -3.62 16.03 -19.52
C GLN A 36 -3.78 16.21 -18.00
N GLY A 37 -4.42 17.30 -17.61
CA GLY A 37 -4.62 17.63 -16.20
C GLY A 37 -5.87 17.05 -15.56
N ALA A 38 -6.89 16.74 -16.36
CA ALA A 38 -8.19 16.31 -15.86
C ALA A 38 -8.35 14.80 -16.02
N ALA A 39 -8.66 14.11 -14.92
CA ALA A 39 -8.78 12.65 -14.93
C ALA A 39 -10.12 12.11 -15.41
N ASP A 40 -11.17 12.94 -15.48
CA ASP A 40 -12.49 12.40 -15.69
C ASP A 40 -13.38 13.33 -16.51
N VAL A 41 -13.01 13.51 -17.76
CA VAL A 41 -13.79 14.30 -18.71
C VAL A 41 -14.15 13.36 -19.84
N ASP A 42 -15.45 13.24 -20.12
CA ASP A 42 -15.97 12.36 -21.18
C ASP A 42 -15.37 10.94 -21.07
N ASP A 43 -15.37 10.40 -19.85
CA ASP A 43 -14.89 9.04 -19.57
C ASP A 43 -13.41 8.83 -19.89
N GLY A 44 -12.61 9.89 -19.78
CA GLY A 44 -11.17 9.81 -20.03
C GLY A 44 -10.42 11.02 -19.51
N GLY A 45 -9.27 11.29 -20.12
CA GLY A 45 -8.54 12.55 -19.90
C GLY A 45 -7.04 12.45 -19.70
N LYS A 46 -6.56 11.29 -19.25
CA LYS A 46 -5.12 11.05 -19.08
C LYS A 46 -4.68 9.80 -19.83
N PRO A 47 -4.88 9.78 -21.17
CA PRO A 47 -4.53 8.59 -21.93
C PRO A 47 -3.04 8.31 -22.08
N GLY A 48 -2.17 9.28 -21.75
CA GLY A 48 -0.73 9.11 -21.88
C GLY A 48 -0.28 9.51 -23.26
N ALA A 49 0.81 8.91 -23.73
CA ALA A 49 1.50 9.41 -24.92
C ALA A 49 2.56 8.42 -25.39
N VAL A 50 3.06 8.67 -26.58
CA VAL A 50 4.18 7.94 -27.15
C VAL A 50 5.28 8.90 -27.56
N ILE A 51 6.50 8.52 -27.17
CA ILE A 51 7.71 9.26 -27.48
C ILE A 51 8.58 8.35 -28.35
N TYR A 52 8.85 8.80 -29.57
CA TYR A 52 9.64 8.05 -30.54
C TYR A 52 11.08 8.55 -30.64
N LEU A 53 12.00 7.59 -30.67
CA LEU A 53 13.42 7.83 -30.86
C LEU A 53 13.78 7.20 -32.20
N PRO A 54 14.00 8.03 -33.24
CA PRO A 54 14.55 7.46 -34.48
C PRO A 54 15.94 6.91 -34.26
N PRO A 55 16.45 6.08 -35.19
CA PRO A 55 17.83 5.61 -35.02
C PRO A 55 18.77 6.79 -34.95
N GLY A 56 19.75 6.71 -34.06
CA GLY A 56 20.61 7.86 -33.80
C GLY A 56 21.40 7.66 -32.54
N ASP A 57 22.42 8.48 -32.36
CA ASP A 57 23.25 8.49 -31.17
C ASP A 57 22.87 9.66 -30.28
N TYR A 58 22.23 9.36 -29.16
CA TYR A 58 21.71 10.38 -28.25
C TYR A 58 22.40 10.30 -26.91
N HIS A 59 23.06 11.37 -26.48
CA HIS A 59 23.61 11.41 -25.13
C HIS A 59 22.54 11.81 -24.12
N LEU A 60 22.45 11.06 -23.02
CA LEU A 60 21.59 11.41 -21.89
C LEU A 60 22.46 11.89 -20.73
N ARG A 61 22.29 13.16 -20.36
CA ARG A 61 23.02 13.79 -19.25
C ARG A 61 22.13 14.17 -18.08
N THR A 62 20.82 14.00 -18.24
CA THR A 62 19.85 14.24 -17.17
C THR A 62 18.94 13.04 -17.09
N GLN A 63 18.75 12.51 -15.88
CA GLN A 63 17.82 11.39 -15.67
C GLN A 63 16.40 11.73 -16.14
N VAL A 64 15.77 10.80 -16.85
CA VAL A 64 14.35 10.94 -17.21
C VAL A 64 13.51 10.43 -16.03
N LEU A 65 12.56 11.25 -15.59
CA LEU A 65 11.60 10.84 -14.55
C LEU A 65 10.25 10.58 -15.19
N ILE A 66 9.78 9.35 -15.13
CA ILE A 66 8.47 8.96 -15.65
C ILE A 66 7.54 8.79 -14.46
N ASP A 67 6.53 9.65 -14.38
CA ASP A 67 5.57 9.63 -13.29
C ASP A 67 4.13 9.70 -13.78
N ILE A 68 3.92 9.24 -15.01
CA ILE A 68 2.57 9.15 -15.59
C ILE A 68 2.32 7.75 -16.14
N SER A 69 1.08 7.31 -16.02
CA SER A 69 0.67 6.03 -16.58
C SER A 69 0.53 6.11 -18.09
N PHE A 70 0.67 4.96 -18.73
CA PHE A 70 0.44 4.84 -20.17
C PHE A 70 1.41 5.65 -21.05
N LEU A 71 2.63 5.87 -20.58
CA LEU A 71 3.68 6.43 -21.42
C LEU A 71 4.43 5.30 -22.11
N ARG A 72 4.55 5.41 -23.43
CA ARG A 72 5.33 4.49 -24.24
C ARG A 72 6.53 5.21 -24.79
N ILE A 73 7.70 4.64 -24.57
CA ILE A 73 8.93 5.15 -25.17
C ILE A 73 9.42 4.06 -26.12
N GLU A 74 9.55 4.43 -27.40
CA GLU A 74 9.83 3.45 -28.45
C GLU A 74 10.89 3.93 -29.40
N GLY A 75 11.63 2.97 -29.94
CA GLY A 75 12.61 3.22 -30.99
C GLY A 75 12.49 2.29 -32.17
N SER A 76 13.52 2.30 -32.99
CA SER A 76 13.61 1.50 -34.20
C SER A 76 14.91 0.72 -34.28
N GLY A 77 15.41 0.25 -33.14
CA GLY A 77 16.56 -0.66 -33.20
C GLY A 77 17.17 -0.94 -31.85
N HIS A 78 17.34 -2.22 -31.54
CA HIS A 78 17.97 -2.65 -30.30
C HIS A 78 19.48 -2.37 -30.29
N GLY A 79 20.09 -2.33 -31.47
CA GLY A 79 21.39 -1.71 -31.64
C GLY A 79 22.60 -2.36 -30.97
N PHE A 80 22.49 -3.63 -30.60
CA PHE A 80 23.57 -4.28 -29.88
C PHE A 80 24.77 -4.58 -30.76
N THR A 81 25.95 -4.28 -30.26
CA THR A 81 27.20 -4.88 -30.77
C THR A 81 28.08 -5.14 -29.54
N SER A 82 29.01 -6.06 -29.65
CA SER A 82 29.81 -6.48 -28.49
C SER A 82 30.92 -5.48 -28.19
N SER A 83 30.61 -4.52 -27.34
CA SER A 83 31.64 -3.58 -26.89
C SER A 83 32.73 -4.35 -26.12
N SER A 84 32.37 -5.45 -25.46
CA SER A 84 33.33 -6.28 -24.75
C SER A 84 34.41 -6.83 -25.72
N ILE A 85 33.98 -7.40 -26.83
CA ILE A 85 34.93 -7.88 -27.84
C ILE A 85 35.78 -6.70 -28.34
N ARG A 86 35.14 -5.58 -28.68
CA ARG A 86 35.88 -4.45 -29.24
C ARG A 86 36.92 -3.89 -28.26
N PHE A 87 36.55 -3.72 -27.00
CA PHE A 87 37.49 -3.15 -26.04
C PHE A 87 38.66 -4.09 -25.72
N ASN A 88 38.54 -5.37 -26.07
CA ASN A 88 39.66 -6.31 -25.95
C ASN A 88 40.43 -6.57 -27.25
N VAL A 89 39.98 -5.96 -28.35
CA VAL A 89 40.80 -5.89 -29.57
C VAL A 89 41.88 -4.84 -29.34
N PRO A 90 43.15 -5.16 -29.67
CA PRO A 90 44.18 -4.13 -29.51
C PRO A 90 43.81 -2.81 -30.20
N GLU A 91 44.01 -1.70 -29.49
CA GLU A 91 43.58 -0.38 -29.94
C GLU A 91 44.12 0.01 -31.32
N GLU A 92 45.34 -0.40 -31.63
CA GLU A 92 45.91 -0.13 -32.97
C GLU A 92 45.16 -0.78 -34.14
N GLU A 93 44.35 -1.79 -33.87
CA GLU A 93 43.48 -2.43 -34.87
C GLU A 93 42.08 -1.78 -35.03
N TRP A 94 41.74 -0.81 -34.18
CA TRP A 94 40.40 -0.21 -34.22
C TRP A 94 40.08 0.53 -35.52
N PRO A 95 41.06 1.22 -36.14
CA PRO A 95 40.73 1.96 -37.36
C PRO A 95 40.18 1.11 -38.52
N ASP A 96 40.55 -0.17 -38.56
CA ASP A 96 40.06 -1.09 -39.62
C ASP A 96 38.69 -1.70 -39.33
N LEU A 97 38.18 -1.55 -38.11
CA LEU A 97 36.87 -2.06 -37.76
C LEU A 97 35.75 -1.26 -38.43
N HIS A 98 34.72 -1.95 -38.93
CA HIS A 98 33.65 -1.29 -39.67
C HIS A 98 32.86 -0.33 -38.78
N GLU A 99 32.64 -0.72 -37.53
CA GLU A 99 32.10 0.17 -36.50
C GLU A 99 32.72 -0.18 -35.16
N LEU A 100 32.57 0.74 -34.22
CA LEU A 100 33.14 0.61 -32.87
C LEU A 100 32.09 0.59 -31.78
N TRP A 101 30.94 1.17 -32.03
CA TRP A 101 29.92 1.41 -31.00
C TRP A 101 28.61 0.74 -31.34
N PRO A 102 27.80 0.46 -30.31
CA PRO A 102 26.37 0.14 -30.52
C PRO A 102 25.67 1.24 -31.33
N GLY A 103 24.49 0.91 -31.81
CA GLY A 103 23.68 1.83 -32.58
C GLY A 103 22.21 1.63 -32.32
N GLY A 104 21.43 1.64 -33.39
CA GLY A 104 19.98 1.63 -33.27
C GLY A 104 19.49 2.97 -32.76
N SER A 105 18.38 2.92 -32.01
CA SER A 105 17.86 4.12 -31.33
C SER A 105 18.56 4.20 -29.98
N ARG A 106 19.71 4.87 -29.94
CA ARG A 106 20.70 4.67 -28.87
C ARG A 106 20.78 5.80 -27.86
N VAL A 107 20.52 5.44 -26.61
CA VAL A 107 20.63 6.33 -25.50
C VAL A 107 21.94 6.01 -24.78
N ILE A 108 22.89 6.93 -24.87
CA ILE A 108 24.18 6.81 -24.20
C ILE A 108 24.03 7.43 -22.82
N VAL A 109 24.24 6.63 -21.79
CA VAL A 109 24.00 7.06 -20.41
C VAL A 109 25.26 7.75 -19.89
N ASP A 110 25.21 9.08 -19.89
CA ASP A 110 26.33 9.90 -19.41
C ASP A 110 25.90 10.54 -18.09
N LEU A 111 25.57 9.69 -17.12
CA LEU A 111 25.30 10.08 -15.74
C LEU A 111 26.43 9.58 -14.86
N PRO A 112 26.75 10.34 -13.79
CA PRO A 112 27.68 9.80 -12.80
C PRO A 112 27.04 8.70 -11.91
N ALA A 113 27.87 7.90 -11.26
CA ALA A 113 27.38 6.85 -10.35
C ALA A 113 26.59 7.48 -9.21
N GLY A 114 25.57 6.75 -8.74
CA GLY A 114 24.77 7.21 -7.61
C GLY A 114 25.54 7.23 -6.30
N GLY A 115 25.08 8.05 -5.35
CA GLY A 115 25.63 8.05 -3.99
C GLY A 115 25.39 6.72 -3.29
N ALA A 116 26.05 6.52 -2.15
CA ALA A 116 25.96 5.26 -1.39
C ALA A 116 24.50 4.94 -1.05
N GLY A 117 24.06 3.75 -1.49
CA GLY A 117 22.67 3.33 -1.35
C GLY A 117 21.68 4.09 -2.22
N ASP A 118 22.16 4.64 -3.33
CA ASP A 118 21.31 5.44 -4.26
C ASP A 118 21.67 5.10 -5.72
N SER A 119 21.59 3.81 -6.06
CA SER A 119 21.81 3.39 -7.45
C SER A 119 20.72 3.90 -8.41
N ALA A 120 19.53 4.21 -7.91
CA ALA A 120 18.49 4.84 -8.75
C ALA A 120 18.96 6.18 -9.35
N ALA A 121 19.82 6.91 -8.65
CA ALA A 121 20.38 8.17 -9.18
C ALA A 121 21.18 7.98 -10.46
N GLY A 122 21.75 6.79 -10.67
CA GLY A 122 22.50 6.49 -11.90
C GLY A 122 21.67 5.91 -13.03
N ALA A 123 20.34 5.88 -12.87
CA ALA A 123 19.45 5.33 -13.90
C ALA A 123 19.11 6.35 -14.98
N ALA A 124 19.19 5.92 -16.23
CA ALA A 124 18.81 6.75 -17.38
C ALA A 124 17.34 7.08 -17.33
N PHE A 125 16.53 6.07 -17.06
CA PHE A 125 15.09 6.21 -16.85
C PHE A 125 14.70 5.74 -15.46
N LEU A 126 14.05 6.63 -14.70
CA LEU A 126 13.51 6.32 -13.39
C LEU A 126 12.00 6.43 -13.49
N VAL A 127 11.30 5.36 -13.12
CA VAL A 127 9.85 5.39 -13.06
C VAL A 127 9.47 5.40 -11.60
N ALA A 128 8.84 6.50 -11.16
CA ALA A 128 8.47 6.67 -9.76
C ALA A 128 7.21 7.50 -9.63
N ARG A 129 6.27 6.97 -8.85
CA ARG A 129 5.06 7.69 -8.44
C ARG A 129 4.42 6.86 -7.34
N GLU A 130 4.12 7.50 -6.20
CA GLU A 130 3.48 6.83 -5.08
C GLU A 130 2.00 7.22 -5.04
N GLY A 131 1.26 6.72 -4.05
CA GLY A 131 -0.17 6.98 -3.97
C GLY A 131 -0.97 6.10 -4.91
N SER A 132 -2.22 6.45 -5.12
CA SER A 132 -3.18 5.58 -5.77
C SER A 132 -3.78 6.23 -7.02
N PRO A 133 -4.09 5.46 -8.06
CA PRO A 133 -3.73 4.05 -8.22
C PRO A 133 -2.23 3.89 -8.53
N ARG A 134 -1.72 2.66 -8.49
CA ARG A 134 -0.34 2.38 -8.91
C ARG A 134 -0.15 2.81 -10.35
N ILE A 135 1.01 3.38 -10.64
CA ILE A 135 1.38 3.68 -12.03
C ILE A 135 1.27 2.40 -12.87
N SER A 136 0.67 2.54 -14.05
CA SER A 136 0.26 1.39 -14.86
C SER A 136 0.58 1.54 -16.34
N SER A 137 0.93 0.40 -16.96
CA SER A 137 1.05 0.23 -18.41
C SER A 137 2.02 1.19 -19.11
N VAL A 138 3.11 1.51 -18.43
CA VAL A 138 4.27 2.09 -19.06
C VAL A 138 4.93 1.01 -19.97
N GLU A 139 5.34 1.41 -21.15
CA GLU A 139 5.94 0.54 -22.15
C GLU A 139 7.28 1.09 -22.62
N PHE A 140 8.29 0.22 -22.67
CA PHE A 140 9.58 0.53 -23.28
C PHE A 140 9.80 -0.46 -24.40
N SER A 141 10.06 0.03 -25.62
CA SER A 141 10.11 -0.84 -26.79
C SER A 141 11.20 -0.49 -27.80
N ASN A 142 12.01 -1.48 -28.13
CA ASN A 142 12.87 -1.47 -29.31
C ASN A 142 13.83 -0.29 -29.42
N PHE A 143 14.47 0.04 -28.30
CA PHE A 143 15.58 0.97 -28.35
C PHE A 143 16.76 0.46 -27.56
N CYS A 144 17.87 1.18 -27.65
CA CYS A 144 19.15 0.74 -27.12
C CYS A 144 19.55 1.64 -25.96
N ILE A 145 20.00 1.07 -24.86
CA ILE A 145 20.55 1.85 -23.74
C ILE A 145 21.97 1.32 -23.49
N ASP A 146 22.93 2.25 -23.52
CA ASP A 146 24.36 1.93 -23.62
C ASP A 146 25.09 2.75 -22.56
N GLY A 147 25.72 2.06 -21.61
CA GLY A 147 26.52 2.73 -20.58
C GLY A 147 27.97 2.96 -20.98
N LEU A 148 28.26 2.73 -22.26
CA LEU A 148 29.46 3.18 -22.94
C LEU A 148 30.77 2.52 -22.51
N HIS A 149 31.16 2.70 -21.25
CA HIS A 149 32.39 2.16 -20.70
C HIS A 149 32.18 1.50 -19.34
N PHE A 150 32.99 0.51 -19.05
CA PHE A 150 33.21 0.08 -17.67
C PHE A 150 34.51 0.73 -17.17
N THR A 151 34.63 0.90 -15.86
CA THR A 151 35.75 1.65 -15.28
C THR A 151 36.49 0.90 -14.19
N ALA A 152 37.69 1.38 -13.87
CA ALA A 152 38.54 0.71 -12.86
C ALA A 152 37.81 0.61 -11.54
N ASP A 153 37.92 -0.53 -10.86
CA ASP A 153 37.23 -0.71 -9.57
C ASP A 153 38.07 -1.40 -8.50
N GLY A 154 39.39 -1.44 -8.70
CA GLY A 154 40.28 -2.14 -7.78
C GLY A 154 40.31 -3.66 -7.92
N SER A 155 39.57 -4.21 -8.88
CA SER A 155 39.55 -5.67 -9.10
C SER A 155 40.85 -6.17 -9.75
N GLY A 156 41.60 -5.28 -10.39
CA GLY A 156 42.79 -5.68 -11.16
C GLY A 156 42.49 -6.13 -12.59
N ARG A 157 41.22 -6.25 -12.95
CA ARG A 157 40.85 -6.49 -14.34
C ARG A 157 41.16 -5.22 -15.16
N HIS A 158 41.25 -5.35 -16.48
CA HIS A 158 41.29 -4.17 -17.34
C HIS A 158 39.98 -3.39 -17.10
N PRO A 159 40.03 -2.04 -17.13
CA PRO A 159 38.83 -1.24 -16.83
C PRO A 159 37.57 -1.65 -17.60
N GLU A 160 37.71 -1.94 -18.88
CA GLU A 160 36.53 -2.27 -19.69
C GLU A 160 35.94 -3.65 -19.41
N ASN A 161 36.61 -4.44 -18.57
CA ASN A 161 36.15 -5.79 -18.18
C ASN A 161 35.64 -5.88 -16.75
N THR A 162 35.49 -4.76 -16.06
CA THR A 162 35.08 -4.78 -14.64
C THR A 162 33.58 -4.98 -14.45
N TYR A 163 32.77 -4.61 -15.45
CA TYR A 163 31.30 -4.54 -15.31
C TYR A 163 30.84 -3.51 -14.26
N ALA A 164 31.70 -2.53 -13.96
CA ALA A 164 31.43 -1.48 -13.00
C ALA A 164 31.37 -0.08 -13.60
N ASN A 165 30.20 0.55 -13.50
CA ASN A 165 30.05 1.99 -13.78
C ASN A 165 28.95 2.78 -13.05
N GLY A 166 28.18 2.15 -12.17
CA GLY A 166 27.14 2.83 -11.42
C GLY A 166 25.91 3.23 -12.23
N LYS A 167 25.82 2.76 -13.48
CA LYS A 167 24.73 3.18 -14.39
C LYS A 167 23.69 2.10 -14.47
N THR A 168 22.42 2.53 -14.52
CA THR A 168 21.26 1.65 -14.74
C THR A 168 20.55 2.10 -16.00
N GLY A 169 20.01 1.15 -16.78
CA GLY A 169 19.20 1.49 -17.93
C GLY A 169 17.83 2.02 -17.53
N ILE A 170 17.02 1.13 -16.95
CA ILE A 170 15.67 1.46 -16.49
C ILE A 170 15.56 0.98 -15.04
N HIS A 171 15.13 1.90 -14.16
CA HIS A 171 14.91 1.62 -12.74
C HIS A 171 13.47 2.03 -12.43
N VAL A 172 12.65 1.05 -12.04
CA VAL A 172 11.30 1.33 -11.58
C VAL A 172 11.28 1.19 -10.07
N ALA A 173 11.05 2.31 -9.39
CA ALA A 173 11.12 2.39 -7.92
C ALA A 173 9.77 2.10 -7.24
N SER A 174 8.68 2.35 -7.93
CA SER A 174 7.36 2.30 -7.31
C SER A 174 6.58 1.10 -7.75
N ALA A 175 5.61 0.73 -6.93
CA ALA A 175 4.67 -0.31 -7.28
C ALA A 175 4.05 -0.02 -8.64
N ASN A 176 3.89 -1.06 -9.45
CA ASN A 176 3.51 -0.87 -10.83
C ASN A 176 2.66 -2.03 -11.30
N ASP A 177 1.82 -1.79 -12.30
CA ASP A 177 0.90 -2.79 -12.83
C ASP A 177 0.96 -2.77 -14.35
N SER A 178 1.05 -3.96 -14.96
CA SER A 178 0.92 -4.13 -16.41
C SER A 178 2.00 -3.41 -17.23
N PHE A 179 3.20 -3.27 -16.66
CA PHE A 179 4.33 -2.70 -17.38
C PHE A 179 4.83 -3.67 -18.44
N ARG A 180 5.48 -3.12 -19.47
CA ARG A 180 6.11 -3.92 -20.53
C ARG A 180 7.48 -3.39 -20.87
N VAL A 181 8.44 -4.31 -21.01
CA VAL A 181 9.75 -3.99 -21.55
C VAL A 181 9.97 -5.02 -22.64
N THR A 182 10.00 -4.56 -23.88
CA THR A 182 10.06 -5.45 -25.05
C THR A 182 11.03 -4.97 -26.12
N ASP A 183 11.66 -5.94 -26.78
CA ASP A 183 12.53 -5.69 -27.94
C ASP A 183 13.72 -4.73 -27.67
N MET A 184 14.08 -4.53 -26.41
CA MET A 184 15.16 -3.60 -26.08
C MET A 184 16.52 -4.23 -26.35
N GLY A 185 17.53 -3.37 -26.42
CA GLY A 185 18.92 -3.72 -26.29
C GLY A 185 19.51 -2.96 -25.12
N PHE A 186 20.21 -3.65 -24.25
CA PHE A 186 20.94 -3.03 -23.13
C PHE A 186 22.37 -3.52 -23.23
N VAL A 187 23.33 -2.62 -23.06
CA VAL A 187 24.74 -2.96 -23.19
C VAL A 187 25.59 -2.06 -22.32
N TYR A 188 26.57 -2.65 -21.66
CA TYR A 188 27.59 -1.90 -20.93
C TYR A 188 27.03 -1.04 -19.78
N LEU A 189 26.01 -1.58 -19.11
CA LEU A 189 25.43 -0.96 -17.91
C LEU A 189 25.74 -1.85 -16.72
N GLU A 190 26.07 -1.25 -15.58
CA GLU A 190 26.21 -2.05 -14.37
C GLU A 190 24.92 -2.78 -14.02
N ASN A 191 23.78 -2.13 -14.22
CA ASN A 191 22.46 -2.75 -14.07
C ASN A 191 21.60 -2.40 -15.26
N ALA A 192 21.10 -3.40 -15.99
CA ALA A 192 20.27 -3.10 -17.16
C ALA A 192 18.88 -2.62 -16.74
N LEU A 193 18.19 -3.47 -16.00
CA LEU A 193 16.77 -3.33 -15.73
C LEU A 193 16.47 -3.75 -14.30
N THR A 194 16.01 -2.81 -13.47
CA THR A 194 15.70 -3.09 -12.09
C THR A 194 14.27 -2.60 -11.85
N ILE A 195 13.38 -3.52 -11.50
CA ILE A 195 11.98 -3.18 -11.30
C ILE A 195 11.51 -3.63 -9.92
N HIS A 196 11.12 -2.66 -9.09
CA HIS A 196 10.61 -2.93 -7.74
C HIS A 196 9.11 -3.09 -7.79
N LYS A 197 8.57 -3.99 -6.96
CA LYS A 197 7.14 -4.00 -6.62
C LYS A 197 6.23 -4.17 -7.85
N ALA A 198 6.60 -5.13 -8.67
CA ALA A 198 5.93 -5.34 -9.98
C ALA A 198 4.74 -6.27 -9.89
N ASP A 199 3.65 -5.90 -10.54
CA ASP A 199 2.46 -6.73 -10.70
C ASP A 199 2.20 -6.90 -12.20
N ALA A 200 2.08 -8.14 -12.67
CA ALA A 200 1.65 -8.42 -14.04
C ALA A 200 2.53 -7.74 -15.09
N LEU A 201 3.83 -7.72 -14.78
CA LEU A 201 4.88 -7.26 -15.65
C LEU A 201 5.22 -8.28 -16.73
N SER A 202 5.53 -7.80 -17.93
CA SER A 202 6.10 -8.62 -18.98
C SER A 202 7.42 -8.06 -19.48
N ILE A 203 8.48 -8.83 -19.32
CA ILE A 203 9.81 -8.55 -19.87
C ILE A 203 10.00 -9.60 -20.95
N HIS A 204 9.81 -9.19 -22.21
CA HIS A 204 9.67 -10.10 -23.34
C HIS A 204 10.51 -9.71 -24.55
N HIS A 205 11.28 -10.67 -25.06
CA HIS A 205 12.02 -10.53 -26.32
C HIS A 205 13.02 -9.37 -26.33
N ASN A 206 13.77 -9.24 -25.24
CA ASN A 206 14.83 -8.26 -25.18
C ASN A 206 16.17 -8.95 -25.43
N PHE A 207 17.18 -8.11 -25.63
CA PHE A 207 18.58 -8.51 -25.71
C PHE A 207 19.31 -7.72 -24.63
N ILE A 208 19.73 -8.42 -23.58
CA ILE A 208 20.23 -7.76 -22.37
C ILE A 208 21.57 -8.39 -22.07
N ALA A 209 22.66 -7.75 -22.51
CA ALA A 209 23.94 -8.43 -22.49
C ALA A 209 25.10 -7.50 -22.18
N GLU A 210 26.17 -8.08 -21.65
CA GLU A 210 27.37 -7.32 -21.31
C GLU A 210 27.02 -6.19 -20.33
N CYS A 211 26.15 -6.56 -19.37
CA CYS A 211 25.75 -5.71 -18.26
C CYS A 211 26.13 -6.44 -16.99
N GLY A 212 26.47 -5.71 -15.93
CA GLY A 212 26.89 -6.37 -14.68
C GLY A 212 25.83 -7.30 -14.15
N SER A 213 24.62 -6.74 -14.03
CA SER A 213 23.39 -7.49 -13.81
C SER A 213 22.42 -7.10 -14.88
N CYS A 214 21.58 -8.05 -15.29
CA CYS A 214 20.62 -7.80 -16.36
C CYS A 214 19.26 -7.48 -15.75
N ILE A 215 18.48 -8.50 -15.39
CA ILE A 215 17.12 -8.29 -14.86
C ILE A 215 17.08 -8.54 -13.34
N GLU A 216 16.62 -7.53 -12.59
CA GLU A 216 16.39 -7.66 -11.15
C GLU A 216 14.99 -7.20 -10.81
N LEU A 217 14.18 -8.11 -10.27
CA LEU A 217 12.87 -7.81 -9.73
C LEU A 217 12.97 -7.77 -8.20
N ARG A 218 12.86 -6.57 -7.66
CA ARG A 218 13.14 -6.32 -6.23
C ARG A 218 11.89 -5.97 -5.43
N GLY A 219 12.05 -6.07 -4.11
CA GLY A 219 11.02 -5.75 -3.15
C GLY A 219 10.08 -6.92 -2.98
N TRP A 220 9.08 -6.94 -3.87
CA TRP A 220 8.15 -8.04 -3.99
C TRP A 220 7.49 -7.96 -5.33
N GLY A 221 6.60 -8.89 -5.63
CA GLY A 221 5.83 -8.78 -6.87
C GLY A 221 4.95 -9.98 -7.09
N GLN A 222 4.18 -9.94 -8.18
CA GLN A 222 3.26 -11.03 -8.47
C GLN A 222 2.87 -11.09 -9.93
N ALA A 223 2.47 -12.28 -10.34
CA ALA A 223 1.82 -12.54 -11.62
C ALA A 223 2.58 -12.01 -12.84
N SER A 224 3.91 -12.02 -12.77
CA SER A 224 4.74 -11.46 -13.84
C SER A 224 5.39 -12.54 -14.71
N LYS A 225 6.03 -12.11 -15.79
CA LYS A 225 6.72 -13.02 -16.68
C LYS A 225 7.92 -12.42 -17.35
N ILE A 226 8.92 -13.27 -17.50
CA ILE A 226 10.18 -12.97 -18.17
C ILE A 226 10.35 -14.03 -19.24
N THR A 227 10.14 -13.63 -20.50
CA THR A 227 10.03 -14.60 -21.59
C THR A 227 10.81 -14.20 -22.83
N ASP A 228 11.41 -15.20 -23.47
CA ASP A 228 11.99 -15.03 -24.82
C ASP A 228 13.11 -14.00 -24.88
N ASN A 229 13.86 -13.85 -23.78
CA ASN A 229 14.97 -12.91 -23.74
C ASN A 229 16.29 -13.62 -24.03
N LEU A 230 17.21 -12.86 -24.57
CA LEU A 230 18.62 -13.22 -24.65
C LEU A 230 19.36 -12.39 -23.58
N VAL A 231 20.09 -13.08 -22.70
CA VAL A 231 20.60 -12.47 -21.48
C VAL A 231 22.00 -12.97 -21.19
N GLY A 232 22.92 -12.03 -20.93
CA GLY A 232 24.26 -12.37 -20.44
C GLY A 232 24.80 -11.28 -19.53
N ALA A 233 25.13 -11.66 -18.30
CA ALA A 233 25.54 -10.72 -17.28
C ALA A 233 27.05 -10.82 -16.99
N GLY A 234 27.46 -10.29 -15.84
CA GLY A 234 28.85 -10.29 -15.41
C GLY A 234 29.04 -11.08 -14.13
N PRO A 235 30.30 -11.45 -13.82
CA PRO A 235 30.56 -12.47 -12.79
C PRO A 235 30.18 -12.15 -11.34
N ARG A 236 29.92 -10.88 -11.02
CA ARG A 236 29.45 -10.49 -9.70
C ARG A 236 27.98 -10.12 -9.68
N GLY A 237 27.26 -10.36 -10.79
CA GLY A 237 25.88 -9.90 -10.89
C GLY A 237 24.94 -10.97 -11.32
N HIS A 238 23.68 -10.57 -11.45
CA HIS A 238 22.59 -11.48 -11.75
C HIS A 238 22.21 -11.42 -13.22
N SER A 239 21.82 -12.57 -13.77
CA SER A 239 21.21 -12.62 -15.10
C SER A 239 19.72 -12.33 -14.97
N ILE A 240 19.03 -13.22 -14.27
CA ILE A 240 17.63 -13.02 -13.86
C ILE A 240 17.59 -13.20 -12.34
N TYR A 241 17.10 -12.18 -11.66
CA TYR A 241 16.97 -12.18 -10.20
C TYR A 241 15.58 -11.75 -9.83
N ALA A 242 14.99 -12.43 -8.86
CA ALA A 242 13.74 -12.00 -8.26
C ALA A 242 13.70 -12.28 -6.78
N GLU A 243 13.05 -11.38 -6.04
CA GLU A 243 12.83 -11.58 -4.63
C GLU A 243 11.37 -11.34 -4.26
N ASN A 244 10.84 -12.22 -3.42
CA ASN A 244 9.49 -12.08 -2.87
C ASN A 244 8.43 -11.91 -3.95
N HIS A 245 8.63 -12.66 -5.04
CA HIS A 245 7.64 -12.78 -6.11
C HIS A 245 6.83 -14.06 -5.93
N GLY A 246 5.54 -13.94 -6.21
CA GLY A 246 4.66 -15.10 -6.32
C GLY A 246 4.12 -15.18 -7.73
N GLY A 247 4.01 -16.38 -8.28
CA GLY A 247 3.41 -16.56 -9.61
C GLY A 247 4.20 -15.96 -10.76
N LEU A 248 5.53 -15.95 -10.63
CA LEU A 248 6.41 -15.53 -11.69
C LEU A 248 6.62 -16.68 -12.70
N LEU A 249 6.58 -16.35 -13.98
CA LEU A 249 6.88 -17.31 -15.07
C LEU A 249 8.17 -16.87 -15.81
N VAL A 250 9.19 -17.70 -15.76
CA VAL A 250 10.48 -17.48 -16.44
C VAL A 250 10.66 -18.59 -17.45
N THR A 251 10.47 -18.27 -18.73
CA THR A 251 10.49 -19.31 -19.75
C THR A 251 10.95 -18.80 -21.09
N ALA A 252 11.51 -19.72 -21.87
CA ALA A 252 11.95 -19.49 -23.24
C ALA A 252 13.06 -18.45 -23.33
N ASN A 253 13.85 -18.31 -22.27
CA ASN A 253 15.01 -17.45 -22.31
C ASN A 253 16.25 -18.27 -22.69
N ASN A 254 17.14 -17.61 -23.39
CA ASN A 254 18.46 -18.12 -23.70
C ASN A 254 19.46 -17.27 -22.90
N VAL A 255 19.88 -17.83 -21.77
CA VAL A 255 20.80 -17.14 -20.85
C VAL A 255 22.18 -17.73 -21.08
N PHE A 256 23.09 -16.87 -21.51
CA PHE A 256 24.47 -17.24 -21.79
C PHE A 256 25.35 -16.55 -20.74
N PRO A 257 26.64 -16.89 -20.70
CA PRO A 257 27.50 -16.33 -19.64
C PRO A 257 27.64 -14.78 -19.73
N ARG A 258 28.14 -14.10 -18.70
CA ARG A 258 28.87 -14.68 -17.57
C ARG A 258 28.41 -14.13 -16.22
N GLY A 259 27.10 -14.11 -16.01
CA GLY A 259 26.56 -13.80 -14.71
C GLY A 259 27.08 -14.73 -13.60
N ALA A 260 26.99 -14.26 -12.37
CA ALA A 260 27.25 -15.08 -11.20
C ALA A 260 26.32 -16.28 -11.17
N SER A 261 25.10 -16.04 -11.62
CA SER A 261 24.08 -17.07 -11.79
C SER A 261 23.25 -16.78 -13.03
N SER A 262 22.49 -17.77 -13.45
CA SER A 262 21.50 -17.64 -14.53
C SER A 262 20.15 -17.16 -13.99
N VAL A 263 19.68 -17.82 -12.93
CA VAL A 263 18.42 -17.47 -12.28
C VAL A 263 18.64 -17.57 -10.77
N HIS A 264 18.29 -16.49 -10.05
CA HIS A 264 18.50 -16.41 -8.62
C HIS A 264 17.21 -15.89 -7.98
N PHE A 265 16.63 -16.71 -7.12
CA PHE A 265 15.41 -16.40 -6.39
C PHE A 265 15.71 -16.29 -4.90
N LYS A 266 15.16 -15.27 -4.26
CA LYS A 266 15.14 -15.15 -2.81
C LYS A 266 13.70 -14.97 -2.38
N GLY A 267 13.19 -15.91 -1.60
CA GLY A 267 11.80 -15.84 -1.12
C GLY A 267 10.75 -15.87 -2.21
N VAL A 268 11.05 -16.56 -3.31
CA VAL A 268 10.12 -16.63 -4.44
C VAL A 268 9.25 -17.90 -4.28
N THR A 269 7.95 -17.75 -4.49
CA THR A 269 7.02 -18.84 -4.25
C THR A 269 6.14 -19.06 -5.46
N ARG A 270 5.69 -20.30 -5.61
CA ARG A 270 4.61 -20.62 -6.54
C ARG A 270 4.88 -20.07 -7.94
N SER A 271 6.11 -20.30 -8.40
CA SER A 271 6.60 -19.74 -9.65
C SER A 271 7.16 -20.87 -10.49
N SER A 272 7.49 -20.56 -11.74
CA SER A 272 7.95 -21.54 -12.70
C SER A 272 9.18 -21.06 -13.47
N VAL A 273 10.24 -21.85 -13.43
CA VAL A 273 11.44 -21.59 -14.22
C VAL A 273 11.57 -22.80 -15.14
N THR A 274 11.08 -22.66 -16.36
CA THR A 274 10.79 -23.83 -17.17
C THR A 274 11.12 -23.53 -18.62
N ASN A 275 11.73 -24.50 -19.29
CA ASN A 275 12.03 -24.40 -20.71
C ASN A 275 12.91 -23.19 -21.05
N ASN A 276 14.00 -23.05 -20.30
CA ASN A 276 15.05 -22.10 -20.65
C ASN A 276 16.29 -22.86 -21.04
N ARG A 277 17.11 -22.21 -21.87
CA ARG A 277 18.46 -22.66 -22.14
C ARG A 277 19.38 -21.81 -21.29
N LEU A 278 20.19 -22.46 -20.46
CA LEU A 278 21.03 -21.82 -19.45
C LEU A 278 22.47 -22.29 -19.64
N HIS A 279 23.39 -21.34 -19.84
CA HIS A 279 24.80 -21.64 -20.01
C HIS A 279 25.61 -20.74 -19.09
N ALA A 280 26.40 -21.36 -18.22
CA ALA A 280 27.28 -20.67 -17.30
C ALA A 280 28.71 -21.20 -17.35
N PHE A 281 29.63 -20.36 -16.90
CA PHE A 281 31.03 -20.71 -16.74
C PHE A 281 31.41 -21.02 -15.29
N TYR A 282 30.42 -20.97 -14.40
CA TYR A 282 30.62 -21.13 -12.96
C TYR A 282 29.49 -21.96 -12.36
N PRO A 283 29.74 -22.56 -11.19
CA PRO A 283 28.65 -23.21 -10.45
C PRO A 283 27.62 -22.20 -9.95
N GLY A 284 26.50 -22.71 -9.46
CA GLY A 284 25.45 -21.87 -8.89
C GLY A 284 24.61 -21.18 -9.95
N MET A 285 24.20 -21.95 -10.95
CA MET A 285 23.44 -21.43 -12.09
C MET A 285 22.02 -21.04 -11.73
N VAL A 286 21.32 -21.93 -11.04
CA VAL A 286 19.97 -21.65 -10.58
C VAL A 286 19.95 -21.81 -9.07
N ARG A 287 19.65 -20.72 -8.38
CA ARG A 287 19.66 -20.64 -6.93
C ARG A 287 18.26 -20.29 -6.44
N LEU A 288 17.66 -21.21 -5.68
CA LEU A 288 16.42 -20.97 -4.96
C LEU A 288 16.80 -20.84 -3.50
N GLU A 289 16.70 -19.61 -2.98
CA GLU A 289 17.22 -19.30 -1.64
C GLU A 289 16.17 -18.69 -0.74
N GLU A 290 16.45 -18.72 0.56
CA GLU A 290 15.64 -18.00 1.56
C GLU A 290 14.14 -18.32 1.42
N ASN A 291 13.85 -19.60 1.63
CA ASN A 291 12.49 -20.12 1.62
C ASN A 291 11.80 -19.91 0.27
N SER A 292 12.49 -20.28 -0.79
CA SER A 292 11.88 -20.28 -2.12
C SER A 292 11.18 -21.62 -2.25
N SER A 293 9.85 -21.58 -2.34
CA SER A 293 9.03 -22.76 -2.13
C SER A 293 7.96 -22.91 -3.19
N GLU A 294 7.54 -24.16 -3.43
CA GLU A 294 6.46 -24.48 -4.38
C GLU A 294 6.73 -23.99 -5.80
N ASN A 295 8.00 -24.01 -6.19
CA ASN A 295 8.38 -23.63 -7.54
C ASN A 295 8.58 -24.84 -8.43
N LEU A 296 8.24 -24.66 -9.72
CA LEU A 296 8.51 -25.66 -10.74
C LEU A 296 9.77 -25.26 -11.49
N VAL A 297 10.74 -26.16 -11.52
CA VAL A 297 11.97 -26.01 -12.29
C VAL A 297 12.01 -27.18 -13.26
N ALA A 298 11.58 -26.94 -14.50
CA ALA A 298 11.30 -28.05 -15.43
C ALA A 298 11.83 -27.83 -16.81
N THR A 299 12.28 -28.93 -17.42
CA THR A 299 12.68 -28.99 -18.82
C THR A 299 13.56 -27.83 -19.25
N ASN A 300 14.51 -27.48 -18.38
CA ASN A 300 15.58 -26.56 -18.74
C ASN A 300 16.78 -27.36 -19.22
N HIS A 301 17.55 -26.72 -20.09
CA HIS A 301 18.84 -27.22 -20.50
C HIS A 301 19.92 -26.42 -19.77
N PHE A 302 20.67 -27.09 -18.90
CA PHE A 302 21.81 -26.49 -18.19
C PHE A 302 23.11 -26.97 -18.81
N LEU A 303 24.01 -26.02 -19.10
CA LEU A 303 25.37 -26.32 -19.44
C LEU A 303 26.26 -25.50 -18.52
N ARG A 304 27.15 -26.19 -17.79
CA ARG A 304 28.23 -25.56 -17.05
C ARG A 304 29.54 -26.04 -17.65
N ASP A 305 30.36 -25.10 -18.08
CA ASP A 305 31.72 -25.43 -18.58
C ASP A 305 32.70 -24.33 -18.21
N HIS A 306 33.90 -24.33 -18.78
CA HIS A 306 34.91 -23.31 -18.45
C HIS A 306 34.91 -22.15 -19.46
N GLU A 307 35.09 -20.94 -18.95
CA GLU A 307 35.34 -19.78 -19.79
C GLU A 307 36.43 -20.09 -20.82
N PRO A 308 36.16 -19.88 -22.11
CA PRO A 308 37.20 -20.14 -23.12
C PRO A 308 38.00 -18.91 -23.59
N TRP A 309 37.56 -17.71 -23.22
CA TRP A 309 38.09 -16.48 -23.76
C TRP A 309 39.08 -15.88 -22.76
N THR A 310 40.31 -15.69 -23.22
CA THR A 310 41.43 -15.28 -22.34
C THR A 310 41.17 -14.14 -21.38
N PRO A 311 40.59 -13.01 -21.84
CA PRO A 311 40.43 -11.89 -20.91
C PRO A 311 39.67 -12.21 -19.62
N PHE A 312 38.79 -13.22 -19.63
CA PHE A 312 38.05 -13.64 -18.44
C PHE A 312 38.39 -15.04 -17.95
N PHE A 313 39.46 -15.65 -18.46
CA PHE A 313 39.72 -17.06 -18.21
C PHE A 313 39.85 -17.36 -16.71
N GLY A 314 40.53 -16.48 -15.98
CA GLY A 314 40.75 -16.64 -14.55
C GLY A 314 39.78 -15.90 -13.66
N VAL A 315 38.71 -15.37 -14.22
CA VAL A 315 37.69 -14.61 -13.48
C VAL A 315 36.54 -15.55 -13.21
N ASP A 316 36.04 -15.56 -11.97
CA ASP A 316 34.87 -16.40 -11.65
C ASP A 316 33.99 -15.77 -10.59
N ASN A 317 32.97 -16.50 -10.15
CA ASN A 317 31.97 -15.99 -9.21
C ASN A 317 32.23 -16.36 -7.76
N GLY A 318 33.43 -16.88 -7.49
CA GLY A 318 33.83 -17.24 -6.14
C GLY A 318 33.30 -18.54 -5.58
N LEU A 319 32.48 -19.27 -6.35
CA LEU A 319 31.83 -20.48 -5.84
C LEU A 319 32.52 -21.75 -6.31
N ASP A 320 32.63 -22.72 -5.41
CA ASP A 320 33.27 -23.98 -5.74
C ASP A 320 32.29 -25.00 -6.31
N ASP A 321 32.81 -26.14 -6.74
CA ASP A 321 32.03 -27.14 -7.46
C ASP A 321 31.09 -27.98 -6.59
N LEU A 322 31.19 -27.83 -5.27
CA LEU A 322 30.22 -28.43 -4.36
C LEU A 322 28.92 -27.64 -4.24
N THR A 323 28.88 -26.44 -4.80
CA THR A 323 27.73 -25.56 -4.73
C THR A 323 26.48 -26.18 -5.37
N GLY A 324 26.69 -26.86 -6.49
CA GLY A 324 25.60 -27.34 -7.32
C GLY A 324 25.37 -26.40 -8.48
N LEU A 325 24.91 -26.96 -9.59
CA LEU A 325 24.37 -26.18 -10.68
C LEU A 325 23.00 -25.63 -10.32
N LEU A 326 22.22 -26.44 -9.62
CA LEU A 326 20.90 -26.06 -9.10
C LEU A 326 20.93 -26.27 -7.59
N SER A 327 20.69 -25.19 -6.86
CA SER A 327 20.77 -25.21 -5.39
C SER A 327 19.43 -24.74 -4.87
N ILE A 328 18.87 -25.51 -3.94
CA ILE A 328 17.54 -25.26 -3.41
C ILE A 328 17.54 -25.20 -1.88
N SER A 329 17.01 -24.09 -1.37
CA SER A 329 16.75 -23.88 0.05
C SER A 329 15.31 -23.42 0.16
N GLY A 330 14.43 -24.36 0.44
CA GLY A 330 12.98 -24.12 0.43
C GLY A 330 12.20 -25.41 0.35
N ASN A 331 10.88 -25.31 0.46
CA ASN A 331 9.99 -26.45 0.62
C ASN A 331 9.19 -26.70 -0.64
N ASN A 332 8.90 -27.97 -0.89
CA ASN A 332 7.81 -28.34 -1.80
C ASN A 332 8.01 -27.92 -3.25
N ASN A 333 9.26 -27.80 -3.68
CA ASN A 333 9.57 -27.46 -5.06
C ASN A 333 9.50 -28.73 -5.90
N SER A 334 9.53 -28.53 -7.20
CA SER A 334 9.40 -29.59 -8.21
C SER A 334 10.47 -29.40 -9.26
N VAL A 335 11.37 -30.36 -9.36
CA VAL A 335 12.52 -30.31 -10.29
C VAL A 335 12.37 -31.48 -11.24
N ILE A 336 11.87 -31.22 -12.45
CA ILE A 336 11.40 -32.28 -13.36
C ILE A 336 11.90 -32.11 -14.79
N GLY A 337 12.47 -33.16 -15.35
CA GLY A 337 12.75 -33.20 -16.80
C GLY A 337 13.84 -32.30 -17.31
N ASN A 338 14.79 -31.94 -16.44
CA ASN A 338 15.90 -31.07 -16.86
C ASN A 338 17.05 -31.90 -17.38
N HIS A 339 17.83 -31.29 -18.28
CA HIS A 339 19.09 -31.83 -18.76
C HIS A 339 20.22 -31.02 -18.14
N PHE A 340 21.20 -31.71 -17.55
CA PHE A 340 22.42 -31.06 -17.06
C PHE A 340 23.65 -31.60 -17.78
N SER A 341 24.40 -30.71 -18.43
CA SER A 341 25.72 -31.03 -18.98
C SER A 341 26.77 -30.34 -18.11
N GLU A 342 27.64 -31.15 -17.49
CA GLU A 342 28.72 -30.67 -16.62
C GLU A 342 30.02 -31.02 -17.35
N VAL A 343 30.71 -30.00 -17.84
CA VAL A 343 31.86 -30.21 -18.74
C VAL A 343 33.03 -29.43 -18.17
N VAL A 344 33.84 -30.10 -17.34
CA VAL A 344 34.90 -29.44 -16.58
C VAL A 344 36.23 -30.20 -16.56
N ASP A 345 37.27 -29.53 -16.09
CA ASP A 345 38.63 -30.07 -16.00
C ASP A 345 38.77 -30.75 -14.63
N ALA A 346 38.84 -32.08 -14.65
CA ALA A 346 38.96 -32.87 -13.41
C ALA A 346 40.13 -32.43 -12.52
N ASN A 347 41.24 -32.04 -13.15
CA ASN A 347 42.42 -31.58 -12.42
C ASN A 347 42.24 -30.25 -11.70
N GLU A 348 41.23 -29.45 -12.09
CA GLU A 348 41.01 -28.12 -11.54
C GLU A 348 39.71 -27.97 -10.72
N ILE A 349 39.06 -29.08 -10.38
CA ILE A 349 37.86 -29.04 -9.54
C ILE A 349 38.22 -28.40 -8.20
N ARG A 350 37.34 -27.54 -7.70
CA ARG A 350 37.53 -26.89 -6.42
C ARG A 350 36.38 -27.28 -5.47
N PRO A 351 36.67 -27.57 -4.20
CA PRO A 351 38.04 -27.65 -3.65
C PRO A 351 38.81 -28.88 -4.16
N GLU A 352 40.12 -28.89 -3.95
CA GLU A 352 41.00 -30.00 -4.36
C GLU A 352 40.41 -31.32 -3.90
N GLY A 353 40.22 -32.25 -4.84
CA GLY A 353 39.76 -33.60 -4.50
C GLY A 353 38.26 -33.77 -4.38
N ALA A 354 37.48 -32.71 -4.60
CA ALA A 354 36.02 -32.80 -4.50
C ALA A 354 35.41 -33.45 -5.73
N THR A 355 34.16 -33.84 -5.59
CA THR A 355 33.36 -34.39 -6.68
C THR A 355 32.28 -33.35 -6.93
N PRO A 356 32.15 -32.84 -8.17
CA PRO A 356 31.13 -31.80 -8.42
C PRO A 356 29.72 -32.28 -8.13
N VAL A 357 28.88 -31.35 -7.69
CA VAL A 357 27.48 -31.57 -7.34
C VAL A 357 26.60 -30.92 -8.41
N ILE A 358 25.58 -31.61 -8.86
CA ILE A 358 24.68 -31.06 -9.88
C ILE A 358 23.49 -30.36 -9.21
N ILE A 359 22.67 -31.12 -8.50
CA ILE A 359 21.53 -30.62 -7.74
C ILE A 359 21.84 -30.74 -6.26
N ARG A 360 21.75 -29.64 -5.52
CA ARG A 360 21.95 -29.65 -4.08
C ARG A 360 20.71 -29.13 -3.35
N LEU A 361 20.17 -29.93 -2.44
CA LEU A 361 19.11 -29.50 -1.55
C LEU A 361 19.77 -29.17 -0.20
N THR A 362 19.88 -27.89 0.11
CA THR A 362 20.55 -27.45 1.34
C THR A 362 19.62 -27.38 2.55
N ALA A 363 18.36 -27.05 2.31
CA ALA A 363 17.38 -26.95 3.40
C ALA A 363 16.00 -27.06 2.80
N GLY A 364 15.06 -27.45 3.65
CA GLY A 364 13.66 -27.57 3.26
C GLY A 364 13.18 -28.99 3.14
N THR A 365 11.85 -29.12 3.07
CA THR A 365 11.20 -30.41 3.01
C THR A 365 10.31 -30.53 1.81
N GLY A 366 10.03 -31.76 1.41
CA GLY A 366 8.99 -32.04 0.42
C GLY A 366 9.35 -31.71 -1.00
N ASN A 367 10.64 -31.57 -1.30
CA ASN A 367 11.04 -31.33 -2.70
C ASN A 367 10.97 -32.62 -3.53
N PHE A 368 10.48 -32.49 -4.75
CA PHE A 368 10.24 -33.59 -5.67
C PHE A 368 11.18 -33.41 -6.84
N VAL A 369 12.14 -34.31 -6.98
CA VAL A 369 13.16 -34.23 -8.02
C VAL A 369 13.02 -35.49 -8.84
N SER A 370 12.55 -35.37 -10.08
CA SER A 370 12.30 -36.53 -10.92
C SER A 370 12.71 -36.35 -12.37
N THR A 371 13.28 -37.41 -12.93
CA THR A 371 13.45 -37.54 -14.37
C THR A 371 14.39 -36.44 -14.90
N ASN A 372 15.58 -36.38 -14.32
CA ASN A 372 16.62 -35.44 -14.75
C ASN A 372 17.80 -36.25 -15.27
N HIS A 373 18.35 -35.82 -16.40
CA HIS A 373 19.48 -36.48 -17.02
C HIS A 373 20.74 -35.69 -16.77
N VAL A 374 21.72 -36.32 -16.11
CA VAL A 374 23.02 -35.72 -15.86
C VAL A 374 24.07 -36.31 -16.81
N VAL A 375 24.79 -35.45 -17.51
CA VAL A 375 25.87 -35.83 -18.42
C VAL A 375 27.13 -35.09 -17.94
N ALA A 376 28.14 -35.83 -17.52
CA ALA A 376 29.37 -35.20 -17.02
C ALA A 376 30.60 -35.70 -17.76
N MET A 377 31.50 -34.78 -18.08
CA MET A 377 32.74 -35.15 -18.77
C MET A 377 33.90 -34.26 -18.42
N ASP A 378 35.07 -34.83 -18.62
CA ASP A 378 36.34 -34.24 -18.24
C ASP A 378 36.97 -33.69 -19.52
N VAL A 379 37.10 -32.36 -19.59
CA VAL A 379 37.76 -31.68 -20.70
C VAL A 379 38.75 -30.66 -20.13
N ASP A 380 39.95 -30.63 -20.70
CA ASP A 380 40.99 -29.68 -20.29
C ASP A 380 40.56 -28.26 -20.61
N ALA A 381 40.77 -27.35 -19.66
CA ALA A 381 40.44 -25.93 -19.83
C ALA A 381 41.56 -25.27 -20.62
N ALA A 382 41.19 -24.62 -21.71
CA ALA A 382 42.14 -23.88 -22.53
C ALA A 382 41.58 -22.50 -22.88
N SER A 383 42.50 -21.59 -23.12
CA SER A 383 42.24 -20.19 -23.32
C SER A 383 42.60 -19.81 -24.75
N SER A 384 41.84 -18.91 -25.36
CA SER A 384 42.31 -18.22 -26.57
C SER A 384 41.71 -16.83 -26.62
N ASP A 385 42.36 -15.96 -27.38
CA ASP A 385 41.95 -14.57 -27.45
C ASP A 385 40.85 -14.30 -28.48
N SER A 386 40.45 -15.30 -29.23
CA SER A 386 39.54 -15.10 -30.36
C SER A 386 38.12 -15.44 -29.90
N ALA A 387 37.36 -14.42 -29.54
CA ALA A 387 36.14 -14.61 -28.74
C ALA A 387 35.15 -15.61 -29.36
N PHE A 388 34.57 -15.27 -30.51
CA PHE A 388 33.45 -16.10 -30.98
C PHE A 388 33.91 -17.46 -31.52
N GLU A 389 35.10 -17.55 -32.11
CA GLU A 389 35.67 -18.85 -32.49
C GLU A 389 35.82 -19.73 -31.24
N ALA A 390 36.45 -19.19 -30.19
CA ALA A 390 36.65 -19.93 -28.95
C ALA A 390 35.32 -20.40 -28.31
N GLN A 391 34.34 -19.52 -28.33
CA GLN A 391 33.03 -19.80 -27.75
C GLN A 391 32.27 -20.91 -28.49
N VAL A 392 32.20 -20.79 -29.81
CA VAL A 392 31.52 -21.80 -30.64
C VAL A 392 32.25 -23.14 -30.55
N ASP A 393 33.57 -23.11 -30.64
CA ASP A 393 34.38 -24.33 -30.53
C ASP A 393 34.12 -25.08 -29.23
N ALA A 394 34.08 -24.34 -28.11
CA ALA A 394 33.85 -24.95 -26.81
C ALA A 394 32.47 -25.60 -26.73
N LEU A 395 31.45 -24.96 -27.29
CA LEU A 395 30.10 -25.55 -27.29
C LEU A 395 30.00 -26.82 -28.12
N LEU A 396 30.70 -26.86 -29.25
CA LEU A 396 30.63 -28.00 -30.17
C LEU A 396 31.51 -29.18 -29.77
N ALA A 397 32.50 -28.93 -28.92
CA ALA A 397 33.46 -29.96 -28.50
C ALA A 397 32.87 -31.00 -27.55
N THR A 398 32.96 -32.27 -27.94
CA THR A 398 32.51 -33.38 -27.09
C THR A 398 33.60 -34.44 -27.03
N ASP A 402 35.06 -39.75 -19.17
CA ASP A 402 33.96 -39.49 -18.26
C ASP A 402 34.45 -38.87 -16.95
N LEU A 403 33.49 -38.38 -16.18
CA LEU A 403 33.75 -37.67 -14.93
C LEU A 403 32.69 -38.05 -13.92
N ALA A 404 33.11 -38.41 -12.72
CA ALA A 404 32.19 -38.81 -11.67
C ALA A 404 31.61 -37.56 -11.05
N VAL A 405 30.29 -37.50 -10.90
CA VAL A 405 29.63 -36.38 -10.25
C VAL A 405 28.57 -36.89 -9.30
N THR A 406 28.16 -36.02 -8.39
CA THR A 406 27.03 -36.29 -7.50
C THR A 406 25.83 -35.61 -8.12
N ALA A 407 24.89 -36.41 -8.62
CA ALA A 407 23.72 -35.86 -9.31
C ALA A 407 22.80 -35.10 -8.36
N VAL A 408 22.53 -35.70 -7.19
CA VAL A 408 21.70 -35.08 -6.17
C VAL A 408 22.35 -35.24 -4.81
N LEU A 409 22.60 -34.12 -4.14
CA LEU A 409 23.14 -34.10 -2.78
C LEU A 409 22.07 -33.46 -1.90
N VAL A 410 21.59 -34.23 -0.93
CA VAL A 410 20.64 -33.75 0.05
C VAL A 410 21.39 -33.55 1.36
N ASP A 411 21.56 -32.29 1.75
CA ASP A 411 22.21 -32.02 3.04
C ASP A 411 21.32 -32.48 4.20
N PRO A 412 21.93 -32.73 5.38
CA PRO A 412 21.10 -33.14 6.52
C PRO A 412 20.00 -32.12 6.90
N GLY A 413 20.19 -30.84 6.58
CA GLY A 413 19.18 -29.83 6.85
C GLY A 413 17.96 -29.82 5.94
N SER A 414 17.95 -30.68 4.92
CA SER A 414 16.77 -30.88 4.05
C SER A 414 16.33 -32.32 4.20
N ALA A 415 15.04 -32.59 4.31
CA ALA A 415 14.56 -33.96 4.49
C ALA A 415 13.18 -34.15 3.92
N ARG A 416 12.70 -35.39 3.91
CA ARG A 416 11.37 -35.71 3.38
C ARG A 416 11.21 -35.28 1.92
N ASN A 417 12.28 -35.48 1.15
CA ASN A 417 12.29 -35.20 -0.27
C ASN A 417 12.06 -36.50 -1.01
N THR A 418 11.73 -36.36 -2.30
CA THR A 418 11.48 -37.50 -3.18
C THR A 418 12.41 -37.33 -4.37
N ILE A 419 13.28 -38.31 -4.62
CA ILE A 419 14.29 -38.23 -5.67
C ILE A 419 14.15 -39.47 -6.53
N LEU A 420 13.73 -39.27 -7.78
CA LEU A 420 13.39 -40.36 -8.71
C LEU A 420 14.14 -40.21 -10.02
N ASP A 421 14.79 -41.27 -10.48
CA ASP A 421 15.36 -41.30 -11.83
C ASP A 421 16.14 -40.01 -12.17
N SER A 422 16.98 -39.61 -11.23
CA SER A 422 17.83 -38.43 -11.36
C SER A 422 19.29 -38.76 -11.02
N GLY A 423 19.64 -40.03 -11.09
CA GLY A 423 20.97 -40.48 -10.76
C GLY A 423 20.95 -41.91 -10.27
N SER A 424 22.06 -42.59 -10.52
CA SER A 424 22.30 -43.90 -9.96
C SER A 424 22.35 -43.78 -8.45
N ASP A 425 22.32 -44.92 -7.78
CA ASP A 425 22.41 -44.89 -6.35
C ASP A 425 23.68 -44.17 -5.87
N THR A 426 24.80 -44.45 -6.50
CA THR A 426 26.07 -43.78 -6.18
C THR A 426 25.97 -42.26 -6.36
N GLN A 427 25.29 -41.84 -7.42
CA GLN A 427 25.10 -40.42 -7.73
C GLN A 427 24.15 -39.65 -6.81
N VAL A 428 23.39 -40.35 -5.97
CA VAL A 428 22.46 -39.71 -5.02
C VAL A 428 23.03 -39.87 -3.60
N VAL A 429 23.47 -38.75 -3.04
CA VAL A 429 24.01 -38.66 -1.69
C VAL A 429 22.88 -38.07 -0.83
N ALA A 430 22.33 -38.91 0.05
CA ALA A 430 21.15 -38.55 0.83
C ALA A 430 20.86 -39.61 1.86
N ASP A 431 20.27 -39.18 2.97
CA ASP A 431 19.85 -40.09 4.03
C ASP A 431 18.61 -40.87 3.57
N ARG A 432 18.79 -42.17 3.36
CA ARG A 432 17.71 -43.04 2.88
C ARG A 432 16.58 -43.26 3.90
N ALA A 433 16.86 -42.97 5.17
CA ALA A 433 15.85 -43.10 6.24
C ALA A 433 14.79 -42.02 6.20
N VAL A 434 15.12 -40.84 5.65
CA VAL A 434 14.19 -39.71 5.66
C VAL A 434 13.96 -39.09 4.27
N ASN A 435 14.41 -39.75 3.19
CA ASN A 435 14.09 -39.31 1.82
C ASN A 435 13.72 -40.53 1.02
N ALA A 436 12.76 -40.37 0.11
CA ALA A 436 12.31 -41.46 -0.75
C ALA A 436 13.13 -41.41 -2.01
N ILE A 437 13.92 -42.45 -2.27
CA ILE A 437 14.88 -42.46 -3.37
C ILE A 437 14.60 -43.64 -4.29
N ARG A 438 14.45 -43.35 -5.58
CA ARG A 438 14.50 -44.38 -6.61
C ARG A 438 15.66 -44.08 -7.53
N ALA A 439 16.67 -44.96 -7.53
CA ALA A 439 17.83 -44.78 -8.39
C ALA A 439 17.43 -44.99 -9.84
N THR A 440 18.03 -44.22 -10.74
CA THR A 440 17.93 -44.55 -12.19
C THR A 440 18.46 -45.97 -12.41
N PRO A 441 17.67 -46.84 -13.09
CA PRO A 441 18.17 -48.19 -13.40
C PRO A 441 19.48 -48.13 -14.16
N THR A 442 20.41 -49.04 -13.90
CA THR A 442 21.73 -49.02 -14.55
C THR A 442 21.96 -50.28 -15.38
N VAL A 443 23.04 -50.28 -16.15
CA VAL A 443 23.72 -51.51 -16.59
C VAL A 443 25.23 -51.32 -16.54
N SER B 3 -2.36 7.09 -52.71
CA SER B 3 -2.22 6.71 -51.27
C SER B 3 -1.20 5.58 -51.09
N ASN B 4 -0.52 5.64 -49.95
CA ASN B 4 0.39 4.57 -49.52
C ASN B 4 -0.27 3.58 -48.56
N ASN B 5 -1.61 3.63 -48.43
CA ASN B 5 -2.36 2.66 -47.59
C ASN B 5 -2.09 2.77 -46.07
N ARG B 6 -1.68 3.95 -45.63
CA ARG B 6 -1.43 4.21 -44.21
C ARG B 6 -2.38 5.35 -43.80
N TYR B 7 -3.18 5.10 -42.75
CA TYR B 7 -4.13 6.06 -42.24
C TYR B 7 -3.90 6.29 -40.75
N ASP B 8 -4.23 7.50 -40.31
CA ASP B 8 -4.17 7.89 -38.91
C ASP B 8 -5.57 8.42 -38.59
N VAL B 9 -6.22 7.85 -37.58
CA VAL B 9 -7.61 8.24 -37.25
C VAL B 9 -7.78 9.71 -36.82
N THR B 10 -6.70 10.34 -36.35
CA THR B 10 -6.69 11.78 -36.01
C THR B 10 -6.38 12.68 -37.22
N GLU B 11 -6.13 12.08 -38.40
CA GLU B 11 -5.86 12.82 -39.65
C GLU B 11 -6.84 12.37 -40.72
N TRP B 12 -8.12 12.31 -40.39
CA TRP B 12 -9.15 11.97 -41.36
C TRP B 12 -10.07 13.18 -41.52
N PRO B 13 -10.56 13.46 -42.74
CA PRO B 13 -11.33 14.72 -42.91
C PRO B 13 -12.71 14.77 -42.27
N ALA B 14 -13.36 13.62 -42.14
CA ALA B 14 -14.76 13.54 -41.74
C ALA B 14 -14.92 12.94 -40.35
N GLY B 15 -15.93 13.42 -39.63
CA GLY B 15 -16.25 12.88 -38.31
C GLY B 15 -15.29 13.31 -37.23
N ASN B 16 -15.28 12.53 -36.14
CA ASN B 16 -14.51 12.88 -34.95
C ASN B 16 -14.19 11.57 -34.23
N PRO B 17 -12.90 11.15 -34.24
CA PRO B 17 -12.60 9.88 -33.58
C PRO B 17 -12.80 9.92 -32.06
N ALA B 18 -12.79 11.10 -31.44
CA ALA B 18 -13.11 11.20 -30.00
C ALA B 18 -14.56 10.83 -29.72
N LYS B 19 -15.47 11.22 -30.62
CA LYS B 19 -16.91 10.99 -30.44
C LYS B 19 -17.38 9.66 -31.04
N ASP B 20 -16.93 9.31 -32.23
CA ASP B 20 -17.25 8.01 -32.82
C ASP B 20 -16.15 7.52 -33.75
N ILE B 21 -15.14 6.87 -33.17
CA ILE B 21 -14.05 6.30 -33.96
C ILE B 21 -14.50 5.16 -34.90
N GLY B 22 -15.62 4.51 -34.58
CA GLY B 22 -16.17 3.49 -35.45
C GLY B 22 -16.55 4.02 -36.83
N GLU B 23 -17.22 5.17 -36.83
CA GLU B 23 -17.61 5.86 -38.08
C GLU B 23 -16.35 6.22 -38.88
N VAL B 24 -15.32 6.72 -38.19
CA VAL B 24 -14.06 7.10 -38.83
C VAL B 24 -13.37 5.88 -39.46
N ILE B 25 -13.24 4.79 -38.70
CA ILE B 25 -12.60 3.58 -39.21
C ILE B 25 -13.40 2.98 -40.36
N ASN B 26 -14.74 2.94 -40.25
CA ASN B 26 -15.56 2.43 -41.36
C ASN B 26 -15.37 3.29 -42.63
N SER B 27 -15.25 4.60 -42.44
CA SER B 27 -15.02 5.53 -43.56
C SER B 27 -13.66 5.23 -44.23
N ILE B 28 -12.62 5.03 -43.42
CA ILE B 28 -11.33 4.60 -43.92
C ILE B 28 -11.40 3.26 -44.67
N ILE B 29 -12.10 2.27 -44.11
CA ILE B 29 -12.26 0.98 -44.77
C ILE B 29 -12.95 1.14 -46.13
N ALA B 30 -13.99 1.98 -46.18
CA ALA B 30 -14.65 2.29 -47.48
C ALA B 30 -13.68 2.90 -48.52
N ASP B 31 -12.77 3.77 -48.06
CA ASP B 31 -11.73 4.34 -48.94
C ASP B 31 -10.77 3.27 -49.44
N ILE B 32 -10.34 2.37 -48.55
CA ILE B 32 -9.46 1.27 -48.95
C ILE B 32 -10.12 0.46 -50.07
N LYS B 33 -11.38 0.07 -49.86
CA LYS B 33 -12.09 -0.76 -50.82
C LYS B 33 -12.30 -0.07 -52.17
N ALA B 34 -12.57 1.23 -52.13
CA ALA B 34 -12.74 2.03 -53.36
C ALA B 34 -11.46 2.03 -54.17
N ARG B 35 -10.32 2.19 -53.49
CA ARG B 35 -9.02 2.24 -54.17
C ARG B 35 -8.51 0.85 -54.59
N GLN B 36 -8.85 -0.21 -53.84
CA GLN B 36 -8.37 -1.57 -54.08
C GLN B 36 -9.47 -2.50 -54.61
N GLY B 37 -9.95 -2.19 -55.81
CA GLY B 37 -11.06 -2.92 -56.44
C GLY B 37 -10.68 -4.10 -57.31
N ALA B 38 -9.45 -4.10 -57.83
CA ALA B 38 -8.97 -5.13 -58.76
C ALA B 38 -8.03 -6.10 -58.05
N ALA B 39 -8.28 -7.41 -58.23
CA ALA B 39 -7.54 -8.47 -57.54
C ALA B 39 -6.30 -9.00 -58.30
N ASP B 40 -6.13 -8.63 -59.58
CA ASP B 40 -5.03 -9.21 -60.36
C ASP B 40 -4.48 -8.20 -61.37
N VAL B 41 -3.89 -7.13 -60.85
CA VAL B 41 -3.21 -6.12 -61.64
C VAL B 41 -1.75 -6.16 -61.21
N ASP B 42 -0.85 -6.41 -62.15
CA ASP B 42 0.60 -6.56 -61.90
C ASP B 42 0.90 -7.50 -60.73
N ASP B 43 0.25 -8.66 -60.74
CA ASP B 43 0.39 -9.68 -59.67
C ASP B 43 -0.01 -9.21 -58.26
N GLY B 44 -0.95 -8.27 -58.17
CA GLY B 44 -1.43 -7.78 -56.89
C GLY B 44 -2.74 -7.02 -57.06
N GLY B 45 -2.98 -6.09 -56.14
CA GLY B 45 -4.09 -5.14 -56.27
C GLY B 45 -4.90 -4.92 -55.00
N LYS B 46 -4.89 -5.90 -54.09
CA LYS B 46 -5.60 -5.75 -52.81
C LYS B 46 -4.64 -6.01 -51.65
N PRO B 47 -3.61 -5.19 -51.50
CA PRO B 47 -2.63 -5.42 -50.43
C PRO B 47 -3.11 -5.04 -49.02
N GLY B 48 -4.25 -4.38 -48.89
CA GLY B 48 -4.76 -3.98 -47.59
C GLY B 48 -4.17 -2.66 -47.16
N ALA B 49 -4.06 -2.47 -45.84
CA ALA B 49 -3.74 -1.15 -45.31
C ALA B 49 -3.46 -1.25 -43.84
N VAL B 50 -2.96 -0.14 -43.29
CA VAL B 50 -2.78 -0.01 -41.86
C VAL B 50 -3.49 1.25 -41.34
N ILE B 51 -4.17 1.10 -40.21
CA ILE B 51 -4.90 2.17 -39.56
C ILE B 51 -4.27 2.37 -38.20
N TYR B 52 -3.75 3.58 -37.97
CA TYR B 52 -3.03 3.90 -36.73
C TYR B 52 -3.86 4.75 -35.79
N LEU B 53 -3.88 4.35 -34.52
CA LEU B 53 -4.53 5.05 -33.45
C LEU B 53 -3.46 5.61 -32.50
N PRO B 54 -3.21 6.93 -32.55
CA PRO B 54 -2.31 7.54 -31.56
C PRO B 54 -2.89 7.38 -30.16
N PRO B 55 -2.06 7.51 -29.13
CA PRO B 55 -2.64 7.49 -27.78
C PRO B 55 -3.75 8.54 -27.65
N GLY B 56 -4.85 8.15 -27.01
CA GLY B 56 -6.02 9.02 -26.92
C GLY B 56 -7.23 8.25 -26.45
N ASP B 57 -8.27 9.00 -26.07
CA ASP B 57 -9.54 8.46 -25.63
C ASP B 57 -10.53 8.57 -26.80
N TYR B 58 -10.91 7.43 -27.37
CA TYR B 58 -11.78 7.40 -28.55
C TYR B 58 -13.06 6.63 -28.28
N HIS B 59 -14.19 7.33 -28.27
CA HIS B 59 -15.48 6.64 -28.12
C HIS B 59 -15.85 5.96 -29.43
N LEU B 60 -16.29 4.71 -29.33
CA LEU B 60 -16.84 3.99 -30.48
C LEU B 60 -18.34 3.80 -30.28
N ARG B 61 -19.13 4.38 -31.19
CA ARG B 61 -20.60 4.28 -31.14
C ARG B 61 -21.20 3.53 -32.33
N THR B 62 -20.36 3.19 -33.30
CA THR B 62 -20.74 2.39 -34.46
C THR B 62 -19.76 1.23 -34.57
N GLN B 63 -20.28 0.00 -34.67
CA GLN B 63 -19.45 -1.17 -34.88
C GLN B 63 -18.58 -1.03 -36.12
N VAL B 64 -17.30 -1.38 -35.98
CA VAL B 64 -16.41 -1.46 -37.12
C VAL B 64 -16.58 -2.83 -37.78
N LEU B 65 -16.86 -2.82 -39.09
CA LEU B 65 -16.94 -4.06 -39.87
C LEU B 65 -15.67 -4.21 -40.71
N ILE B 66 -14.90 -5.26 -40.46
CA ILE B 66 -13.70 -5.57 -41.23
C ILE B 66 -14.01 -6.76 -42.13
N ASP B 67 -14.03 -6.50 -43.43
CA ASP B 67 -14.36 -7.50 -44.42
C ASP B 67 -13.34 -7.52 -45.55
N ILE B 68 -12.11 -7.11 -45.24
CA ILE B 68 -11.00 -7.19 -46.18
C ILE B 68 -9.82 -7.87 -45.52
N SER B 69 -9.05 -8.57 -46.33
CA SER B 69 -7.82 -9.22 -45.88
C SER B 69 -6.71 -8.21 -45.73
N PHE B 70 -5.73 -8.55 -44.89
CA PHE B 70 -4.50 -7.76 -44.76
C PHE B 70 -4.72 -6.35 -44.20
N LEU B 71 -5.75 -6.19 -43.37
CA LEU B 71 -5.95 -4.95 -42.64
C LEU B 71 -5.28 -5.06 -41.29
N ARG B 72 -4.46 -4.07 -40.97
CA ARG B 72 -3.83 -3.94 -39.65
C ARG B 72 -4.39 -2.72 -38.94
N ILE B 73 -4.84 -2.92 -37.70
CA ILE B 73 -5.22 -1.82 -36.83
C ILE B 73 -4.20 -1.81 -35.70
N GLU B 74 -3.52 -0.68 -35.55
CA GLU B 74 -2.42 -0.57 -34.57
C GLU B 74 -2.49 0.67 -33.71
N GLY B 75 -2.00 0.56 -32.49
CA GLY B 75 -1.87 1.70 -31.61
C GLY B 75 -0.51 1.81 -30.96
N SER B 76 -0.44 2.65 -29.94
CA SER B 76 0.80 2.95 -29.21
C SER B 76 0.58 2.82 -27.70
N GLY B 77 -0.25 1.88 -27.28
CA GLY B 77 -0.33 1.57 -25.86
C GLY B 77 -1.34 0.47 -25.71
N HIS B 78 -1.24 -0.25 -24.58
CA HIS B 78 -2.17 -1.33 -24.26
C HIS B 78 -3.05 -0.72 -23.18
N GLY B 79 -2.52 0.24 -22.43
CA GLY B 79 -3.33 1.16 -21.63
C GLY B 79 -4.11 0.61 -20.46
N PHE B 80 -3.71 -0.53 -19.93
CA PHE B 80 -4.45 -1.16 -18.83
C PHE B 80 -4.26 -0.44 -17.50
N THR B 81 -5.37 -0.23 -16.80
CA THR B 81 -5.33 0.04 -15.36
C THR B 81 -6.50 -0.73 -14.76
N SER B 82 -6.43 -1.00 -13.47
CA SER B 82 -7.46 -1.82 -12.84
C SER B 82 -8.75 -1.03 -12.55
N SER B 83 -9.64 -1.03 -13.53
CA SER B 83 -10.96 -0.48 -13.30
C SER B 83 -11.68 -1.20 -12.16
N SER B 84 -11.45 -2.51 -12.01
CA SER B 84 -12.02 -3.27 -10.90
C SER B 84 -11.65 -2.68 -9.53
N ILE B 85 -10.36 -2.44 -9.30
CA ILE B 85 -9.93 -1.83 -8.05
C ILE B 85 -10.56 -0.45 -7.92
N ARG B 86 -10.53 0.35 -8.98
CA ARG B 86 -11.05 1.71 -8.89
C ARG B 86 -12.55 1.74 -8.57
N PHE B 87 -13.35 0.89 -9.21
CA PHE B 87 -14.79 0.87 -8.92
C PHE B 87 -15.17 0.34 -7.54
N ASN B 88 -14.22 -0.28 -6.82
CA ASN B 88 -14.42 -0.71 -5.45
C ASN B 88 -13.77 0.23 -4.43
N VAL B 89 -13.13 1.29 -4.90
CA VAL B 89 -12.77 2.43 -4.05
C VAL B 89 -14.04 3.26 -3.87
N PRO B 90 -14.31 3.72 -2.62
CA PRO B 90 -15.49 4.57 -2.46
C PRO B 90 -15.52 5.76 -3.42
N GLU B 91 -16.67 5.97 -4.05
CA GLU B 91 -16.82 6.98 -5.10
C GLU B 91 -16.41 8.40 -4.69
N GLU B 92 -16.66 8.76 -3.44
CA GLU B 92 -16.33 10.09 -2.97
C GLU B 92 -14.81 10.35 -3.00
N GLU B 93 -13.99 9.30 -3.03
CA GLU B 93 -12.54 9.43 -3.09
C GLU B 93 -11.97 9.53 -4.50
N TRP B 94 -12.77 9.25 -5.53
CA TRP B 94 -12.27 9.24 -6.91
C TRP B 94 -11.53 10.50 -7.35
N PRO B 95 -12.02 11.71 -7.00
CA PRO B 95 -11.31 12.93 -7.43
C PRO B 95 -9.86 13.06 -6.95
N ASP B 96 -9.49 12.34 -5.88
CA ASP B 96 -8.16 12.41 -5.32
C ASP B 96 -7.16 11.45 -5.97
N LEU B 97 -7.65 10.54 -6.81
CA LEU B 97 -6.79 9.53 -7.42
C LEU B 97 -6.02 10.14 -8.57
N HIS B 98 -4.81 9.66 -8.83
CA HIS B 98 -3.98 10.22 -9.92
C HIS B 98 -4.70 10.16 -11.27
N GLU B 99 -5.34 9.03 -11.53
CA GLU B 99 -6.20 8.84 -12.70
C GLU B 99 -7.24 7.81 -12.34
N LEU B 100 -8.24 7.68 -13.20
CA LEU B 100 -9.32 6.71 -13.04
C LEU B 100 -9.29 5.66 -14.13
N TRP B 101 -9.28 6.13 -15.36
CA TRP B 101 -9.58 5.31 -16.52
C TRP B 101 -8.36 4.67 -17.17
N PRO B 102 -8.57 3.57 -17.90
CA PRO B 102 -7.55 3.10 -18.84
C PRO B 102 -7.16 4.17 -19.84
N GLY B 103 -6.05 3.94 -20.54
CA GLY B 103 -5.52 4.89 -21.50
C GLY B 103 -4.86 4.17 -22.63
N GLY B 104 -3.68 4.65 -23.04
CA GLY B 104 -3.05 4.18 -24.26
C GLY B 104 -3.85 4.62 -25.47
N SER B 105 -3.86 3.77 -26.50
CA SER B 105 -4.63 4.02 -27.72
C SER B 105 -5.99 3.37 -27.48
N ARG B 106 -6.88 4.14 -26.86
CA ARG B 106 -8.07 3.59 -26.18
C ARG B 106 -9.37 3.75 -26.95
N VAL B 107 -9.96 2.59 -27.28
CA VAL B 107 -11.28 2.50 -27.91
C VAL B 107 -12.28 2.18 -26.80
N ILE B 108 -13.16 3.13 -26.53
CA ILE B 108 -14.22 3.00 -25.53
C ILE B 108 -15.45 2.44 -26.22
N VAL B 109 -15.91 1.27 -25.78
CA VAL B 109 -17.00 0.58 -26.47
C VAL B 109 -18.33 1.11 -25.93
N ASP B 110 -18.98 1.98 -26.69
CA ASP B 110 -20.27 2.57 -26.29
C ASP B 110 -21.35 2.03 -27.21
N LEU B 111 -21.39 0.70 -27.31
CA LEU B 111 -22.46 -0.02 -28.01
C LEU B 111 -23.43 -0.60 -26.99
N PRO B 112 -24.72 -0.66 -27.35
CA PRO B 112 -25.65 -1.45 -26.53
C PRO B 112 -25.39 -2.97 -26.68
N ALA B 113 -25.84 -3.76 -25.71
CA ALA B 113 -25.75 -5.22 -25.79
C ALA B 113 -26.57 -5.75 -26.97
N GLY B 114 -26.06 -6.77 -27.66
CA GLY B 114 -26.80 -7.40 -28.76
C GLY B 114 -27.99 -8.20 -28.26
N GLY B 115 -28.92 -8.51 -29.17
CA GLY B 115 -30.07 -9.37 -28.85
C GLY B 115 -29.64 -10.78 -28.50
N ALA B 116 -30.54 -11.53 -27.86
CA ALA B 116 -30.29 -12.93 -27.47
C ALA B 116 -29.78 -13.77 -28.65
N GLY B 117 -28.62 -14.40 -28.47
CA GLY B 117 -27.95 -15.11 -29.56
C GLY B 117 -27.30 -14.22 -30.63
N ASP B 118 -27.14 -12.91 -30.32
CA ASP B 118 -26.46 -11.98 -31.23
C ASP B 118 -25.41 -11.13 -30.47
N SER B 119 -24.52 -11.81 -29.75
CA SER B 119 -23.41 -11.15 -29.08
C SER B 119 -22.51 -10.41 -30.08
N ALA B 120 -22.41 -10.90 -31.31
CA ALA B 120 -21.64 -10.21 -32.34
C ALA B 120 -22.03 -8.73 -32.50
N ALA B 121 -23.32 -8.40 -32.34
CA ALA B 121 -23.78 -7.01 -32.45
C ALA B 121 -23.19 -6.07 -31.39
N GLY B 122 -22.74 -6.62 -30.26
CA GLY B 122 -22.08 -5.83 -29.22
C GLY B 122 -20.56 -5.71 -29.35
N ALA B 123 -20.00 -6.21 -30.45
CA ALA B 123 -18.53 -6.18 -30.65
C ALA B 123 -18.10 -4.85 -31.24
N ALA B 124 -17.04 -4.25 -30.68
CA ALA B 124 -16.48 -3.02 -31.21
C ALA B 124 -15.96 -3.25 -32.63
N PHE B 125 -15.23 -4.36 -32.81
CA PHE B 125 -14.72 -4.79 -34.11
C PHE B 125 -15.29 -6.15 -34.48
N LEU B 126 -16.00 -6.20 -35.62
CA LEU B 126 -16.56 -7.43 -36.15
C LEU B 126 -15.79 -7.75 -37.42
N VAL B 127 -15.21 -8.94 -37.47
CA VAL B 127 -14.55 -9.39 -38.71
C VAL B 127 -15.44 -10.45 -39.33
N ALA B 128 -15.95 -10.16 -40.53
CA ALA B 128 -16.85 -11.09 -41.18
C ALA B 128 -16.76 -10.93 -42.68
N ARG B 129 -16.68 -12.07 -43.36
CA ARG B 129 -16.75 -12.14 -44.81
C ARG B 129 -16.96 -13.58 -45.20
N GLU B 130 -17.95 -13.83 -46.05
CA GLU B 130 -18.22 -15.18 -46.51
C GLU B 130 -17.70 -15.32 -47.93
N GLY B 131 -17.87 -16.48 -48.54
CA GLY B 131 -17.26 -16.78 -49.84
C GLY B 131 -15.81 -17.20 -49.70
N SER B 132 -15.07 -17.12 -50.79
CA SER B 132 -13.69 -17.61 -50.87
C SER B 132 -12.76 -16.54 -51.42
N PRO B 133 -11.47 -16.58 -51.06
CA PRO B 133 -10.93 -17.42 -49.99
C PRO B 133 -11.31 -16.89 -48.61
N ARG B 134 -10.88 -17.60 -47.58
CA ARG B 134 -11.07 -17.12 -46.22
C ARG B 134 -10.34 -15.81 -46.04
N ILE B 135 -10.97 -14.89 -45.32
CA ILE B 135 -10.35 -13.64 -44.91
C ILE B 135 -9.04 -14.01 -44.17
N SER B 136 -7.97 -13.31 -44.50
CA SER B 136 -6.63 -13.71 -44.04
C SER B 136 -5.77 -12.56 -43.55
N SER B 137 -4.95 -12.87 -42.55
CA SER B 137 -3.86 -11.99 -42.12
C SER B 137 -4.27 -10.59 -41.68
N VAL B 138 -5.46 -10.49 -41.07
CA VAL B 138 -5.84 -9.31 -40.32
C VAL B 138 -4.99 -9.30 -39.04
N GLU B 139 -4.50 -8.10 -38.69
CA GLU B 139 -3.65 -7.89 -37.50
C GLU B 139 -4.24 -6.80 -36.58
N PHE B 140 -4.32 -7.11 -35.28
CA PHE B 140 -4.68 -6.12 -34.26
C PHE B 140 -3.45 -6.00 -33.35
N SER B 141 -2.91 -4.78 -33.19
CA SER B 141 -1.67 -4.60 -32.43
C SER B 141 -1.67 -3.40 -31.49
N ASN B 142 -1.36 -3.67 -30.22
CA ASN B 142 -0.93 -2.65 -29.27
C ASN B 142 -1.89 -1.46 -29.08
N PHE B 143 -3.18 -1.77 -28.96
CA PHE B 143 -4.13 -0.78 -28.54
C PHE B 143 -5.04 -1.35 -27.45
N CYS B 144 -5.87 -0.47 -26.91
CA CYS B 144 -6.70 -0.74 -25.75
C CYS B 144 -8.17 -0.74 -26.15
N ILE B 145 -8.89 -1.77 -25.73
CA ILE B 145 -10.35 -1.80 -25.89
C ILE B 145 -10.97 -1.91 -24.49
N ASP B 146 -11.86 -0.98 -24.18
CA ASP B 146 -12.38 -0.74 -22.83
C ASP B 146 -13.90 -0.70 -22.89
N GLY B 147 -14.55 -1.64 -22.19
CA GLY B 147 -16.02 -1.63 -22.11
C GLY B 147 -16.58 -0.74 -21.02
N LEU B 148 -15.70 -0.03 -20.31
CA LEU B 148 -16.03 1.06 -19.42
C LEU B 148 -16.67 0.67 -18.09
N HIS B 149 -17.83 0.01 -18.15
CA HIS B 149 -18.59 -0.34 -16.95
C HIS B 149 -19.17 -1.74 -17.07
N PHE B 150 -19.32 -2.40 -15.93
CA PHE B 150 -20.20 -3.56 -15.83
C PHE B 150 -21.51 -3.10 -15.22
N THR B 151 -22.61 -3.79 -15.55
CA THR B 151 -23.95 -3.34 -15.20
C THR B 151 -24.70 -4.37 -14.37
N ALA B 152 -25.77 -3.93 -13.72
CA ALA B 152 -26.58 -4.81 -12.87
C ALA B 152 -27.17 -5.97 -13.67
N ASP B 153 -27.16 -7.17 -13.08
CA ASP B 153 -27.65 -8.37 -13.80
C ASP B 153 -28.48 -9.38 -12.97
N GLY B 154 -28.90 -9.01 -11.77
CA GLY B 154 -29.61 -9.93 -10.89
C GLY B 154 -28.73 -10.93 -10.13
N SER B 155 -27.40 -10.81 -10.20
CA SER B 155 -26.49 -11.68 -9.46
C SER B 155 -26.38 -11.37 -7.96
N GLY B 156 -26.82 -10.18 -7.53
CA GLY B 156 -26.61 -9.73 -6.16
C GLY B 156 -25.27 -9.02 -5.90
N ARG B 157 -24.38 -9.03 -6.88
CA ARG B 157 -23.11 -8.29 -6.78
C ARG B 157 -23.34 -6.81 -7.02
N HIS B 158 -22.42 -5.98 -6.55
CA HIS B 158 -22.41 -4.58 -7.00
C HIS B 158 -22.30 -4.56 -8.53
N PRO B 159 -22.99 -3.62 -9.20
CA PRO B 159 -22.98 -3.56 -10.67
C PRO B 159 -21.60 -3.64 -11.35
N GLU B 160 -20.63 -2.91 -10.82
CA GLU B 160 -19.29 -2.92 -11.43
C GLU B 160 -18.52 -4.23 -11.22
N ASN B 161 -19.05 -5.13 -10.38
CA ASN B 161 -18.44 -6.44 -10.15
C ASN B 161 -19.17 -7.59 -10.85
N THR B 162 -20.15 -7.30 -11.72
CA THR B 162 -20.92 -8.38 -12.32
C THR B 162 -20.22 -9.09 -13.48
N TYR B 163 -19.27 -8.42 -14.13
CA TYR B 163 -18.65 -8.89 -15.39
C TYR B 163 -19.64 -8.99 -16.56
N ALA B 164 -20.76 -8.26 -16.45
CA ALA B 164 -21.79 -8.24 -17.47
C ALA B 164 -21.99 -6.87 -18.10
N ASN B 165 -21.83 -6.82 -19.41
CA ASN B 165 -22.29 -5.66 -20.20
C ASN B 165 -22.67 -5.91 -21.66
N GLY B 166 -22.60 -7.15 -22.14
CA GLY B 166 -22.94 -7.46 -23.51
C GLY B 166 -21.98 -6.95 -24.57
N LYS B 167 -20.80 -6.46 -24.16
CA LYS B 167 -19.83 -5.88 -25.08
C LYS B 167 -18.72 -6.90 -25.36
N THR B 168 -18.25 -6.91 -26.61
CA THR B 168 -17.12 -7.68 -27.05
C THR B 168 -16.07 -6.72 -27.61
N GLY B 169 -14.79 -7.05 -27.40
CA GLY B 169 -13.72 -6.26 -27.99
C GLY B 169 -13.58 -6.53 -29.48
N ILE B 170 -13.18 -7.76 -29.81
CA ILE B 170 -13.01 -8.23 -31.18
C ILE B 170 -13.77 -9.56 -31.35
N HIS B 171 -14.64 -9.59 -32.35
CA HIS B 171 -15.39 -10.78 -32.70
C HIS B 171 -15.12 -11.13 -34.16
N VAL B 172 -14.53 -12.29 -34.40
CA VAL B 172 -14.32 -12.79 -35.75
C VAL B 172 -15.38 -13.85 -36.02
N ALA B 173 -16.32 -13.55 -36.92
CA ALA B 173 -17.45 -14.46 -37.20
C ALA B 173 -17.16 -15.52 -38.25
N SER B 174 -16.24 -15.22 -39.17
CA SER B 174 -16.03 -16.03 -40.35
C SER B 174 -14.74 -16.82 -40.30
N ALA B 175 -14.70 -17.91 -41.05
CA ALA B 175 -13.49 -18.68 -41.22
C ALA B 175 -12.33 -17.77 -41.62
N ASN B 176 -11.19 -17.97 -40.97
CA ASN B 176 -10.07 -17.05 -41.09
C ASN B 176 -8.75 -17.82 -41.06
N ASP B 177 -7.73 -17.24 -41.68
CA ASP B 177 -6.41 -17.84 -41.77
C ASP B 177 -5.33 -16.81 -41.45
N SER B 178 -4.35 -17.20 -40.63
CA SER B 178 -3.16 -16.39 -40.35
C SER B 178 -3.44 -15.03 -39.66
N PHE B 179 -4.50 -14.98 -38.84
CA PHE B 179 -4.80 -13.77 -38.06
C PHE B 179 -3.79 -13.61 -36.94
N ARG B 180 -3.60 -12.37 -36.50
CA ARG B 180 -2.79 -12.05 -35.32
C ARG B 180 -3.48 -11.06 -34.42
N VAL B 181 -3.42 -11.34 -33.12
CA VAL B 181 -3.78 -10.38 -32.09
C VAL B 181 -2.60 -10.31 -31.14
N THR B 182 -1.95 -9.15 -31.09
CA THR B 182 -0.70 -8.99 -30.36
C THR B 182 -0.62 -7.67 -29.59
N ASP B 183 0.02 -7.71 -28.42
CA ASP B 183 0.28 -6.53 -27.63
C ASP B 183 -0.94 -5.73 -27.19
N MET B 184 -2.14 -6.31 -27.26
CA MET B 184 -3.35 -5.59 -26.91
C MET B 184 -3.55 -5.48 -25.40
N GLY B 185 -4.40 -4.53 -25.04
CA GLY B 185 -5.02 -4.38 -23.74
C GLY B 185 -6.52 -4.50 -23.91
N PHE B 186 -7.15 -5.42 -23.18
CA PHE B 186 -8.61 -5.53 -23.12
C PHE B 186 -9.00 -5.40 -21.65
N VAL B 187 -10.05 -4.62 -21.39
CA VAL B 187 -10.50 -4.37 -20.01
C VAL B 187 -12.00 -4.06 -19.97
N TYR B 188 -12.69 -4.67 -19.02
CA TYR B 188 -14.08 -4.33 -18.71
C TYR B 188 -15.06 -4.64 -19.86
N LEU B 189 -14.76 -5.73 -20.56
CA LEU B 189 -15.61 -6.28 -21.60
C LEU B 189 -16.23 -7.60 -21.13
N GLU B 190 -17.49 -7.84 -21.43
CA GLU B 190 -18.06 -9.15 -21.13
C GLU B 190 -17.30 -10.26 -21.86
N ASN B 191 -16.89 -9.99 -23.10
CA ASN B 191 -16.03 -10.87 -23.89
C ASN B 191 -14.92 -10.06 -24.51
N ALA B 192 -13.67 -10.39 -24.22
CA ALA B 192 -12.57 -9.65 -24.83
C ALA B 192 -12.44 -10.01 -26.32
N LEU B 193 -12.24 -11.29 -26.58
CA LEU B 193 -11.78 -11.78 -27.88
C LEU B 193 -12.46 -13.10 -28.22
N THR B 194 -13.29 -13.10 -29.25
CA THR B 194 -14.02 -14.28 -29.66
C THR B 194 -13.74 -14.50 -31.14
N ILE B 195 -13.10 -15.61 -31.45
CA ILE B 195 -12.72 -15.94 -32.83
C ILE B 195 -13.29 -17.30 -33.25
N HIS B 196 -14.16 -17.28 -34.27
CA HIS B 196 -14.74 -18.49 -34.82
C HIS B 196 -13.90 -19.01 -35.98
N LYS B 197 -13.81 -20.35 -36.08
CA LYS B 197 -13.30 -21.02 -37.29
C LYS B 197 -11.90 -20.55 -37.68
N ALA B 198 -11.00 -20.55 -36.69
CA ALA B 198 -9.64 -20.02 -36.87
C ALA B 198 -8.67 -21.07 -37.39
N ASP B 199 -7.83 -20.68 -38.33
CA ASP B 199 -6.74 -21.51 -38.85
C ASP B 199 -5.45 -20.73 -38.68
N ALA B 200 -4.45 -21.35 -38.08
CA ALA B 200 -3.11 -20.74 -37.98
C ALA B 200 -3.14 -19.31 -37.40
N LEU B 201 -3.97 -19.16 -36.37
CA LEU B 201 -4.12 -17.95 -35.59
C LEU B 201 -3.02 -17.85 -34.56
N SER B 202 -2.53 -16.64 -34.32
CA SER B 202 -1.63 -16.36 -33.18
C SER B 202 -2.19 -15.25 -32.30
N ILE B 203 -2.50 -15.61 -31.05
CA ILE B 203 -2.86 -14.65 -30.01
C ILE B 203 -1.64 -14.59 -29.08
N HIS B 204 -0.87 -13.51 -29.17
CA HIS B 204 0.47 -13.46 -28.57
C HIS B 204 0.74 -12.18 -27.82
N HIS B 205 1.24 -12.31 -26.59
CA HIS B 205 1.72 -11.19 -25.79
C HIS B 205 0.67 -10.09 -25.57
N ASN B 206 -0.55 -10.50 -25.25
CA ASN B 206 -1.59 -9.56 -24.91
C ASN B 206 -1.78 -9.46 -23.41
N PHE B 207 -2.57 -8.46 -23.01
CA PHE B 207 -2.97 -8.26 -21.61
C PHE B 207 -4.49 -8.23 -21.61
N ILE B 208 -5.10 -9.31 -21.13
CA ILE B 208 -6.55 -9.51 -21.31
C ILE B 208 -7.10 -9.77 -19.92
N ALA B 209 -7.64 -8.74 -19.28
CA ALA B 209 -7.95 -8.82 -17.86
C ALA B 209 -9.19 -8.07 -17.49
N GLU B 210 -9.84 -8.54 -16.43
CA GLU B 210 -11.07 -7.92 -15.92
C GLU B 210 -12.12 -7.88 -17.01
N CYS B 211 -12.21 -8.99 -17.73
CA CYS B 211 -13.22 -9.21 -18.75
C CYS B 211 -13.99 -10.46 -18.31
N GLY B 212 -15.29 -10.54 -18.64
CA GLY B 212 -16.07 -11.70 -18.23
C GLY B 212 -15.46 -13.01 -18.71
N SER B 213 -15.20 -13.05 -20.02
CA SER B 213 -14.45 -14.09 -20.68
C SER B 213 -13.36 -13.40 -21.47
N CYS B 214 -12.19 -14.03 -21.53
CA CYS B 214 -11.07 -13.42 -22.23
C CYS B 214 -10.99 -13.95 -23.65
N ILE B 215 -10.35 -15.11 -23.83
CA ILE B 215 -10.19 -15.71 -25.17
C ILE B 215 -11.16 -16.88 -25.37
N GLU B 216 -11.98 -16.80 -26.42
CA GLU B 216 -12.83 -17.92 -26.82
C GLU B 216 -12.62 -18.24 -28.29
N LEU B 217 -12.18 -19.46 -28.57
CA LEU B 217 -12.01 -19.96 -29.92
C LEU B 217 -13.18 -20.89 -30.19
N ARG B 218 -14.11 -20.44 -31.04
CA ARG B 218 -15.40 -21.14 -31.21
C ARG B 218 -15.57 -21.80 -32.58
N GLY B 219 -16.51 -22.73 -32.64
CA GLY B 219 -16.89 -23.43 -33.88
C GLY B 219 -15.92 -24.59 -34.01
N TRP B 220 -14.85 -24.33 -34.76
CA TRP B 220 -13.74 -25.24 -34.89
C TRP B 220 -12.47 -24.45 -35.16
N GLY B 221 -11.36 -25.16 -35.30
CA GLY B 221 -10.13 -24.52 -35.73
C GLY B 221 -8.97 -25.48 -35.82
N GLN B 222 -7.85 -24.98 -36.32
CA GLN B 222 -6.64 -25.79 -36.40
C GLN B 222 -5.38 -24.96 -36.35
N ALA B 223 -4.30 -25.63 -35.96
CA ALA B 223 -2.92 -25.13 -36.10
C ALA B 223 -2.71 -23.73 -35.53
N SER B 224 -3.38 -23.42 -34.43
CA SER B 224 -3.29 -22.09 -33.84
C SER B 224 -2.46 -22.11 -32.57
N LYS B 225 -2.17 -20.91 -32.06
CA LYS B 225 -1.41 -20.77 -30.83
C LYS B 225 -1.82 -19.58 -29.99
N ILE B 226 -1.78 -19.79 -28.68
CA ILE B 226 -2.06 -18.78 -27.66
C ILE B 226 -0.84 -18.73 -26.76
N THR B 227 -0.03 -17.69 -26.92
CA THR B 227 1.27 -17.65 -26.26
C THR B 227 1.57 -16.35 -25.56
N ASP B 228 2.23 -16.44 -24.40
CA ASP B 228 2.82 -15.25 -23.76
C ASP B 228 1.79 -14.18 -23.35
N ASN B 229 0.56 -14.60 -23.05
CA ASN B 229 -0.47 -13.68 -22.62
C ASN B 229 -0.57 -13.61 -21.11
N LEU B 230 -1.01 -12.45 -20.63
CA LEU B 230 -1.44 -12.24 -19.26
C LEU B 230 -2.96 -12.17 -19.31
N VAL B 231 -3.61 -13.07 -18.58
CA VAL B 231 -5.05 -13.32 -18.72
C VAL B 231 -5.73 -13.46 -17.37
N GLY B 232 -6.84 -12.75 -17.18
CA GLY B 232 -7.69 -12.89 -15.99
C GLY B 232 -9.14 -12.56 -16.31
N ALA B 233 -10.02 -13.52 -16.07
CA ALA B 233 -11.42 -13.41 -16.45
C ALA B 233 -12.33 -13.28 -15.22
N GLY B 234 -13.63 -13.54 -15.39
CA GLY B 234 -14.61 -13.44 -14.33
C GLY B 234 -15.28 -14.78 -14.04
N PRO B 235 -15.94 -14.89 -12.88
CA PRO B 235 -16.25 -16.23 -12.34
C PRO B 235 -17.27 -17.05 -13.08
N ARG B 236 -18.02 -16.45 -14.00
CA ARG B 236 -18.92 -17.19 -14.89
C ARG B 236 -18.35 -17.41 -16.29
N GLY B 237 -17.11 -16.98 -16.52
CA GLY B 237 -16.54 -16.92 -17.86
C GLY B 237 -15.28 -17.72 -18.04
N HIS B 238 -14.78 -17.71 -19.27
CA HIS B 238 -13.60 -18.46 -19.65
C HIS B 238 -12.37 -17.57 -19.68
N SER B 239 -11.24 -18.09 -19.23
CA SER B 239 -9.96 -17.41 -19.43
C SER B 239 -9.45 -17.73 -20.84
N ILE B 240 -9.21 -19.01 -21.10
CA ILE B 240 -8.88 -19.54 -22.44
C ILE B 240 -9.85 -20.68 -22.70
N TYR B 241 -10.62 -20.56 -23.79
CA TYR B 241 -11.61 -21.56 -24.19
C TYR B 241 -11.41 -21.90 -25.65
N ALA B 242 -11.50 -23.20 -25.97
CA ALA B 242 -11.47 -23.65 -27.34
C ALA B 242 -12.39 -24.82 -27.53
N GLU B 243 -13.06 -24.86 -28.67
CA GLU B 243 -13.89 -26.02 -29.02
C GLU B 243 -13.59 -26.50 -30.44
N ASN B 244 -13.53 -27.82 -30.60
CA ASN B 244 -13.32 -28.46 -31.89
C ASN B 244 -12.09 -27.92 -32.61
N HIS B 245 -11.02 -27.72 -31.84
CA HIS B 245 -9.71 -27.37 -32.36
C HIS B 245 -8.80 -28.59 -32.39
N GLY B 246 -8.01 -28.69 -33.46
CA GLY B 246 -6.91 -29.64 -33.54
C GLY B 246 -5.58 -28.91 -33.62
N GLY B 247 -4.56 -29.42 -32.97
CA GLY B 247 -3.23 -28.81 -33.09
C GLY B 247 -3.08 -27.39 -32.52
N LEU B 248 -3.83 -27.09 -31.47
CA LEU B 248 -3.71 -25.85 -30.73
C LEU B 248 -2.53 -25.93 -29.77
N LEU B 249 -1.74 -24.87 -29.69
CA LEU B 249 -0.64 -24.76 -28.72
C LEU B 249 -0.93 -23.62 -27.76
N VAL B 250 -1.05 -23.94 -26.47
CA VAL B 250 -1.33 -22.95 -25.43
C VAL B 250 -0.13 -22.99 -24.48
N THR B 251 0.73 -21.98 -24.53
CA THR B 251 1.99 -22.03 -23.79
C THR B 251 2.51 -20.66 -23.39
N ALA B 252 3.27 -20.64 -22.30
CA ALA B 252 3.91 -19.44 -21.79
C ALA B 252 2.92 -18.33 -21.36
N ASN B 253 1.69 -18.71 -21.01
CA ASN B 253 0.73 -17.76 -20.50
C ASN B 253 0.79 -17.71 -18.99
N ASN B 254 0.46 -16.55 -18.45
CA ASN B 254 0.32 -16.38 -17.03
C ASN B 254 -1.13 -16.01 -16.83
N VAL B 255 -1.90 -17.01 -16.40
CA VAL B 255 -3.32 -16.91 -16.22
C VAL B 255 -3.61 -16.80 -14.73
N PHE B 256 -4.20 -15.67 -14.34
CA PHE B 256 -4.49 -15.38 -12.94
C PHE B 256 -6.02 -15.32 -12.78
N PRO B 257 -6.52 -15.16 -11.54
CA PRO B 257 -7.97 -15.19 -11.36
C PRO B 257 -8.71 -14.06 -12.09
N ARG B 258 -10.03 -14.16 -12.26
CA ARG B 258 -10.91 -15.09 -11.55
C ARG B 258 -11.96 -15.71 -12.50
N GLY B 259 -11.48 -16.23 -13.61
CA GLY B 259 -12.30 -17.05 -14.49
C GLY B 259 -12.91 -18.26 -13.80
N ALA B 260 -14.01 -18.76 -14.36
CA ALA B 260 -14.55 -20.06 -13.95
C ALA B 260 -13.46 -21.15 -14.06
N SER B 261 -12.62 -21.03 -15.08
CA SER B 261 -11.51 -21.91 -15.35
C SER B 261 -10.39 -21.10 -15.95
N SER B 262 -9.22 -21.73 -16.00
CA SER B 262 -8.03 -21.21 -16.66
C SER B 262 -8.00 -21.61 -18.14
N VAL B 263 -8.20 -22.89 -18.39
CA VAL B 263 -8.25 -23.44 -19.74
C VAL B 263 -9.40 -24.43 -19.83
N HIS B 264 -10.25 -24.26 -20.84
CA HIS B 264 -11.45 -25.08 -20.99
C HIS B 264 -11.51 -25.54 -22.45
N PHE B 265 -11.44 -26.85 -22.65
CA PHE B 265 -11.51 -27.48 -23.98
C PHE B 265 -12.80 -28.30 -24.10
N LYS B 266 -13.48 -28.15 -25.23
CA LYS B 266 -14.59 -29.04 -25.60
C LYS B 266 -14.28 -29.62 -26.99
N GLY B 267 -14.16 -30.93 -27.09
CA GLY B 267 -13.85 -31.59 -28.35
C GLY B 267 -12.51 -31.17 -28.95
N VAL B 268 -11.53 -30.84 -28.11
CA VAL B 268 -10.22 -30.43 -28.59
C VAL B 268 -9.33 -31.66 -28.68
N THR B 269 -8.61 -31.81 -29.79
CA THR B 269 -7.79 -32.98 -30.01
C THR B 269 -6.37 -32.59 -30.37
N ARG B 270 -5.44 -33.46 -30.04
CA ARG B 270 -4.08 -33.38 -30.59
C ARG B 270 -3.45 -32.01 -30.38
N SER B 271 -3.63 -31.50 -29.17
CA SER B 271 -3.23 -30.14 -28.80
C SER B 271 -2.34 -30.19 -27.57
N SER B 272 -1.74 -29.04 -27.25
CA SER B 272 -0.83 -28.97 -26.11
C SER B 272 -1.12 -27.74 -25.23
N VAL B 273 -1.27 -28.00 -23.93
CA VAL B 273 -1.42 -26.99 -22.89
C VAL B 273 -0.22 -27.20 -21.99
N THR B 274 0.85 -26.46 -22.25
CA THR B 274 2.16 -26.78 -21.70
C THR B 274 2.89 -25.54 -21.25
N ASN B 275 3.56 -25.62 -20.11
CA ASN B 275 4.38 -24.51 -19.64
C ASN B 275 3.60 -23.19 -19.46
N ASN B 276 2.46 -23.27 -18.78
CA ASN B 276 1.71 -22.09 -18.37
C ASN B 276 1.76 -22.00 -16.85
N ARG B 277 1.68 -20.76 -16.37
CA ARG B 277 1.43 -20.51 -14.95
C ARG B 277 -0.05 -20.22 -14.82
N LEU B 278 -0.72 -21.02 -13.99
CA LEU B 278 -2.19 -20.98 -13.84
C LEU B 278 -2.54 -20.81 -12.38
N HIS B 279 -3.31 -19.77 -12.09
CA HIS B 279 -3.74 -19.46 -10.74
C HIS B 279 -5.24 -19.22 -10.74
N ALA B 280 -5.94 -20.02 -9.95
CA ALA B 280 -7.39 -19.94 -9.78
C ALA B 280 -7.78 -19.83 -8.31
N PHE B 281 -8.95 -19.23 -8.09
CA PHE B 281 -9.61 -19.19 -6.78
C PHE B 281 -10.69 -20.27 -6.62
N TYR B 282 -10.85 -21.13 -7.62
CA TYR B 282 -11.91 -22.15 -7.65
C TYR B 282 -11.39 -23.44 -8.27
N PRO B 283 -12.07 -24.57 -7.97
CA PRO B 283 -11.76 -25.82 -8.68
C PRO B 283 -12.15 -25.73 -10.15
N GLY B 284 -11.73 -26.73 -10.92
CA GLY B 284 -12.03 -26.80 -12.34
C GLY B 284 -11.18 -25.85 -13.16
N MET B 285 -9.88 -25.85 -12.89
CA MET B 285 -8.95 -24.92 -13.55
C MET B 285 -8.68 -25.28 -15.01
N VAL B 286 -8.41 -26.56 -15.27
CA VAL B 286 -8.21 -27.04 -16.61
C VAL B 286 -9.20 -28.16 -16.85
N ARG B 287 -10.07 -27.93 -17.83
CA ARG B 287 -11.18 -28.83 -18.14
C ARG B 287 -11.03 -29.34 -19.56
N LEU B 288 -10.87 -30.65 -19.71
CA LEU B 288 -10.87 -31.30 -21.03
C LEU B 288 -12.17 -32.08 -21.07
N GLU B 289 -13.08 -31.63 -21.93
CA GLU B 289 -14.45 -32.15 -21.95
C GLU B 289 -14.85 -32.59 -23.34
N GLU B 290 -15.90 -33.41 -23.38
CA GLU B 290 -16.55 -33.79 -24.63
C GLU B 290 -15.58 -34.37 -25.64
N ASN B 291 -14.95 -35.49 -25.26
CA ASN B 291 -14.02 -36.21 -26.15
C ASN B 291 -12.81 -35.36 -26.50
N SER B 292 -12.19 -34.76 -25.49
CA SER B 292 -10.96 -34.02 -25.70
C SER B 292 -9.84 -35.04 -25.54
N SER B 293 -9.17 -35.36 -26.65
CA SER B 293 -8.34 -36.52 -26.75
C SER B 293 -6.97 -36.24 -27.32
N GLU B 294 -6.01 -37.07 -26.96
CA GLU B 294 -4.64 -37.00 -27.49
C GLU B 294 -3.98 -35.64 -27.26
N ASN B 295 -4.27 -35.02 -26.12
CA ASN B 295 -3.69 -33.72 -25.76
C ASN B 295 -2.58 -33.91 -24.76
N LEU B 296 -1.57 -33.03 -24.85
CA LEU B 296 -0.47 -32.96 -23.88
C LEU B 296 -0.76 -31.81 -22.91
N VAL B 297 -0.72 -32.12 -21.63
CA VAL B 297 -0.87 -31.15 -20.55
C VAL B 297 0.38 -31.35 -19.68
N ALA B 298 1.38 -30.50 -19.92
CA ALA B 298 2.70 -30.74 -19.37
C ALA B 298 3.32 -29.52 -18.76
N THR B 299 4.11 -29.75 -17.71
CA THR B 299 4.95 -28.73 -17.07
C THR B 299 4.26 -27.37 -16.85
N ASN B 300 3.00 -27.42 -16.44
CA ASN B 300 2.26 -26.27 -15.98
C ASN B 300 2.41 -26.15 -14.49
N HIS B 301 2.35 -24.92 -14.01
CA HIS B 301 2.27 -24.67 -12.57
C HIS B 301 0.83 -24.28 -12.23
N PHE B 302 0.14 -25.15 -11.47
CA PHE B 302 -1.23 -24.91 -11.01
C PHE B 302 -1.18 -24.45 -9.56
N LEU B 303 -1.84 -23.32 -9.26
CA LEU B 303 -2.11 -22.91 -7.89
C LEU B 303 -3.60 -22.71 -7.74
N ARG B 304 -4.23 -23.40 -6.78
CA ARG B 304 -5.61 -23.13 -6.41
C ARG B 304 -5.62 -22.70 -4.97
N ASP B 305 -6.18 -21.53 -4.71
CA ASP B 305 -6.35 -21.04 -3.34
C ASP B 305 -7.65 -20.28 -3.20
N HIS B 306 -7.89 -19.63 -2.06
CA HIS B 306 -9.14 -18.88 -1.84
C HIS B 306 -8.99 -17.41 -2.23
N GLU B 307 -10.01 -16.85 -2.87
CA GLU B 307 -10.07 -15.39 -3.10
C GLU B 307 -9.71 -14.62 -1.82
N PRO B 308 -8.72 -13.72 -1.88
CA PRO B 308 -8.37 -12.94 -0.68
C PRO B 308 -8.92 -11.51 -0.66
N TRP B 309 -9.57 -11.06 -1.73
CA TRP B 309 -10.06 -9.68 -1.85
C TRP B 309 -11.55 -9.60 -1.49
N THR B 310 -11.88 -8.79 -0.49
CA THR B 310 -13.23 -8.77 0.08
C THR B 310 -14.39 -8.71 -0.90
N PRO B 311 -14.34 -7.81 -1.91
CA PRO B 311 -15.51 -7.72 -2.77
C PRO B 311 -15.94 -9.03 -3.45
N PHE B 312 -15.00 -9.96 -3.65
CA PHE B 312 -15.29 -11.23 -4.32
C PHE B 312 -15.12 -12.45 -3.39
N PHE B 313 -14.94 -12.21 -2.09
CA PHE B 313 -14.59 -13.27 -1.16
C PHE B 313 -15.58 -14.44 -1.20
N GLY B 314 -16.88 -14.11 -1.28
CA GLY B 314 -17.95 -15.10 -1.33
C GLY B 314 -18.48 -15.44 -2.72
N VAL B 315 -17.80 -14.99 -3.77
CA VAL B 315 -18.22 -15.24 -5.15
C VAL B 315 -17.40 -16.41 -5.66
N ASP B 316 -18.06 -17.35 -6.33
CA ASP B 316 -17.33 -18.50 -6.85
C ASP B 316 -17.98 -19.03 -8.13
N ASN B 317 -17.38 -20.09 -8.69
CA ASN B 317 -17.82 -20.66 -9.96
C ASN B 317 -18.80 -21.83 -9.83
N GLY B 318 -19.30 -22.07 -8.61
CA GLY B 318 -20.32 -23.08 -8.37
C GLY B 318 -19.82 -24.51 -8.18
N LEU B 319 -18.52 -24.73 -8.31
CA LEU B 319 -17.95 -26.07 -8.33
C LEU B 319 -17.31 -26.45 -7.01
N ASP B 320 -17.57 -27.66 -6.57
CA ASP B 320 -17.03 -28.12 -5.29
C ASP B 320 -15.64 -28.72 -5.44
N ASP B 321 -15.03 -29.02 -4.30
CA ASP B 321 -13.63 -29.47 -4.28
C ASP B 321 -13.39 -30.90 -4.75
N LEU B 322 -14.46 -31.65 -5.02
CA LEU B 322 -14.34 -32.96 -5.67
C LEU B 322 -14.18 -32.86 -7.18
N THR B 323 -14.37 -31.66 -7.73
CA THR B 323 -14.30 -31.43 -9.18
C THR B 323 -12.96 -31.82 -9.76
N GLY B 324 -11.88 -31.46 -9.06
CA GLY B 324 -10.54 -31.57 -9.61
C GLY B 324 -10.05 -30.20 -10.03
N LEU B 325 -8.75 -29.98 -9.89
CA LEU B 325 -8.09 -28.85 -10.55
C LEU B 325 -7.94 -29.07 -12.05
N LEU B 326 -7.61 -30.31 -12.42
CA LEU B 326 -7.51 -30.76 -13.81
C LEU B 326 -8.50 -31.89 -13.99
N SER B 327 -9.46 -31.73 -14.90
CA SER B 327 -10.51 -32.76 -15.10
C SER B 327 -10.49 -33.16 -16.54
N ILE B 328 -10.50 -34.47 -16.81
CA ILE B 328 -10.33 -35.01 -18.16
C ILE B 328 -11.45 -35.98 -18.52
N SER B 329 -12.14 -35.68 -19.63
CA SER B 329 -13.12 -36.58 -20.24
C SER B 329 -12.73 -36.75 -21.70
N GLY B 330 -12.05 -37.86 -21.99
CA GLY B 330 -11.48 -38.12 -23.31
C GLY B 330 -10.39 -39.17 -23.26
N ASN B 331 -9.87 -39.53 -24.43
CA ASN B 331 -8.97 -40.67 -24.58
C ASN B 331 -7.55 -40.22 -24.86
N ASN B 332 -6.61 -41.02 -24.41
CA ASN B 332 -5.24 -40.97 -24.90
C ASN B 332 -4.49 -39.67 -24.64
N ASN B 333 -4.85 -38.95 -23.57
CA ASN B 333 -4.16 -37.70 -23.23
C ASN B 333 -2.89 -38.02 -22.46
N SER B 334 -2.05 -36.99 -22.29
CA SER B 334 -0.76 -37.11 -21.63
C SER B 334 -0.64 -35.98 -20.61
N VAL B 335 -0.55 -36.32 -19.33
CA VAL B 335 -0.47 -35.34 -18.24
C VAL B 335 0.86 -35.58 -17.52
N ILE B 336 1.85 -34.75 -17.83
CA ILE B 336 3.24 -35.04 -17.49
C ILE B 336 3.96 -33.84 -16.89
N GLY B 337 4.58 -34.02 -15.74
CA GLY B 337 5.52 -33.00 -15.23
C GLY B 337 4.91 -31.74 -14.67
N ASN B 338 3.63 -31.78 -14.27
CA ASN B 338 2.98 -30.58 -13.70
C ASN B 338 3.21 -30.47 -12.21
N HIS B 339 3.15 -29.24 -11.72
CA HIS B 339 3.15 -28.93 -10.30
C HIS B 339 1.77 -28.45 -9.90
N PHE B 340 1.21 -29.06 -8.85
CA PHE B 340 -0.07 -28.62 -8.29
C PHE B 340 0.09 -28.18 -6.86
N SER B 341 -0.19 -26.91 -6.58
CA SER B 341 -0.30 -26.37 -5.22
C SER B 341 -1.79 -26.16 -4.87
N GLU B 342 -2.27 -26.92 -3.88
CA GLU B 342 -3.64 -26.85 -3.37
C GLU B 342 -3.57 -26.22 -1.99
N VAL B 343 -3.96 -24.95 -1.88
CA VAL B 343 -3.69 -24.15 -0.69
C VAL B 343 -5.04 -23.65 -0.22
N VAL B 344 -5.68 -24.41 0.66
CA VAL B 344 -7.06 -24.11 1.07
C VAL B 344 -7.23 -24.26 2.57
N ASP B 345 -8.21 -23.54 3.08
CA ASP B 345 -8.63 -23.64 4.48
C ASP B 345 -9.56 -24.84 4.58
N ALA B 346 -9.18 -25.83 5.38
CA ALA B 346 -9.96 -27.09 5.49
C ALA B 346 -11.42 -26.85 5.84
N ASN B 347 -11.69 -25.86 6.69
CA ASN B 347 -13.08 -25.49 7.06
C ASN B 347 -13.93 -25.00 5.90
N GLU B 348 -13.26 -24.51 4.85
CA GLU B 348 -13.94 -23.98 3.69
C GLU B 348 -14.09 -24.97 2.55
N ILE B 349 -13.59 -26.20 2.72
CA ILE B 349 -13.76 -27.25 1.71
C ILE B 349 -15.23 -27.60 1.57
N ARG B 350 -15.67 -27.81 0.33
CA ARG B 350 -17.04 -28.19 0.02
C ARG B 350 -17.02 -29.45 -0.87
N PRO B 351 -17.90 -30.44 -0.62
CA PRO B 351 -18.81 -30.47 0.54
C PRO B 351 -18.07 -30.69 1.86
N GLU B 352 -18.79 -30.43 2.95
CA GLU B 352 -18.28 -30.57 4.31
C GLU B 352 -17.51 -31.86 4.50
N GLY B 353 -16.26 -31.76 4.96
CA GLY B 353 -15.45 -32.93 5.26
C GLY B 353 -14.87 -33.69 4.07
N ALA B 354 -15.06 -33.21 2.84
CA ALA B 354 -14.57 -33.91 1.64
C ALA B 354 -13.06 -33.85 1.55
N THR B 355 -12.47 -34.84 0.87
CA THR B 355 -11.05 -34.85 0.54
C THR B 355 -10.92 -34.24 -0.87
N PRO B 356 -10.28 -33.04 -0.99
CA PRO B 356 -10.19 -32.44 -2.34
C PRO B 356 -9.48 -33.32 -3.37
N VAL B 357 -9.93 -33.21 -4.60
CA VAL B 357 -9.38 -33.95 -5.74
C VAL B 357 -8.50 -33.03 -6.56
N ILE B 358 -7.34 -33.51 -7.00
CA ILE B 358 -6.47 -32.70 -7.84
C ILE B 358 -6.63 -33.02 -9.32
N ILE B 359 -6.34 -34.26 -9.72
CA ILE B 359 -6.52 -34.69 -11.11
C ILE B 359 -7.67 -35.67 -11.13
N ARG B 360 -8.66 -35.44 -12.00
CA ARG B 360 -9.80 -36.35 -12.08
C ARG B 360 -9.96 -36.81 -13.50
N LEU B 361 -9.98 -38.12 -13.71
CA LEU B 361 -10.30 -38.70 -15.02
C LEU B 361 -11.74 -39.21 -14.95
N THR B 362 -12.66 -38.50 -15.61
CA THR B 362 -14.10 -38.80 -15.49
C THR B 362 -14.54 -39.82 -16.52
N ALA B 363 -13.89 -39.82 -17.68
CA ALA B 363 -14.24 -40.76 -18.75
C ALA B 363 -13.09 -40.86 -19.70
N GLY B 364 -13.04 -41.96 -20.44
CA GLY B 364 -12.04 -42.18 -21.46
C GLY B 364 -11.02 -43.22 -21.09
N THR B 365 -10.28 -43.65 -22.11
CA THR B 365 -9.25 -44.66 -21.93
C THR B 365 -7.88 -44.19 -22.39
N GLY B 366 -6.84 -44.84 -21.90
CA GLY B 366 -5.48 -44.64 -22.42
C GLY B 366 -4.80 -43.37 -21.98
N ASN B 367 -5.31 -42.71 -20.95
CA ASN B 367 -4.68 -41.48 -20.47
C ASN B 367 -3.41 -41.84 -19.69
N PHE B 368 -2.36 -41.09 -19.93
CA PHE B 368 -1.04 -41.33 -19.35
C PHE B 368 -0.76 -40.14 -18.43
N VAL B 369 -0.72 -40.40 -17.12
CA VAL B 369 -0.52 -39.39 -16.11
C VAL B 369 0.77 -39.74 -15.39
N SER B 370 1.83 -38.96 -15.58
CA SER B 370 3.12 -39.31 -14.96
C SER B 370 3.88 -38.13 -14.41
N THR B 371 4.54 -38.34 -13.27
CA THR B 371 5.56 -37.41 -12.77
C THR B 371 4.94 -36.02 -12.49
N ASN B 372 3.91 -36.02 -11.66
CA ASN B 372 3.25 -34.79 -11.25
C ASN B 372 3.42 -34.66 -9.75
N HIS B 373 3.81 -33.47 -9.30
CA HIS B 373 4.00 -33.21 -7.89
C HIS B 373 2.82 -32.46 -7.34
N VAL B 374 2.17 -33.05 -6.33
CA VAL B 374 1.04 -32.46 -5.63
C VAL B 374 1.47 -32.01 -4.25
N VAL B 375 1.28 -30.74 -3.96
CA VAL B 375 1.50 -30.23 -2.62
C VAL B 375 0.22 -29.59 -2.13
N ALA B 376 -0.21 -30.00 -0.94
CA ALA B 376 -1.47 -29.54 -0.39
C ALA B 376 -1.26 -29.07 1.03
N MET B 377 -1.83 -27.91 1.34
CA MET B 377 -1.63 -27.20 2.59
C MET B 377 -2.95 -26.71 3.12
N ASP B 378 -3.11 -26.79 4.43
CA ASP B 378 -4.27 -26.28 5.16
C ASP B 378 -3.91 -24.89 5.69
N VAL B 379 -4.55 -23.87 5.15
CA VAL B 379 -4.22 -22.47 5.48
C VAL B 379 -5.45 -21.76 6.08
N ASP B 380 -5.36 -20.45 6.28
CA ASP B 380 -6.57 -19.73 6.68
C ASP B 380 -7.21 -19.03 5.51
N ALA B 381 -8.32 -18.34 5.78
CA ALA B 381 -9.14 -17.69 4.77
C ALA B 381 -8.92 -16.18 4.74
N ALA B 382 -7.69 -15.72 4.94
CA ALA B 382 -7.46 -14.27 5.08
C ALA B 382 -8.18 -13.48 3.97
N SER B 383 -8.88 -12.42 4.37
CA SER B 383 -9.57 -11.49 3.44
C SER B 383 -9.00 -10.11 3.73
N SER B 384 -8.96 -9.25 2.72
CA SER B 384 -8.64 -7.84 2.93
C SER B 384 -9.32 -7.01 1.88
N ASP B 385 -9.69 -5.79 2.28
CA ASP B 385 -10.27 -4.81 1.35
C ASP B 385 -9.28 -4.25 0.33
N SER B 386 -7.97 -4.36 0.60
CA SER B 386 -6.93 -3.85 -0.29
C SER B 386 -6.45 -4.96 -1.20
N ALA B 387 -6.77 -4.85 -2.50
CA ALA B 387 -6.54 -5.95 -3.43
C ALA B 387 -5.08 -6.37 -3.58
N PHE B 388 -4.20 -5.45 -3.97
CA PHE B 388 -2.82 -5.85 -4.31
C PHE B 388 -2.07 -6.33 -3.06
N GLU B 389 -2.36 -5.71 -1.92
CA GLU B 389 -1.80 -6.17 -0.65
C GLU B 389 -2.26 -7.60 -0.31
N ALA B 390 -3.55 -7.83 -0.41
CA ALA B 390 -4.14 -9.14 -0.10
C ALA B 390 -3.56 -10.23 -1.01
N GLN B 391 -3.40 -9.88 -2.28
CA GLN B 391 -2.96 -10.84 -3.30
C GLN B 391 -1.50 -11.26 -3.12
N VAL B 392 -0.63 -10.29 -2.90
CA VAL B 392 0.79 -10.59 -2.70
C VAL B 392 0.99 -11.35 -1.38
N ASP B 393 0.33 -10.90 -0.31
CA ASP B 393 0.43 -11.56 1.00
C ASP B 393 0.02 -13.03 0.91
N ALA B 394 -1.07 -13.30 0.20
CA ALA B 394 -1.58 -14.66 0.04
C ALA B 394 -0.61 -15.53 -0.78
N LEU B 395 -0.08 -15.00 -1.88
CA LEU B 395 0.87 -15.75 -2.70
C LEU B 395 2.16 -16.10 -1.95
N LEU B 396 2.64 -15.18 -1.12
CA LEU B 396 3.90 -15.39 -0.42
C LEU B 396 3.77 -16.24 0.86
N ALA B 397 2.55 -16.42 1.37
CA ALA B 397 2.35 -17.13 2.62
C ALA B 397 2.36 -18.65 2.39
N THR B 398 3.40 -19.31 2.91
CA THR B 398 3.55 -20.78 2.77
C THR B 398 3.60 -21.55 4.10
N GLU B 399 3.58 -20.85 5.25
CA GLU B 399 3.55 -21.49 6.56
C GLU B 399 2.19 -22.13 6.80
N ALA B 400 2.14 -23.46 6.81
CA ALA B 400 0.87 -24.17 6.99
C ALA B 400 1.02 -25.66 7.26
N ALA B 401 -0.02 -26.21 7.87
CA ALA B 401 -0.14 -27.65 8.16
C ALA B 401 -0.51 -28.45 6.91
N ASP B 402 -0.26 -29.76 6.93
CA ASP B 402 -0.57 -30.62 5.78
C ASP B 402 -2.09 -30.73 5.58
N LEU B 403 -2.49 -30.98 4.35
CA LEU B 403 -3.88 -31.26 4.00
C LEU B 403 -3.91 -32.52 3.16
N ALA B 404 -4.71 -33.50 3.58
CA ALA B 404 -4.88 -34.72 2.81
C ALA B 404 -5.67 -34.42 1.56
N VAL B 405 -5.18 -34.90 0.42
CA VAL B 405 -5.89 -34.76 -0.86
C VAL B 405 -5.86 -36.07 -1.64
N THR B 406 -6.75 -36.16 -2.61
CA THR B 406 -6.72 -37.24 -3.58
C THR B 406 -6.02 -36.66 -4.78
N ALA B 407 -4.79 -37.09 -5.00
CA ALA B 407 -3.99 -36.58 -6.12
C ALA B 407 -4.56 -36.96 -7.47
N VAL B 408 -5.04 -38.19 -7.59
CA VAL B 408 -5.62 -38.67 -8.84
C VAL B 408 -6.84 -39.49 -8.51
N LEU B 409 -7.98 -39.11 -9.09
CA LEU B 409 -9.22 -39.87 -8.97
C LEU B 409 -9.59 -40.35 -10.37
N VAL B 410 -9.67 -41.67 -10.54
CA VAL B 410 -10.14 -42.26 -11.78
C VAL B 410 -11.55 -42.79 -11.55
N ASP B 411 -12.53 -42.16 -12.18
CA ASP B 411 -13.92 -42.61 -12.06
C ASP B 411 -14.09 -43.94 -12.79
N PRO B 412 -15.11 -44.73 -12.41
CA PRO B 412 -15.36 -46.00 -13.12
C PRO B 412 -15.57 -45.83 -14.63
N GLY B 413 -16.05 -44.67 -15.06
CA GLY B 413 -16.21 -44.34 -16.48
C GLY B 413 -14.93 -44.19 -17.29
N SER B 414 -13.78 -44.23 -16.63
CA SER B 414 -12.48 -44.16 -17.27
C SER B 414 -11.69 -45.41 -16.88
N ALA B 415 -10.97 -45.99 -17.82
CA ALA B 415 -10.16 -47.19 -17.56
C ALA B 415 -8.98 -47.30 -18.53
N ARG B 416 -8.10 -48.28 -18.30
CA ARG B 416 -6.92 -48.52 -19.17
C ARG B 416 -6.03 -47.28 -19.21
N ASN B 417 -5.94 -46.59 -18.07
CA ASN B 417 -5.07 -45.44 -17.91
C ASN B 417 -3.80 -45.92 -17.27
N THR B 418 -2.79 -45.06 -17.33
CA THR B 418 -1.50 -45.32 -16.69
C THR B 418 -1.21 -44.12 -15.79
N ILE B 419 -1.02 -44.38 -14.50
CA ILE B 419 -0.80 -43.35 -13.51
C ILE B 419 0.51 -43.67 -12.78
N LEU B 420 1.53 -42.85 -12.99
CA LEU B 420 2.87 -43.09 -12.45
C LEU B 420 3.35 -41.90 -11.66
N ASP B 421 3.88 -42.14 -10.46
CA ASP B 421 4.60 -41.10 -9.69
C ASP B 421 3.83 -39.77 -9.64
N SER B 422 2.54 -39.87 -9.36
CA SER B 422 1.66 -38.71 -9.25
C SER B 422 0.88 -38.71 -7.94
N GLY B 423 1.34 -39.50 -6.97
CA GLY B 423 0.70 -39.65 -5.67
C GLY B 423 1.03 -41.00 -5.06
N SER B 424 0.97 -41.06 -3.72
CA SER B 424 1.06 -42.30 -2.97
C SER B 424 -0.16 -43.15 -3.28
N ASP B 425 -0.14 -44.40 -2.83
CA ASP B 425 -1.31 -45.28 -3.02
C ASP B 425 -2.59 -44.71 -2.43
N THR B 426 -2.52 -44.16 -1.21
CA THR B 426 -3.68 -43.53 -0.59
C THR B 426 -4.20 -42.35 -1.41
N GLN B 427 -3.29 -41.60 -2.02
CA GLN B 427 -3.63 -40.42 -2.83
C GLN B 427 -4.17 -40.74 -4.22
N VAL B 428 -4.08 -42.00 -4.66
CA VAL B 428 -4.57 -42.41 -5.98
C VAL B 428 -5.77 -43.32 -5.76
N VAL B 429 -6.94 -42.79 -6.09
CA VAL B 429 -8.20 -43.50 -5.95
C VAL B 429 -8.56 -43.99 -7.35
N ALA B 430 -8.43 -45.29 -7.55
CA ALA B 430 -8.55 -45.90 -8.86
C ALA B 430 -8.58 -47.42 -8.76
N ASP B 431 -9.29 -48.01 -9.72
CA ASP B 431 -9.38 -49.47 -9.86
C ASP B 431 -8.04 -50.03 -10.34
N ARG B 432 -7.34 -50.73 -9.46
CA ARG B 432 -6.02 -51.28 -9.79
C ARG B 432 -6.08 -52.41 -10.82
N ALA B 433 -7.24 -53.06 -10.95
CA ALA B 433 -7.37 -54.18 -11.88
C ALA B 433 -7.29 -53.75 -13.34
N VAL B 434 -7.74 -52.53 -13.63
CA VAL B 434 -7.96 -52.10 -15.02
C VAL B 434 -7.14 -50.89 -15.44
N ASN B 435 -6.31 -50.36 -14.54
CA ASN B 435 -5.37 -49.30 -14.84
C ASN B 435 -3.98 -49.76 -14.39
N ALA B 436 -2.95 -49.11 -14.93
CA ALA B 436 -1.56 -49.38 -14.58
C ALA B 436 -1.17 -48.30 -13.61
N ILE B 437 -0.89 -48.66 -12.36
CA ILE B 437 -0.65 -47.67 -11.32
C ILE B 437 0.71 -47.93 -10.67
N ARG B 438 1.55 -46.90 -10.62
CA ARG B 438 2.75 -46.93 -9.77
C ARG B 438 2.70 -45.77 -8.80
N ALA B 439 2.59 -46.09 -7.51
CA ALA B 439 2.61 -45.06 -6.46
C ALA B 439 3.94 -44.36 -6.46
N THR B 440 3.93 -43.07 -6.20
CA THR B 440 5.15 -42.36 -5.86
C THR B 440 5.82 -43.04 -4.68
N PRO B 441 7.11 -43.39 -4.79
CA PRO B 441 7.81 -43.94 -3.61
C PRO B 441 7.73 -43.02 -2.39
N THR B 442 7.57 -43.61 -1.20
CA THR B 442 7.47 -42.86 0.05
C THR B 442 8.37 -43.46 1.12
N VAL B 443 8.64 -42.69 2.17
CA VAL B 443 9.42 -43.19 3.33
C VAL B 443 8.52 -43.34 4.55
N PRO C 2 -8.45 47.96 8.39
CA PRO C 2 -7.50 49.03 8.70
C PRO C 2 -6.06 48.54 8.69
N SER C 3 -5.11 49.42 9.02
CA SER C 3 -3.69 49.07 9.00
C SER C 3 -3.30 47.97 9.99
N ASN C 4 -4.03 47.78 11.10
CA ASN C 4 -3.67 46.72 12.06
C ASN C 4 -4.39 45.37 11.84
N ASN C 5 -5.08 45.22 10.72
CA ASN C 5 -5.65 43.92 10.31
C ASN C 5 -6.69 43.35 11.26
N ARG C 6 -7.37 44.24 12.01
CA ARG C 6 -8.45 43.84 12.91
C ARG C 6 -9.74 44.45 12.37
N TYR C 7 -10.77 43.61 12.20
CA TYR C 7 -12.07 44.03 11.69
C TYR C 7 -13.17 43.51 12.60
N ASP C 8 -14.23 44.30 12.72
CA ASP C 8 -15.42 43.93 13.48
C ASP C 8 -16.56 44.02 12.47
N VAL C 9 -17.30 42.93 12.29
CA VAL C 9 -18.36 42.92 11.28
C VAL C 9 -19.43 43.99 11.49
N THR C 10 -19.63 44.45 12.73
CA THR C 10 -20.62 45.48 13.06
C THR C 10 -20.09 46.90 12.81
N GLU C 11 -18.81 47.02 12.48
CA GLU C 11 -18.18 48.31 12.20
C GLU C 11 -17.79 48.50 10.72
N TRP C 12 -18.26 47.61 9.86
CA TRP C 12 -17.85 47.62 8.46
C TRP C 12 -18.68 48.66 7.72
N PRO C 13 -18.03 49.70 7.14
CA PRO C 13 -18.79 50.79 6.52
C PRO C 13 -19.79 50.31 5.49
N ALA C 14 -21.01 50.83 5.58
CA ALA C 14 -22.10 50.47 4.70
C ALA C 14 -22.53 49.00 4.75
N GLY C 15 -21.94 48.19 5.64
CA GLY C 15 -22.28 46.77 5.71
C GLY C 15 -23.51 46.59 6.56
N ASN C 16 -24.16 45.44 6.40
CA ASN C 16 -25.25 45.07 7.27
C ASN C 16 -25.16 43.58 7.59
N PRO C 17 -24.42 43.22 8.64
CA PRO C 17 -24.25 41.79 8.94
C PRO C 17 -25.53 41.10 9.45
N ALA C 18 -26.51 41.87 9.95
CA ALA C 18 -27.83 41.29 10.26
C ALA C 18 -28.49 40.73 9.00
N LYS C 19 -28.34 41.44 7.88
CA LYS C 19 -28.99 41.09 6.63
C LYS C 19 -28.15 40.08 5.83
N ASP C 20 -26.85 40.34 5.69
CA ASP C 20 -25.96 39.40 4.99
C ASP C 20 -24.52 39.54 5.46
N ILE C 21 -24.21 38.83 6.54
CA ILE C 21 -22.83 38.80 7.04
C ILE C 21 -21.83 38.17 6.06
N GLY C 22 -22.33 37.34 5.14
CA GLY C 22 -21.46 36.78 4.12
C GLY C 22 -20.87 37.83 3.21
N GLU C 23 -21.72 38.76 2.76
CA GLU C 23 -21.27 39.89 1.95
C GLU C 23 -20.27 40.75 2.73
N VAL C 24 -20.57 41.00 4.00
CA VAL C 24 -19.67 41.79 4.86
C VAL C 24 -18.29 41.14 4.97
N ILE C 25 -18.24 39.85 5.29
CA ILE C 25 -16.96 39.14 5.44
C ILE C 25 -16.20 39.05 4.10
N ASN C 26 -16.88 38.76 3.00
CA ASN C 26 -16.22 38.81 1.70
C ASN C 26 -15.64 40.20 1.39
N SER C 27 -16.39 41.25 1.70
CA SER C 27 -15.90 42.61 1.50
C SER C 27 -14.64 42.87 2.36
N ILE C 28 -14.64 42.40 3.59
CA ILE C 28 -13.44 42.51 4.47
C ILE C 28 -12.26 41.75 3.89
N ILE C 29 -12.50 40.53 3.40
CA ILE C 29 -11.44 39.72 2.79
C ILE C 29 -10.83 40.45 1.59
N ALA C 30 -11.69 41.07 0.77
CA ALA C 30 -11.22 41.85 -0.36
C ALA C 30 -10.33 43.02 0.10
N ASP C 31 -10.73 43.67 1.19
CA ASP C 31 -9.94 44.76 1.78
C ASP C 31 -8.57 44.28 2.25
N ILE C 32 -8.52 43.12 2.91
CA ILE C 32 -7.27 42.53 3.36
C ILE C 32 -6.35 42.27 2.17
N LYS C 33 -6.87 41.62 1.13
CA LYS C 33 -6.10 41.32 -0.08
C LYS C 33 -5.54 42.55 -0.79
N ALA C 34 -6.36 43.60 -0.86
CA ALA C 34 -5.93 44.88 -1.45
C ALA C 34 -4.74 45.47 -0.72
N ARG C 35 -4.72 45.32 0.60
CA ARG C 35 -3.63 45.84 1.42
C ARG C 35 -2.41 44.93 1.49
N GLN C 36 -2.62 43.64 1.37
CA GLN C 36 -1.57 42.62 1.50
C GLN C 36 -1.29 41.98 0.14
N GLY C 37 -0.84 42.79 -0.81
CA GLY C 37 -0.56 42.31 -2.18
C GLY C 37 0.82 41.72 -2.41
N ALA C 38 1.77 42.06 -1.55
CA ALA C 38 3.19 41.69 -1.74
C ALA C 38 3.63 40.63 -0.71
N ALA C 39 4.24 39.56 -1.19
CA ALA C 39 4.62 38.42 -0.37
C ALA C 39 6.00 38.53 0.30
N ASP C 40 6.83 39.47 -0.11
CA ASP C 40 8.19 39.51 0.42
C ASP C 40 8.73 40.94 0.55
N VAL C 41 8.11 41.68 1.46
CA VAL C 41 8.55 43.02 1.81
C VAL C 41 8.97 42.96 3.26
N ASP C 42 10.25 43.23 3.53
CA ASP C 42 10.76 43.25 4.89
C ASP C 42 10.50 41.95 5.63
N ASP C 43 10.77 40.82 4.97
CA ASP C 43 10.60 39.49 5.53
C ASP C 43 9.14 39.17 5.89
N GLY C 44 8.19 39.78 5.18
CA GLY C 44 6.76 39.47 5.39
C GLY C 44 5.89 40.06 4.31
N GLY C 45 4.65 40.39 4.66
CA GLY C 45 3.74 41.15 3.79
C GLY C 45 2.32 40.62 3.69
N LYS C 46 2.12 39.36 4.02
CA LYS C 46 0.77 38.76 4.01
C LYS C 46 0.48 38.08 5.35
N PRO C 47 0.51 38.87 6.45
CA PRO C 47 0.29 38.27 7.78
C PRO C 47 -1.14 37.84 8.07
N GLY C 48 -2.10 38.21 7.23
CA GLY C 48 -3.49 37.83 7.44
C GLY C 48 -4.21 38.85 8.30
N ALA C 49 -5.24 38.40 9.01
CA ALA C 49 -6.13 39.29 9.74
C ALA C 49 -7.03 38.55 10.71
N VAL C 50 -7.74 39.32 11.52
CA VAL C 50 -8.75 38.77 12.43
C VAL C 50 -10.06 39.51 12.17
N ILE C 51 -11.14 38.73 12.02
CA ILE C 51 -12.48 39.25 11.84
C ILE C 51 -13.29 38.84 13.07
N TYR C 52 -13.81 39.84 13.78
CA TYR C 52 -14.55 39.63 15.02
C TYR C 52 -16.06 39.76 14.81
N LEU C 53 -16.79 38.78 15.33
CA LEU C 53 -18.25 38.79 15.39
C LEU C 53 -18.68 38.97 16.85
N PRO C 54 -19.13 40.18 17.21
CA PRO C 54 -19.76 40.33 18.54
C PRO C 54 -20.99 39.44 18.68
N PRO C 55 -21.43 39.16 19.92
CA PRO C 55 -22.69 38.43 20.04
C PRO C 55 -23.82 39.13 19.30
N GLY C 56 -24.61 38.36 18.57
CA GLY C 56 -25.62 38.91 17.70
C GLY C 56 -26.17 37.85 16.77
N ASP C 57 -27.28 38.19 16.12
CA ASP C 57 -27.95 37.33 15.17
C ASP C 57 -27.65 37.84 13.77
N TYR C 58 -26.81 37.11 13.04
CA TYR C 58 -26.35 37.51 11.70
C TYR C 58 -26.84 36.53 10.62
N HIS C 59 -27.61 37.01 9.67
CA HIS C 59 -28.04 36.16 8.55
C HIS C 59 -26.93 36.14 7.52
N LEU C 60 -26.59 34.94 7.05
CA LEU C 60 -25.63 34.78 5.95
C LEU C 60 -26.40 34.33 4.72
N ARG C 61 -26.44 35.19 3.70
CA ARG C 61 -27.10 34.88 2.43
C ARG C 61 -26.15 34.69 1.26
N THR C 62 -24.86 34.97 1.47
CA THR C 62 -23.84 34.76 0.47
C THR C 62 -22.71 33.94 1.12
N GLN C 63 -22.27 32.88 0.45
CA GLN C 63 -21.16 32.07 0.93
C GLN C 63 -19.90 32.93 1.08
N VAL C 64 -19.21 32.75 2.21
CA VAL C 64 -17.90 33.38 2.43
C VAL C 64 -16.84 32.49 1.81
N LEU C 65 -16.00 33.07 0.95
CA LEU C 65 -14.85 32.35 0.38
C LEU C 65 -13.57 32.82 1.06
N ILE C 66 -12.91 31.91 1.76
CA ILE C 66 -11.63 32.18 2.41
C ILE C 66 -10.53 31.57 1.54
N ASP C 67 -9.71 32.44 0.96
CA ASP C 67 -8.64 32.01 0.08
C ASP C 67 -7.32 32.69 0.43
N ILE C 68 -7.15 33.08 1.71
CA ILE C 68 -5.90 33.64 2.22
C ILE C 68 -5.49 32.88 3.47
N SER C 69 -4.20 32.73 3.67
CA SER C 69 -3.67 32.10 4.87
C SER C 69 -3.75 33.05 6.06
N PHE C 70 -3.77 32.48 7.26
CA PHE C 70 -3.68 33.24 8.51
C PHE C 70 -4.88 34.16 8.77
N LEU C 71 -6.04 33.77 8.26
CA LEU C 71 -7.27 34.46 8.58
C LEU C 71 -7.86 33.80 9.80
N ARG C 72 -8.19 34.62 10.79
CA ARG C 72 -8.90 34.17 11.99
C ARG C 72 -10.29 34.80 11.98
N ILE C 73 -11.31 33.97 12.13
CA ILE C 73 -12.69 34.44 12.33
C ILE C 73 -13.07 34.02 13.73
N GLU C 74 -13.44 34.99 14.58
CA GLU C 74 -13.64 34.75 15.99
C GLU C 74 -14.90 35.43 16.51
N GLY C 75 -15.51 34.82 17.51
CA GLY C 75 -16.68 35.39 18.19
C GLY C 75 -16.55 35.34 19.68
N SER C 76 -17.67 35.59 20.35
CA SER C 76 -17.75 35.59 21.79
C SER C 76 -18.93 34.75 22.29
N GLY C 77 -19.21 33.64 21.63
CA GLY C 77 -20.11 32.66 22.21
C GLY C 77 -20.41 31.56 21.24
N HIS C 78 -20.48 30.33 21.76
CA HIS C 78 -20.76 29.15 20.95
C HIS C 78 -22.26 29.02 20.79
N GLY C 79 -23.03 29.60 21.73
CA GLY C 79 -24.42 29.88 21.52
C GLY C 79 -25.40 28.73 21.32
N PHE C 80 -25.03 27.54 21.78
CA PHE C 80 -25.88 26.37 21.58
C PHE C 80 -27.12 26.39 22.47
N THR C 81 -28.26 26.06 21.87
CA THR C 81 -29.43 25.59 22.60
C THR C 81 -30.08 24.52 21.73
N SER C 82 -30.84 23.64 22.35
CA SER C 82 -31.42 22.49 21.65
C SER C 82 -32.61 22.88 20.79
N SER C 83 -32.34 23.22 19.54
CA SER C 83 -33.43 23.43 18.60
C SER C 83 -34.25 22.15 18.41
N SER C 84 -33.61 20.99 18.51
CA SER C 84 -34.32 19.70 18.46
C SER C 84 -35.42 19.60 19.54
N ILE C 85 -35.05 19.89 20.78
CA ILE C 85 -36.03 19.87 21.87
C ILE C 85 -37.15 20.88 21.56
N ARG C 86 -36.77 22.10 21.20
CA ARG C 86 -37.74 23.16 20.99
C ARG C 86 -38.72 22.85 19.85
N PHE C 87 -38.23 22.33 18.74
CA PHE C 87 -39.13 22.00 17.61
C PHE C 87 -40.08 20.84 17.89
N ASN C 88 -39.80 20.07 18.95
CA ASN C 88 -40.69 19.00 19.41
C ASN C 88 -41.59 19.35 20.59
N VAL C 89 -41.42 20.56 21.14
CA VAL C 89 -42.37 21.15 22.10
C VAL C 89 -43.60 21.65 21.32
N PRO C 90 -44.83 21.40 21.84
CA PRO C 90 -45.99 21.92 21.11
C PRO C 90 -45.91 23.42 20.86
N GLU C 91 -46.25 23.83 19.64
CA GLU C 91 -46.10 25.21 19.21
C GLU C 91 -46.86 26.23 20.09
N GLU C 92 -47.98 25.81 20.69
CA GLU C 92 -48.74 26.66 21.62
C GLU C 92 -47.90 27.15 22.82
N GLU C 93 -46.85 26.40 23.17
CA GLU C 93 -46.01 26.74 24.32
C GLU C 93 -44.85 27.66 23.95
N TRP C 94 -44.56 27.83 22.66
CA TRP C 94 -43.40 28.64 22.23
C TRP C 94 -43.37 30.09 22.76
N PRO C 95 -44.52 30.80 22.74
CA PRO C 95 -44.51 32.18 23.21
C PRO C 95 -44.01 32.39 24.63
N ASP C 96 -44.13 31.37 25.49
CA ASP C 96 -43.70 31.50 26.87
C ASP C 96 -42.38 30.83 27.20
N LEU C 97 -41.70 30.27 26.20
CA LEU C 97 -40.32 29.81 26.41
C LEU C 97 -39.39 31.03 26.55
N HIS C 98 -38.37 30.93 27.41
CA HIS C 98 -37.47 32.07 27.67
C HIS C 98 -36.75 32.52 26.40
N GLU C 99 -36.34 31.55 25.60
CA GLU C 99 -35.85 31.83 24.26
C GLU C 99 -36.23 30.67 23.35
N LEU C 100 -36.12 30.90 22.04
CA LEU C 100 -36.46 29.93 21.00
C LEU C 100 -35.29 29.53 20.12
N TRP C 101 -34.23 30.32 20.07
CA TRP C 101 -33.19 30.14 19.06
C TRP C 101 -31.84 30.07 19.73
N PRO C 102 -30.86 29.45 19.05
CA PRO C 102 -29.45 29.64 19.42
C PRO C 102 -29.04 31.10 19.44
N GLY C 103 -27.92 31.38 20.09
CA GLY C 103 -27.42 32.74 20.22
C GLY C 103 -25.91 32.76 20.15
N GLY C 104 -25.29 33.54 21.03
CA GLY C 104 -23.84 33.78 20.95
C GLY C 104 -23.51 34.64 19.73
N SER C 105 -22.35 34.39 19.12
CA SER C 105 -21.96 35.08 17.89
C SER C 105 -22.48 34.25 16.74
N ARG C 106 -23.72 34.51 16.35
CA ARG C 106 -24.50 33.54 15.57
C ARG C 106 -24.62 33.86 14.09
N VAL C 107 -24.13 32.92 13.28
CA VAL C 107 -24.25 32.99 11.84
C VAL C 107 -25.39 32.06 11.44
N ILE C 108 -26.47 32.65 10.94
CA ILE C 108 -27.64 31.90 10.47
C ILE C 108 -27.41 31.60 8.99
N VAL C 109 -27.35 30.33 8.64
CA VAL C 109 -27.03 29.94 7.26
C VAL C 109 -28.30 29.95 6.43
N ASP C 110 -28.52 31.04 5.68
CA ASP C 110 -29.69 31.18 4.80
C ASP C 110 -29.24 30.99 3.36
N LEU C 111 -28.60 29.86 3.08
CA LEU C 111 -28.26 29.44 1.72
C LEU C 111 -29.20 28.34 1.28
N PRO C 112 -29.50 28.26 -0.03
CA PRO C 112 -30.20 27.07 -0.56
C PRO C 112 -29.27 25.83 -0.60
N ALA C 113 -29.86 24.65 -0.80
CA ALA C 113 -29.10 23.39 -0.82
C ALA C 113 -28.01 23.38 -1.90
N ASP C 118 -22.48 18.74 -5.37
CA ASP C 118 -21.98 20.07 -5.02
C ASP C 118 -22.45 20.53 -3.63
N SER C 119 -22.20 19.72 -2.61
CA SER C 119 -22.51 20.11 -1.22
C SER C 119 -21.72 21.36 -0.78
N ALA C 120 -20.52 21.57 -1.31
CA ALA C 120 -19.73 22.78 -0.98
C ALA C 120 -20.49 24.10 -1.24
N ALA C 121 -21.40 24.11 -2.23
CA ALA C 121 -22.23 25.29 -2.50
C ALA C 121 -23.14 25.69 -1.33
N GLY C 122 -23.49 24.72 -0.48
CA GLY C 122 -24.32 24.98 0.70
C GLY C 122 -23.55 25.36 1.95
N ALA C 123 -22.23 25.53 1.86
CA ALA C 123 -21.41 25.86 3.03
C ALA C 123 -21.41 27.36 3.32
N ALA C 124 -21.62 27.72 4.59
CA ALA C 124 -21.53 29.13 5.01
C ALA C 124 -20.15 29.68 4.76
N PHE C 125 -19.14 28.89 5.13
CA PHE C 125 -17.73 29.22 4.92
C PHE C 125 -17.09 28.15 4.04
N LEU C 126 -16.56 28.59 2.89
CA LEU C 126 -15.79 27.73 2.00
C LEU C 126 -14.34 28.17 2.06
N VAL C 127 -13.46 27.25 2.41
CA VAL C 127 -12.03 27.53 2.34
C VAL C 127 -11.46 26.78 1.12
N ALA C 128 -11.00 27.53 0.13
CA ALA C 128 -10.47 26.98 -1.11
C ALA C 128 -9.40 27.88 -1.71
N ARG C 129 -8.29 27.27 -2.09
CA ARG C 129 -7.24 27.93 -2.85
C ARG C 129 -6.37 26.86 -3.44
N GLU C 130 -6.08 26.95 -4.73
CA GLU C 130 -5.20 25.97 -5.36
C GLU C 130 -3.83 26.60 -5.57
N GLY C 131 -2.91 25.86 -6.18
CA GLY C 131 -1.53 26.31 -6.26
C GLY C 131 -0.79 26.06 -4.95
N SER C 132 0.35 26.72 -4.81
CA SER C 132 1.25 26.49 -3.71
C SER C 132 1.60 27.81 -3.05
N PRO C 133 1.94 27.81 -1.75
CA PRO C 133 1.85 26.65 -0.86
C PRO C 133 0.41 26.38 -0.49
N ARG C 134 0.20 25.33 0.28
CA ARG C 134 -1.13 25.04 0.84
C ARG C 134 -1.55 26.17 1.73
N ILE C 135 -2.81 26.55 1.61
CA ILE C 135 -3.42 27.48 2.56
C ILE C 135 -3.19 26.98 3.99
N SER C 136 -2.74 27.89 4.85
CA SER C 136 -2.26 27.51 6.18
C SER C 136 -2.77 28.39 7.31
N SER C 137 -2.98 27.75 8.47
CA SER C 137 -3.22 28.43 9.74
C SER C 137 -4.43 29.38 9.75
N VAL C 138 -5.49 28.99 9.04
CA VAL C 138 -6.81 29.59 9.21
C VAL C 138 -7.36 29.08 10.56
N GLU C 139 -8.00 29.98 11.30
CA GLU C 139 -8.53 29.71 12.66
C GLU C 139 -9.99 30.13 12.70
N PHE C 140 -10.84 29.22 13.18
CA PHE C 140 -12.22 29.54 13.49
C PHE C 140 -12.38 29.34 15.00
N SER C 141 -12.90 30.35 15.71
CA SER C 141 -12.93 30.33 17.16
C SER C 141 -14.19 30.94 17.76
N ASN C 142 -14.86 30.15 18.61
CA ASN C 142 -15.87 30.62 19.55
C ASN C 142 -17.01 31.43 18.93
N PHE C 143 -17.55 30.93 17.83
CA PHE C 143 -18.82 31.47 17.31
C PHE C 143 -19.76 30.34 16.95
N CYS C 144 -20.98 30.71 16.56
CA CYS C 144 -22.06 29.78 16.38
C CYS C 144 -22.47 29.76 14.92
N ILE C 145 -22.68 28.57 14.36
CA ILE C 145 -23.20 28.43 13.00
C ILE C 145 -24.45 27.57 13.10
N ASP C 146 -25.56 28.14 12.64
CA ASP C 146 -26.90 27.61 12.86
C ASP C 146 -27.60 27.46 11.52
N GLY C 147 -28.00 26.24 11.17
CA GLY C 147 -28.72 26.00 9.93
C GLY C 147 -30.22 26.14 10.09
N LEU C 148 -30.65 26.59 11.27
CA LEU C 148 -32.01 27.06 11.54
C LEU C 148 -33.12 26.00 11.58
N HIS C 149 -33.35 25.33 10.45
CA HIS C 149 -34.41 24.33 10.29
C HIS C 149 -33.90 23.09 9.56
N PHE C 150 -34.51 21.93 9.86
CA PHE C 150 -34.39 20.76 8.98
C PHE C 150 -35.68 20.71 8.18
N THR C 151 -35.62 20.07 7.01
CA THR C 151 -36.73 20.16 6.05
C THR C 151 -37.19 18.78 5.64
N ALA C 152 -38.39 18.70 5.05
CA ALA C 152 -38.99 17.43 4.69
C ALA C 152 -38.14 16.69 3.65
N ASP C 153 -38.03 15.37 3.77
CA ASP C 153 -37.11 14.59 2.93
C ASP C 153 -37.57 13.20 2.46
N GLY C 154 -38.81 12.81 2.75
CA GLY C 154 -39.30 11.47 2.38
C GLY C 154 -39.05 10.37 3.39
N SER C 155 -38.31 10.67 4.46
CA SER C 155 -38.04 9.70 5.54
C SER C 155 -39.29 9.36 6.35
N GLY C 156 -40.32 10.21 6.30
CA GLY C 156 -41.54 10.01 7.09
C GLY C 156 -41.46 10.61 8.48
N ARG C 157 -40.30 11.16 8.86
CA ARG C 157 -40.16 11.89 10.12
C ARG C 157 -40.79 13.28 9.98
N HIS C 158 -41.09 13.92 11.10
CA HIS C 158 -41.49 15.34 11.06
C HIS C 158 -40.31 16.15 10.47
N PRO C 159 -40.60 17.21 9.67
CA PRO C 159 -39.53 17.98 9.01
C PRO C 159 -38.34 18.39 9.90
N GLU C 160 -38.60 18.87 11.11
CA GLU C 160 -37.51 19.33 11.97
C GLU C 160 -36.67 18.19 12.55
N ASN C 161 -37.10 16.93 12.33
CA ASN C 161 -36.35 15.77 12.81
C ASN C 161 -35.64 14.99 11.71
N THR C 162 -35.57 15.54 10.49
CA THR C 162 -34.97 14.81 9.37
C THR C 162 -33.45 14.86 9.34
N TYR C 163 -32.87 15.87 10.00
CA TYR C 163 -31.45 16.17 9.88
C TYR C 163 -31.00 16.50 8.42
N ALA C 164 -31.96 16.95 7.61
CA ALA C 164 -31.71 17.27 6.21
C ALA C 164 -32.01 18.73 5.84
N ASN C 165 -30.98 19.46 5.43
CA ASN C 165 -31.14 20.78 4.81
C ASN C 165 -30.15 21.23 3.73
N GLY C 166 -29.17 20.39 3.38
CA GLY C 166 -28.15 20.74 2.41
C GLY C 166 -27.16 21.81 2.83
N LYS C 167 -27.14 22.19 4.12
CA LYS C 167 -26.27 23.26 4.61
C LYS C 167 -25.06 22.69 5.31
N THR C 168 -23.92 23.35 5.10
CA THR C 168 -22.67 23.03 5.78
C THR C 168 -22.20 24.25 6.54
N GLY C 169 -21.60 24.03 7.71
CA GLY C 169 -21.02 25.13 8.48
C GLY C 169 -19.75 25.64 7.84
N ILE C 170 -18.74 24.77 7.85
CA ILE C 170 -17.44 25.08 7.29
C ILE C 170 -17.03 23.93 6.40
N HIS C 171 -16.68 24.25 5.15
CA HIS C 171 -16.21 23.28 4.18
C HIS C 171 -14.83 23.71 3.69
N VAL C 172 -13.82 22.87 3.91
CA VAL C 172 -12.46 23.13 3.41
C VAL C 172 -12.22 22.18 2.25
N ALA C 173 -12.10 22.77 1.05
CA ALA C 173 -12.02 22.02 -0.21
C ALA C 173 -10.57 21.68 -0.59
N SER C 174 -9.62 22.51 -0.18
CA SER C 174 -8.24 22.42 -0.64
C SER C 174 -7.33 21.89 0.45
N ALA C 175 -6.20 21.33 0.02
CA ALA C 175 -5.16 20.88 0.92
C ALA C 175 -4.75 22.03 1.84
N ASN C 176 -4.60 21.71 3.12
CA ASN C 176 -4.42 22.73 4.14
C ASN C 176 -3.45 22.24 5.22
N ASP C 177 -2.79 23.18 5.89
CA ASP C 177 -1.81 22.88 6.94
C ASP C 177 -2.07 23.75 8.17
N SER C 178 -2.03 23.13 9.34
CA SER C 178 -2.08 23.84 10.62
C SER C 178 -3.38 24.63 10.85
N PHE C 179 -4.50 24.14 10.33
CA PHE C 179 -5.79 24.77 10.58
C PHE C 179 -6.24 24.50 12.02
N ARG C 180 -7.07 25.40 12.54
CA ARG C 180 -7.70 25.23 13.86
C ARG C 180 -9.17 25.55 13.82
N VAL C 181 -9.95 24.70 14.48
CA VAL C 181 -11.36 24.95 14.74
C VAL C 181 -11.54 24.70 16.23
N THR C 182 -11.81 25.76 16.99
CA THR C 182 -11.85 25.69 18.45
C THR C 182 -13.03 26.45 19.03
N ASP C 183 -13.61 25.90 20.10
CA ASP C 183 -14.63 26.59 20.88
C ASP C 183 -15.90 26.93 20.11
N MET C 184 -16.11 26.30 18.96
CA MET C 184 -17.28 26.62 18.13
C MET C 184 -18.54 25.97 18.68
N GLY C 185 -19.67 26.49 18.21
CA GLY C 185 -20.96 25.82 18.31
C GLY C 185 -21.53 25.64 16.93
N PHE C 186 -21.97 24.42 16.61
CA PHE C 186 -22.62 24.14 15.34
C PHE C 186 -23.94 23.50 15.70
N VAL C 187 -25.01 23.90 15.04
CA VAL C 187 -26.35 23.36 15.32
C VAL C 187 -27.21 23.41 14.07
N TYR C 188 -27.98 22.36 13.87
CA TYR C 188 -29.01 22.31 12.83
C TYR C 188 -28.46 22.47 11.41
N LEU C 189 -27.27 21.90 11.20
CA LEU C 189 -26.67 21.80 9.87
C LEU C 189 -26.66 20.35 9.43
N GLU C 190 -26.89 20.11 8.15
CA GLU C 190 -26.76 18.74 7.64
C GLU C 190 -25.33 18.24 7.80
N ASN C 191 -24.35 19.12 7.55
CA ASN C 191 -22.93 18.82 7.83
C ASN C 191 -22.33 19.98 8.61
N ALA C 192 -21.80 19.73 9.80
CA ALA C 192 -21.17 20.82 10.54
C ALA C 192 -19.84 21.25 9.89
N LEU C 193 -18.92 20.29 9.79
CA LEU C 193 -17.52 20.58 9.52
C LEU C 193 -16.94 19.51 8.62
N THR C 194 -16.57 19.88 7.40
CA THR C 194 -16.04 18.95 6.42
C THR C 194 -14.73 19.50 5.93
N ILE C 195 -13.64 18.80 6.18
CA ILE C 195 -12.30 19.27 5.82
C ILE C 195 -11.57 18.22 4.97
N HIS C 196 -11.26 18.61 3.74
CA HIS C 196 -10.50 17.78 2.81
C HIS C 196 -9.01 18.02 2.97
N LYS C 197 -8.23 16.94 2.84
CA LYS C 197 -6.77 17.01 2.61
C LYS C 197 -6.05 17.79 3.73
N ALA C 198 -6.39 17.44 4.96
CA ALA C 198 -5.89 18.14 6.16
C ALA C 198 -4.55 17.62 6.64
N ASP C 199 -3.64 18.54 6.91
CA ASP C 199 -2.34 18.24 7.55
C ASP C 199 -2.22 19.04 8.85
N ALA C 200 -1.94 18.36 9.94
CA ALA C 200 -1.65 18.97 11.24
C ALA C 200 -2.79 19.91 11.67
N LEU C 201 -4.01 19.46 11.40
CA LEU C 201 -5.24 20.09 11.81
C LEU C 201 -5.51 19.80 13.29
N SER C 202 -6.10 20.77 13.97
CA SER C 202 -6.64 20.57 15.32
C SER C 202 -8.09 21.01 15.40
N ILE C 203 -8.98 20.07 15.70
CA ILE C 203 -10.38 20.33 15.98
C ILE C 203 -10.53 20.10 17.47
N HIS C 204 -10.60 21.18 18.25
CA HIS C 204 -10.43 21.11 19.70
C HIS C 204 -11.50 21.88 20.48
N HIS C 205 -12.15 21.22 21.43
CA HIS C 205 -13.06 21.87 22.37
C HIS C 205 -14.22 22.59 21.70
N ASN C 206 -14.85 21.90 20.76
CA ASN C 206 -16.04 22.41 20.12
C ASN C 206 -17.27 21.74 20.70
N PHE C 207 -18.41 22.33 20.36
CA PHE C 207 -19.73 21.76 20.66
C PHE C 207 -20.43 21.62 19.32
N ILE C 208 -20.60 20.38 18.86
CA ILE C 208 -21.04 20.11 17.49
C ILE C 208 -22.17 19.12 17.61
N ALA C 209 -23.40 19.62 17.59
CA ALA C 209 -24.56 18.81 17.99
C ALA C 209 -25.79 19.12 17.17
N GLU C 210 -26.68 18.14 17.06
CA GLU C 210 -27.92 18.27 16.30
C GLU C 210 -27.61 18.68 14.85
N CYS C 211 -26.53 18.08 14.32
CA CYS C 211 -26.15 18.19 12.93
C CYS C 211 -26.26 16.81 12.31
N GLY C 212 -26.63 16.73 11.04
CA GLY C 212 -26.76 15.43 10.37
C GLY C 212 -25.48 14.63 10.51
N SER C 213 -24.40 15.25 10.09
CA SER C 213 -23.03 14.79 10.34
C SER C 213 -22.28 15.93 10.99
N CYS C 214 -21.36 15.59 11.89
CA CYS C 214 -20.60 16.57 12.64
C CYS C 214 -19.21 16.82 12.00
N ILE C 215 -18.24 15.95 12.25
CA ILE C 215 -16.87 16.11 11.76
C ILE C 215 -16.60 15.07 10.68
N GLU C 216 -16.22 15.53 9.49
CA GLU C 216 -15.76 14.64 8.41
C GLU C 216 -14.43 15.15 7.89
N LEU C 217 -13.42 14.28 7.96
CA LEU C 217 -12.12 14.52 7.35
C LEU C 217 -12.05 13.70 6.08
N ARG C 218 -12.03 14.39 4.94
CA ARG C 218 -12.20 13.77 3.62
C ARG C 218 -10.93 13.84 2.78
N GLY C 219 -10.91 13.04 1.72
CA GLY C 219 -9.78 12.93 0.80
C GLY C 219 -8.69 12.07 1.39
N TRP C 220 -7.83 12.73 2.15
CA TRP C 220 -6.73 12.10 2.86
C TRP C 220 -6.26 13.11 3.89
N GLY C 221 -5.29 12.72 4.72
CA GLY C 221 -4.70 13.65 5.65
C GLY C 221 -3.62 13.04 6.50
N GLN C 222 -3.02 13.86 7.33
CA GLN C 222 -1.99 13.40 8.22
C GLN C 222 -1.80 14.26 9.45
N ALA C 223 -1.28 13.64 10.51
CA ALA C 223 -0.75 14.32 11.69
C ALA C 223 -1.77 15.25 12.36
N SER C 224 -3.05 14.88 12.29
CA SER C 224 -4.12 15.72 12.82
C SER C 224 -4.69 15.20 14.14
N LYS C 225 -5.51 16.04 14.77
CA LYS C 225 -6.12 15.66 16.03
C LYS C 225 -7.50 16.25 16.23
N ILE C 226 -8.36 15.44 16.84
CA ILE C 226 -9.73 15.78 17.16
C ILE C 226 -9.85 15.51 18.66
N THR C 227 -9.87 16.58 19.45
CA THR C 227 -9.77 16.44 20.89
C THR C 227 -10.76 17.29 21.67
N ASP C 228 -11.26 16.74 22.77
CA ASP C 228 -12.02 17.51 23.77
C ASP C 228 -13.31 18.13 23.22
N ASN C 229 -13.94 17.44 22.26
CA ASN C 229 -15.18 17.91 21.66
C ASN C 229 -16.38 17.23 22.26
N LEU C 230 -17.50 17.94 22.22
CA LEU C 230 -18.81 17.39 22.56
C LEU C 230 -19.53 17.26 21.24
N VAL C 231 -19.99 16.06 20.93
CA VAL C 231 -20.43 15.74 19.58
C VAL C 231 -21.67 14.88 19.59
N GLY C 232 -22.68 15.26 18.81
CA GLY C 232 -23.90 14.44 18.63
C GLY C 232 -24.49 14.67 17.25
N ALA C 233 -24.59 13.61 16.48
CA ALA C 233 -25.02 13.69 15.09
C ALA C 233 -26.41 13.10 14.89
N GLY C 234 -26.78 12.83 13.63
CA GLY C 234 -28.10 12.27 13.31
C GLY C 234 -27.97 10.88 12.72
N PRO C 235 -29.12 10.15 12.65
CA PRO C 235 -29.04 8.69 12.43
C PRO C 235 -28.55 8.21 11.06
N ARG C 236 -28.47 9.07 10.05
CA ARG C 236 -27.85 8.72 8.75
C ARG C 236 -26.48 9.31 8.56
N GLY C 237 -25.92 9.95 9.60
CA GLY C 237 -24.66 10.68 9.47
C GLY C 237 -23.59 10.27 10.43
N HIS C 238 -22.45 10.96 10.31
CA HIS C 238 -21.24 10.67 11.07
C HIS C 238 -21.09 11.60 12.25
N SER C 239 -20.53 11.10 13.35
CA SER C 239 -20.17 11.93 14.48
C SER C 239 -18.74 12.40 14.23
N ILE C 240 -17.80 11.45 14.25
CA ILE C 240 -16.44 11.68 13.81
C ILE C 240 -16.11 10.71 12.68
N TYR C 241 -15.68 11.26 11.54
CA TYR C 241 -15.41 10.48 10.35
C TYR C 241 -14.07 10.90 9.77
N ALA C 242 -13.28 9.92 9.36
CA ALA C 242 -12.05 10.19 8.60
C ALA C 242 -11.79 9.13 7.55
N GLU C 243 -11.24 9.56 6.42
CA GLU C 243 -10.80 8.65 5.38
C GLU C 243 -9.36 8.94 4.97
N ASN C 244 -8.58 7.88 4.80
CA ASN C 244 -7.22 7.97 4.28
C ASN C 244 -6.36 8.95 5.09
N HIS C 245 -6.54 8.92 6.41
CA HIS C 245 -5.69 9.65 7.32
C HIS C 245 -4.64 8.75 7.92
N GLY C 246 -3.43 9.29 8.06
CA GLY C 246 -2.36 8.65 8.78
C GLY C 246 -2.00 9.50 9.99
N GLY C 247 -1.77 8.86 11.13
CA GLY C 247 -1.30 9.59 12.31
C GLY C 247 -2.33 10.54 12.92
N LEU C 248 -3.60 10.19 12.80
CA LEU C 248 -4.69 10.91 13.41
C LEU C 248 -4.83 10.51 14.88
N LEU C 249 -5.09 11.49 15.74
CA LEU C 249 -5.35 11.26 17.16
C LEU C 249 -6.76 11.77 17.50
N VAL C 250 -7.61 10.83 17.94
CA VAL C 250 -8.98 11.14 18.34
C VAL C 250 -9.10 10.79 19.81
N THR C 251 -9.14 11.82 20.67
CA THR C 251 -9.11 11.55 22.10
C THR C 251 -9.84 12.61 22.92
N ALA C 252 -10.34 12.18 24.08
CA ALA C 252 -10.97 13.05 25.06
C ALA C 252 -12.26 13.69 24.53
N ASN C 253 -12.92 13.02 23.60
CA ASN C 253 -14.19 13.48 23.09
C ASN C 253 -15.29 12.82 23.87
N ASN C 254 -16.40 13.54 24.03
CA ASN C 254 -17.62 12.98 24.59
C ASN C 254 -18.63 12.99 23.46
N VAL C 255 -18.82 11.82 22.88
CA VAL C 255 -19.72 11.64 21.76
C VAL C 255 -20.99 11.01 22.28
N PHE C 256 -22.10 11.72 22.10
CA PHE C 256 -23.42 11.29 22.54
C PHE C 256 -24.27 11.04 21.29
N PRO C 257 -25.50 10.51 21.45
CA PRO C 257 -26.26 10.16 20.25
C PRO C 257 -26.65 11.39 19.41
N ARG C 258 -27.13 11.24 18.17
CA ARG C 258 -27.61 9.98 17.60
C ARG C 258 -27.07 9.75 16.17
N GLY C 259 -25.77 9.89 16.03
CA GLY C 259 -25.08 9.55 14.79
C GLY C 259 -25.29 8.08 14.40
N ALA C 260 -25.17 7.79 13.10
CA ALA C 260 -25.12 6.38 12.64
C ALA C 260 -24.00 5.63 13.32
N SER C 261 -22.90 6.33 13.56
CA SER C 261 -21.77 5.84 14.32
C SER C 261 -21.17 6.98 15.17
N SER C 262 -20.29 6.60 16.08
CA SER C 262 -19.51 7.52 16.90
C SER C 262 -18.18 7.88 16.23
N VAL C 263 -17.45 6.88 15.76
CA VAL C 263 -16.19 7.09 15.01
C VAL C 263 -16.20 6.14 13.81
N HIS C 264 -15.96 6.68 12.61
CA HIS C 264 -16.02 5.88 11.39
C HIS C 264 -14.78 6.22 10.57
N PHE C 265 -13.97 5.18 10.31
CA PHE C 265 -12.71 5.30 9.57
C PHE C 265 -12.79 4.49 8.28
N LYS C 266 -12.35 5.06 7.17
CA LYS C 266 -12.14 4.32 5.91
C LYS C 266 -10.68 4.50 5.49
N GLY C 267 -9.93 3.40 5.43
CA GLY C 267 -8.52 3.49 5.04
C GLY C 267 -7.62 4.31 5.95
N VAL C 268 -7.98 4.38 7.23
CA VAL C 268 -7.20 5.15 8.21
C VAL C 268 -6.12 4.24 8.76
N THR C 269 -4.90 4.77 8.85
CA THR C 269 -3.75 3.96 9.22
C THR C 269 -2.96 4.64 10.33
N ARG C 270 -2.35 3.84 11.19
CA ARG C 270 -1.35 4.33 12.13
C ARG C 270 -1.88 5.52 12.93
N SER C 271 -3.09 5.33 13.44
CA SER C 271 -3.86 6.37 14.12
C SER C 271 -4.33 5.84 15.46
N SER C 272 -4.89 6.71 16.28
CA SER C 272 -5.32 6.33 17.64
C SER C 272 -6.70 6.90 17.96
N VAL C 273 -7.62 6.02 18.37
CA VAL C 273 -8.92 6.41 18.90
C VAL C 273 -8.91 5.90 20.34
N THR C 274 -8.53 6.78 21.24
CA THR C 274 -8.19 6.43 22.61
C THR C 274 -8.82 7.41 23.58
N ASN C 275 -9.34 6.88 24.69
CA ASN C 275 -9.83 7.69 25.80
C ASN C 275 -10.97 8.63 25.39
N ASN C 276 -11.97 8.07 24.69
CA ASN C 276 -13.20 8.80 24.40
C ASN C 276 -14.35 8.15 25.15
N ARG C 277 -15.35 8.94 25.47
CA ARG C 277 -16.62 8.46 25.98
C ARG C 277 -17.57 8.48 24.79
N LEU C 278 -18.11 7.31 24.48
CA LEU C 278 -18.92 7.08 23.29
C LEU C 278 -20.27 6.49 23.68
N HIS C 279 -21.34 7.17 23.29
CA HIS C 279 -22.69 6.71 23.59
C HIS C 279 -23.53 6.72 22.32
N ALA C 280 -24.08 5.55 22.00
CA ALA C 280 -24.92 5.36 20.82
C ALA C 280 -26.23 4.68 21.17
N PHE C 281 -27.23 4.92 20.34
CA PHE C 281 -28.51 4.22 20.41
C PHE C 281 -28.63 3.08 19.39
N TYR C 282 -27.54 2.82 18.64
CA TYR C 282 -27.55 1.83 17.56
C TYR C 282 -26.23 1.08 17.56
N PRO C 283 -26.21 -0.12 16.95
CA PRO C 283 -24.95 -0.80 16.70
C PRO C 283 -24.07 -0.04 15.70
N GLY C 284 -22.83 -0.48 15.58
CA GLY C 284 -21.89 0.10 14.64
C GLY C 284 -21.33 1.42 15.13
N MET C 285 -20.97 1.47 16.40
CA MET C 285 -20.45 2.71 17.03
C MET C 285 -19.08 3.13 16.54
N VAL C 286 -18.16 2.18 16.46
CA VAL C 286 -16.82 2.44 15.93
C VAL C 286 -16.58 1.45 14.80
N ARG C 287 -16.35 2.01 13.60
CA ARG C 287 -16.19 1.25 12.39
C ARG C 287 -14.82 1.55 11.78
N LEU C 288 -13.98 0.52 11.70
CA LEU C 288 -12.74 0.56 10.96
C LEU C 288 -12.99 -0.22 9.67
N GLU C 289 -13.01 0.50 8.54
CA GLU C 289 -13.35 -0.07 7.24
C GLU C 289 -12.27 0.20 6.19
N GLU C 290 -12.40 -0.46 5.04
CA GLU C 290 -11.50 -0.27 3.90
C GLU C 290 -10.03 -0.38 4.32
N ASN C 291 -9.70 -1.51 4.92
CA ASN C 291 -8.35 -1.82 5.36
C ASN C 291 -7.76 -0.75 6.27
N SER C 292 -8.46 -0.43 7.35
CA SER C 292 -7.94 0.51 8.35
C SER C 292 -7.01 -0.29 9.24
N SER C 293 -5.74 0.06 9.24
CA SER C 293 -4.69 -0.81 9.78
C SER C 293 -3.77 -0.08 10.74
N GLU C 294 -3.17 -0.85 11.65
CA GLU C 294 -2.17 -0.36 12.62
C GLU C 294 -2.68 0.77 13.50
N ASN C 295 -3.95 0.71 13.86
CA ASN C 295 -4.58 1.72 14.72
C ASN C 295 -4.72 1.21 16.12
N LEU C 296 -4.55 2.13 17.08
CA LEU C 296 -4.81 1.86 18.47
C LEU C 296 -6.23 2.32 18.81
N VAL C 297 -7.02 1.40 19.36
CA VAL C 297 -8.36 1.69 19.88
C VAL C 297 -8.31 1.29 21.35
N ALA C 298 -8.09 2.26 22.23
CA ALA C 298 -7.77 1.95 23.62
C ALA C 298 -8.53 2.79 24.61
N THR C 299 -8.85 2.17 25.74
CA THR C 299 -9.41 2.85 26.91
C THR C 299 -10.56 3.81 26.58
N ASN C 300 -11.41 3.39 25.66
CA ASN C 300 -12.67 4.07 25.41
C ASN C 300 -13.76 3.45 26.28
N HIS C 301 -14.73 4.29 26.65
CA HIS C 301 -15.96 3.84 27.24
C HIS C 301 -17.07 3.82 26.18
N PHE C 302 -17.53 2.61 25.83
CA PHE C 302 -18.66 2.42 24.92
C PHE C 302 -19.94 2.14 25.73
N LEU C 303 -21.01 2.87 25.42
CA LEU C 303 -22.35 2.53 25.87
C LEU C 303 -23.24 2.47 24.65
N ARG C 304 -23.90 1.32 24.48
CA ARG C 304 -24.97 1.16 23.48
C ARG C 304 -26.24 0.82 24.22
N ASP C 305 -27.28 1.61 24.01
CA ASP C 305 -28.58 1.37 24.62
C ASP C 305 -29.69 1.82 23.69
N HIS C 306 -30.92 1.95 24.18
CA HIS C 306 -32.05 2.32 23.34
C HIS C 306 -32.40 3.78 23.49
N GLU C 307 -32.73 4.41 22.37
CA GLU C 307 -33.28 5.76 22.35
C GLU C 307 -34.42 5.88 23.38
N PRO C 308 -34.32 6.82 24.33
CA PRO C 308 -35.41 6.97 25.31
C PRO C 308 -36.46 8.02 24.96
N TRP C 309 -36.20 8.87 23.96
CA TRP C 309 -37.03 10.04 23.66
C TRP C 309 -38.03 9.76 22.52
N THR C 310 -39.30 9.93 22.81
CA THR C 310 -40.39 9.46 21.94
C THR C 310 -40.26 9.85 20.47
N PRO C 311 -39.95 11.13 20.17
CA PRO C 311 -39.85 11.55 18.76
C PRO C 311 -38.90 10.74 17.88
N PHE C 312 -37.85 10.16 18.48
CA PHE C 312 -36.90 9.31 17.75
C PHE C 312 -36.90 7.84 18.16
N PHE C 313 -37.88 7.41 18.97
CA PHE C 313 -37.87 6.07 19.56
C PHE C 313 -37.72 4.96 18.52
N GLY C 314 -38.47 5.06 17.43
CA GLY C 314 -38.46 4.07 16.37
C GLY C 314 -37.50 4.32 15.22
N VAL C 315 -36.63 5.33 15.35
CA VAL C 315 -35.70 5.73 14.32
C VAL C 315 -34.36 5.09 14.61
N ASP C 316 -33.72 4.51 13.60
CA ASP C 316 -32.41 3.88 13.79
C ASP C 316 -31.51 4.02 12.57
N ASN C 317 -30.31 3.43 12.63
CA ASN C 317 -29.32 3.53 11.56
C ASN C 317 -29.32 2.36 10.56
N GLY C 318 -30.35 1.50 10.63
CA GLY C 318 -30.48 0.36 9.71
C GLY C 318 -29.67 -0.88 10.04
N LEU C 319 -28.79 -0.82 11.05
CA LEU C 319 -27.87 -1.91 11.35
C LEU C 319 -28.41 -2.81 12.45
N ASP C 320 -28.20 -4.13 12.30
CA ASP C 320 -28.68 -5.11 13.25
C ASP C 320 -27.66 -5.38 14.36
N ASP C 321 -28.06 -6.18 15.35
CA ASP C 321 -27.21 -6.43 16.51
C ASP C 321 -26.00 -7.35 16.27
N LEU C 322 -25.93 -7.98 15.10
CA LEU C 322 -24.76 -8.75 14.70
C LEU C 322 -23.61 -7.88 14.18
N THR C 323 -23.87 -6.58 13.97
CA THR C 323 -22.90 -5.65 13.41
C THR C 323 -21.65 -5.52 14.29
N GLY C 324 -21.87 -5.46 15.59
CA GLY C 324 -20.81 -5.11 16.52
C GLY C 324 -20.94 -3.67 16.98
N LEU C 325 -20.49 -3.42 18.20
CA LEU C 325 -20.25 -2.06 18.69
C LEU C 325 -18.97 -1.52 18.07
N LEU C 326 -17.97 -2.39 17.97
CA LEU C 326 -16.70 -2.10 17.31
C LEU C 326 -16.56 -3.13 16.19
N SER C 327 -16.42 -2.66 14.94
CA SER C 327 -16.24 -3.54 13.78
C SER C 327 -14.95 -3.16 13.07
N ILE C 328 -14.11 -4.15 12.75
CA ILE C 328 -12.79 -3.89 12.17
C ILE C 328 -12.58 -4.71 10.90
N SER C 329 -12.30 -4.01 9.81
CA SER C 329 -11.75 -4.58 8.60
C SER C 329 -10.40 -3.95 8.38
N GLY C 330 -9.34 -4.69 8.61
CA GLY C 330 -7.99 -4.17 8.52
C GLY C 330 -7.00 -5.02 9.28
N ASN C 331 -5.72 -4.68 9.15
CA ASN C 331 -4.64 -5.49 9.72
C ASN C 331 -3.94 -4.80 10.87
N ASN C 332 -3.46 -5.62 11.81
CA ASN C 332 -2.46 -5.17 12.77
C ASN C 332 -2.94 -4.06 13.70
N ASN C 333 -4.25 -4.00 13.95
CA ASN C 333 -4.80 -3.03 14.90
C ASN C 333 -4.60 -3.52 16.32
N SER C 334 -4.80 -2.62 17.27
CA SER C 334 -4.61 -2.88 18.69
C SER C 334 -5.82 -2.36 19.45
N VAL C 335 -6.56 -3.27 20.05
CA VAL C 335 -7.82 -2.96 20.74
C VAL C 335 -7.61 -3.34 22.20
N ILE C 336 -7.30 -2.34 23.03
CA ILE C 336 -6.81 -2.58 24.38
C ILE C 336 -7.54 -1.74 25.44
N GLY C 337 -8.04 -2.40 26.49
CA GLY C 337 -8.46 -1.68 27.68
C GLY C 337 -9.76 -0.91 27.58
N ASN C 338 -10.64 -1.34 26.68
CA ASN C 338 -11.93 -0.68 26.50
C ASN C 338 -12.99 -1.29 27.41
N HIS C 339 -13.97 -0.47 27.76
CA HIS C 339 -15.17 -0.87 28.45
C HIS C 339 -16.34 -0.82 27.49
N PHE C 340 -17.10 -1.90 27.42
CA PHE C 340 -18.33 -1.95 26.63
C PHE C 340 -19.51 -2.25 27.54
N SER C 341 -20.45 -1.31 27.62
CA SER C 341 -21.78 -1.55 28.20
C SER C 341 -22.80 -1.74 27.08
N GLU C 342 -23.42 -2.91 27.04
CA GLU C 342 -24.42 -3.28 26.04
C GLU C 342 -25.74 -3.42 26.78
N VAL C 343 -26.68 -2.49 26.55
CA VAL C 343 -27.89 -2.41 27.38
C VAL C 343 -29.08 -2.38 26.43
N VAL C 344 -29.65 -3.56 26.17
CA VAL C 344 -30.70 -3.70 25.15
C VAL C 344 -31.89 -4.54 25.62
N ASP C 345 -33.00 -4.39 24.90
CA ASP C 345 -34.21 -5.17 25.12
C ASP C 345 -34.11 -6.46 24.29
N ALA C 346 -33.98 -7.60 24.98
CA ALA C 346 -33.90 -8.93 24.35
C ALA C 346 -35.01 -9.20 23.32
N ASN C 347 -36.23 -8.75 23.62
CA ASN C 347 -37.35 -8.76 22.65
C ASN C 347 -37.13 -7.95 21.37
N GLU C 348 -36.25 -6.95 21.46
CA GLU C 348 -35.98 -5.98 20.40
C GLU C 348 -34.79 -6.36 19.51
N ILE C 349 -34.04 -7.41 19.88
CA ILE C 349 -32.81 -7.77 19.17
C ILE C 349 -33.12 -8.15 17.73
N ARG C 350 -32.32 -7.64 16.80
CA ARG C 350 -32.46 -7.95 15.38
C ARG C 350 -31.15 -8.60 14.87
N PRO C 351 -31.23 -9.66 14.07
CA PRO C 351 -32.47 -10.35 13.71
C PRO C 351 -33.02 -11.13 14.90
N GLU C 352 -34.31 -11.46 14.82
CA GLU C 352 -35.01 -12.18 15.88
C GLU C 352 -34.19 -13.35 16.38
N GLY C 353 -33.98 -13.40 17.69
CA GLY C 353 -33.26 -14.50 18.33
C GLY C 353 -31.75 -14.50 18.22
N ALA C 354 -31.16 -13.45 17.64
CA ALA C 354 -29.70 -13.38 17.48
C ALA C 354 -29.00 -13.08 18.81
N THR C 355 -27.73 -13.47 18.89
CA THR C 355 -26.86 -13.17 20.02
C THR C 355 -26.05 -11.90 19.64
N PRO C 356 -26.26 -10.78 20.37
CA PRO C 356 -25.56 -9.55 19.94
C PRO C 356 -24.04 -9.68 20.00
N VAL C 357 -23.36 -9.02 19.07
CA VAL C 357 -21.89 -9.03 19.06
C VAL C 357 -21.33 -7.68 19.47
N ILE C 358 -20.24 -7.72 20.22
CA ILE C 358 -19.62 -6.54 20.77
C ILE C 358 -18.48 -6.10 19.85
N ILE C 359 -17.45 -6.93 19.73
CA ILE C 359 -16.33 -6.67 18.82
C ILE C 359 -16.41 -7.66 17.66
N ARG C 360 -16.38 -7.15 16.43
CA ARG C 360 -16.40 -8.01 15.23
C ARG C 360 -15.19 -7.73 14.36
N LEU C 361 -14.43 -8.77 14.05
CA LEU C 361 -13.31 -8.69 13.09
C LEU C 361 -13.81 -9.31 11.81
N THR C 362 -14.10 -8.47 10.81
CA THR C 362 -14.74 -8.93 9.56
C THR C 362 -13.72 -9.32 8.48
N ALA C 363 -12.56 -8.70 8.50
CA ALA C 363 -11.50 -8.98 7.55
C ALA C 363 -10.17 -8.50 8.10
N GLY C 364 -9.10 -9.09 7.61
CA GLY C 364 -7.74 -8.69 7.98
C GLY C 364 -7.06 -9.63 8.98
N THR C 365 -5.79 -9.38 9.19
CA THR C 365 -4.94 -10.23 10.01
C THR C 365 -4.14 -9.44 11.03
N GLY C 366 -3.69 -10.15 12.06
CA GLY C 366 -2.76 -9.60 13.03
C GLY C 366 -3.33 -8.63 14.05
N ASN C 367 -4.66 -8.60 14.20
CA ASN C 367 -5.29 -7.71 15.17
C ASN C 367 -5.12 -8.25 16.59
N PHE C 368 -4.71 -7.37 17.49
CA PHE C 368 -4.43 -7.70 18.89
C PHE C 368 -5.56 -7.10 19.71
N VAL C 369 -6.34 -7.97 20.35
CA VAL C 369 -7.49 -7.56 21.16
C VAL C 369 -7.25 -8.07 22.55
N SER C 370 -6.99 -7.15 23.49
CA SER C 370 -6.65 -7.53 24.86
C SER C 370 -7.31 -6.68 25.94
N THR C 371 -7.75 -7.36 27.00
CA THR C 371 -8.21 -6.78 28.27
C THR C 371 -9.30 -5.73 28.05
N ASN C 372 -10.42 -6.25 27.55
CA ASN C 372 -11.60 -5.48 27.29
C ASN C 372 -12.70 -6.09 28.14
N HIS C 373 -13.46 -5.23 28.81
CA HIS C 373 -14.51 -5.68 29.73
C HIS C 373 -15.85 -5.47 29.07
N VAL C 374 -16.61 -6.55 28.90
CA VAL C 374 -17.96 -6.51 28.33
C VAL C 374 -18.98 -6.66 29.45
N VAL C 375 -19.95 -5.76 29.49
CA VAL C 375 -21.06 -5.79 30.44
C VAL C 375 -22.33 -5.73 29.61
N ALA C 376 -23.12 -6.81 29.64
CA ALA C 376 -24.35 -6.88 28.83
C ALA C 376 -25.58 -7.13 29.72
N MET C 377 -26.64 -6.38 29.45
CA MET C 377 -27.85 -6.34 30.27
C MET C 377 -29.08 -6.35 29.38
N ASP C 378 -30.12 -7.01 29.85
CA ASP C 378 -31.44 -7.02 29.22
C ASP C 378 -32.32 -6.05 30.00
N VAL C 379 -32.73 -4.94 29.35
CA VAL C 379 -33.66 -3.97 29.94
C VAL C 379 -34.71 -3.57 28.91
N ASP C 380 -35.95 -3.36 29.38
CA ASP C 380 -37.07 -2.97 28.51
C ASP C 380 -36.84 -1.56 28.00
N ALA C 381 -37.10 -1.33 26.72
CA ALA C 381 -36.99 -0.01 26.10
C ALA C 381 -38.25 0.80 26.45
N ALA C 382 -38.04 1.90 27.18
CA ALA C 382 -39.12 2.85 27.52
C ALA C 382 -38.99 4.11 26.66
N SER C 383 -40.13 4.74 26.40
CA SER C 383 -40.25 5.91 25.58
C SER C 383 -40.84 7.02 26.46
N SER C 384 -40.33 8.24 26.33
CA SER C 384 -40.87 9.39 27.09
C SER C 384 -40.73 10.68 26.28
N ASP C 385 -41.68 11.60 26.47
CA ASP C 385 -41.72 12.88 25.74
C ASP C 385 -40.75 13.94 26.26
N SER C 386 -40.28 13.81 27.50
CA SER C 386 -39.44 14.86 28.08
C SER C 386 -37.98 14.45 27.93
N ALA C 387 -37.32 15.10 26.99
CA ALA C 387 -36.00 14.69 26.49
C ALA C 387 -34.95 14.49 27.58
N PHE C 388 -34.57 15.55 28.28
CA PHE C 388 -33.41 15.43 29.18
C PHE C 388 -33.68 14.57 30.43
N GLU C 389 -34.92 14.59 30.94
CA GLU C 389 -35.30 13.68 32.04
C GLU C 389 -35.22 12.22 31.60
N ALA C 390 -35.72 11.92 30.41
CA ALA C 390 -35.66 10.55 29.86
C ALA C 390 -34.22 10.10 29.67
N GLN C 391 -33.39 11.01 29.16
CA GLN C 391 -31.98 10.72 28.89
C GLN C 391 -31.16 10.43 30.15
N VAL C 392 -31.29 11.31 31.14
CA VAL C 392 -30.54 11.13 32.40
C VAL C 392 -31.00 9.85 33.13
N ASP C 393 -32.31 9.67 33.24
CA ASP C 393 -32.88 8.48 33.89
C ASP C 393 -32.42 7.17 33.23
N ALA C 394 -32.40 7.15 31.90
CA ALA C 394 -31.88 5.98 31.17
C ALA C 394 -30.39 5.72 31.47
N LEU C 395 -29.57 6.77 31.49
CA LEU C 395 -28.14 6.61 31.83
C LEU C 395 -27.89 6.10 33.25
N LEU C 396 -28.70 6.55 34.21
CA LEU C 396 -28.49 6.17 35.61
C LEU C 396 -29.09 4.80 35.98
N ALA C 397 -30.09 4.34 35.23
CA ALA C 397 -30.74 3.05 35.50
C ALA C 397 -29.83 1.87 35.20
N THR C 398 -29.60 1.00 36.18
CA THR C 398 -28.78 -0.21 35.99
C THR C 398 -29.47 -1.54 36.33
N GLU C 399 -30.61 -1.50 37.02
CA GLU C 399 -31.36 -2.72 37.38
C GLU C 399 -31.74 -3.52 36.12
N ALA C 400 -31.20 -4.75 36.01
CA ALA C 400 -31.33 -5.53 34.78
C ALA C 400 -31.03 -7.02 34.96
N ALA C 401 -31.48 -7.81 33.98
CA ALA C 401 -31.15 -9.24 33.84
C ALA C 401 -29.93 -9.42 32.93
N ASP C 402 -29.10 -10.43 33.20
CA ASP C 402 -27.88 -10.61 32.41
C ASP C 402 -28.27 -11.07 31.00
N LEU C 403 -27.44 -10.69 30.03
CA LEU C 403 -27.72 -10.93 28.62
C LEU C 403 -26.52 -11.63 28.02
N ALA C 404 -26.76 -12.74 27.32
CA ALA C 404 -25.68 -13.47 26.64
C ALA C 404 -25.28 -12.72 25.36
N VAL C 405 -23.99 -12.50 25.18
CA VAL C 405 -23.47 -11.82 24.00
C VAL C 405 -22.23 -12.53 23.46
N THR C 406 -21.88 -12.21 22.22
CA THR C 406 -20.61 -12.64 21.66
C THR C 406 -19.66 -11.45 21.84
N ALA C 407 -18.69 -11.59 22.74
CA ALA C 407 -17.76 -10.49 23.02
C ALA C 407 -16.86 -10.20 21.83
N VAL C 408 -16.35 -11.25 21.20
CA VAL C 408 -15.50 -11.12 20.02
C VAL C 408 -15.91 -12.15 18.98
N LEU C 409 -16.34 -11.68 17.81
CA LEU C 409 -16.64 -12.54 16.67
C LEU C 409 -15.57 -12.34 15.62
N VAL C 410 -14.90 -13.42 15.24
CA VAL C 410 -13.90 -13.39 14.17
C VAL C 410 -14.51 -14.11 12.98
N ASP C 411 -14.85 -13.34 11.94
CA ASP C 411 -15.40 -13.94 10.73
C ASP C 411 -14.31 -14.76 10.03
N PRO C 412 -14.68 -15.69 9.14
CA PRO C 412 -13.66 -16.45 8.40
C PRO C 412 -12.62 -15.59 7.63
N GLY C 413 -13.06 -14.44 7.10
CA GLY C 413 -12.18 -13.52 6.39
C GLY C 413 -11.14 -12.76 7.20
N SER C 414 -11.18 -12.91 8.53
CA SER C 414 -10.14 -12.39 9.41
C SER C 414 -9.45 -13.55 10.12
N ALA C 415 -8.12 -13.46 10.29
CA ALA C 415 -7.34 -14.54 10.84
C ALA C 415 -6.02 -14.06 11.41
N ARG C 416 -5.31 -14.96 12.08
CA ARG C 416 -4.05 -14.64 12.76
C ARG C 416 -4.20 -13.49 13.74
N ASN C 417 -5.33 -13.42 14.42
CA ASN C 417 -5.54 -12.41 15.45
C ASN C 417 -5.18 -12.99 16.81
N THR C 418 -4.95 -12.10 17.77
CA THR C 418 -4.64 -12.48 19.14
C THR C 418 -5.73 -11.87 20.03
N ILE C 419 -6.48 -12.71 20.74
CA ILE C 419 -7.62 -12.27 21.55
C ILE C 419 -7.39 -12.75 22.98
N LEU C 420 -7.14 -11.80 23.88
CA LEU C 420 -6.76 -12.08 25.26
C LEU C 420 -7.68 -11.36 26.24
N ASP C 421 -8.19 -12.11 27.22
CA ASP C 421 -8.95 -11.54 28.35
C ASP C 421 -10.02 -10.54 27.89
N SER C 422 -10.75 -10.90 26.83
CA SER C 422 -11.81 -10.07 26.26
C SER C 422 -13.11 -10.86 26.14
N GLY C 423 -13.24 -11.90 26.96
CA GLY C 423 -14.40 -12.77 26.95
C GLY C 423 -14.09 -14.21 27.31
N SER C 424 -15.11 -14.92 27.76
CA SER C 424 -15.01 -16.35 28.04
C SER C 424 -14.85 -17.13 26.73
N ASP C 425 -14.56 -18.42 26.84
CA ASP C 425 -14.36 -19.23 25.64
C ASP C 425 -15.61 -19.26 24.76
N THR C 426 -16.80 -19.27 25.35
CA THR C 426 -18.03 -19.28 24.55
C THR C 426 -18.40 -17.90 24.02
N GLN C 427 -17.93 -16.85 24.68
CA GLN C 427 -18.11 -15.46 24.21
C GLN C 427 -17.21 -15.05 23.04
N VAL C 428 -16.14 -15.82 22.81
CA VAL C 428 -15.23 -15.57 21.70
C VAL C 428 -15.51 -16.64 20.66
N VAL C 429 -16.07 -16.20 19.53
CA VAL C 429 -16.40 -17.07 18.42
C VAL C 429 -15.32 -16.86 17.36
N ALA C 430 -14.49 -17.88 17.18
CA ALA C 430 -13.32 -17.79 16.31
C ALA C 430 -12.75 -19.18 16.03
N ASP C 431 -12.19 -19.34 14.84
CA ASP C 431 -11.45 -20.54 14.50
C ASP C 431 -10.16 -20.59 15.35
N ARG C 432 -10.13 -21.52 16.31
CA ARG C 432 -8.95 -21.67 17.22
C ARG C 432 -7.67 -22.11 16.52
N ALA C 433 -7.80 -22.74 15.36
CA ALA C 433 -6.63 -23.23 14.63
C ALA C 433 -5.77 -22.09 14.06
N VAL C 434 -6.36 -20.94 13.85
CA VAL C 434 -5.70 -19.84 13.14
C VAL C 434 -5.78 -18.48 13.85
N ASN C 435 -6.18 -18.49 15.13
CA ASN C 435 -6.12 -17.32 16.01
C ASN C 435 -5.57 -17.78 17.35
N ALA C 436 -4.92 -16.87 18.07
CA ALA C 436 -4.44 -17.14 19.44
C ALA C 436 -5.46 -16.56 20.40
N ILE C 437 -6.09 -17.43 21.18
CA ILE C 437 -7.16 -17.02 22.09
C ILE C 437 -6.79 -17.39 23.49
N ARG C 438 -6.91 -16.42 24.41
CA ARG C 438 -6.89 -16.71 25.85
C ARG C 438 -8.18 -16.19 26.45
N ALA C 439 -9.03 -17.13 26.88
CA ALA C 439 -10.28 -16.78 27.54
C ALA C 439 -10.00 -16.05 28.84
N THR C 440 -10.84 -15.09 29.17
CA THR C 440 -10.80 -14.48 30.49
C THR C 440 -11.01 -15.59 31.54
N PRO C 441 -10.14 -15.65 32.58
CA PRO C 441 -10.31 -16.69 33.61
C PRO C 441 -11.70 -16.67 34.27
N THR C 442 -12.26 -17.84 34.55
CA THR C 442 -13.61 -17.91 35.16
C THR C 442 -13.53 -18.00 36.67
N VAL C 443 -14.65 -17.69 37.33
CA VAL C 443 -14.68 -17.65 38.81
C VAL C 443 -14.71 -19.08 39.34
N ASN D 4 17.24 12.19 -39.95
CA ASN D 4 16.89 11.41 -38.73
C ASN D 4 16.98 9.90 -38.89
N ASN D 5 17.54 9.41 -40.02
CA ASN D 5 17.75 7.98 -40.25
C ASN D 5 16.47 7.15 -40.39
N ARG D 6 15.36 7.79 -40.75
CA ARG D 6 14.09 7.09 -41.01
C ARG D 6 13.75 7.32 -42.49
N TYR D 7 13.48 6.23 -43.21
CA TYR D 7 13.14 6.26 -44.62
C TYR D 7 11.82 5.53 -44.85
N ASP D 8 11.13 5.94 -45.90
CA ASP D 8 9.88 5.30 -46.34
C ASP D 8 10.09 5.03 -47.83
N VAL D 9 9.92 3.78 -48.25
CA VAL D 9 10.24 3.40 -49.66
C VAL D 9 9.36 4.11 -50.69
N THR D 10 8.19 4.61 -50.25
CA THR D 10 7.28 5.39 -51.11
C THR D 10 7.59 6.89 -51.13
N GLU D 11 8.58 7.32 -50.33
CA GLU D 11 9.00 8.72 -50.25
C GLU D 11 10.51 8.83 -50.46
N TRP D 12 11.03 8.12 -51.46
CA TRP D 12 12.45 8.19 -51.80
C TRP D 12 12.53 8.56 -53.29
N PRO D 13 13.15 9.70 -53.64
CA PRO D 13 13.11 10.17 -55.04
C PRO D 13 13.73 9.24 -56.11
N ALA D 14 14.65 8.37 -55.70
CA ALA D 14 15.31 7.44 -56.62
C ALA D 14 14.47 6.19 -56.84
N GLY D 15 14.15 5.88 -58.10
CA GLY D 15 13.44 4.67 -58.44
C GLY D 15 11.96 4.70 -58.09
N ASN D 16 11.37 3.52 -58.11
CA ASN D 16 9.94 3.34 -57.95
C ASN D 16 9.74 1.99 -57.28
N PRO D 17 9.22 1.99 -56.03
CA PRO D 17 9.15 0.71 -55.32
C PRO D 17 8.13 -0.28 -55.88
N ALA D 18 7.10 0.20 -56.61
CA ALA D 18 6.20 -0.69 -57.32
C ALA D 18 6.92 -1.51 -58.40
N LYS D 19 7.89 -0.90 -59.08
CA LYS D 19 8.63 -1.53 -60.19
C LYS D 19 9.89 -2.29 -59.72
N ASP D 20 10.70 -1.66 -58.87
CA ASP D 20 11.89 -2.30 -58.32
C ASP D 20 12.25 -1.70 -56.96
N ILE D 21 11.64 -2.27 -55.93
CA ILE D 21 11.93 -1.85 -54.55
C ILE D 21 13.38 -2.18 -54.15
N GLY D 22 13.98 -3.16 -54.81
CA GLY D 22 15.38 -3.48 -54.57
C GLY D 22 16.30 -2.31 -54.83
N GLU D 23 16.10 -1.68 -55.98
CA GLU D 23 16.84 -0.47 -56.36
C GLU D 23 16.60 0.64 -55.35
N VAL D 24 15.34 0.82 -54.93
CA VAL D 24 15.00 1.84 -53.94
C VAL D 24 15.76 1.60 -52.64
N ILE D 25 15.72 0.37 -52.14
CA ILE D 25 16.34 0.05 -50.85
C ILE D 25 17.86 0.14 -50.92
N ASN D 26 18.47 -0.34 -52.01
CA ASN D 26 19.91 -0.17 -52.21
C ASN D 26 20.29 1.31 -52.26
N SER D 27 19.48 2.14 -52.90
CA SER D 27 19.73 3.60 -52.94
C SER D 27 19.72 4.22 -51.52
N ILE D 28 18.74 3.81 -50.71
CA ILE D 28 18.64 4.26 -49.33
C ILE D 28 19.89 3.84 -48.54
N ILE D 29 20.31 2.58 -48.70
CA ILE D 29 21.49 2.07 -47.99
C ILE D 29 22.75 2.87 -48.40
N ALA D 30 22.87 3.20 -49.68
CA ALA D 30 23.98 4.06 -50.14
C ALA D 30 23.95 5.44 -49.43
N ASP D 31 22.75 6.00 -49.27
CA ASP D 31 22.58 7.25 -48.55
C ASP D 31 23.03 7.14 -47.09
N ILE D 32 22.65 6.06 -46.42
CA ILE D 32 23.01 5.84 -45.03
C ILE D 32 24.54 5.80 -44.89
N LYS D 33 25.19 5.05 -45.78
CA LYS D 33 26.65 4.91 -45.78
C LYS D 33 27.37 6.24 -46.03
N ALA D 34 26.83 7.00 -46.98
CA ALA D 34 27.38 8.32 -47.29
C ALA D 34 27.31 9.27 -46.09
N ARG D 35 26.23 9.20 -45.32
CA ARG D 35 26.06 10.08 -44.17
C ARG D 35 26.77 9.57 -42.92
N GLN D 36 26.93 8.25 -42.81
CA GLN D 36 27.49 7.61 -41.62
C GLN D 36 28.85 7.03 -41.94
N GLY D 37 29.78 7.91 -42.28
CA GLY D 37 31.11 7.52 -42.73
C GLY D 37 32.14 7.35 -41.62
N ALA D 38 31.92 7.97 -40.47
CA ALA D 38 32.92 7.99 -39.39
C ALA D 38 32.46 7.14 -38.21
N ALA D 39 33.33 6.27 -37.72
CA ALA D 39 32.97 5.30 -36.68
C ALA D 39 33.09 5.82 -35.25
N ASP D 40 33.80 6.93 -35.02
CA ASP D 40 34.05 7.38 -33.65
C ASP D 40 34.03 8.91 -33.51
N VAL D 41 32.84 9.47 -33.71
CA VAL D 41 32.59 10.89 -33.54
C VAL D 41 31.60 10.99 -32.37
N ASP D 42 32.04 11.63 -31.29
CA ASP D 42 31.18 11.87 -30.13
C ASP D 42 30.56 10.55 -29.59
N ASP D 43 31.41 9.52 -29.46
CA ASP D 43 31.00 8.21 -28.93
C ASP D 43 30.00 7.46 -29.82
N GLY D 44 29.98 7.80 -31.11
CA GLY D 44 29.10 7.14 -32.06
C GLY D 44 29.51 7.42 -33.49
N GLY D 45 28.53 7.38 -34.39
CA GLY D 45 28.76 7.75 -35.78
C GLY D 45 28.07 6.87 -36.80
N LYS D 46 27.81 5.61 -36.45
CA LYS D 46 27.18 4.67 -37.39
C LYS D 46 25.99 3.97 -36.75
N PRO D 47 24.97 4.74 -36.33
CA PRO D 47 23.82 4.12 -35.61
C PRO D 47 22.87 3.31 -36.49
N GLY D 48 23.00 3.39 -37.80
CA GLY D 48 22.10 2.65 -38.67
C GLY D 48 20.88 3.47 -39.00
N ALA D 49 19.80 2.76 -39.33
CA ALA D 49 18.62 3.42 -39.85
C ALA D 49 17.46 2.47 -39.83
N VAL D 50 16.28 3.00 -40.12
CA VAL D 50 15.08 2.20 -40.28
C VAL D 50 14.45 2.54 -41.63
N ILE D 51 14.03 1.50 -42.34
CA ILE D 51 13.40 1.64 -43.65
C ILE D 51 12.01 1.05 -43.54
N TYR D 52 10.99 1.87 -43.81
CA TYR D 52 9.59 1.48 -43.66
C TYR D 52 8.93 1.19 -45.02
N LEU D 53 8.20 0.09 -45.07
CA LEU D 53 7.40 -0.35 -46.21
C LEU D 53 5.94 -0.26 -45.80
N PRO D 54 5.22 0.76 -46.28
CA PRO D 54 3.76 0.79 -46.08
C PRO D 54 3.12 -0.42 -46.77
N PRO D 55 1.89 -0.80 -46.37
CA PRO D 55 1.21 -1.86 -47.11
C PRO D 55 1.13 -1.53 -48.60
N GLY D 56 1.41 -2.50 -49.43
CA GLY D 56 1.52 -2.26 -50.88
C GLY D 56 2.14 -3.46 -51.58
N ASP D 57 2.03 -3.44 -52.91
CA ASP D 57 2.57 -4.47 -53.78
C ASP D 57 3.85 -3.93 -54.41
N TYR D 58 4.99 -4.44 -53.97
CA TYR D 58 6.30 -3.97 -54.42
C TYR D 58 7.07 -5.04 -55.17
N HIS D 59 7.34 -4.84 -56.45
CA HIS D 59 8.15 -5.79 -57.18
C HIS D 59 9.61 -5.54 -56.88
N LEU D 60 10.33 -6.61 -56.59
CA LEU D 60 11.77 -6.56 -56.41
C LEU D 60 12.45 -7.26 -57.58
N ARG D 61 13.25 -6.50 -58.34
CA ARG D 61 13.99 -7.03 -59.48
C ARG D 61 15.51 -6.97 -59.32
N THR D 62 15.96 -6.29 -58.28
CA THR D 62 17.38 -6.20 -57.94
C THR D 62 17.55 -6.64 -56.49
N GLN D 63 18.47 -7.58 -56.25
CA GLN D 63 18.76 -8.04 -54.90
C GLN D 63 19.17 -6.87 -54.02
N VAL D 64 18.64 -6.84 -52.80
CA VAL D 64 19.06 -5.88 -51.78
C VAL D 64 20.29 -6.45 -51.08
N LEU D 65 21.36 -5.63 -51.02
CA LEU D 65 22.57 -6.00 -50.26
C LEU D 65 22.62 -5.18 -49.01
N ILE D 66 22.54 -5.84 -47.86
CA ILE D 66 22.65 -5.18 -46.57
C ILE D 66 24.05 -5.48 -46.03
N ASP D 67 24.85 -4.44 -45.91
CA ASP D 67 26.23 -4.57 -45.42
C ASP D 67 26.54 -3.53 -44.34
N ILE D 68 25.50 -3.14 -43.60
CA ILE D 68 25.66 -2.22 -42.46
C ILE D 68 24.95 -2.81 -41.26
N SER D 69 25.53 -2.58 -40.09
CA SER D 69 24.91 -2.98 -38.83
C SER D 69 23.75 -2.05 -38.46
N PHE D 70 22.84 -2.58 -37.65
CA PHE D 70 21.75 -1.78 -37.08
C PHE D 70 20.78 -1.21 -38.12
N LEU D 71 20.60 -1.93 -39.21
CA LEU D 71 19.56 -1.59 -40.18
C LEU D 71 18.32 -2.37 -39.81
N ARG D 72 17.20 -1.65 -39.68
CA ARG D 72 15.89 -2.27 -39.52
C ARG D 72 15.06 -2.02 -40.77
N ILE D 73 14.48 -3.09 -41.31
CA ILE D 73 13.52 -3.00 -42.39
C ILE D 73 12.18 -3.52 -41.82
N GLU D 74 11.17 -2.66 -41.85
CA GLU D 74 9.89 -2.91 -41.19
C GLU D 74 8.71 -2.61 -42.11
N GLY D 75 7.65 -3.38 -41.94
CA GLY D 75 6.38 -3.10 -42.59
C GLY D 75 5.20 -3.07 -41.64
N SER D 76 4.02 -3.17 -42.24
CA SER D 76 2.74 -3.10 -41.53
C SER D 76 1.81 -4.23 -41.96
N GLY D 77 2.37 -5.40 -42.23
CA GLY D 77 1.55 -6.56 -42.46
C GLY D 77 2.28 -7.74 -43.00
N HIS D 78 2.14 -8.89 -42.34
CA HIS D 78 2.74 -10.15 -42.79
C HIS D 78 2.08 -10.72 -44.05
N GLY D 79 0.83 -10.34 -44.28
CA GLY D 79 0.23 -10.46 -45.60
C GLY D 79 -0.03 -11.83 -46.17
N PHE D 80 -0.06 -12.87 -45.33
CA PHE D 80 -0.17 -14.24 -45.82
C PHE D 80 -1.57 -14.58 -46.32
N THR D 81 -1.63 -15.23 -47.47
CA THR D 81 -2.82 -15.99 -47.88
C THR D 81 -2.33 -17.24 -48.58
N SER D 82 -3.15 -18.29 -48.62
CA SER D 82 -2.71 -19.56 -49.19
C SER D 82 -2.72 -19.55 -50.71
N SER D 83 -1.59 -19.18 -51.27
CA SER D 83 -1.39 -19.34 -52.72
C SER D 83 -1.51 -20.80 -53.17
N SER D 84 -1.09 -21.73 -52.31
CA SER D 84 -1.22 -23.16 -52.60
C SER D 84 -2.66 -23.54 -52.82
N ILE D 85 -3.55 -23.11 -51.93
CA ILE D 85 -4.98 -23.37 -52.09
C ILE D 85 -5.47 -22.75 -53.39
N ARG D 86 -5.13 -21.49 -53.61
CA ARG D 86 -5.63 -20.74 -54.76
C ARG D 86 -5.19 -21.33 -56.10
N PHE D 87 -3.92 -21.72 -56.19
CA PHE D 87 -3.40 -22.32 -57.44
C PHE D 87 -4.00 -23.69 -57.73
N ASN D 88 -4.58 -24.35 -56.73
CA ASN D 88 -5.30 -25.63 -56.92
C ASN D 88 -6.82 -25.47 -57.04
N VAL D 89 -7.33 -24.25 -56.94
CA VAL D 89 -8.71 -23.94 -57.34
C VAL D 89 -8.74 -23.89 -58.86
N PRO D 90 -9.75 -24.50 -59.50
CA PRO D 90 -9.86 -24.39 -60.96
C PRO D 90 -9.85 -22.93 -61.41
N GLU D 91 -9.07 -22.67 -62.47
CA GLU D 91 -8.82 -21.32 -62.94
C GLU D 91 -10.08 -20.53 -63.32
N GLU D 92 -11.10 -21.18 -63.85
CA GLU D 92 -12.35 -20.48 -64.17
C GLU D 92 -13.06 -19.87 -62.95
N GLU D 93 -12.73 -20.34 -61.74
CA GLU D 93 -13.33 -19.80 -60.51
C GLU D 93 -12.56 -18.60 -59.93
N TRP D 94 -11.37 -18.32 -60.46
CA TRP D 94 -10.53 -17.24 -59.89
C TRP D 94 -11.19 -15.85 -59.91
N PRO D 95 -11.92 -15.50 -61.00
CA PRO D 95 -12.58 -14.20 -61.01
C PRO D 95 -13.57 -13.93 -59.88
N ASP D 96 -14.19 -14.99 -59.33
CA ASP D 96 -15.15 -14.84 -58.23
C ASP D 96 -14.52 -14.76 -56.83
N LEU D 97 -13.23 -15.09 -56.72
CA LEU D 97 -12.53 -15.00 -55.43
C LEU D 97 -12.33 -13.56 -55.00
N HIS D 98 -12.45 -13.31 -53.69
CA HIS D 98 -12.32 -11.94 -53.17
C HIS D 98 -10.92 -11.35 -53.45
N GLU D 99 -9.89 -12.18 -53.30
CA GLU D 99 -8.54 -11.81 -53.71
C GLU D 99 -7.81 -13.06 -54.15
N LEU D 100 -6.68 -12.84 -54.83
CA LEU D 100 -5.86 -13.90 -55.39
C LEU D 100 -4.46 -13.94 -54.82
N TRP D 101 -3.95 -12.83 -54.30
CA TRP D 101 -2.54 -12.76 -53.97
C TRP D 101 -2.33 -12.42 -52.51
N PRO D 102 -1.15 -12.75 -51.97
CA PRO D 102 -0.75 -12.17 -50.67
C PRO D 102 -0.75 -10.65 -50.72
N GLY D 103 -0.72 -10.03 -49.53
CA GLY D 103 -0.73 -8.59 -49.38
C GLY D 103 0.18 -8.14 -48.25
N GLY D 104 -0.32 -7.18 -47.48
CA GLY D 104 0.48 -6.53 -46.43
C GLY D 104 1.55 -5.65 -47.06
N SER D 105 2.69 -5.55 -46.39
CA SER D 105 3.84 -4.84 -46.93
C SER D 105 4.63 -5.84 -47.76
N ARG D 106 4.24 -5.96 -49.03
CA ARG D 106 4.56 -7.10 -49.85
C ARG D 106 5.71 -6.88 -50.84
N VAL D 107 6.77 -7.64 -50.65
CA VAL D 107 7.91 -7.69 -51.57
C VAL D 107 7.76 -8.91 -52.46
N ILE D 108 7.51 -8.65 -53.74
CA ILE D 108 7.35 -9.72 -54.73
C ILE D 108 8.73 -9.98 -55.31
N VAL D 109 9.22 -11.22 -55.18
CA VAL D 109 10.59 -11.56 -55.57
C VAL D 109 10.60 -11.92 -57.03
N ASP D 110 10.97 -10.97 -57.88
CA ASP D 110 11.03 -11.19 -59.34
C ASP D 110 12.50 -11.35 -59.77
N LEU D 111 13.25 -12.21 -59.07
CA LEU D 111 14.60 -12.55 -59.46
C LEU D 111 14.60 -13.89 -60.21
N PRO D 112 15.57 -14.09 -61.11
CA PRO D 112 15.78 -15.44 -61.66
C PRO D 112 16.42 -16.37 -60.62
N ALA D 113 16.24 -17.68 -60.78
CA ALA D 113 16.71 -18.70 -59.82
C ALA D 113 18.18 -18.56 -59.44
N SER D 119 22.93 -20.01 -54.99
CA SER D 119 21.52 -19.83 -54.61
C SER D 119 21.29 -18.52 -53.85
N ALA D 120 22.35 -18.00 -53.22
CA ALA D 120 22.32 -16.66 -52.62
C ALA D 120 21.95 -15.56 -53.63
N ALA D 121 22.25 -15.78 -54.91
CA ALA D 121 21.87 -14.85 -55.98
C ALA D 121 20.35 -14.73 -56.21
N GLY D 122 19.58 -15.75 -55.82
CA GLY D 122 18.12 -15.68 -55.88
C GLY D 122 17.46 -15.12 -54.63
N ALA D 123 18.24 -14.61 -53.67
CA ALA D 123 17.71 -14.01 -52.45
C ALA D 123 17.27 -12.57 -52.65
N ALA D 124 16.06 -12.25 -52.20
CA ALA D 124 15.56 -10.88 -52.24
C ALA D 124 16.44 -9.95 -51.41
N PHE D 125 16.76 -10.40 -50.19
CA PHE D 125 17.66 -9.69 -49.27
C PHE D 125 18.87 -10.57 -48.98
N LEU D 126 20.05 -10.03 -49.27
CA LEU D 126 21.32 -10.68 -48.95
C LEU D 126 22.00 -9.85 -47.89
N VAL D 127 22.28 -10.46 -46.74
CA VAL D 127 23.07 -9.78 -45.72
C VAL D 127 24.49 -10.35 -45.76
N ALA D 128 25.45 -9.50 -46.09
CA ALA D 128 26.82 -9.94 -46.28
C ALA D 128 27.78 -8.80 -45.99
N ARG D 129 28.78 -9.08 -45.17
CA ARG D 129 29.89 -8.16 -44.94
C ARG D 129 31.01 -8.95 -44.30
N GLU D 130 32.20 -8.86 -44.86
CA GLU D 130 33.30 -9.59 -44.27
C GLU D 130 34.15 -8.60 -43.47
N GLY D 131 35.19 -9.11 -42.84
CA GLY D 131 35.97 -8.29 -41.94
C GLY D 131 35.36 -8.28 -40.55
N SER D 132 35.75 -7.29 -39.76
CA SER D 132 35.43 -7.22 -38.35
C SER D 132 34.86 -5.85 -38.01
N PRO D 133 33.99 -5.76 -36.98
CA PRO D 133 33.39 -6.89 -36.27
C PRO D 133 32.31 -7.53 -37.14
N ARG D 134 31.71 -8.60 -36.64
CA ARG D 134 30.55 -9.20 -37.29
C ARG D 134 29.43 -8.19 -37.42
N ILE D 135 28.79 -8.19 -38.58
CA ILE D 135 27.58 -7.42 -38.78
C ILE D 135 26.59 -7.78 -37.67
N SER D 136 25.99 -6.77 -37.06
CA SER D 136 25.19 -6.95 -35.87
C SER D 136 23.87 -6.22 -35.87
N SER D 137 22.89 -6.86 -35.23
CA SER D 137 21.61 -6.24 -34.87
C SER D 137 20.82 -5.67 -36.03
N VAL D 138 20.90 -6.35 -37.17
CA VAL D 138 19.95 -6.12 -38.25
C VAL D 138 18.59 -6.71 -37.83
N GLU D 139 17.52 -6.00 -38.17
CA GLU D 139 16.16 -6.38 -37.79
C GLU D 139 15.25 -6.39 -39.02
N PHE D 140 14.52 -7.49 -39.21
CA PHE D 140 13.48 -7.60 -40.22
C PHE D 140 12.17 -7.77 -39.49
N SER D 141 11.20 -6.91 -39.76
CA SER D 141 9.95 -6.89 -38.99
C SER D 141 8.66 -6.67 -39.78
N ASN D 142 7.73 -7.60 -39.64
CA ASN D 142 6.33 -7.39 -40.02
C ASN D 142 6.09 -6.98 -41.46
N PHE D 143 6.82 -7.63 -42.37
CA PHE D 143 6.52 -7.51 -43.80
C PHE D 143 6.43 -8.88 -44.49
N CYS D 144 6.02 -8.86 -45.76
CA CYS D 144 5.71 -10.05 -46.53
C CYS D 144 6.71 -10.20 -47.66
N ILE D 145 7.25 -11.41 -47.83
CA ILE D 145 8.10 -11.74 -48.97
C ILE D 145 7.44 -12.92 -49.69
N ASP D 146 7.16 -12.70 -50.98
CA ASP D 146 6.32 -13.57 -51.79
C ASP D 146 7.10 -13.92 -53.06
N GLY D 147 7.36 -15.20 -53.29
CA GLY D 147 8.06 -15.68 -54.50
C GLY D 147 7.09 -16.03 -55.63
N LEU D 148 5.82 -15.69 -55.43
CA LEU D 148 4.79 -15.63 -56.48
C LEU D 148 4.32 -16.99 -57.02
N HIS D 149 5.23 -17.72 -57.66
CA HIS D 149 4.91 -19.00 -58.31
C HIS D 149 5.98 -20.05 -58.00
N PHE D 150 5.57 -21.31 -57.99
CA PHE D 150 6.47 -22.43 -58.12
C PHE D 150 6.43 -22.89 -59.57
N THR D 151 7.51 -23.53 -60.02
CA THR D 151 7.68 -23.87 -61.44
C THR D 151 8.11 -25.32 -61.64
N ALA D 152 7.97 -25.80 -62.88
CA ALA D 152 8.29 -27.19 -63.25
C ALA D 152 9.74 -27.53 -62.89
N ASP D 153 9.94 -28.74 -62.38
CA ASP D 153 11.26 -29.21 -61.95
C ASP D 153 11.58 -30.66 -62.36
N GLY D 154 10.76 -31.25 -63.22
CA GLY D 154 10.79 -32.70 -63.48
C GLY D 154 10.21 -33.61 -62.39
N SER D 155 9.57 -33.06 -61.35
CA SER D 155 8.91 -33.90 -60.33
C SER D 155 7.58 -34.41 -60.84
N GLY D 156 6.99 -33.67 -61.79
CA GLY D 156 5.72 -34.10 -62.39
C GLY D 156 4.49 -33.84 -61.52
N ARG D 157 4.67 -33.06 -60.47
CA ARG D 157 3.56 -32.47 -59.78
C ARG D 157 3.13 -31.36 -60.76
N HIS D 158 1.95 -30.78 -60.54
CA HIS D 158 1.59 -29.57 -61.27
C HIS D 158 2.66 -28.53 -60.89
N PRO D 159 2.99 -27.59 -61.81
CA PRO D 159 4.06 -26.62 -61.53
C PRO D 159 3.93 -25.87 -60.19
N GLU D 160 2.71 -25.44 -59.86
CA GLU D 160 2.50 -24.65 -58.63
C GLU D 160 2.64 -25.45 -57.33
N ASN D 161 2.72 -26.77 -57.43
CA ASN D 161 2.92 -27.67 -56.26
C ASN D 161 4.35 -28.23 -56.12
N THR D 162 5.32 -27.76 -56.91
CA THR D 162 6.68 -28.33 -56.86
C THR D 162 7.51 -27.82 -55.70
N TYR D 163 7.14 -26.66 -55.14
CA TYR D 163 7.96 -25.94 -54.14
C TYR D 163 9.35 -25.51 -54.69
N ALA D 164 9.45 -25.43 -56.02
CA ALA D 164 10.72 -25.08 -56.70
C ALA D 164 10.64 -23.77 -57.49
N ASN D 165 11.41 -22.79 -57.06
CA ASN D 165 11.68 -21.59 -57.88
C ASN D 165 13.05 -20.90 -57.76
N GLY D 166 13.98 -21.46 -56.98
CA GLY D 166 15.30 -20.86 -56.80
C GLY D 166 15.33 -19.53 -56.06
N LYS D 167 14.22 -19.15 -55.42
CA LYS D 167 14.14 -17.86 -54.74
C LYS D 167 14.30 -18.05 -53.25
N THR D 168 14.97 -17.09 -52.62
CA THR D 168 15.13 -17.01 -51.17
C THR D 168 14.54 -15.69 -50.68
N GLY D 169 13.94 -15.69 -49.49
CA GLY D 169 13.44 -14.45 -48.90
C GLY D 169 14.58 -13.60 -48.36
N ILE D 170 15.22 -14.13 -47.33
CA ILE D 170 16.34 -13.46 -46.64
C ILE D 170 17.45 -14.47 -46.53
N HIS D 171 18.63 -14.12 -47.04
CA HIS D 171 19.84 -14.94 -46.94
C HIS D 171 20.93 -14.14 -46.22
N VAL D 172 21.38 -14.64 -45.07
CA VAL D 172 22.51 -14.02 -44.37
C VAL D 172 23.72 -14.91 -44.56
N ALA D 173 24.72 -14.40 -45.28
CA ALA D 173 25.89 -15.17 -45.68
C ALA D 173 27.03 -15.06 -44.68
N SER D 174 27.15 -13.90 -44.03
CA SER D 174 28.29 -13.63 -43.14
C SER D 174 27.97 -13.89 -41.67
N ALA D 175 29.02 -14.11 -40.90
CA ALA D 175 28.91 -14.25 -39.45
C ALA D 175 28.18 -13.03 -38.88
N ASN D 176 27.22 -13.27 -38.00
CA ASN D 176 26.33 -12.22 -37.53
C ASN D 176 26.02 -12.38 -36.06
N ASP D 177 25.69 -11.28 -35.40
CA ASP D 177 25.42 -11.26 -33.96
C ASP D 177 24.15 -10.47 -33.70
N SER D 178 23.29 -10.99 -32.85
CA SER D 178 22.14 -10.26 -32.32
C SER D 178 21.14 -9.86 -33.41
N PHE D 179 20.99 -10.68 -34.45
CA PHE D 179 20.00 -10.41 -35.50
C PHE D 179 18.60 -10.76 -35.01
N ARG D 180 17.60 -10.13 -35.62
CA ARG D 180 16.20 -10.47 -35.35
C ARG D 180 15.39 -10.57 -36.62
N VAL D 181 14.54 -11.59 -36.69
CA VAL D 181 13.52 -11.72 -37.72
C VAL D 181 12.23 -12.00 -36.96
N THR D 182 11.32 -11.03 -37.01
CA THR D 182 10.07 -11.04 -36.24
C THR D 182 8.86 -10.64 -37.07
N ASP D 183 7.73 -11.27 -36.78
CA ASP D 183 6.43 -10.85 -37.33
C ASP D 183 6.35 -10.92 -38.86
N MET D 184 7.27 -11.62 -39.51
CA MET D 184 7.29 -11.68 -40.97
C MET D 184 6.23 -12.64 -41.50
N GLY D 185 5.91 -12.44 -42.78
CA GLY D 185 5.20 -13.44 -43.58
C GLY D 185 6.10 -13.83 -44.74
N PHE D 186 6.31 -15.13 -44.95
CA PHE D 186 7.04 -15.66 -46.09
C PHE D 186 6.13 -16.65 -46.81
N VAL D 187 6.04 -16.55 -48.14
CA VAL D 187 5.14 -17.43 -48.91
C VAL D 187 5.69 -17.70 -50.31
N TYR D 188 5.58 -18.93 -50.76
CA TYR D 188 5.93 -19.33 -52.13
C TYR D 188 7.39 -19.05 -52.51
N LEU D 189 8.30 -19.27 -51.55
CA LEU D 189 9.73 -19.18 -51.77
C LEU D 189 10.32 -20.56 -51.66
N GLU D 190 11.28 -20.91 -52.52
CA GLU D 190 11.96 -22.20 -52.36
C GLU D 190 12.66 -22.26 -51.01
N ASN D 191 13.25 -21.16 -50.59
CA ASN D 191 13.82 -21.02 -49.24
C ASN D 191 13.33 -19.71 -48.61
N ALA D 192 12.67 -19.77 -47.45
CA ALA D 192 12.22 -18.53 -46.81
C ALA D 192 13.39 -17.75 -46.22
N LEU D 193 14.12 -18.41 -45.32
CA LEU D 193 15.07 -17.74 -44.44
C LEU D 193 16.26 -18.63 -44.19
N THR D 194 17.43 -18.20 -44.64
CA THR D 194 18.64 -18.99 -44.48
C THR D 194 19.67 -18.10 -43.83
N ILE D 195 20.17 -18.50 -42.67
CA ILE D 195 21.11 -17.68 -41.92
C ILE D 195 22.33 -18.52 -41.59
N HIS D 196 23.47 -18.11 -42.13
CA HIS D 196 24.74 -18.77 -41.89
C HIS D 196 25.46 -18.12 -40.72
N LYS D 197 26.15 -18.92 -39.90
CA LYS D 197 27.12 -18.41 -38.92
C LYS D 197 26.52 -17.44 -37.89
N ALA D 198 25.36 -17.83 -37.35
CA ALA D 198 24.55 -16.98 -36.45
C ALA D 198 24.96 -17.09 -34.98
N ASP D 199 25.06 -15.94 -34.33
CA ASP D 199 25.28 -15.85 -32.88
C ASP D 199 24.13 -15.03 -32.30
N ALA D 200 23.46 -15.60 -31.30
CA ALA D 200 22.49 -14.86 -30.49
C ALA D 200 21.39 -14.25 -31.37
N LEU D 201 20.96 -15.05 -32.33
CA LEU D 201 19.88 -14.73 -33.24
C LEU D 201 18.55 -15.06 -32.59
N SER D 202 17.53 -14.27 -32.89
CA SER D 202 16.17 -14.56 -32.51
C SER D 202 15.24 -14.53 -33.73
N ILE D 203 14.64 -15.68 -34.02
CA ILE D 203 13.64 -15.83 -35.08
C ILE D 203 12.34 -16.06 -34.34
N HIS D 204 11.53 -15.02 -34.25
CA HIS D 204 10.42 -14.97 -33.30
C HIS D 204 9.11 -14.47 -33.92
N HIS D 205 8.05 -15.26 -33.72
CA HIS D 205 6.68 -14.87 -34.07
C HIS D 205 6.50 -14.52 -35.55
N ASN D 206 7.06 -15.37 -36.40
CA ASN D 206 6.87 -15.27 -37.85
C ASN D 206 5.83 -16.27 -38.34
N PHE D 207 5.41 -16.07 -39.57
CA PHE D 207 4.54 -16.98 -40.29
C PHE D 207 5.28 -17.36 -41.57
N ILE D 208 5.76 -18.59 -41.60
CA ILE D 208 6.67 -19.03 -42.65
C ILE D 208 6.08 -20.30 -43.25
N ALA D 209 5.34 -20.16 -44.35
CA ALA D 209 4.48 -21.26 -44.83
C ALA D 209 4.45 -21.34 -46.35
N GLU D 210 4.21 -22.54 -46.86
CA GLU D 210 4.19 -22.78 -48.30
C GLU D 210 5.51 -22.34 -48.96
N CYS D 211 6.60 -22.65 -48.27
CA CYS D 211 7.96 -22.45 -48.78
C CYS D 211 8.63 -23.81 -48.83
N GLY D 212 9.50 -24.05 -49.81
CA GLY D 212 10.14 -25.36 -49.95
C GLY D 212 10.85 -25.75 -48.67
N SER D 213 11.72 -24.84 -48.22
CA SER D 213 12.28 -24.88 -46.87
C SER D 213 11.98 -23.56 -46.18
N CYS D 214 11.77 -23.62 -44.87
CA CYS D 214 11.41 -22.45 -44.11
C CYS D 214 12.63 -21.82 -43.43
N ILE D 215 13.08 -22.39 -42.31
CA ILE D 215 14.22 -21.83 -41.53
C ILE D 215 15.41 -22.77 -41.63
N GLU D 216 16.53 -22.27 -42.16
CA GLU D 216 17.78 -23.02 -42.18
C GLU D 216 18.85 -22.20 -41.52
N LEU D 217 19.43 -22.74 -40.45
CA LEU D 217 20.60 -22.16 -39.79
C LEU D 217 21.82 -22.99 -40.18
N ARG D 218 22.65 -22.43 -41.04
CA ARG D 218 23.73 -23.19 -41.69
C ARG D 218 25.12 -22.78 -41.22
N GLY D 219 26.10 -23.65 -41.52
CA GLY D 219 27.50 -23.43 -41.20
C GLY D 219 27.74 -23.84 -39.78
N TRP D 220 27.59 -22.88 -38.88
CA TRP D 220 27.65 -23.08 -37.45
C TRP D 220 26.84 -21.98 -36.76
N GLY D 221 26.73 -22.07 -35.44
CA GLY D 221 26.15 -20.98 -34.68
C GLY D 221 26.12 -21.22 -33.20
N GLN D 222 25.72 -20.20 -32.45
CA GLN D 222 25.58 -20.36 -31.02
C GLN D 222 24.52 -19.44 -30.43
N ALA D 223 24.01 -19.88 -29.29
CA ALA D 223 23.21 -19.05 -28.40
C ALA D 223 21.99 -18.42 -29.06
N SER D 224 21.35 -19.14 -29.98
CA SER D 224 20.25 -18.58 -30.76
C SER D 224 18.92 -19.17 -30.32
N LYS D 225 17.83 -18.58 -30.80
CA LYS D 225 16.50 -19.11 -30.54
C LYS D 225 15.54 -18.94 -31.68
N ILE D 226 14.65 -19.92 -31.80
CA ILE D 226 13.59 -19.99 -32.81
C ILE D 226 12.33 -20.23 -31.98
N THR D 227 11.52 -19.18 -31.83
CA THR D 227 10.39 -19.20 -30.90
C THR D 227 9.09 -18.65 -31.48
N ASP D 228 8.00 -19.30 -31.13
CA ASP D 228 6.66 -18.74 -31.38
C ASP D 228 6.34 -18.56 -32.87
N ASN D 229 6.93 -19.41 -33.72
CA ASN D 229 6.66 -19.34 -35.16
C ASN D 229 5.59 -20.33 -35.60
N LEU D 230 4.89 -19.96 -36.66
CA LEU D 230 4.01 -20.84 -37.41
C LEU D 230 4.76 -21.19 -38.68
N VAL D 231 4.96 -22.49 -38.91
CA VAL D 231 5.87 -22.98 -39.94
C VAL D 231 5.29 -24.14 -40.73
N GLY D 232 5.35 -24.07 -42.06
CA GLY D 232 4.95 -25.18 -42.93
C GLY D 232 5.78 -25.19 -44.21
N ALA D 233 6.50 -26.28 -44.43
CA ALA D 233 7.43 -26.40 -45.55
C ALA D 233 6.92 -27.38 -46.63
N GLY D 234 7.82 -27.77 -47.54
CA GLY D 234 7.49 -28.65 -48.65
C GLY D 234 8.20 -29.98 -48.52
N PRO D 235 7.70 -31.03 -49.22
CA PRO D 235 8.13 -32.41 -48.94
C PRO D 235 9.59 -32.74 -49.14
N ARG D 236 10.34 -31.91 -49.88
CA ARG D 236 11.78 -32.12 -50.03
C ARG D 236 12.62 -31.13 -49.23
N GLY D 237 11.96 -30.32 -48.39
CA GLY D 237 12.63 -29.26 -47.65
C GLY D 237 12.55 -29.40 -46.14
N HIS D 238 13.22 -28.47 -45.48
CA HIS D 238 13.25 -28.38 -44.02
C HIS D 238 12.22 -27.40 -43.51
N SER D 239 11.59 -27.72 -42.38
CA SER D 239 10.80 -26.72 -41.64
C SER D 239 11.74 -25.89 -40.78
N ILE D 240 12.42 -26.54 -39.85
CA ILE D 240 13.48 -25.92 -39.06
C ILE D 240 14.72 -26.82 -39.20
N TYR D 241 15.82 -26.23 -39.64
CA TYR D 241 17.07 -26.95 -39.83
C TYR D 241 18.20 -26.18 -39.16
N ALA D 242 19.08 -26.90 -38.47
CA ALA D 242 20.30 -26.30 -37.91
C ALA D 242 21.47 -27.24 -38.04
N GLU D 243 22.64 -26.69 -38.35
CA GLU D 243 23.85 -27.45 -38.34
C GLU D 243 24.96 -26.78 -37.55
N ASN D 244 25.65 -27.61 -36.76
CA ASN D 244 26.80 -27.20 -35.96
C ASN D 244 26.47 -25.99 -35.07
N HIS D 245 25.27 -26.03 -34.50
CA HIS D 245 24.82 -25.04 -33.53
C HIS D 245 25.04 -25.60 -32.14
N GLY D 246 25.50 -24.73 -31.24
CA GLY D 246 25.51 -25.01 -29.81
C GLY D 246 24.53 -24.07 -29.10
N GLY D 247 23.79 -24.58 -28.12
CA GLY D 247 22.96 -23.71 -27.29
C GLY D 247 21.79 -23.08 -28.00
N LEU D 248 21.23 -23.82 -28.95
CA LEU D 248 20.04 -23.37 -29.69
C LEU D 248 18.80 -23.73 -28.87
N LEU D 249 17.85 -22.80 -28.83
CA LEU D 249 16.56 -23.06 -28.18
C LEU D 249 15.46 -22.99 -29.22
N VAL D 250 14.75 -24.09 -29.44
CA VAL D 250 13.65 -24.18 -30.40
C VAL D 250 12.40 -24.50 -29.58
N THR D 251 11.52 -23.51 -29.38
CA THR D 251 10.37 -23.68 -28.51
C THR D 251 9.14 -22.87 -28.92
N ALA D 252 7.99 -23.37 -28.53
CA ALA D 252 6.70 -22.69 -28.71
C ALA D 252 6.36 -22.47 -30.19
N ASN D 253 6.89 -23.32 -31.06
CA ASN D 253 6.56 -23.24 -32.48
C ASN D 253 5.41 -24.19 -32.76
N ASN D 254 4.57 -23.79 -33.71
CA ASN D 254 3.53 -24.65 -34.25
C ASN D 254 3.93 -24.95 -35.69
N VAL D 255 4.49 -26.15 -35.86
CA VAL D 255 5.00 -26.63 -37.14
C VAL D 255 3.96 -27.58 -37.71
N PHE D 256 3.42 -27.20 -38.86
CA PHE D 256 2.40 -28.01 -39.56
C PHE D 256 3.01 -28.52 -40.85
N PRO D 257 2.31 -29.40 -41.58
CA PRO D 257 2.92 -29.97 -42.78
C PRO D 257 3.25 -28.93 -43.85
N ARG D 258 4.07 -29.27 -44.85
CA ARG D 258 4.44 -30.63 -45.23
C ARG D 258 5.91 -30.77 -45.55
N GLY D 259 6.77 -30.25 -44.67
CA GLY D 259 8.19 -30.45 -44.78
C GLY D 259 8.62 -31.91 -44.76
N ALA D 260 9.82 -32.20 -45.29
CA ALA D 260 10.40 -33.53 -45.16
C ALA D 260 10.49 -33.91 -43.67
N SER D 261 10.80 -32.91 -42.86
CA SER D 261 10.85 -33.03 -41.40
C SER D 261 10.31 -31.74 -40.75
N SER D 262 10.09 -31.82 -39.45
CA SER D 262 9.73 -30.68 -38.60
C SER D 262 10.96 -29.99 -38.03
N VAL D 263 11.88 -30.77 -37.49
CA VAL D 263 13.15 -30.23 -36.94
C VAL D 263 14.24 -31.19 -37.37
N HIS D 264 15.28 -30.66 -38.00
CA HIS D 264 16.41 -31.44 -38.48
C HIS D 264 17.71 -30.81 -38.00
N PHE D 265 18.47 -31.56 -37.20
CA PHE D 265 19.77 -31.14 -36.67
C PHE D 265 20.88 -31.99 -37.29
N LYS D 266 21.93 -31.34 -37.75
CA LYS D 266 23.20 -32.00 -38.08
C LYS D 266 24.34 -31.45 -37.20
N GLY D 267 24.96 -32.30 -36.39
CA GLY D 267 26.05 -31.86 -35.50
C GLY D 267 25.67 -30.78 -34.50
N VAL D 268 24.39 -30.78 -34.07
CA VAL D 268 23.91 -29.81 -33.11
C VAL D 268 24.14 -30.33 -31.70
N THR D 269 24.70 -29.48 -30.85
CA THR D 269 25.00 -29.88 -29.46
C THR D 269 24.35 -28.96 -28.43
N ARG D 270 24.08 -29.52 -27.26
CA ARG D 270 23.77 -28.73 -26.07
C ARG D 270 22.64 -27.73 -26.32
N SER D 271 21.60 -28.23 -26.99
CA SER D 271 20.48 -27.43 -27.45
C SER D 271 19.18 -28.04 -26.95
N SER D 272 18.08 -27.32 -27.16
CA SER D 272 16.80 -27.75 -26.63
C SER D 272 15.71 -27.60 -27.70
N VAL D 273 14.97 -28.67 -27.94
CA VAL D 273 13.80 -28.67 -28.82
C VAL D 273 12.67 -29.10 -27.92
N THR D 274 11.95 -28.10 -27.39
CA THR D 274 11.08 -28.32 -26.27
C THR D 274 9.80 -27.54 -26.43
N ASN D 275 8.69 -28.16 -26.05
CA ASN D 275 7.41 -27.50 -26.06
C ASN D 275 7.02 -26.93 -27.43
N ASN D 276 7.13 -27.76 -28.47
CA ASN D 276 6.63 -27.41 -29.79
C ASN D 276 5.46 -28.30 -30.10
N ARG D 277 4.58 -27.81 -30.96
CA ARG D 277 3.55 -28.64 -31.57
C ARG D 277 4.04 -28.93 -32.98
N LEU D 278 4.14 -30.23 -33.28
CA LEU D 278 4.73 -30.71 -34.54
C LEU D 278 3.76 -31.65 -35.21
N HIS D 279 3.38 -31.35 -36.44
CA HIS D 279 2.44 -32.18 -37.22
C HIS D 279 3.05 -32.45 -38.59
N ALA D 280 3.17 -33.73 -38.94
CA ALA D 280 3.73 -34.13 -40.22
C ALA D 280 2.85 -35.16 -40.88
N PHE D 281 3.01 -35.27 -42.19
CA PHE D 281 2.32 -36.29 -42.98
C PHE D 281 3.25 -37.46 -43.35
N TYR D 282 4.48 -37.43 -42.84
CA TYR D 282 5.52 -38.40 -43.18
C TYR D 282 6.36 -38.73 -41.94
N PRO D 283 7.03 -39.90 -41.96
CA PRO D 283 7.96 -40.21 -40.87
C PRO D 283 9.17 -39.29 -40.90
N GLY D 284 10.00 -39.37 -39.86
CA GLY D 284 11.22 -38.55 -39.79
C GLY D 284 10.96 -37.11 -39.43
N MET D 285 10.11 -36.89 -38.43
CA MET D 285 9.71 -35.54 -38.02
C MET D 285 10.82 -34.76 -37.34
N VAL D 286 11.50 -35.41 -36.40
CA VAL D 286 12.61 -34.77 -35.70
C VAL D 286 13.81 -35.69 -35.88
N ARG D 287 14.87 -35.15 -36.46
CA ARG D 287 16.05 -35.91 -36.86
C ARG D 287 17.24 -35.26 -36.18
N LEU D 288 17.90 -36.03 -35.33
CA LEU D 288 19.16 -35.62 -34.72
C LEU D 288 20.23 -36.46 -35.40
N GLU D 289 21.06 -35.83 -36.22
CA GLU D 289 22.01 -36.55 -37.08
C GLU D 289 23.43 -36.07 -36.88
N GLU D 290 24.38 -36.90 -37.37
CA GLU D 290 25.79 -36.53 -37.45
C GLU D 290 26.31 -36.01 -36.13
N ASN D 291 26.23 -36.88 -35.13
CA ASN D 291 26.72 -36.61 -33.77
C ASN D 291 26.03 -35.40 -33.14
N SER D 292 24.71 -35.38 -33.22
CA SER D 292 23.92 -34.41 -32.46
C SER D 292 23.80 -34.92 -31.03
N SER D 293 24.44 -34.21 -30.09
CA SER D 293 24.67 -34.71 -28.74
C SER D 293 24.25 -33.74 -27.65
N GLU D 294 23.90 -34.29 -26.49
CA GLU D 294 23.58 -33.52 -25.28
C GLU D 294 22.42 -32.53 -25.49
N ASN D 295 21.44 -32.94 -26.28
CA ASN D 295 20.28 -32.11 -26.55
C ASN D 295 19.09 -32.58 -25.76
N LEU D 296 18.25 -31.63 -25.36
CA LEU D 296 16.99 -31.92 -24.70
C LEU D 296 15.86 -31.86 -25.72
N VAL D 297 15.07 -32.94 -25.80
CA VAL D 297 13.87 -32.99 -26.64
C VAL D 297 12.73 -33.35 -25.69
N ALA D 298 12.00 -32.33 -25.25
CA ALA D 298 11.07 -32.47 -24.13
C ALA D 298 9.73 -31.86 -24.42
N THR D 299 8.70 -32.51 -23.88
CA THR D 299 7.33 -32.00 -23.85
C THR D 299 6.89 -31.39 -25.18
N ASN D 300 7.27 -32.03 -26.29
CA ASN D 300 6.71 -31.71 -27.61
C ASN D 300 5.49 -32.58 -27.86
N HIS D 301 4.56 -32.06 -28.65
CA HIS D 301 3.44 -32.85 -29.15
C HIS D 301 3.70 -33.19 -30.62
N PHE D 302 3.85 -34.48 -30.89
CA PHE D 302 4.09 -35.03 -32.23
C PHE D 302 2.77 -35.62 -32.73
N LEU D 303 2.36 -35.23 -33.93
CA LEU D 303 1.31 -35.95 -34.66
C LEU D 303 1.85 -36.34 -36.04
N ARG D 304 1.80 -37.62 -36.35
CA ARG D 304 2.08 -38.10 -37.70
C ARG D 304 0.80 -38.77 -38.21
N ASP D 305 0.31 -38.30 -39.36
CA ASP D 305 -0.87 -38.90 -40.00
C ASP D 305 -0.74 -38.80 -41.51
N HIS D 306 -1.82 -39.08 -42.24
CA HIS D 306 -1.80 -39.08 -43.70
C HIS D 306 -2.31 -37.76 -44.26
N GLU D 307 -1.62 -37.24 -45.28
CA GLU D 307 -2.08 -36.10 -46.08
C GLU D 307 -3.55 -36.30 -46.46
N PRO D 308 -4.43 -35.34 -46.11
CA PRO D 308 -5.85 -35.49 -46.46
C PRO D 308 -6.28 -34.73 -47.71
N TRP D 309 -5.39 -33.90 -48.27
CA TRP D 309 -5.72 -33.04 -49.40
C TRP D 309 -5.26 -33.65 -50.73
N THR D 310 -6.21 -33.83 -51.65
CA THR D 310 -5.99 -34.62 -52.85
C THR D 310 -4.76 -34.24 -53.70
N PRO D 311 -4.53 -32.93 -54.00
CA PRO D 311 -3.34 -32.55 -54.78
C PRO D 311 -2.00 -33.10 -54.29
N PHE D 312 -1.88 -33.35 -52.97
CA PHE D 312 -0.64 -33.90 -52.40
C PHE D 312 -0.78 -35.31 -51.82
N PHE D 313 -1.94 -35.95 -51.98
CA PHE D 313 -2.20 -37.23 -51.34
C PHE D 313 -1.12 -38.29 -51.54
N GLY D 314 -0.59 -38.42 -52.77
CA GLY D 314 0.43 -39.43 -53.08
C GLY D 314 1.89 -38.98 -52.93
N VAL D 315 2.09 -37.73 -52.52
CA VAL D 315 3.40 -37.12 -52.42
C VAL D 315 3.92 -37.36 -51.02
N ASP D 316 5.18 -37.78 -50.91
CA ASP D 316 5.78 -38.01 -49.59
C ASP D 316 7.28 -37.72 -49.58
N ASN D 317 7.94 -37.97 -48.45
CA ASN D 317 9.37 -37.66 -48.29
C ASN D 317 10.31 -38.86 -48.51
N GLY D 318 9.78 -39.95 -49.08
CA GLY D 318 10.57 -41.15 -49.37
C GLY D 318 10.97 -42.05 -48.22
N LEU D 319 10.54 -41.74 -46.99
CA LEU D 319 10.95 -42.51 -45.82
C LEU D 319 9.84 -43.44 -45.37
N ASP D 320 10.24 -44.64 -44.95
CA ASP D 320 9.28 -45.66 -44.56
C ASP D 320 8.95 -45.57 -43.07
N ASP D 321 8.02 -46.41 -42.62
CA ASP D 321 7.53 -46.30 -41.25
C ASP D 321 8.44 -46.90 -40.18
N LEU D 322 9.55 -47.52 -40.58
CA LEU D 322 10.59 -47.94 -39.64
C LEU D 322 11.57 -46.82 -39.28
N THR D 323 11.46 -45.68 -39.96
CA THR D 323 12.34 -44.53 -39.75
C THR D 323 12.29 -44.00 -38.33
N GLY D 324 11.08 -43.93 -37.79
CA GLY D 324 10.83 -43.23 -36.53
C GLY D 324 10.24 -41.87 -36.80
N LEU D 325 9.42 -41.41 -35.85
CA LEU D 325 9.01 -40.01 -35.80
C LEU D 325 10.14 -39.15 -35.24
N LEU D 326 10.87 -39.68 -34.26
CA LEU D 326 12.06 -39.07 -33.71
C LEU D 326 13.22 -40.04 -33.91
N SER D 327 14.26 -39.59 -34.62
CA SER D 327 15.44 -40.40 -34.90
C SER D 327 16.68 -39.71 -34.36
N ILE D 328 17.51 -40.45 -33.62
CA ILE D 328 18.70 -39.92 -32.95
C ILE D 328 19.96 -40.70 -33.30
N SER D 329 20.94 -39.96 -33.81
CA SER D 329 22.29 -40.41 -34.05
C SER D 329 23.22 -39.44 -33.32
N GLY D 330 23.64 -39.84 -32.12
CA GLY D 330 24.43 -38.99 -31.25
C GLY D 330 24.36 -39.42 -29.80
N ASN D 331 25.17 -38.79 -28.96
CA ASN D 331 25.38 -39.21 -27.58
C ASN D 331 24.66 -38.32 -26.57
N ASN D 332 24.24 -38.92 -25.48
CA ASN D 332 23.90 -38.20 -24.26
C ASN D 332 22.75 -37.20 -24.40
N ASN D 333 21.83 -37.50 -25.31
CA ASN D 333 20.62 -36.69 -25.43
C ASN D 333 19.59 -37.09 -24.37
N SER D 334 18.57 -36.25 -24.25
CA SER D 334 17.52 -36.39 -23.25
C SER D 334 16.18 -36.23 -23.95
N VAL D 335 15.37 -37.29 -23.93
CA VAL D 335 14.06 -37.30 -24.58
C VAL D 335 13.02 -37.57 -23.51
N ILE D 336 12.34 -36.52 -23.08
CA ILE D 336 11.53 -36.55 -21.86
C ILE D 336 10.16 -35.92 -22.06
N GLY D 337 9.11 -36.64 -21.67
CA GLY D 337 7.80 -36.01 -21.54
C GLY D 337 7.08 -35.67 -22.82
N ASN D 338 7.44 -36.32 -23.93
CA ASN D 338 6.79 -36.05 -25.22
C ASN D 338 5.54 -36.90 -25.40
N HIS D 339 4.62 -36.38 -26.21
CA HIS D 339 3.44 -37.08 -26.67
C HIS D 339 3.60 -37.39 -28.14
N PHE D 340 3.36 -38.64 -28.52
CA PHE D 340 3.38 -39.04 -29.92
C PHE D 340 2.03 -39.65 -30.31
N SER D 341 1.35 -39.05 -31.28
CA SER D 341 0.14 -39.63 -31.89
C SER D 341 0.54 -40.12 -33.29
N GLU D 342 0.37 -41.43 -33.50
CA GLU D 342 0.68 -42.12 -34.76
C GLU D 342 -0.65 -42.60 -35.31
N VAL D 343 -1.15 -41.95 -36.36
CA VAL D 343 -2.52 -42.16 -36.84
C VAL D 343 -2.40 -42.49 -38.31
N VAL D 344 -2.38 -43.79 -38.64
CA VAL D 344 -2.03 -44.26 -39.99
C VAL D 344 -2.94 -45.38 -40.50
N ASP D 345 -2.93 -45.59 -41.81
CA ASP D 345 -3.65 -46.70 -42.41
C ASP D 345 -2.71 -47.89 -42.35
N ALA D 346 -3.09 -48.89 -41.55
CA ALA D 346 -2.27 -50.09 -41.36
C ALA D 346 -1.94 -50.82 -42.67
N ASN D 347 -2.88 -50.79 -43.62
CA ASN D 347 -2.65 -51.39 -44.94
C ASN D 347 -1.59 -50.67 -45.77
N GLU D 348 -1.43 -49.37 -45.54
CA GLU D 348 -0.43 -48.56 -46.24
C GLU D 348 0.96 -48.53 -45.56
N ILE D 349 1.13 -49.20 -44.42
CA ILE D 349 2.44 -49.19 -43.71
C ILE D 349 3.53 -49.78 -44.62
N ARG D 350 4.68 -49.11 -44.69
CA ARG D 350 5.83 -49.55 -45.46
C ARG D 350 7.05 -49.73 -44.53
N PRO D 351 7.83 -50.81 -44.68
CA PRO D 351 7.57 -51.92 -45.61
C PRO D 351 6.34 -52.76 -45.22
N GLU D 352 5.84 -53.53 -46.18
CA GLU D 352 4.71 -54.44 -45.97
C GLU D 352 4.88 -55.27 -44.70
N GLY D 353 3.87 -55.25 -43.84
CA GLY D 353 3.87 -56.03 -42.60
C GLY D 353 4.72 -55.49 -41.45
N ALA D 354 5.30 -54.30 -41.60
CA ALA D 354 6.16 -53.74 -40.56
C ALA D 354 5.34 -53.18 -39.42
N THR D 355 5.94 -53.13 -38.24
CA THR D 355 5.36 -52.48 -37.07
C THR D 355 5.99 -51.09 -37.05
N PRO D 356 5.18 -50.01 -37.09
CA PRO D 356 5.82 -48.68 -37.16
C PRO D 356 6.64 -48.35 -35.92
N VAL D 357 7.70 -47.57 -36.12
CA VAL D 357 8.64 -47.18 -35.07
C VAL D 357 8.39 -45.71 -34.71
N ILE D 358 8.40 -45.39 -33.42
CA ILE D 358 8.17 -44.01 -32.96
C ILE D 358 9.48 -43.31 -32.63
N ILE D 359 10.19 -43.81 -31.63
CA ILE D 359 11.54 -43.29 -31.31
C ILE D 359 12.60 -44.30 -31.78
N ARG D 360 13.55 -43.86 -32.59
CA ARG D 360 14.64 -44.72 -33.06
C ARG D 360 16.00 -44.15 -32.66
N LEU D 361 16.80 -44.95 -31.97
CA LEU D 361 18.18 -44.60 -31.68
C LEU D 361 19.06 -45.42 -32.64
N THR D 362 19.64 -44.76 -33.63
CA THR D 362 20.45 -45.43 -34.68
C THR D 362 21.92 -45.55 -34.31
N ALA D 363 22.42 -44.61 -33.52
CA ALA D 363 23.81 -44.63 -33.09
C ALA D 363 24.00 -43.71 -31.91
N GLY D 364 25.09 -43.90 -31.20
CA GLY D 364 25.44 -43.10 -30.02
C GLY D 364 25.17 -43.82 -28.73
N THR D 365 25.73 -43.28 -27.65
CA THR D 365 25.60 -43.86 -26.32
C THR D 365 25.02 -42.85 -25.34
N GLY D 366 24.51 -43.35 -24.23
CA GLY D 366 24.12 -42.51 -23.11
C GLY D 366 22.87 -41.68 -23.26
N ASN D 367 22.02 -42.00 -24.26
CA ASN D 367 20.75 -41.30 -24.45
C ASN D 367 19.76 -41.73 -23.38
N PHE D 368 19.05 -40.74 -22.82
CA PHE D 368 18.12 -40.93 -21.72
C PHE D 368 16.74 -40.64 -22.30
N VAL D 369 15.89 -41.65 -22.36
CA VAL D 369 14.55 -41.55 -22.94
C VAL D 369 13.59 -41.95 -21.83
N SER D 370 12.82 -40.99 -21.33
CA SER D 370 11.94 -41.25 -20.21
C SER D 370 10.60 -40.57 -20.33
N THR D 371 9.56 -41.28 -19.92
CA THR D 371 8.24 -40.69 -19.66
C THR D 371 7.66 -40.10 -20.94
N ASN D 372 7.55 -40.95 -21.97
CA ASN D 372 7.00 -40.56 -23.26
C ASN D 372 5.76 -41.39 -23.49
N HIS D 373 4.70 -40.75 -23.98
CA HIS D 373 3.43 -41.45 -24.21
C HIS D 373 3.21 -41.61 -25.71
N VAL D 374 3.06 -42.87 -26.16
CA VAL D 374 2.80 -43.20 -27.55
C VAL D 374 1.36 -43.66 -27.68
N VAL D 375 0.66 -43.12 -28.66
CA VAL D 375 -0.72 -43.49 -28.95
C VAL D 375 -0.76 -43.81 -30.44
N ALA D 376 -1.14 -45.03 -30.79
CA ALA D 376 -1.12 -45.43 -32.18
C ALA D 376 -2.47 -46.00 -32.56
N MET D 377 -2.95 -45.61 -33.72
CA MET D 377 -4.24 -46.07 -34.19
C MET D 377 -4.26 -46.20 -35.70
N ASP D 378 -5.20 -47.04 -36.13
CA ASP D 378 -5.34 -47.50 -37.51
C ASP D 378 -6.60 -46.82 -38.04
N VAL D 379 -6.44 -46.01 -39.08
CA VAL D 379 -7.56 -45.30 -39.72
C VAL D 379 -7.33 -45.25 -41.21
N ASP D 380 -8.40 -45.41 -42.01
CA ASP D 380 -8.34 -45.30 -43.47
C ASP D 380 -8.00 -43.88 -43.89
N ALA D 381 -7.16 -43.75 -44.91
CA ALA D 381 -6.69 -42.44 -45.37
C ALA D 381 -7.75 -41.78 -46.25
N ALA D 382 -8.37 -40.71 -45.74
CA ALA D 382 -9.35 -39.94 -46.52
C ALA D 382 -8.60 -39.00 -47.47
N SER D 383 -9.23 -38.71 -48.62
CA SER D 383 -8.70 -37.77 -49.59
C SER D 383 -9.83 -36.86 -50.05
N SER D 384 -9.63 -35.54 -49.95
CA SER D 384 -10.65 -34.56 -50.35
C SER D 384 -10.02 -33.34 -51.03
N ASP D 385 -10.76 -32.72 -51.96
CA ASP D 385 -10.25 -31.55 -52.68
C ASP D 385 -10.34 -30.24 -51.90
N SER D 386 -11.15 -30.18 -50.85
CA SER D 386 -11.37 -28.92 -50.13
C SER D 386 -10.40 -28.89 -48.95
N ALA D 387 -9.36 -28.08 -49.10
CA ALA D 387 -8.17 -28.16 -48.25
C ALA D 387 -8.47 -28.02 -46.75
N PHE D 388 -8.97 -26.86 -46.34
CA PHE D 388 -9.09 -26.60 -44.90
C PHE D 388 -10.18 -27.46 -44.22
N GLU D 389 -11.26 -27.74 -44.94
CA GLU D 389 -12.26 -28.71 -44.46
C GLU D 389 -11.65 -30.10 -44.23
N ALA D 390 -10.88 -30.57 -45.21
CA ALA D 390 -10.25 -31.87 -45.11
C ALA D 390 -9.21 -31.88 -43.98
N GLN D 391 -8.46 -30.78 -43.83
CA GLN D 391 -7.43 -30.68 -42.79
C GLN D 391 -8.01 -30.70 -41.37
N VAL D 392 -9.05 -29.89 -41.15
CA VAL D 392 -9.67 -29.77 -39.83
C VAL D 392 -10.38 -31.09 -39.49
N ASP D 393 -11.10 -31.66 -40.46
CA ASP D 393 -11.81 -32.93 -40.21
C ASP D 393 -10.85 -34.03 -39.82
N ALA D 394 -9.73 -34.12 -40.52
CA ALA D 394 -8.71 -35.14 -40.24
C ALA D 394 -8.11 -34.97 -38.83
N LEU D 395 -7.85 -33.73 -38.43
CA LEU D 395 -7.32 -33.48 -37.08
C LEU D 395 -8.30 -33.88 -35.97
N LEU D 396 -9.59 -33.64 -36.19
CA LEU D 396 -10.62 -33.92 -35.18
C LEU D 396 -11.11 -35.36 -35.13
N ALA D 397 -10.87 -36.13 -36.19
CA ALA D 397 -11.40 -37.49 -36.30
C ALA D 397 -10.59 -38.44 -35.41
N THR D 398 -11.29 -39.11 -34.50
CA THR D 398 -10.66 -40.10 -33.62
C THR D 398 -11.38 -41.46 -33.73
N GLU D 399 -11.97 -41.71 -34.90
CA GLU D 399 -12.68 -42.95 -35.19
C GLU D 399 -11.60 -43.93 -35.65
N ALA D 400 -11.20 -44.87 -34.78
CA ALA D 400 -9.99 -45.68 -35.03
C ALA D 400 -9.89 -46.97 -34.21
N ALA D 401 -9.09 -47.92 -34.72
CA ALA D 401 -8.73 -49.13 -33.98
C ALA D 401 -7.31 -48.95 -33.42
N ASP D 402 -7.07 -49.47 -32.21
CA ASP D 402 -5.72 -49.45 -31.62
C ASP D 402 -4.75 -50.23 -32.51
N LEU D 403 -3.52 -49.75 -32.62
CA LEU D 403 -2.55 -50.32 -33.54
C LEU D 403 -1.27 -50.64 -32.80
N ALA D 404 -0.72 -51.82 -33.05
CA ALA D 404 0.53 -52.24 -32.42
C ALA D 404 1.67 -51.40 -32.98
N VAL D 405 2.53 -50.88 -32.11
CA VAL D 405 3.68 -50.09 -32.54
C VAL D 405 4.91 -50.37 -31.70
N THR D 406 6.07 -50.01 -32.25
CA THR D 406 7.33 -50.04 -31.53
C THR D 406 7.60 -48.63 -31.05
N ALA D 407 7.45 -48.43 -29.73
CA ALA D 407 7.63 -47.12 -29.10
C ALA D 407 9.08 -46.67 -29.22
N VAL D 408 9.99 -47.60 -28.91
CA VAL D 408 11.42 -47.32 -28.94
C VAL D 408 12.15 -48.47 -29.61
N LEU D 409 12.90 -48.13 -30.66
CA LEU D 409 13.84 -49.08 -31.28
C LEU D 409 15.28 -48.60 -31.06
N VAL D 410 16.07 -49.39 -30.33
CA VAL D 410 17.50 -49.12 -30.17
C VAL D 410 18.22 -50.06 -31.12
N ASP D 411 18.82 -49.53 -32.18
CA ASP D 411 19.63 -50.33 -33.10
C ASP D 411 20.89 -50.82 -32.39
N PRO D 412 21.48 -51.93 -32.85
CA PRO D 412 22.70 -52.43 -32.17
C PRO D 412 23.85 -51.43 -32.14
N GLY D 413 23.90 -50.51 -33.11
CA GLY D 413 24.91 -49.46 -33.15
C GLY D 413 24.76 -48.33 -32.13
N SER D 414 23.68 -48.37 -31.35
CA SER D 414 23.50 -47.45 -30.23
C SER D 414 23.39 -48.29 -28.97
N ALA D 415 24.14 -47.94 -27.94
CA ALA D 415 24.25 -48.76 -26.73
C ALA D 415 24.38 -47.89 -25.49
N ARG D 416 24.27 -48.51 -24.33
CA ARG D 416 24.35 -47.82 -23.02
C ARG D 416 23.36 -46.65 -22.91
N ASN D 417 22.15 -46.88 -23.40
CA ASN D 417 21.08 -45.91 -23.27
C ASN D 417 20.21 -46.32 -22.08
N THR D 418 19.37 -45.39 -21.64
CA THR D 418 18.44 -45.61 -20.55
C THR D 418 17.03 -45.28 -21.08
N ILE D 419 16.15 -46.28 -21.06
CA ILE D 419 14.81 -46.13 -21.61
C ILE D 419 13.82 -46.45 -20.49
N LEU D 420 13.03 -45.47 -20.06
CA LEU D 420 12.15 -45.61 -18.89
C LEU D 420 10.74 -45.15 -19.23
N ASP D 421 9.75 -45.94 -18.84
CA ASP D 421 8.36 -45.54 -18.94
C ASP D 421 8.03 -44.91 -20.30
N SER D 422 8.53 -45.54 -21.36
CA SER D 422 8.26 -45.10 -22.73
C SER D 422 7.68 -46.21 -23.58
N GLY D 423 7.13 -47.23 -22.94
CA GLY D 423 6.50 -48.35 -23.63
C GLY D 423 6.67 -49.64 -22.88
N SER D 424 5.83 -50.61 -23.21
CA SER D 424 5.90 -51.96 -22.65
C SER D 424 7.16 -52.66 -23.14
N ASP D 425 7.46 -53.83 -22.58
CA ASP D 425 8.61 -54.60 -23.06
C ASP D 425 8.56 -54.92 -24.55
N THR D 426 7.40 -55.29 -25.07
CA THR D 426 7.28 -55.62 -26.49
C THR D 426 7.39 -54.35 -27.36
N GLN D 427 6.98 -53.20 -26.80
CA GLN D 427 7.08 -51.93 -27.49
C GLN D 427 8.50 -51.34 -27.52
N VAL D 428 9.38 -51.79 -26.63
CA VAL D 428 10.77 -51.34 -26.59
C VAL D 428 11.63 -52.46 -27.14
N VAL D 429 12.16 -52.25 -28.33
CA VAL D 429 13.02 -53.23 -28.98
C VAL D 429 14.46 -52.77 -28.74
N ALA D 430 15.18 -53.53 -27.92
CA ALA D 430 16.52 -53.13 -27.47
C ALA D 430 17.21 -54.28 -26.77
N ASP D 431 18.53 -54.30 -26.85
CA ASP D 431 19.33 -55.29 -26.13
C ASP D 431 19.40 -54.91 -24.65
N ARG D 432 18.71 -55.68 -23.79
CA ARG D 432 18.68 -55.42 -22.34
C ARG D 432 20.04 -55.58 -21.65
N ALA D 433 20.98 -56.30 -22.27
CA ALA D 433 22.30 -56.54 -21.69
C ALA D 433 23.18 -55.29 -21.68
N VAL D 434 22.95 -54.39 -22.63
CA VAL D 434 23.78 -53.20 -22.83
C VAL D 434 22.99 -51.87 -22.84
N ASN D 435 21.75 -51.92 -22.38
CA ASN D 435 20.91 -50.73 -22.14
C ASN D 435 20.17 -50.95 -20.84
N ALA D 436 19.80 -49.86 -20.17
CA ALA D 436 18.99 -49.91 -18.96
C ALA D 436 17.54 -49.65 -19.39
N ILE D 437 16.71 -50.69 -19.34
CA ILE D 437 15.32 -50.60 -19.79
C ILE D 437 14.40 -50.79 -18.59
N ARG D 438 13.45 -49.87 -18.39
CA ARG D 438 12.32 -50.11 -17.51
C ARG D 438 11.04 -49.97 -18.31
N ALA D 439 10.33 -51.06 -18.48
CA ALA D 439 9.05 -51.04 -19.16
C ALA D 439 8.06 -50.20 -18.38
N THR D 440 7.17 -49.51 -19.09
CA THR D 440 6.03 -48.88 -18.44
C THR D 440 5.28 -49.98 -17.66
N PRO D 441 4.88 -49.71 -16.40
CA PRO D 441 4.10 -50.71 -15.68
C PRO D 441 2.84 -51.17 -16.44
N THR D 442 2.50 -52.44 -16.27
CA THR D 442 1.35 -53.05 -16.94
C THR D 442 0.10 -52.78 -16.12
N VAL D 443 -1.05 -52.90 -16.79
CA VAL D 443 -2.34 -52.85 -16.11
C VAL D 443 -2.39 -53.99 -15.09
N GLY D 444 -2.96 -53.71 -13.92
CA GLY D 444 -3.32 -54.75 -12.97
C GLY D 444 -2.32 -54.94 -11.85
N PHE D 445 -2.26 -56.16 -11.36
CA PHE D 445 -1.48 -56.52 -10.17
C PHE D 445 -0.16 -57.19 -10.56
N ASN E 4 -6.65 50.72 33.79
CA ASN E 4 -7.07 49.93 32.59
C ASN E 4 -6.31 48.58 32.35
N ASN E 5 -4.99 48.68 32.18
CA ASN E 5 -4.06 47.53 32.09
C ASN E 5 -4.17 46.70 30.80
N ARG E 6 -4.76 47.29 29.77
CA ARG E 6 -4.80 46.66 28.46
C ARG E 6 -4.03 47.54 27.48
N TYR E 7 -3.10 46.92 26.75
CA TYR E 7 -2.22 47.59 25.81
C TYR E 7 -2.32 46.90 24.46
N ASP E 8 -2.11 47.68 23.40
CA ASP E 8 -2.05 47.17 22.03
C ASP E 8 -0.78 47.75 21.44
N VAL E 9 0.10 46.87 20.94
CA VAL E 9 1.44 47.31 20.46
C VAL E 9 1.38 48.27 19.28
N THR E 10 0.26 48.29 18.55
CA THR E 10 0.01 49.24 17.44
C THR E 10 -0.61 50.57 17.89
N GLU E 11 -0.90 50.71 19.18
CA GLU E 11 -1.47 51.92 19.74
C GLU E 11 -0.59 52.38 20.92
N TRP E 12 0.72 52.48 20.69
CA TRP E 12 1.68 52.92 21.71
C TRP E 12 2.38 54.17 21.19
N PRO E 13 2.60 55.19 22.04
CA PRO E 13 3.19 56.43 21.52
C PRO E 13 4.62 56.32 21.00
N ALA E 14 5.44 55.43 21.57
CA ALA E 14 6.87 55.40 21.30
C ALA E 14 7.24 54.20 20.45
N GLY E 15 8.22 54.39 19.58
CA GLY E 15 8.77 53.30 18.79
C GLY E 15 7.90 52.85 17.64
N ASN E 16 8.23 51.68 17.13
CA ASN E 16 7.57 51.14 15.95
C ASN E 16 7.60 49.62 16.07
N PRO E 17 6.42 49.00 16.31
CA PRO E 17 6.42 47.56 16.47
C PRO E 17 6.83 46.78 15.22
N ALA E 18 6.65 47.38 14.03
CA ALA E 18 7.15 46.76 12.78
C ALA E 18 8.67 46.61 12.79
N LYS E 19 9.39 47.60 13.34
CA LYS E 19 10.85 47.63 13.30
C LYS E 19 11.49 47.02 14.55
N ASP E 20 10.93 47.29 15.73
CA ASP E 20 11.42 46.69 16.97
C ASP E 20 10.32 46.62 18.03
N ILE E 21 9.53 45.55 17.93
CA ILE E 21 8.47 45.29 18.91
C ILE E 21 9.00 45.00 20.31
N GLY E 22 10.24 44.54 20.40
CA GLY E 22 10.91 44.36 21.69
C GLY E 22 10.99 45.64 22.51
N GLU E 23 11.39 46.72 21.85
CA GLU E 23 11.46 48.03 22.48
C GLU E 23 10.06 48.47 22.93
N VAL E 24 9.07 48.27 22.06
CA VAL E 24 7.70 48.64 22.37
C VAL E 24 7.17 47.87 23.59
N ILE E 25 7.33 46.55 23.59
CA ILE E 25 6.84 45.74 24.71
C ILE E 25 7.59 46.07 26.01
N ASN E 26 8.90 46.27 25.93
CA ASN E 26 9.65 46.68 27.15
C ASN E 26 9.15 48.02 27.68
N SER E 27 8.83 48.95 26.79
CA SER E 27 8.32 50.26 27.20
C SER E 27 6.95 50.12 27.89
N ILE E 28 6.10 49.26 27.33
CA ILE E 28 4.82 48.91 27.96
C ILE E 28 5.04 48.32 29.37
N ILE E 29 5.98 47.38 29.50
CA ILE E 29 6.26 46.76 30.80
C ILE E 29 6.76 47.80 31.82
N ALA E 30 7.60 48.73 31.39
CA ALA E 30 8.02 49.83 32.29
C ALA E 30 6.83 50.66 32.78
N ASP E 31 5.86 50.91 31.89
CA ASP E 31 4.66 51.67 32.24
C ASP E 31 3.82 50.90 33.27
N ILE E 32 3.67 49.59 33.07
CA ILE E 32 2.94 48.76 34.03
C ILE E 32 3.61 48.87 35.40
N LYS E 33 4.93 48.70 35.43
CA LYS E 33 5.67 48.74 36.69
C LYS E 33 5.55 50.10 37.39
N ALA E 34 5.64 51.18 36.61
CA ALA E 34 5.50 52.54 37.13
C ALA E 34 4.15 52.78 37.80
N ARG E 35 3.10 52.26 37.17
CA ARG E 35 1.73 52.46 37.64
C ARG E 35 1.38 51.52 38.79
N GLN E 36 1.95 50.32 38.80
CA GLN E 36 1.65 49.30 39.80
C GLN E 36 2.83 49.13 40.76
N GLY E 37 3.15 50.20 41.49
CA GLY E 37 4.28 50.22 42.44
C GLY E 37 4.00 49.68 43.85
N ALA E 38 2.73 49.70 44.27
CA ALA E 38 2.32 49.30 45.64
C ALA E 38 1.65 47.91 45.67
N ALA E 39 1.93 47.12 46.71
CA ALA E 39 1.45 45.72 46.81
C ALA E 39 0.25 45.46 47.76
N ASP E 40 -0.36 46.50 48.34
CA ASP E 40 -1.51 46.30 49.25
C ASP E 40 -2.38 47.57 49.41
N VAL E 41 -2.87 48.08 48.28
CA VAL E 41 -3.91 49.12 48.26
C VAL E 41 -5.25 48.41 48.07
N ASP E 42 -6.14 48.48 49.07
CA ASP E 42 -7.43 47.77 49.07
C ASP E 42 -7.29 46.29 48.63
N ASP E 43 -6.38 45.57 49.29
CA ASP E 43 -6.15 44.12 49.04
C ASP E 43 -5.69 43.80 47.62
N GLY E 44 -4.86 44.65 47.04
CA GLY E 44 -4.35 44.41 45.69
C GLY E 44 -3.23 45.37 45.36
N GLY E 45 -3.11 45.73 44.08
CA GLY E 45 -2.15 46.74 43.65
C GLY E 45 -1.24 46.35 42.50
N LYS E 46 -0.95 45.05 42.37
CA LYS E 46 -0.12 44.57 41.24
C LYS E 46 -0.85 43.47 40.46
N PRO E 47 -2.00 43.81 39.86
CA PRO E 47 -2.76 42.78 39.10
C PRO E 47 -2.16 42.38 37.74
N GLY E 48 -1.15 43.11 37.27
CA GLY E 48 -0.52 42.82 35.99
C GLY E 48 -1.31 43.46 34.87
N ALA E 49 -1.24 42.87 33.68
CA ALA E 49 -1.76 43.52 32.48
C ALA E 49 -1.81 42.54 31.31
N VAL E 50 -2.41 43.01 30.22
CA VAL E 50 -2.46 42.28 28.95
C VAL E 50 -1.91 43.17 27.83
N ILE E 51 -1.06 42.58 27.00
CA ILE E 51 -0.49 43.24 25.84
C ILE E 51 -0.94 42.47 24.61
N TYR E 52 -1.64 43.16 23.70
CA TYR E 52 -2.24 42.56 22.52
C TYR E 52 -1.42 42.88 21.28
N LEU E 53 -1.19 41.86 20.45
CA LEU E 53 -0.55 41.97 19.16
C LEU E 53 -1.58 41.68 18.07
N PRO E 54 -2.04 42.70 17.34
CA PRO E 54 -2.92 42.41 16.21
C PRO E 54 -2.16 41.59 15.17
N PRO E 55 -2.87 40.95 14.22
CA PRO E 55 -2.10 40.30 13.16
C PRO E 55 -1.18 41.29 12.45
N GLY E 56 0.02 40.85 12.13
CA GLY E 56 1.01 41.72 11.51
C GLY E 56 2.41 41.15 11.60
N ASP E 57 3.32 41.77 10.86
CA ASP E 57 4.72 41.38 10.84
C ASP E 57 5.52 42.32 11.72
N TYR E 58 6.01 41.80 12.85
CA TYR E 58 6.74 42.62 13.83
C TYR E 58 8.16 42.13 14.05
N HIS E 59 9.15 42.92 13.62
CA HIS E 59 10.55 42.56 13.87
C HIS E 59 10.89 42.85 15.32
N LEU E 60 11.56 41.91 15.96
CA LEU E 60 12.04 42.09 17.33
C LEU E 60 13.56 42.18 17.28
N ARG E 61 14.10 43.32 17.68
CA ARG E 61 15.55 43.54 17.75
C ARG E 61 16.11 43.67 19.16
N THR E 62 15.23 43.79 20.16
CA THR E 62 15.61 43.89 21.55
C THR E 62 14.84 42.82 22.32
N GLN E 63 15.55 42.03 23.11
CA GLN E 63 14.92 41.04 23.98
C GLN E 63 13.88 41.70 24.89
N VAL E 64 12.73 41.04 25.02
CA VAL E 64 11.71 41.45 25.99
C VAL E 64 12.03 40.79 27.31
N LEU E 65 12.11 41.58 28.36
CA LEU E 65 12.29 41.04 29.70
C LEU E 65 10.98 41.13 30.46
N ILE E 66 10.43 39.97 30.83
CA ILE E 66 9.22 39.91 31.65
C ILE E 66 9.63 39.57 33.08
N ASP E 67 9.40 40.51 33.99
CA ASP E 67 9.77 40.35 35.40
C ASP E 67 8.65 40.74 36.36
N ILE E 68 7.41 40.58 35.90
CA ILE E 68 6.22 40.82 36.70
C ILE E 68 5.27 39.64 36.57
N SER E 69 4.56 39.37 37.65
CA SER E 69 3.51 38.33 37.65
C SER E 69 2.26 38.81 36.91
N PHE E 70 1.49 37.85 36.41
CA PHE E 70 0.18 38.13 35.83
C PHE E 70 0.24 38.96 34.55
N LEU E 71 1.33 38.87 33.79
CA LEU E 71 1.40 39.51 32.48
C LEU E 71 0.93 38.50 31.45
N ARG E 72 -0.02 38.90 30.62
CA ARG E 72 -0.48 38.13 29.48
C ARG E 72 -0.05 38.83 28.19
N ILE E 73 0.59 38.07 27.28
CA ILE E 73 0.90 38.56 25.94
C ILE E 73 0.10 37.69 25.01
N GLU E 74 -0.77 38.32 24.21
CA GLU E 74 -1.74 37.61 23.38
C GLU E 74 -1.79 38.17 21.96
N GLY E 75 -2.15 37.30 21.01
CA GLY E 75 -2.37 37.72 19.64
C GLY E 75 -3.62 37.12 19.06
N SER E 76 -3.69 37.19 17.73
CA SER E 76 -4.84 36.73 16.95
C SER E 76 -4.44 35.80 15.81
N GLY E 77 -3.41 34.98 16.02
CA GLY E 77 -3.05 33.98 15.03
C GLY E 77 -1.73 33.32 15.24
N HIS E 78 -1.76 31.98 15.29
CA HIS E 78 -0.53 31.19 15.43
C HIS E 78 0.35 31.24 14.18
N GLY E 79 -0.24 31.54 13.03
CA GLY E 79 0.50 31.97 11.84
C GLY E 79 1.47 31.00 11.16
N PHE E 80 1.36 29.71 11.43
CA PHE E 80 2.34 28.76 10.90
C PHE E 80 2.18 28.51 9.40
N THR E 81 3.31 28.52 8.69
CA THR E 81 3.41 27.91 7.37
C THR E 81 4.78 27.25 7.33
N SER E 82 4.94 26.25 6.47
CA SER E 82 6.20 25.51 6.39
C SER E 82 7.30 26.25 5.65
N SER E 83 8.07 27.02 6.41
CA SER E 83 9.28 27.62 5.89
C SER E 83 10.25 26.54 5.38
N SER E 84 10.26 25.36 6.02
CA SER E 84 11.10 24.25 5.59
C SER E 84 10.77 23.84 4.16
N ILE E 85 9.49 23.62 3.88
CA ILE E 85 9.08 23.31 2.51
C ILE E 85 9.48 24.46 1.57
N ARG E 86 9.16 25.69 1.93
CA ARG E 86 9.42 26.83 1.04
C ARG E 86 10.89 27.00 0.70
N PHE E 87 11.78 26.88 1.70
CA PHE E 87 13.22 27.07 1.45
C PHE E 87 13.84 25.93 0.63
N ASN E 88 13.13 24.80 0.49
CA ASN E 88 13.55 23.70 -0.40
C ASN E 88 12.83 23.68 -1.75
N VAL E 89 11.92 24.62 -1.96
CA VAL E 89 11.38 24.92 -3.28
C VAL E 89 12.45 25.70 -4.05
N PRO E 90 12.69 25.34 -5.33
CA PRO E 90 13.68 26.14 -6.08
C PRO E 90 13.36 27.65 -6.11
N GLU E 91 14.38 28.45 -5.85
CA GLU E 91 14.24 29.89 -5.66
C GLU E 91 13.56 30.60 -6.84
N GLU E 92 13.77 30.11 -8.06
CA GLU E 92 13.15 30.66 -9.27
C GLU E 92 11.62 30.55 -9.24
N GLU E 93 11.09 29.59 -8.48
CA GLU E 93 9.63 29.41 -8.35
C GLU E 93 8.99 30.21 -7.21
N TRP E 94 9.79 30.85 -6.36
CA TRP E 94 9.23 31.62 -5.25
C TRP E 94 8.22 32.73 -5.64
N PRO E 95 8.48 33.51 -6.72
CA PRO E 95 7.53 34.58 -7.05
C PRO E 95 6.10 34.11 -7.41
N ASP E 96 5.94 32.84 -7.77
CA ASP E 96 4.63 32.27 -8.09
C ASP E 96 3.91 31.69 -6.87
N LEU E 97 4.58 31.64 -5.72
CA LEU E 97 3.92 31.14 -4.50
C LEU E 97 2.97 32.21 -3.94
N HIS E 98 1.84 31.79 -3.38
CA HIS E 98 0.84 32.72 -2.84
C HIS E 98 1.39 33.55 -1.70
N GLU E 99 2.19 32.92 -0.84
CA GLU E 99 2.95 33.62 0.19
C GLU E 99 4.24 32.86 0.46
N LEU E 100 5.16 33.51 1.15
CA LEU E 100 6.49 32.95 1.44
C LEU E 100 6.79 32.81 2.91
N TRP E 101 6.11 33.54 3.77
CA TRP E 101 6.48 33.63 5.17
C TRP E 101 5.32 33.27 6.08
N PRO E 102 5.62 32.85 7.31
CA PRO E 102 4.58 32.77 8.34
C PRO E 102 3.86 34.11 8.55
N GLY E 103 2.73 34.09 9.24
CA GLY E 103 1.93 35.27 9.49
C GLY E 103 1.32 35.25 10.87
N GLY E 104 0.04 35.61 10.95
CA GLY E 104 -0.64 35.76 12.24
C GLY E 104 -0.11 36.96 12.99
N SER E 105 -0.10 36.88 14.31
CA SER E 105 0.49 37.93 15.14
C SER E 105 1.96 37.56 15.29
N ARG E 106 2.78 38.02 14.36
CA ARG E 106 4.11 37.45 14.12
C ARG E 106 5.26 38.28 14.67
N VAL E 107 5.99 37.67 15.58
CA VAL E 107 7.23 38.23 16.13
C VAL E 107 8.39 37.57 15.41
N ILE E 108 9.12 38.38 14.64
CA ILE E 108 10.27 37.92 13.86
C ILE E 108 11.50 38.15 14.75
N VAL E 109 12.20 37.08 15.09
CA VAL E 109 13.31 37.18 16.04
C VAL E 109 14.61 37.57 15.31
N ASP E 110 14.95 38.86 15.38
CA ASP E 110 16.16 39.40 14.77
C ASP E 110 17.17 39.72 15.87
N LEU E 111 17.50 38.70 16.65
CA LEU E 111 18.54 38.77 17.67
C LEU E 111 19.73 37.94 17.21
N PRO E 112 20.95 38.35 17.60
CA PRO E 112 22.12 37.47 17.40
C PRO E 112 22.10 36.24 18.31
N ALA E 113 22.89 35.22 17.98
CA ALA E 113 22.98 33.99 18.76
C ALA E 113 23.51 34.25 20.18
N ASP E 118 25.32 31.61 27.25
CA ASP E 118 23.92 31.89 27.56
C ASP E 118 23.03 31.96 26.31
N SER E 119 22.43 30.82 25.98
CA SER E 119 21.37 30.79 24.96
C SER E 119 20.19 31.68 25.35
N ALA E 120 20.00 31.95 26.65
CA ALA E 120 18.98 32.90 27.10
C ALA E 120 19.09 34.28 26.40
N ALA E 121 20.31 34.71 26.07
CA ALA E 121 20.50 36.00 25.38
C ALA E 121 19.88 36.04 23.97
N GLY E 122 19.70 34.87 23.35
CA GLY E 122 19.04 34.77 22.05
C GLY E 122 17.53 34.57 22.09
N ALA E 123 16.92 34.67 23.27
CA ALA E 123 15.48 34.53 23.42
C ALA E 123 14.74 35.83 23.13
N ALA E 124 13.69 35.73 22.33
CA ALA E 124 12.81 36.85 22.07
C ALA E 124 12.15 37.36 23.37
N PHE E 125 11.67 36.43 24.18
CA PHE E 125 11.06 36.72 25.49
C PHE E 125 11.81 35.97 26.57
N LEU E 126 12.38 36.72 27.50
CA LEU E 126 13.03 36.18 28.70
C LEU E 126 12.16 36.50 29.89
N VAL E 127 11.77 35.46 30.65
CA VAL E 127 11.04 35.63 31.89
C VAL E 127 12.02 35.34 33.01
N ALA E 128 12.31 36.34 33.82
CA ALA E 128 13.26 36.21 34.90
C ALA E 128 12.92 37.16 36.06
N ARG E 129 12.94 36.61 37.26
CA ARG E 129 12.81 37.39 38.49
C ARG E 129 13.22 36.48 39.63
N GLU E 130 14.10 36.95 40.50
CA GLU E 130 14.54 36.20 41.66
C GLU E 130 13.86 36.78 42.91
N GLY E 131 14.17 36.24 44.08
CA GLY E 131 13.48 36.62 45.32
C GLY E 131 12.13 35.92 45.40
N SER E 132 11.25 36.43 46.26
CA SER E 132 9.98 35.76 46.58
C SER E 132 8.80 36.71 46.45
N PRO E 133 7.60 36.21 46.14
CA PRO E 133 7.37 34.82 45.75
C PRO E 133 7.84 34.55 44.32
N ARG E 134 7.69 33.31 43.88
CA ARG E 134 8.00 32.96 42.49
C ARG E 134 7.09 33.76 41.58
N ILE E 135 7.65 34.22 40.47
CA ILE E 135 6.87 34.87 39.44
C ILE E 135 5.78 33.88 39.00
N SER E 136 4.55 34.36 38.88
CA SER E 136 3.40 33.48 38.71
C SER E 136 2.44 33.96 37.65
N SER E 137 1.81 32.99 36.98
CA SER E 137 0.63 33.21 36.14
C SER E 137 0.85 34.18 34.97
N VAL E 138 2.05 34.12 34.41
CA VAL E 138 2.33 34.71 33.12
C VAL E 138 1.68 33.82 32.06
N GLU E 139 1.09 34.44 31.05
CA GLU E 139 0.36 33.74 29.98
C GLU E 139 0.85 34.21 28.63
N PHE E 140 1.14 33.27 27.74
CA PHE E 140 1.45 33.55 26.33
C PHE E 140 0.38 32.85 25.50
N SER E 141 -0.32 33.60 24.66
CA SER E 141 -1.47 33.07 23.93
C SER E 141 -1.58 33.50 22.47
N ASN E 142 -1.68 32.49 21.60
CA ASN E 142 -2.16 32.70 20.21
C ASN E 142 -1.40 33.73 19.41
N PHE E 143 -0.09 33.71 19.50
CA PHE E 143 0.72 34.47 18.57
C PHE E 143 1.84 33.61 18.01
N CYS E 144 2.59 34.20 17.09
CA CYS E 144 3.59 33.49 16.28
C CYS E 144 4.97 34.02 16.61
N ILE E 145 5.93 33.12 16.87
CA ILE E 145 7.33 33.50 17.01
C ILE E 145 8.14 32.74 15.93
N ASP E 146 8.85 33.51 15.12
CA ASP E 146 9.45 33.04 13.86
C ASP E 146 10.92 33.45 13.89
N GLY E 147 11.82 32.46 13.85
CA GLY E 147 13.26 32.73 13.82
C GLY E 147 13.79 32.93 12.42
N LEU E 148 12.88 32.96 11.44
CA LEU E 148 13.12 33.40 10.07
C LEU E 148 13.97 32.48 9.20
N HIS E 149 15.23 32.27 9.61
CA HIS E 149 16.20 31.46 8.86
C HIS E 149 16.99 30.53 9.76
N PHE E 150 17.37 29.38 9.21
CA PHE E 150 18.46 28.59 9.76
C PHE E 150 19.73 28.92 8.97
N THR E 151 20.88 28.71 9.60
CA THR E 151 22.17 29.14 9.02
C THR E 151 23.20 28.02 9.01
N ALA E 152 24.24 28.24 8.21
CA ALA E 152 25.30 27.26 8.01
C ALA E 152 25.95 26.88 9.33
N ASP E 153 26.14 25.58 9.57
CA ASP E 153 26.77 25.12 10.82
C ASP E 153 27.89 24.08 10.66
N GLY E 154 28.24 23.75 9.42
CA GLY E 154 29.30 22.77 9.19
C GLY E 154 28.92 21.34 9.49
N SER E 155 27.63 21.01 9.40
CA SER E 155 27.21 19.62 9.28
C SER E 155 26.86 19.31 7.82
N GLY E 156 27.09 20.26 6.92
CA GLY E 156 27.00 20.00 5.48
C GLY E 156 25.59 19.87 4.91
N ARG E 157 24.56 20.10 5.73
CA ARG E 157 23.20 20.27 5.22
C ARG E 157 23.14 21.66 4.62
N HIS E 158 22.18 21.89 3.74
CA HIS E 158 21.90 23.23 3.23
C HIS E 158 21.61 24.14 4.44
N PRO E 159 22.04 25.42 4.43
CA PRO E 159 21.84 26.30 5.58
C PRO E 159 20.42 26.30 6.18
N GLU E 160 19.39 26.35 5.33
CA GLU E 160 18.00 26.40 5.81
C GLU E 160 17.50 25.07 6.42
N ASN E 161 18.29 24.01 6.28
CA ASN E 161 17.97 22.69 6.83
C ASN E 161 18.81 22.31 8.05
N THR E 162 19.59 23.24 8.60
CA THR E 162 20.46 22.87 9.74
C THR E 162 19.77 22.86 11.09
N TYR E 163 18.65 23.59 11.20
CA TYR E 163 17.98 23.79 12.49
C TYR E 163 18.83 24.58 13.48
N ALA E 164 19.79 25.36 12.96
CA ALA E 164 20.70 26.16 13.78
C ALA E 164 20.61 27.66 13.52
N ASN E 165 20.24 28.40 14.56
CA ASN E 165 20.39 29.86 14.57
C ASN E 165 20.59 30.56 15.92
N GLY E 166 20.73 29.81 17.02
CA GLY E 166 20.92 30.40 18.35
C GLY E 166 19.75 31.21 18.90
N LYS E 167 18.57 31.08 18.27
CA LYS E 167 17.40 31.85 18.69
C LYS E 167 16.44 30.99 19.49
N THR E 168 15.87 31.60 20.54
CA THR E 168 14.82 31.00 21.34
C THR E 168 13.55 31.85 21.24
N GLY E 169 12.40 31.20 21.29
CA GLY E 169 11.11 31.91 21.30
C GLY E 169 10.87 32.49 22.68
N ILE E 170 10.66 31.60 23.64
CA ILE E 170 10.36 31.97 25.03
C ILE E 170 11.29 31.17 25.94
N HIS E 171 12.01 31.88 26.80
CA HIS E 171 12.93 31.29 27.76
C HIS E 171 12.57 31.76 29.16
N VAL E 172 12.22 30.83 30.04
CA VAL E 172 11.88 31.18 31.41
C VAL E 172 13.04 30.71 32.29
N ALA E 173 13.75 31.66 32.87
CA ALA E 173 14.97 31.34 33.63
C ALA E 173 14.72 31.03 35.10
N SER E 174 13.66 31.60 35.66
CA SER E 174 13.43 31.58 37.10
C SER E 174 12.33 30.64 37.49
N ALA E 175 12.36 30.21 38.75
CA ALA E 175 11.30 29.39 39.33
C ALA E 175 9.96 30.09 39.13
N ASN E 176 8.97 29.34 38.66
CA ASN E 176 7.71 29.91 38.21
C ASN E 176 6.56 29.01 38.63
N ASP E 177 5.39 29.60 38.80
CA ASP E 177 4.20 28.88 39.25
C ASP E 177 3.01 29.25 38.37
N SER E 178 2.25 28.24 37.95
CA SER E 178 0.97 28.49 37.26
C SER E 178 1.10 29.25 35.93
N PHE E 179 2.22 29.08 35.23
CA PHE E 179 2.41 29.67 33.90
C PHE E 179 1.56 28.93 32.87
N ARG E 180 1.23 29.63 31.79
CA ARG E 180 0.50 29.04 30.66
C ARG E 180 1.12 29.47 29.33
N VAL E 181 1.28 28.50 28.44
CA VAL E 181 1.61 28.77 27.04
C VAL E 181 0.56 28.02 26.23
N THR E 182 -0.28 28.77 25.52
CA THR E 182 -1.43 28.20 24.83
C THR E 182 -1.61 28.77 23.44
N ASP E 183 -2.06 27.94 22.51
CA ASP E 183 -2.45 28.37 21.18
C ASP E 183 -1.34 29.06 20.36
N MET E 184 -0.08 28.87 20.76
CA MET E 184 1.04 29.52 20.10
C MET E 184 1.40 28.83 18.78
N GLY E 185 2.11 29.58 17.96
CA GLY E 185 2.84 29.05 16.80
C GLY E 185 4.30 29.39 17.00
N PHE E 186 5.17 28.38 16.95
CA PHE E 186 6.62 28.59 16.93
C PHE E 186 7.16 27.97 15.65
N VAL E 187 8.08 28.66 14.99
CA VAL E 187 8.64 28.20 13.71
C VAL E 187 10.06 28.75 13.48
N TYR E 188 10.94 27.86 13.03
CA TYR E 188 12.30 28.22 12.60
C TYR E 188 13.14 28.85 13.72
N LEU E 189 12.96 28.31 14.92
CA LEU E 189 13.77 28.68 16.09
C LEU E 189 14.65 27.49 16.46
N GLU E 190 15.91 27.74 16.84
CA GLU E 190 16.73 26.65 17.37
C GLU E 190 16.11 26.04 18.62
N ASN E 191 15.53 26.88 19.49
CA ASN E 191 14.74 26.42 20.65
C ASN E 191 13.42 27.18 20.71
N ALA E 192 12.28 26.49 20.65
CA ALA E 192 11.00 27.19 20.72
C ALA E 192 10.72 27.70 22.14
N LEU E 193 10.73 26.78 23.10
CA LEU E 193 10.19 27.04 24.43
C LEU E 193 11.03 26.31 25.48
N THR E 194 11.73 27.08 26.30
CA THR E 194 12.57 26.52 27.34
C THR E 194 12.14 27.11 28.69
N ILE E 195 11.68 26.26 29.60
CA ILE E 195 11.19 26.71 30.89
C ILE E 195 11.95 25.99 32.00
N HIS E 196 12.69 26.75 32.81
CA HIS E 196 13.36 26.20 33.98
C HIS E 196 12.47 26.26 35.22
N LYS E 197 12.61 25.27 36.10
CA LYS E 197 12.07 25.33 37.47
C LYS E 197 10.56 25.61 37.52
N ALA E 198 9.82 24.90 36.67
CA ALA E 198 8.37 25.07 36.54
C ALA E 198 7.56 24.29 37.57
N ASP E 199 6.55 24.96 38.14
CA ASP E 199 5.57 24.34 39.03
C ASP E 199 4.17 24.61 38.45
N ALA E 200 3.37 23.56 38.32
CA ALA E 200 1.99 23.70 37.85
C ALA E 200 1.84 24.52 36.56
N LEU E 201 2.77 24.27 35.65
CA LEU E 201 2.79 24.85 34.31
C LEU E 201 1.82 24.09 33.40
N SER E 202 1.16 24.81 32.49
CA SER E 202 0.41 24.18 31.41
C SER E 202 0.90 24.67 30.04
N ILE E 203 1.39 23.74 29.22
CA ILE E 203 1.71 23.99 27.80
C ILE E 203 0.65 23.24 27.01
N HIS E 204 -0.31 23.98 26.47
CA HIS E 204 -1.53 23.40 25.96
C HIS E 204 -1.94 23.93 24.59
N HIS E 205 -2.20 23.02 23.65
CA HIS E 205 -2.79 23.37 22.36
C HIS E 205 -1.94 24.34 21.53
N ASN E 206 -0.63 24.13 21.54
CA ASN E 206 0.27 24.91 20.72
C ASN E 206 0.63 24.15 19.46
N PHE E 207 1.24 24.89 18.52
CA PHE E 207 1.78 24.35 17.28
C PHE E 207 3.26 24.72 17.29
N ILE E 208 4.13 23.73 17.51
CA ILE E 208 5.55 23.97 17.77
C ILE E 208 6.34 23.12 16.79
N ALA E 209 6.76 23.71 15.67
CA ALA E 209 7.28 22.90 14.57
C ALA E 209 8.39 23.57 13.77
N GLU E 210 9.22 22.73 13.16
CA GLU E 210 10.38 23.19 12.41
C GLU E 210 11.28 24.05 13.30
N CYS E 211 11.43 23.59 14.54
CA CYS E 211 12.35 24.16 15.51
C CYS E 211 13.37 23.09 15.89
N GLY E 212 14.59 23.51 16.21
CA GLY E 212 15.66 22.57 16.53
C GLY E 212 15.25 21.67 17.68
N SER E 213 14.85 22.33 18.77
CA SER E 213 14.15 21.69 19.87
C SER E 213 12.86 22.47 20.11
N CYS E 214 11.82 21.76 20.51
CA CYS E 214 10.54 22.38 20.75
C CYS E 214 10.39 22.72 22.23
N ILE E 215 9.98 21.76 23.05
CA ILE E 215 9.71 22.00 24.48
C ILE E 215 10.82 21.40 25.35
N GLU E 216 11.49 22.22 26.14
CA GLU E 216 12.45 21.74 27.13
C GLU E 216 12.09 22.29 28.51
N LEU E 217 11.82 21.37 29.45
CA LEU E 217 11.61 21.71 30.85
C LEU E 217 12.88 21.37 31.61
N ARG E 218 13.61 22.40 32.04
CA ARG E 218 14.95 22.22 32.62
C ARG E 218 15.02 22.52 34.11
N GLY E 219 16.13 22.07 34.71
CA GLY E 219 16.44 22.30 36.12
C GLY E 219 15.72 21.27 36.95
N TRP E 220 14.47 21.58 37.27
CA TRP E 220 13.54 20.71 37.95
C TRP E 220 12.13 21.20 37.75
N GLY E 221 11.17 20.45 38.25
CA GLY E 221 9.80 20.92 38.25
C GLY E 221 8.81 19.96 38.87
N GLN E 222 7.58 20.42 39.00
CA GLN E 222 6.53 19.58 39.52
C GLN E 222 5.15 19.92 39.00
N ALA E 223 4.28 18.92 39.06
CA ALA E 223 2.84 19.10 38.90
C ALA E 223 2.46 19.82 37.61
N SER E 224 3.20 19.58 36.54
CA SER E 224 2.97 20.31 35.27
C SER E 224 2.33 19.42 34.22
N LYS E 225 1.92 20.03 33.11
CA LYS E 225 1.31 19.27 32.02
C LYS E 225 1.57 19.87 30.64
N ILE E 226 1.72 18.94 29.69
CA ILE E 226 2.00 19.22 28.30
C ILE E 226 0.92 18.46 27.55
N THR E 227 -0.06 19.19 27.06
CA THR E 227 -1.27 18.59 26.50
C THR E 227 -1.73 19.18 25.19
N ASP E 228 -2.20 18.30 24.31
CA ASP E 228 -2.91 18.72 23.10
C ASP E 228 -2.04 19.58 22.16
N ASN E 229 -0.73 19.34 22.14
CA ASN E 229 0.18 20.07 21.24
C ASN E 229 0.48 19.29 19.96
N LEU E 230 0.73 20.05 18.90
CA LEU E 230 1.34 19.54 17.68
C LEU E 230 2.80 19.96 17.71
N VAL E 231 3.71 18.98 17.58
CA VAL E 231 5.14 19.16 17.86
C VAL E 231 6.01 18.45 16.83
N GLY E 232 6.98 19.15 16.28
CA GLY E 232 7.94 18.56 15.33
C GLY E 232 9.26 19.31 15.43
N ALA E 233 10.31 18.58 15.81
CA ALA E 233 11.62 19.16 16.07
C ALA E 233 12.64 18.81 14.97
N GLY E 234 13.93 18.99 15.27
CA GLY E 234 15.01 18.69 14.34
C GLY E 234 15.89 17.58 14.86
N PRO E 235 16.71 16.98 13.98
CA PRO E 235 17.36 15.69 14.29
C PRO E 235 18.43 15.67 15.37
N ARG E 236 18.86 16.84 15.85
CA ARG E 236 19.77 16.94 16.98
C ARG E 236 19.07 17.43 18.24
N GLY E 237 17.75 17.66 18.17
CA GLY E 237 17.05 18.31 19.28
C GLY E 237 15.91 17.50 19.85
N HIS E 238 15.25 18.09 20.82
CA HIS E 238 14.18 17.44 21.56
C HIS E 238 12.83 17.91 21.05
N SER E 239 11.86 16.99 21.02
CA SER E 239 10.47 17.36 20.82
C SER E 239 9.88 17.80 22.16
N ILE E 240 9.81 16.87 23.11
CA ILE E 240 9.43 17.16 24.49
C ILE E 240 10.56 16.63 25.35
N TYR E 241 11.17 17.50 26.15
CA TYR E 241 12.24 17.11 27.08
C TYR E 241 11.92 17.61 28.46
N ALA E 242 12.21 16.78 29.47
CA ALA E 242 12.08 17.21 30.85
C ALA E 242 13.17 16.58 31.69
N GLU E 243 13.66 17.33 32.69
CA GLU E 243 14.63 16.79 33.63
C GLU E 243 14.22 17.14 35.06
N ASN E 244 14.40 16.17 35.95
CA ASN E 244 14.09 16.34 37.37
C ASN E 244 12.70 16.91 37.63
N HIS E 245 11.73 16.42 36.88
CA HIS E 245 10.34 16.73 37.11
C HIS E 245 9.66 15.59 37.85
N GLY E 246 8.81 15.92 38.80
CA GLY E 246 7.89 14.97 39.43
C GLY E 246 6.45 15.30 39.06
N GLY E 247 5.64 14.27 38.83
CA GLY E 247 4.20 14.48 38.56
C GLY E 247 3.87 15.26 37.30
N LEU E 248 4.67 15.06 36.26
CA LEU E 248 4.42 15.65 34.94
C LEU E 248 3.41 14.77 34.20
N LEU E 249 2.48 15.41 33.48
CA LEU E 249 1.51 14.72 32.65
C LEU E 249 1.72 15.16 31.20
N VAL E 250 2.10 14.21 30.34
CA VAL E 250 2.29 14.45 28.91
C VAL E 250 1.24 13.60 28.19
N THR E 251 0.22 14.25 27.66
CA THR E 251 -0.90 13.52 27.07
C THR E 251 -1.57 14.28 25.94
N ALA E 252 -2.15 13.50 25.02
CA ALA E 252 -2.92 14.02 23.89
C ALA E 252 -2.12 14.90 22.92
N ASN E 253 -0.81 14.68 22.85
CA ASN E 253 0.04 15.38 21.89
C ASN E 253 0.17 14.54 20.64
N ASN E 254 0.26 15.23 19.51
CA ASN E 254 0.63 14.63 18.24
C ASN E 254 2.03 15.12 17.89
N VAL E 255 3.00 14.24 18.12
CA VAL E 255 4.40 14.52 17.89
C VAL E 255 4.80 13.84 16.59
N PHE E 256 5.22 14.67 15.64
CA PHE E 256 5.64 14.20 14.33
C PHE E 256 7.15 14.46 14.18
N PRO E 257 7.77 13.97 13.10
CA PRO E 257 9.23 14.13 12.96
C PRO E 257 9.65 15.61 12.87
N ARG E 258 10.93 15.94 13.04
CA ARG E 258 12.04 14.99 13.00
C ARG E 258 13.04 15.25 14.12
N GLY E 259 12.52 15.36 15.34
CA GLY E 259 13.35 15.41 16.53
C GLY E 259 14.26 14.20 16.68
N ALA E 260 15.33 14.35 17.46
CA ALA E 260 16.16 13.20 17.86
C ALA E 260 15.33 12.17 18.60
N SER E 261 14.37 12.67 19.38
CA SER E 261 13.41 11.89 20.12
C SER E 261 12.08 12.61 20.14
N SER E 262 11.04 11.86 20.55
CA SER E 262 9.70 12.36 20.76
C SER E 262 9.51 12.85 22.19
N VAL E 263 9.92 12.02 23.16
CA VAL E 263 9.87 12.35 24.59
C VAL E 263 11.18 11.89 25.20
N HIS E 264 11.85 12.78 25.93
CA HIS E 264 13.15 12.48 26.53
C HIS E 264 13.14 12.96 27.98
N PHE E 265 13.26 12.02 28.92
CA PHE E 265 13.25 12.29 30.36
C PHE E 265 14.62 11.98 30.95
N LYS E 266 15.15 12.90 31.75
CA LYS E 266 16.33 12.66 32.60
C LYS E 266 15.95 12.92 34.05
N GLY E 267 16.05 11.90 34.90
CA GLY E 267 15.67 12.01 36.31
C GLY E 267 14.22 12.41 36.58
N VAL E 268 13.30 12.00 35.69
CA VAL E 268 11.89 12.31 35.84
C VAL E 268 11.24 11.16 36.59
N THR E 269 10.44 11.50 37.60
CA THR E 269 9.80 10.50 38.43
C THR E 269 8.29 10.70 38.51
N ARG E 270 7.58 9.61 38.77
CA ARG E 270 6.16 9.69 39.15
C ARG E 270 5.33 10.53 38.16
N SER E 271 5.59 10.31 36.88
CA SER E 271 4.98 11.10 35.81
C SER E 271 4.30 10.16 34.84
N SER E 272 3.56 10.74 33.90
CA SER E 272 2.77 9.97 32.95
C SER E 272 2.96 10.48 31.54
N VAL E 273 3.34 9.58 30.64
CA VAL E 273 3.42 9.84 29.20
C VAL E 273 2.40 8.91 28.60
N THR E 274 1.19 9.39 28.40
CA THR E 274 0.13 8.50 27.94
C THR E 274 -0.80 9.13 26.93
N ASN E 275 -1.30 8.28 26.05
CA ASN E 275 -2.23 8.69 25.03
C ASN E 275 -1.67 9.80 24.14
N ASN E 276 -0.43 9.61 23.67
CA ASN E 276 0.15 10.47 22.64
C ASN E 276 0.28 9.69 21.34
N ARG E 277 0.23 10.41 20.23
CA ARG E 277 0.58 9.84 18.94
C ARG E 277 2.00 10.34 18.66
N LEU E 278 2.92 9.40 18.48
CA LEU E 278 4.36 9.68 18.33
C LEU E 278 4.86 9.09 17.03
N HIS E 279 5.44 9.94 16.18
CA HIS E 279 5.98 9.52 14.88
C HIS E 279 7.40 10.03 14.71
N ALA E 280 8.34 9.10 14.52
CA ALA E 280 9.76 9.41 14.34
C ALA E 280 10.31 8.75 13.10
N PHE E 281 11.37 9.35 12.55
CA PHE E 281 12.16 8.76 11.48
C PHE E 281 13.42 8.04 11.97
N TYR E 282 13.60 7.99 13.29
CA TYR E 282 14.81 7.46 13.91
C TYR E 282 14.47 6.65 15.15
N PRO E 283 15.38 5.75 15.56
CA PRO E 283 15.25 5.09 16.86
C PRO E 283 15.39 6.08 18.03
N GLY E 284 15.07 5.62 19.23
CA GLY E 284 15.17 6.43 20.44
C GLY E 284 14.06 7.44 20.58
N MET E 285 12.83 7.00 20.33
CA MET E 285 11.66 7.88 20.34
C MET E 285 11.30 8.34 21.74
N VAL E 286 11.28 7.42 22.69
CA VAL E 286 10.97 7.75 24.06
C VAL E 286 12.09 7.23 24.94
N ARG E 287 12.76 8.17 25.59
CA ARG E 287 13.95 7.86 26.41
C ARG E 287 13.69 8.21 27.86
N LEU E 288 13.76 7.21 28.73
CA LEU E 288 13.71 7.42 30.18
C LEU E 288 15.11 7.14 30.70
N GLU E 289 15.79 8.19 31.12
CA GLU E 289 17.23 8.11 31.44
C GLU E 289 17.53 8.61 32.83
N GLU E 290 18.71 8.25 33.31
CA GLU E 290 19.24 8.73 34.56
C GLU E 290 18.24 8.63 35.71
N ASN E 291 17.90 7.39 36.03
CA ASN E 291 17.00 7.07 37.14
C ASN E 291 15.62 7.71 36.94
N SER E 292 15.05 7.55 35.75
CA SER E 292 13.66 7.96 35.52
C SER E 292 12.77 6.83 35.99
N SER E 293 12.06 7.04 37.10
CA SER E 293 11.40 5.97 37.86
C SER E 293 9.93 6.23 38.17
N GLU E 294 9.20 5.15 38.35
CA GLU E 294 7.78 5.19 38.74
C GLU E 294 6.90 5.99 37.75
N ASN E 295 7.24 5.89 36.47
CA ASN E 295 6.48 6.59 35.43
C ASN E 295 5.53 5.63 34.74
N LEU E 296 4.39 6.15 34.30
CA LEU E 296 3.45 5.43 33.44
C LEU E 296 3.68 5.86 31.99
N VAL E 297 3.90 4.86 31.12
CA VAL E 297 3.99 5.07 29.69
C VAL E 297 2.90 4.16 29.09
N ALA E 298 1.74 4.76 28.78
CA ALA E 298 0.56 3.95 28.46
C ALA E 298 -0.18 4.43 27.23
N THR E 299 -0.76 3.47 26.51
CA THR E 299 -1.66 3.73 25.38
C THR E 299 -1.19 4.83 24.44
N ASN E 300 0.11 4.85 24.18
CA ASN E 300 0.68 5.69 23.13
C ASN E 300 0.73 4.90 21.83
N HIS E 301 0.62 5.63 20.73
CA HIS E 301 0.84 5.06 19.41
C HIS E 301 2.21 5.48 18.94
N PHE E 302 3.12 4.52 18.81
CA PHE E 302 4.48 4.76 18.29
C PHE E 302 4.53 4.29 16.83
N LEU E 303 5.03 5.14 15.94
CA LEU E 303 5.42 4.75 14.58
C LEU E 303 6.85 5.18 14.34
N ARG E 304 7.71 4.23 13.94
CA ARG E 304 9.07 4.53 13.50
C ARG E 304 9.17 4.05 12.07
N ASP E 305 9.47 4.96 11.15
CA ASP E 305 9.66 4.59 9.75
C ASP E 305 10.81 5.42 9.18
N HIS E 306 10.98 5.44 7.86
CA HIS E 306 12.09 6.17 7.23
C HIS E 306 11.61 7.51 6.68
N GLU E 307 12.47 8.52 6.80
CA GLU E 307 12.24 9.82 6.17
C GLU E 307 11.88 9.63 4.69
N PRO E 308 10.73 10.18 4.24
CA PRO E 308 10.34 10.02 2.82
C PRO E 308 10.62 11.24 1.94
N TRP E 309 11.14 12.32 2.53
CA TRP E 309 11.35 13.57 1.81
C TRP E 309 12.85 13.76 1.51
N THR E 310 13.15 13.83 0.21
CA THR E 310 14.53 13.74 -0.30
C THR E 310 15.55 14.67 0.40
N PRO E 311 15.20 15.96 0.62
CA PRO E 311 16.16 16.87 1.28
C PRO E 311 16.72 16.41 2.64
N PHE E 312 16.00 15.56 3.38
CA PHE E 312 16.46 15.00 4.65
C PHE E 312 16.69 13.48 4.64
N PHE E 313 16.65 12.88 3.45
CA PHE E 313 16.60 11.42 3.37
C PHE E 313 17.75 10.72 4.09
N GLY E 314 18.95 11.29 3.95
CA GLY E 314 20.15 10.71 4.59
C GLY E 314 20.53 11.29 5.95
N VAL E 315 19.67 12.13 6.53
CA VAL E 315 19.94 12.76 7.82
C VAL E 315 19.37 11.89 8.91
N ASP E 316 20.10 11.72 10.02
CA ASP E 316 19.59 10.95 11.15
C ASP E 316 20.08 11.46 12.50
N ASN E 317 19.66 10.79 13.59
CA ASN E 317 20.04 11.19 14.95
C ASN E 317 21.24 10.43 15.52
N GLY E 318 21.98 9.72 14.66
CA GLY E 318 23.16 8.97 15.09
C GLY E 318 22.93 7.67 15.86
N LEU E 319 21.68 7.26 16.06
CA LEU E 319 21.38 6.07 16.86
C LEU E 319 20.96 4.89 15.99
N ASP E 320 21.49 3.71 16.31
CA ASP E 320 21.24 2.53 15.50
C ASP E 320 19.96 1.83 15.95
N ASP E 321 19.58 0.77 15.23
CA ASP E 321 18.29 0.11 15.49
C ASP E 321 18.26 -0.82 16.72
N LEU E 322 19.41 -1.00 17.39
CA LEU E 322 19.44 -1.69 18.67
C LEU E 322 19.04 -0.81 19.84
N THR E 323 18.89 0.50 19.60
CA THR E 323 18.57 1.46 20.65
C THR E 323 17.24 1.17 21.33
N GLY E 324 16.25 0.78 20.52
CA GLY E 324 14.87 0.72 20.98
C GLY E 324 14.09 1.95 20.55
N LEU E 325 12.80 1.76 20.31
CA LEU E 325 11.87 2.86 20.18
C LEU E 325 11.59 3.48 21.55
N LEU E 326 11.47 2.62 22.56
CA LEU E 326 11.34 3.02 23.95
C LEU E 326 12.47 2.43 24.75
N SER E 327 13.26 3.29 25.39
CA SER E 327 14.41 2.84 26.18
C SER E 327 14.26 3.34 27.60
N ILE E 328 14.44 2.44 28.57
CA ILE E 328 14.23 2.73 29.99
C ILE E 328 15.48 2.42 30.82
N SER E 329 15.95 3.45 31.53
CA SER E 329 16.98 3.34 32.57
C SER E 329 16.39 3.94 33.85
N GLY E 330 15.86 3.08 34.71
CA GLY E 330 15.22 3.48 35.96
C GLY E 330 14.34 2.39 36.54
N ASN E 331 13.74 2.65 37.70
CA ASN E 331 13.05 1.62 38.47
C ASN E 331 11.53 1.79 38.44
N ASN E 332 10.81 0.67 38.49
CA ASN E 332 9.41 0.64 38.87
C ASN E 332 8.49 1.40 37.92
N ASN E 333 8.86 1.47 36.63
CA ASN E 333 8.00 2.13 35.64
C ASN E 333 6.93 1.14 35.19
N SER E 334 5.94 1.65 34.47
CA SER E 334 4.80 0.89 34.00
C SER E 334 4.60 1.23 32.52
N VAL E 335 4.75 0.21 31.66
CA VAL E 335 4.64 0.35 30.20
C VAL E 335 3.48 -0.55 29.77
N ILE E 336 2.33 0.06 29.51
CA ILE E 336 1.08 -0.68 29.38
C ILE E 336 0.26 -0.21 28.17
N GLY E 337 -0.19 -1.16 27.35
CA GLY E 337 -1.20 -0.85 26.34
C GLY E 337 -0.75 0.02 25.17
N ASN E 338 0.55 0.05 24.87
CA ASN E 338 1.06 0.83 23.74
C ASN E 338 1.03 0.00 22.45
N HIS E 339 0.93 0.70 21.33
CA HIS E 339 1.04 0.14 20.00
C HIS E 339 2.34 0.59 19.40
N PHE E 340 3.14 -0.34 18.88
CA PHE E 340 4.37 0.00 18.16
C PHE E 340 4.31 -0.51 16.72
N SER E 341 4.40 0.42 15.77
CA SER E 341 4.63 0.10 14.36
C SER E 341 6.08 0.40 14.00
N GLU E 342 6.80 -0.64 13.59
CA GLU E 342 8.20 -0.54 13.16
C GLU E 342 8.21 -0.85 11.66
N VAL E 343 8.45 0.17 10.84
CA VAL E 343 8.28 0.07 9.40
C VAL E 343 9.56 0.53 8.74
N VAL E 344 10.46 -0.41 8.46
CA VAL E 344 11.79 -0.08 7.93
C VAL E 344 12.21 -1.02 6.81
N ASP E 345 13.16 -0.57 5.99
CA ASP E 345 13.74 -1.40 4.96
C ASP E 345 14.79 -2.29 5.62
N ALA E 346 14.59 -3.61 5.58
CA ALA E 346 15.49 -4.55 6.28
C ALA E 346 16.97 -4.38 5.91
N ASN E 347 17.27 -4.02 4.66
CA ASN E 347 18.68 -3.82 4.28
C ASN E 347 19.26 -2.48 4.77
N GLU E 348 18.42 -1.58 5.26
CA GLU E 348 18.87 -0.31 5.88
C GLU E 348 18.97 -0.37 7.41
N ILE E 349 18.70 -1.52 8.02
CA ILE E 349 18.87 -1.68 9.47
C ILE E 349 20.36 -1.55 9.82
N ARG E 350 20.66 -0.78 10.87
CA ARG E 350 22.03 -0.64 11.37
C ARG E 350 22.11 -1.13 12.83
N PRO E 351 23.19 -1.82 13.21
CA PRO E 351 24.26 -2.28 12.32
C PRO E 351 23.79 -3.41 11.39
N GLU E 352 24.63 -3.74 10.40
CA GLU E 352 24.31 -4.79 9.43
C GLU E 352 23.95 -6.09 10.15
N GLY E 353 22.83 -6.68 9.74
CA GLY E 353 22.38 -7.95 10.30
C GLY E 353 21.73 -7.93 11.67
N ALA E 354 21.51 -6.74 12.23
CA ALA E 354 20.89 -6.64 13.55
C ALA E 354 19.38 -6.88 13.47
N THR E 355 18.82 -7.39 14.57
CA THR E 355 17.38 -7.51 14.75
C THR E 355 16.95 -6.23 15.49
N PRO E 356 16.06 -5.41 14.89
CA PRO E 356 15.69 -4.16 15.59
C PRO E 356 15.04 -4.42 16.94
N VAL E 357 15.33 -3.59 17.93
CA VAL E 357 14.66 -3.72 19.23
C VAL E 357 13.62 -2.61 19.42
N ILE E 358 12.52 -2.98 20.06
CA ILE E 358 11.39 -2.06 20.23
C ILE E 358 11.39 -1.44 21.62
N ILE E 359 11.27 -2.27 22.66
CA ILE E 359 11.39 -1.81 24.06
C ILE E 359 12.71 -2.34 24.63
N ARG E 360 13.54 -1.46 25.18
CA ARG E 360 14.80 -1.88 25.79
C ARG E 360 14.86 -1.39 27.21
N LEU E 361 15.07 -2.32 28.14
CA LEU E 361 15.35 -1.99 29.53
C LEU E 361 16.87 -2.10 29.74
N THR E 362 17.52 -0.95 29.94
CA THR E 362 18.99 -0.91 30.04
C THR E 362 19.49 -1.04 31.46
N ALA E 363 18.72 -0.53 32.40
CA ALA E 363 19.08 -0.57 33.81
C ALA E 363 17.85 -0.31 34.63
N GLY E 364 17.88 -0.77 35.88
CA GLY E 364 16.80 -0.56 36.82
C GLY E 364 16.04 -1.84 37.12
N THR E 365 15.23 -1.79 38.17
CA THR E 365 14.45 -2.96 38.62
C THR E 365 12.96 -2.67 38.75
N GLY E 366 12.17 -3.73 38.70
CA GLY E 366 10.75 -3.64 38.99
C GLY E 366 9.91 -3.02 37.89
N ASN E 367 10.44 -2.89 36.69
CA ASN E 367 9.60 -2.35 35.61
C ASN E 367 8.55 -3.37 35.20
N PHE E 368 7.33 -2.86 34.96
CA PHE E 368 6.17 -3.68 34.60
C PHE E 368 5.80 -3.31 33.18
N VAL E 369 5.96 -4.26 32.27
CA VAL E 369 5.72 -4.07 30.84
C VAL E 369 4.62 -5.05 30.46
N SER E 370 3.41 -4.55 30.15
CA SER E 370 2.29 -5.44 29.84
C SER E 370 1.42 -4.99 28.70
N THR E 371 0.96 -5.96 27.90
CA THR E 371 -0.12 -5.72 26.95
C THR E 371 0.27 -4.65 25.89
N ASN E 372 1.42 -4.86 25.25
CA ASN E 372 1.88 -3.99 24.19
C ASN E 372 1.90 -4.78 22.89
N HIS E 373 1.42 -4.17 21.82
CA HIS E 373 1.33 -4.82 20.52
C HIS E 373 2.44 -4.25 19.63
N VAL E 374 3.34 -5.13 19.21
CA VAL E 374 4.38 -4.77 18.25
C VAL E 374 4.03 -5.30 16.88
N VAL E 375 4.11 -4.44 15.88
CA VAL E 375 3.99 -4.87 14.49
C VAL E 375 5.17 -4.31 13.69
N ALA E 376 5.87 -5.23 13.04
CA ALA E 376 7.12 -4.92 12.38
C ALA E 376 6.98 -5.36 10.95
N MET E 377 7.44 -4.49 10.07
CA MET E 377 7.25 -4.60 8.65
C MET E 377 8.51 -4.20 7.93
N ASP E 378 8.86 -5.00 6.93
CA ASP E 378 10.01 -4.78 6.07
C ASP E 378 9.39 -4.21 4.79
N VAL E 379 9.68 -2.93 4.56
CA VAL E 379 9.11 -2.21 3.43
C VAL E 379 10.19 -1.92 2.40
N ASP E 380 9.73 -1.60 1.21
CA ASP E 380 10.58 -1.15 0.12
C ASP E 380 10.11 0.26 -0.21
N ALA E 381 10.50 1.22 0.63
CA ALA E 381 10.14 2.63 0.47
C ALA E 381 11.27 3.42 -0.18
N ALA E 382 10.89 4.38 -1.03
CA ALA E 382 11.81 5.36 -1.60
C ALA E 382 11.34 6.75 -1.19
N SER E 383 12.10 7.76 -1.59
CA SER E 383 11.79 9.14 -1.25
C SER E 383 11.38 9.95 -2.47
N SER E 384 10.84 11.14 -2.23
CA SER E 384 10.53 12.07 -3.31
C SER E 384 10.65 13.52 -2.85
N ASP E 385 10.61 14.42 -3.83
CA ASP E 385 10.83 15.84 -3.65
C ASP E 385 9.67 16.60 -3.04
N SER E 386 8.43 16.12 -3.17
CA SER E 386 7.29 16.93 -2.75
C SER E 386 6.85 16.45 -1.38
N ALA E 387 7.05 17.31 -0.39
CA ALA E 387 7.03 16.92 1.01
C ALA E 387 5.71 16.31 1.47
N PHE E 388 4.60 17.03 1.33
CA PHE E 388 3.37 16.52 1.94
C PHE E 388 2.86 15.27 1.21
N GLU E 389 3.03 15.19 -0.10
CA GLU E 389 2.59 13.99 -0.83
C GLU E 389 3.41 12.78 -0.40
N ALA E 390 4.73 12.94 -0.32
CA ALA E 390 5.62 11.88 0.17
C ALA E 390 5.26 11.42 1.57
N GLN E 391 4.96 12.39 2.43
CA GLN E 391 4.64 12.11 3.84
C GLN E 391 3.34 11.33 4.01
N VAL E 392 2.30 11.79 3.32
CA VAL E 392 0.99 11.11 3.39
C VAL E 392 1.10 9.73 2.74
N ASP E 393 1.70 9.64 1.55
CA ASP E 393 1.82 8.33 0.89
C ASP E 393 2.55 7.30 1.77
N ALA E 394 3.61 7.73 2.44
CA ALA E 394 4.36 6.84 3.34
C ALA E 394 3.52 6.42 4.54
N LEU E 395 2.78 7.35 5.13
CA LEU E 395 1.94 7.00 6.27
C LEU E 395 0.85 5.98 5.91
N LEU E 396 0.30 6.09 4.70
CA LEU E 396 -0.75 5.18 4.25
C LEU E 396 -0.25 3.85 3.66
N ALA E 397 1.04 3.75 3.35
CA ALA E 397 1.56 2.57 2.65
C ALA E 397 1.73 1.38 3.58
N THR E 398 1.00 0.31 3.31
CA THR E 398 1.02 -0.87 4.18
C THR E 398 1.41 -2.19 3.50
N GLU E 399 1.71 -2.20 2.19
CA GLU E 399 2.19 -3.44 1.55
C GLU E 399 3.62 -3.66 2.02
N ALA E 400 3.90 -4.82 2.58
CA ALA E 400 5.21 -5.10 3.16
C ALA E 400 5.39 -6.59 3.50
N ALA E 401 6.62 -6.94 3.89
CA ALA E 401 6.95 -8.28 4.38
C ALA E 401 7.11 -8.26 5.89
N ASP E 402 6.96 -9.44 6.51
CA ASP E 402 7.17 -9.61 7.95
C ASP E 402 8.63 -9.29 8.26
N LEU E 403 8.88 -8.70 9.43
CA LEU E 403 10.22 -8.35 9.87
C LEU E 403 10.39 -8.87 11.29
N ALA E 404 11.44 -9.66 11.49
CA ALA E 404 11.76 -10.16 12.81
C ALA E 404 12.26 -8.98 13.65
N VAL E 405 11.71 -8.82 14.84
CA VAL E 405 12.15 -7.80 15.78
C VAL E 405 12.24 -8.40 17.17
N THR E 406 13.04 -7.76 18.02
CA THR E 406 13.03 -8.02 19.46
C THR E 406 12.05 -7.01 20.07
N ALA E 407 10.89 -7.48 20.47
CA ALA E 407 9.87 -6.61 21.08
C ALA E 407 10.34 -6.03 22.41
N VAL E 408 10.94 -6.89 23.25
CA VAL E 408 11.49 -6.47 24.53
C VAL E 408 12.90 -7.04 24.68
N LEU E 409 13.89 -6.16 24.85
CA LEU E 409 15.25 -6.56 25.23
C LEU E 409 15.51 -6.10 26.66
N VAL E 410 15.75 -7.05 27.56
CA VAL E 410 16.15 -6.72 28.93
C VAL E 410 17.65 -6.97 29.06
N ASP E 411 18.43 -5.90 29.16
CA ASP E 411 19.87 -6.02 29.36
C ASP E 411 20.17 -6.66 30.72
N PRO E 412 21.31 -7.36 30.86
CA PRO E 412 21.62 -7.94 32.19
C PRO E 412 21.67 -6.93 33.34
N GLY E 413 21.98 -5.66 33.04
CA GLY E 413 21.94 -4.58 34.04
C GLY E 413 20.56 -4.16 34.56
N SER E 414 19.49 -4.65 33.94
CA SER E 414 18.14 -4.46 34.45
C SER E 414 17.57 -5.82 34.80
N ALA E 415 16.99 -5.94 35.99
CA ALA E 415 16.52 -7.23 36.51
C ALA E 415 15.26 -7.04 37.34
N ARG E 416 14.59 -8.16 37.65
CA ARG E 416 13.40 -8.17 38.49
C ARG E 416 12.27 -7.40 37.82
N ASN E 417 12.19 -7.49 36.50
CA ASN E 417 11.13 -6.87 35.72
C ASN E 417 10.04 -7.89 35.47
N THR E 418 8.86 -7.40 35.08
CA THR E 418 7.72 -8.25 34.73
C THR E 418 7.32 -7.88 33.32
N ILE E 419 7.36 -8.87 32.42
CA ILE E 419 7.09 -8.64 31.00
C ILE E 419 5.96 -9.59 30.60
N LEU E 420 4.80 -9.02 30.26
CA LEU E 420 3.59 -9.79 29.98
C LEU E 420 2.98 -9.40 28.65
N ASP E 421 2.61 -10.39 27.85
CA ASP E 421 1.86 -10.19 26.62
C ASP E 421 2.36 -9.01 25.80
N SER E 422 3.68 -8.96 25.64
CA SER E 422 4.35 -7.94 24.84
C SER E 422 5.27 -8.53 23.77
N GLY E 423 5.06 -9.81 23.45
CA GLY E 423 5.82 -10.50 22.43
C GLY E 423 5.90 -11.99 22.71
N SER E 424 6.24 -12.76 21.67
CA SER E 424 6.51 -14.19 21.80
C SER E 424 7.79 -14.40 22.60
N ASP E 425 8.07 -15.64 22.99
CA ASP E 425 9.34 -15.95 23.67
C ASP E 425 10.57 -15.54 22.85
N THR E 426 10.56 -15.79 21.55
CA THR E 426 11.63 -15.38 20.64
C THR E 426 11.79 -13.86 20.63
N GLN E 427 10.66 -13.15 20.68
CA GLN E 427 10.66 -11.68 20.68
C GLN E 427 11.09 -11.02 22.00
N VAL E 428 11.05 -11.75 23.11
CA VAL E 428 11.43 -11.24 24.41
C VAL E 428 12.79 -11.83 24.81
N VAL E 429 13.82 -11.00 24.75
CA VAL E 429 15.18 -11.39 25.09
C VAL E 429 15.45 -10.92 26.51
N ALA E 430 15.54 -11.87 27.41
CA ALA E 430 15.56 -11.60 28.84
C ALA E 430 15.92 -12.87 29.59
N ASP E 431 16.69 -12.70 30.66
CA ASP E 431 17.06 -13.78 31.56
C ASP E 431 15.81 -14.17 32.35
N ARG E 432 15.21 -15.32 32.01
CA ARG E 432 14.02 -15.86 32.71
C ARG E 432 14.21 -16.16 34.21
N ALA E 433 15.44 -16.38 34.65
CA ALA E 433 15.72 -16.66 36.07
C ALA E 433 15.46 -15.47 37.00
N VAL E 434 15.62 -14.25 36.48
CA VAL E 434 15.53 -13.03 37.30
C VAL E 434 14.51 -11.99 36.78
N ASN E 435 13.64 -12.38 35.85
CA ASN E 435 12.51 -11.56 35.41
C ASN E 435 11.31 -12.48 35.30
N ALA E 436 10.11 -11.92 35.44
CA ALA E 436 8.87 -12.68 35.28
C ALA E 436 8.35 -12.43 33.87
N ILE E 437 8.38 -13.48 33.03
CA ILE E 437 8.02 -13.36 31.62
C ILE E 437 6.79 -14.22 31.34
N ARG E 438 5.81 -13.62 30.67
CA ARG E 438 4.72 -14.36 30.03
C ARG E 438 4.68 -13.98 28.57
N ALA E 439 4.94 -14.95 27.71
CA ALA E 439 4.88 -14.75 26.27
C ALA E 439 3.44 -14.51 25.86
N THR E 440 3.26 -13.68 24.85
CA THR E 440 1.96 -13.57 24.20
C THR E 440 1.61 -14.96 23.63
N PRO E 441 0.39 -15.47 23.89
CA PRO E 441 -0.05 -16.74 23.28
C PRO E 441 0.13 -16.72 21.77
N THR E 442 0.56 -17.84 21.19
CA THR E 442 0.85 -17.92 19.73
C THR E 442 -0.26 -18.65 18.95
N VAL E 443 -0.38 -18.32 17.66
CA VAL E 443 -1.53 -18.74 16.83
C VAL E 443 -1.36 -20.16 16.29
N ASN F 4 -23.84 46.60 20.25
CA ASN F 4 -23.24 45.33 19.70
C ASN F 4 -23.07 44.21 20.73
N ASN F 5 -23.69 44.33 21.93
CA ASN F 5 -23.68 43.27 22.94
C ASN F 5 -22.30 42.92 23.50
N ARG F 6 -21.36 43.87 23.43
CA ARG F 6 -20.04 43.73 24.05
C ARG F 6 -19.91 44.82 25.12
N TYR F 7 -19.55 44.43 26.33
CA TYR F 7 -19.37 45.36 27.44
C TYR F 7 -18.01 45.19 28.06
N ASP F 8 -17.49 46.28 28.62
CA ASP F 8 -16.24 46.26 29.36
C ASP F 8 -16.58 46.88 30.70
N VAL F 9 -16.31 46.16 31.78
CA VAL F 9 -16.70 46.62 33.12
C VAL F 9 -16.05 47.94 33.53
N THR F 10 -14.92 48.28 32.92
CA THR F 10 -14.26 49.58 33.15
C THR F 10 -14.80 50.73 32.28
N GLU F 11 -15.73 50.42 31.39
CA GLU F 11 -16.37 51.39 30.49
C GLU F 11 -17.90 51.26 30.60
N TRP F 12 -18.39 51.19 31.83
CA TRP F 12 -19.81 51.14 32.10
C TRP F 12 -20.13 52.36 32.98
N PRO F 13 -20.89 53.34 32.44
CA PRO F 13 -21.25 54.57 33.18
C PRO F 13 -21.83 54.36 34.59
N ALA F 14 -22.72 53.38 34.74
CA ALA F 14 -23.22 53.00 36.06
C ALA F 14 -22.15 52.21 36.83
N GLY F 15 -22.00 52.50 38.13
CA GLY F 15 -21.13 51.70 38.99
C GLY F 15 -19.64 51.84 38.78
N ASN F 16 -18.92 51.28 39.75
CA ASN F 16 -17.48 51.33 39.84
C ASN F 16 -16.99 49.89 40.11
N PRO F 17 -16.34 49.24 39.13
CA PRO F 17 -15.97 47.85 39.32
C PRO F 17 -14.90 47.62 40.40
N ALA F 18 -14.08 48.63 40.70
CA ALA F 18 -13.11 48.54 41.81
C ALA F 18 -13.80 48.35 43.17
N LYS F 19 -14.90 49.05 43.37
CA LYS F 19 -15.63 48.99 44.65
C LYS F 19 -16.73 47.90 44.64
N ASP F 20 -17.52 47.79 43.57
CA ASP F 20 -18.51 46.71 43.45
C ASP F 20 -18.79 46.28 42.02
N ILE F 21 -17.93 45.39 41.50
CA ILE F 21 -18.13 44.79 40.17
C ILE F 21 -19.41 43.96 40.07
N GLY F 22 -19.92 43.46 41.18
CA GLY F 22 -21.21 42.76 41.18
C GLY F 22 -22.34 43.65 40.72
N GLU F 23 -22.39 44.84 41.28
CA GLU F 23 -23.35 45.88 40.87
C GLU F 23 -23.14 46.24 39.40
N VAL F 24 -21.89 46.35 38.96
CA VAL F 24 -21.61 46.67 37.54
C VAL F 24 -22.18 45.60 36.60
N ILE F 25 -21.86 44.34 36.87
CA ILE F 25 -22.27 43.24 36.01
C ILE F 25 -23.79 43.05 36.06
N ASN F 26 -24.40 43.20 37.24
CA ASN F 26 -25.87 43.13 37.32
C ASN F 26 -26.53 44.24 36.51
N SER F 27 -25.95 45.43 36.55
CA SER F 27 -26.42 46.57 35.74
C SER F 27 -26.34 46.26 34.24
N ILE F 28 -25.23 45.65 33.83
CA ILE F 28 -25.06 45.23 32.44
C ILE F 28 -26.10 44.18 32.05
N ILE F 29 -26.31 43.19 32.91
CA ILE F 29 -27.32 42.17 32.65
C ILE F 29 -28.70 42.79 32.50
N ALA F 30 -29.06 43.74 33.36
CA ALA F 30 -30.32 44.47 33.19
C ALA F 30 -30.43 45.16 31.81
N ASP F 31 -29.33 45.77 31.36
CA ASP F 31 -29.30 46.40 30.05
C ASP F 31 -29.51 45.39 28.91
N ILE F 32 -28.84 44.24 28.99
CA ILE F 32 -29.02 43.17 28.00
C ILE F 32 -30.50 42.76 27.92
N LYS F 33 -31.11 42.49 29.07
CA LYS F 33 -32.52 42.10 29.12
C LYS F 33 -33.47 43.16 28.59
N ALA F 34 -33.19 44.42 28.91
CA ALA F 34 -34.00 45.55 28.40
C ALA F 34 -33.96 45.66 26.86
N ARG F 35 -32.80 45.38 26.28
CA ARG F 35 -32.62 45.44 24.82
C ARG F 35 -33.08 44.17 24.08
N GLN F 36 -32.98 43.02 24.74
CA GLN F 36 -33.27 41.72 24.11
C GLN F 36 -34.56 41.13 24.68
N GLY F 37 -35.67 41.78 24.34
CA GLY F 37 -36.99 41.43 24.86
C GLY F 37 -37.76 40.46 23.99
N ALA F 38 -37.55 40.50 22.68
CA ALA F 38 -38.30 39.65 21.75
C ALA F 38 -37.52 38.36 21.43
N ALA F 39 -38.18 37.21 21.49
CA ALA F 39 -37.52 35.91 21.27
C ALA F 39 -37.58 35.39 19.84
N ASP F 40 -38.38 36.00 18.97
CA ASP F 40 -38.56 35.48 17.62
C ASP F 40 -38.79 36.60 16.62
N VAL F 41 -37.82 37.49 16.53
CA VAL F 41 -37.80 38.54 15.52
C VAL F 41 -36.69 38.20 14.53
N ASP F 42 -37.06 37.98 13.27
CA ASP F 42 -36.09 37.66 12.22
C ASP F 42 -35.23 36.45 12.60
N ASP F 43 -35.90 35.38 13.06
CA ASP F 43 -35.25 34.13 13.47
C ASP F 43 -34.23 34.29 14.61
N GLY F 44 -34.44 35.25 15.50
CA GLY F 44 -33.56 35.44 16.65
C GLY F 44 -34.14 36.45 17.63
N GLY F 45 -33.27 37.12 18.38
CA GLY F 45 -33.72 38.18 19.29
C GLY F 45 -33.08 38.23 20.67
N LYS F 46 -32.61 37.07 21.15
CA LYS F 46 -31.95 37.00 22.46
C LYS F 46 -30.59 36.30 22.32
N PRO F 47 -29.68 36.90 21.55
CA PRO F 47 -28.37 36.27 21.32
C PRO F 47 -27.41 36.31 22.51
N GLY F 48 -27.73 37.09 23.55
CA GLY F 48 -26.85 37.22 24.69
C GLY F 48 -25.81 38.30 24.49
N ALA F 49 -24.65 38.13 25.12
CA ALA F 49 -23.67 39.21 25.22
C ALA F 49 -22.35 38.69 25.79
N VAL F 50 -21.35 39.56 25.74
CA VAL F 50 -20.06 39.26 26.34
C VAL F 50 -19.68 40.44 27.23
N ILE F 51 -19.19 40.12 28.43
CA ILE F 51 -18.76 41.11 29.41
C ILE F 51 -17.27 40.87 29.64
N TYR F 52 -16.45 41.90 29.39
CA TYR F 52 -15.01 41.78 29.45
C TYR F 52 -14.48 42.46 30.70
N LEU F 53 -13.60 41.76 31.41
CA LEU F 53 -12.89 42.27 32.59
C LEU F 53 -11.43 42.43 32.23
N PRO F 54 -10.95 43.67 32.00
CA PRO F 54 -9.50 43.83 31.84
C PRO F 54 -8.76 43.43 33.13
N PRO F 55 -7.44 43.20 33.05
CA PRO F 55 -6.71 42.92 34.29
C PRO F 55 -6.87 44.05 35.31
N GLY F 56 -7.03 43.69 36.57
CA GLY F 56 -7.33 44.67 37.61
C GLY F 56 -7.84 44.02 38.87
N ASP F 57 -7.92 44.81 39.93
CA ASP F 57 -8.43 44.37 41.22
C ASP F 57 -9.85 44.89 41.38
N TYR F 58 -10.82 43.98 41.32
CA TYR F 58 -12.24 44.35 41.40
C TYR F 58 -12.87 43.71 42.63
N HIS F 59 -13.45 44.52 43.52
CA HIS F 59 -14.16 43.98 44.68
C HIS F 59 -15.60 43.67 44.26
N LEU F 60 -16.09 42.50 44.66
CA LEU F 60 -17.48 42.10 44.43
C LEU F 60 -18.18 42.11 45.79
N ARG F 61 -19.17 43.00 45.92
CA ARG F 61 -19.94 43.14 47.16
C ARG F 61 -21.41 42.75 47.01
N THR F 62 -21.87 42.53 45.78
CA THR F 62 -23.22 42.08 45.46
C THR F 62 -23.11 40.85 44.57
N GLN F 63 -23.80 39.78 44.95
CA GLN F 63 -23.85 38.57 44.11
C GLN F 63 -24.35 38.92 42.70
N VAL F 64 -23.65 38.39 41.70
CA VAL F 64 -24.08 38.49 40.32
C VAL F 64 -25.08 37.39 40.07
N LEU F 65 -26.28 37.73 39.58
CA LEU F 65 -27.29 36.75 39.19
C LEU F 65 -27.34 36.67 37.67
N ILE F 66 -26.92 35.53 37.13
CA ILE F 66 -27.01 35.26 35.69
C ILE F 66 -28.25 34.44 35.42
N ASP F 67 -29.18 35.02 34.66
CA ASP F 67 -30.45 34.37 34.35
C ASP F 67 -30.81 34.52 32.87
N ILE F 68 -29.79 34.65 32.02
CA ILE F 68 -29.97 34.69 30.57
C ILE F 68 -29.02 33.67 29.95
N SER F 69 -29.46 33.03 28.89
CA SER F 69 -28.60 32.17 28.11
C SER F 69 -27.58 32.96 27.28
N PHE F 70 -26.49 32.29 26.92
CA PHE F 70 -25.49 32.83 25.96
C PHE F 70 -24.76 34.07 26.49
N LEU F 71 -24.60 34.16 27.80
CA LEU F 71 -23.80 35.21 28.39
C LEU F 71 -22.40 34.67 28.57
N ARG F 72 -21.41 35.41 28.08
CA ARG F 72 -20.00 35.09 28.27
C ARG F 72 -19.37 36.16 29.17
N ILE F 73 -18.68 35.72 30.22
CA ILE F 73 -17.90 36.63 31.06
C ILE F 73 -16.46 36.21 30.92
N GLU F 74 -15.62 37.15 30.47
CA GLU F 74 -14.26 36.82 30.04
C GLU F 74 -13.27 37.82 30.60
N GLY F 75 -12.05 37.36 30.83
CA GLY F 75 -10.96 38.23 31.26
C GLY F 75 -9.67 37.96 30.52
N SER F 76 -8.59 38.51 31.06
CA SER F 76 -7.26 38.42 30.45
C SER F 76 -6.22 37.97 31.46
N GLY F 77 -6.58 37.07 32.36
CA GLY F 77 -5.60 36.51 33.27
C GLY F 77 -6.22 35.68 34.37
N HIS F 78 -5.74 34.44 34.50
CA HIS F 78 -6.18 33.55 35.59
C HIS F 78 -5.59 33.96 36.93
N GLY F 79 -4.45 34.65 36.90
CA GLY F 79 -3.97 35.43 38.03
C GLY F 79 -3.60 34.73 39.31
N PHE F 80 -3.30 33.43 39.24
CA PHE F 80 -3.04 32.65 40.45
C PHE F 80 -1.68 32.98 41.04
N THR F 81 -1.67 33.15 42.36
CA THR F 81 -0.46 33.02 43.15
C THR F 81 -0.84 32.34 44.46
N SER F 82 0.15 31.73 45.12
CA SER F 82 -0.14 30.94 46.31
C SER F 82 -0.32 31.78 47.54
N SER F 83 -1.56 32.21 47.79
CA SER F 83 -1.90 32.86 49.05
C SER F 83 -1.64 31.95 50.26
N SER F 84 -1.75 30.63 50.08
CA SER F 84 -1.39 29.70 51.15
C SER F 84 0.07 29.87 51.59
N ILE F 85 0.97 29.89 50.62
CA ILE F 85 2.39 30.10 50.91
C ILE F 85 2.57 31.46 51.57
N ARG F 86 1.97 32.52 51.02
CA ARG F 86 2.19 33.87 51.55
C ARG F 86 1.67 34.03 52.98
N PHE F 87 0.51 33.44 53.28
CA PHE F 87 -0.05 33.55 54.63
C PHE F 87 0.73 32.76 55.68
N ASN F 88 1.60 31.86 55.23
CA ASN F 88 2.50 31.11 56.12
C ASN F 88 3.94 31.64 56.14
N VAL F 89 4.25 32.65 55.33
CA VAL F 89 5.49 33.43 55.45
C VAL F 89 5.35 34.34 56.68
N PRO F 90 6.40 34.42 57.53
CA PRO F 90 6.34 35.35 58.65
C PRO F 90 5.93 36.77 58.21
N GLU F 91 4.96 37.34 58.91
CA GLU F 91 4.38 38.65 58.54
C GLU F 91 5.41 39.77 58.41
N GLU F 92 6.46 39.75 59.24
CA GLU F 92 7.53 40.74 59.17
C GLU F 92 8.28 40.74 57.82
N GLU F 93 8.22 39.63 57.09
CA GLU F 93 8.84 39.52 55.75
C GLU F 93 7.95 39.96 54.58
N TRP F 94 6.67 40.23 54.82
CA TRP F 94 5.73 40.61 53.74
C TRP F 94 6.14 41.86 52.93
N PRO F 95 6.65 42.92 53.58
CA PRO F 95 7.09 44.10 52.82
C PRO F 95 8.14 43.83 51.74
N ASP F 96 8.96 42.79 51.91
CA ASP F 96 10.01 42.43 50.95
C ASP F 96 9.55 41.47 49.83
N LEU F 97 8.31 41.01 49.89
CA LEU F 97 7.77 40.21 48.80
C LEU F 97 7.42 41.11 47.62
N HIS F 98 7.62 40.59 46.40
CA HIS F 98 7.33 41.35 45.17
C HIS F 98 5.86 41.67 45.06
N GLU F 99 5.03 40.71 45.45
CA GLU F 99 3.60 40.94 45.56
C GLU F 99 3.02 40.06 46.66
N LEU F 100 1.81 40.42 47.07
CA LEU F 100 1.09 39.78 48.17
C LEU F 100 -0.19 39.07 47.75
N TRP F 101 -0.79 39.46 46.63
CA TRP F 101 -2.11 38.94 46.26
C TRP F 101 -2.14 38.35 44.87
N PRO F 102 -3.17 37.53 44.59
CA PRO F 102 -3.51 37.17 43.21
C PRO F 102 -3.75 38.41 42.35
N GLY F 103 -3.75 38.21 41.04
CA GLY F 103 -3.96 39.28 40.09
C GLY F 103 -4.75 38.79 38.90
N GLY F 104 -4.33 39.22 37.72
CA GLY F 104 -5.06 38.94 36.50
C GLY F 104 -6.34 39.76 36.48
N SER F 105 -7.40 39.20 35.89
CA SER F 105 -8.71 39.82 35.88
C SER F 105 -9.42 39.36 37.15
N ARG F 106 -9.16 40.06 38.23
CA ARG F 106 -9.40 39.54 39.59
C ARG F 106 -10.70 40.02 40.23
N VAL F 107 -11.57 39.07 40.55
CA VAL F 107 -12.81 39.33 41.25
C VAL F 107 -12.59 38.91 42.69
N ILE F 108 -12.52 39.90 43.57
CA ILE F 108 -12.33 39.67 44.99
C ILE F 108 -13.71 39.49 45.61
N VAL F 109 -13.95 38.34 46.22
CA VAL F 109 -15.29 38.01 46.72
C VAL F 109 -15.42 38.57 48.14
N ASP F 110 -16.11 39.71 48.28
CA ASP F 110 -16.34 40.39 49.57
C ASP F 110 -17.78 40.23 50.04
N LEU F 111 -18.34 39.04 49.88
CA LEU F 111 -19.65 38.70 50.39
C LEU F 111 -19.50 38.09 51.76
N PRO F 112 -20.50 38.31 52.64
CA PRO F 112 -20.59 37.49 53.87
C PRO F 112 -20.73 35.99 53.54
N ALA F 113 -20.33 35.14 54.50
CA ALA F 113 -20.28 33.67 54.31
C ALA F 113 -21.56 33.08 53.69
N ASP F 118 -28.72 27.90 52.51
CA ASP F 118 -28.50 29.00 51.58
C ASP F 118 -27.01 29.35 51.46
N SER F 119 -26.18 28.35 51.17
CA SER F 119 -24.74 28.58 50.90
C SER F 119 -24.52 29.12 49.48
N ALA F 120 -25.54 29.04 48.62
CA ALA F 120 -25.54 29.80 47.37
C ALA F 120 -25.49 31.33 47.60
N ALA F 121 -25.95 31.82 48.76
CA ALA F 121 -25.77 33.24 49.15
C ALA F 121 -24.31 33.74 49.20
N GLY F 122 -23.36 32.84 49.44
CA GLY F 122 -21.94 33.21 49.44
C GLY F 122 -21.27 33.13 48.06
N ALA F 123 -22.04 32.88 47.02
CA ALA F 123 -21.49 32.70 45.68
C ALA F 123 -21.32 34.03 44.97
N ALA F 124 -20.14 34.29 44.44
CA ALA F 124 -19.90 35.50 43.65
C ALA F 124 -20.79 35.57 42.41
N PHE F 125 -20.86 34.44 41.67
CA PHE F 125 -21.73 34.30 40.51
C PHE F 125 -22.71 33.17 40.79
N LEU F 126 -24.00 33.50 40.69
CA LEU F 126 -25.09 32.53 40.83
C LEU F 126 -25.80 32.45 39.50
N VAL F 127 -25.86 31.26 38.92
CA VAL F 127 -26.59 31.06 37.68
C VAL F 127 -27.86 30.31 38.04
N ALA F 128 -28.99 30.95 37.81
CA ALA F 128 -30.28 30.40 38.19
C ALA F 128 -31.38 30.89 37.26
N ARG F 129 -32.19 29.96 36.78
CA ARG F 129 -33.38 30.26 36.00
C ARG F 129 -34.13 28.94 35.83
N GLU F 130 -35.42 28.93 36.14
CA GLU F 130 -36.24 27.73 35.99
C GLU F 130 -37.15 27.92 34.77
N GLY F 131 -38.14 27.06 34.60
CA GLY F 131 -38.96 27.08 33.41
C GLY F 131 -38.18 26.51 32.23
N SER F 132 -38.67 26.79 31.03
CA SER F 132 -38.16 26.17 29.83
C SER F 132 -37.76 27.22 28.80
N PRO F 133 -36.77 26.94 27.95
CA PRO F 133 -35.88 25.77 28.04
C PRO F 133 -34.85 25.97 29.15
N ARG F 134 -34.04 24.96 29.40
CA ARG F 134 -32.92 25.13 30.32
C ARG F 134 -31.99 26.26 29.86
N ILE F 135 -31.53 27.05 30.81
CA ILE F 135 -30.47 28.02 30.54
C ILE F 135 -29.28 27.32 29.89
N SER F 136 -28.73 27.95 28.85
CA SER F 136 -27.76 27.26 28.00
C SER F 136 -26.58 28.11 27.60
N SER F 137 -25.42 27.46 27.43
CA SER F 137 -24.24 28.05 26.80
C SER F 137 -23.75 29.35 27.41
N VAL F 138 -23.87 29.43 28.73
CA VAL F 138 -23.15 30.44 29.50
C VAL F 138 -21.65 30.03 29.51
N GLU F 139 -20.77 31.01 29.35
CA GLU F 139 -19.33 30.77 29.30
C GLU F 139 -18.62 31.64 30.31
N PHE F 140 -17.74 31.04 31.11
CA PHE F 140 -16.80 31.77 31.96
C PHE F 140 -15.38 31.48 31.47
N SER F 141 -14.59 32.51 31.22
CA SER F 141 -13.29 32.35 30.59
C SER F 141 -12.20 33.28 31.12
N ASN F 142 -11.11 32.67 31.57
CA ASN F 142 -9.84 33.37 31.75
C ASN F 142 -9.90 34.58 32.67
N PHE F 143 -10.61 34.42 33.79
CA PHE F 143 -10.49 35.39 34.88
C PHE F 143 -10.26 34.70 36.21
N CYS F 144 -10.04 35.52 37.23
CA CYS F 144 -9.63 35.07 38.54
C CYS F 144 -10.73 35.40 39.54
N ILE F 145 -11.08 34.41 40.37
CA ILE F 145 -12.00 34.60 41.48
C ILE F 145 -11.25 34.23 42.75
N ASP F 146 -11.22 35.18 43.69
CA ASP F 146 -10.32 35.16 44.85
C ASP F 146 -11.18 35.40 46.10
N GLY F 147 -11.21 34.44 47.01
CA GLY F 147 -11.95 34.59 48.27
C GLY F 147 -11.12 35.23 49.38
N LEU F 148 -9.91 35.69 49.03
CA LEU F 148 -9.06 36.54 49.87
C LEU F 148 -8.44 35.88 51.10
N HIS F 149 -9.26 35.42 52.04
CA HIS F 149 -8.78 34.87 53.33
C HIS F 149 -9.58 33.64 53.72
N PHE F 150 -8.95 32.75 54.48
CA PHE F 150 -9.69 31.75 55.25
C PHE F 150 -9.86 32.24 56.68
N THR F 151 -10.89 31.73 57.35
CA THR F 151 -11.31 32.24 58.68
C THR F 151 -11.21 31.17 59.76
N ALA F 152 -11.16 31.59 61.03
CA ALA F 152 -11.11 30.64 62.15
C ALA F 152 -12.37 29.76 62.15
N ASP F 153 -12.20 28.48 62.45
CA ASP F 153 -13.32 27.51 62.43
C ASP F 153 -13.34 26.51 63.60
N GLY F 154 -12.49 26.72 64.60
CA GLY F 154 -12.39 25.81 65.74
C GLY F 154 -11.71 24.48 65.48
N SER F 155 -10.95 24.39 64.37
CA SER F 155 -10.17 23.18 64.04
C SER F 155 -8.80 23.13 64.70
N GLY F 156 -8.38 24.22 65.35
CA GLY F 156 -7.01 24.34 65.87
C GLY F 156 -5.94 24.59 64.81
N ARG F 157 -6.34 24.83 63.55
CA ARG F 157 -5.41 25.31 62.53
C ARG F 157 -5.35 26.83 62.66
N HIS F 158 -4.27 27.44 62.14
CA HIS F 158 -4.22 28.90 61.97
C HIS F 158 -5.37 29.28 61.02
N PRO F 159 -6.03 30.44 61.23
CA PRO F 159 -7.18 30.81 60.41
C PRO F 159 -6.93 30.73 58.90
N GLU F 160 -5.75 31.15 58.45
CA GLU F 160 -5.45 31.16 57.02
C GLU F 160 -5.28 29.75 56.42
N ASN F 161 -5.20 28.72 57.27
CA ASN F 161 -5.08 27.33 56.83
C ASN F 161 -6.34 26.49 57.03
N THR F 162 -7.48 27.10 57.33
CA THR F 162 -8.70 26.32 57.62
C THR F 162 -9.43 25.86 56.35
N TYR F 163 -9.18 26.52 55.22
CA TYR F 163 -10.00 26.35 54.01
C TYR F 163 -11.50 26.68 54.21
N ALA F 164 -11.80 27.50 55.22
CA ALA F 164 -13.18 27.89 55.52
C ALA F 164 -13.35 29.38 55.31
N ASN F 165 -14.39 29.74 54.57
CA ASN F 165 -14.92 31.11 54.53
C ASN F 165 -16.45 30.88 54.48
N GLY F 166 -16.98 30.42 53.35
CA GLY F 166 -18.42 30.22 53.16
C GLY F 166 -18.60 30.90 51.80
N LYS F 167 -17.50 31.10 51.07
CA LYS F 167 -17.55 31.76 49.77
C LYS F 167 -17.46 30.71 48.67
N THR F 168 -18.21 30.97 47.61
CA THR F 168 -18.21 30.15 46.41
C THR F 168 -17.83 31.03 45.23
N GLY F 169 -17.04 30.51 44.28
CA GLY F 169 -16.74 31.25 43.07
C GLY F 169 -17.94 31.32 42.12
N ILE F 170 -18.32 30.17 41.58
CA ILE F 170 -19.44 30.08 40.64
C ILE F 170 -20.35 28.96 41.13
N HIS F 171 -21.63 29.29 41.28
CA HIS F 171 -22.65 28.34 41.68
C HIS F 171 -23.76 28.33 40.63
N VAL F 172 -23.94 27.19 39.95
CA VAL F 172 -25.02 27.03 39.01
C VAL F 172 -26.10 26.18 39.69
N ALA F 173 -27.24 26.81 39.96
CA ALA F 173 -28.30 26.20 40.75
C ALA F 173 -29.32 25.46 39.90
N SER F 174 -29.47 25.83 38.64
CA SER F 174 -30.52 25.30 37.79
C SER F 174 -29.98 24.35 36.75
N ALA F 175 -30.86 23.48 36.25
CA ALA F 175 -30.54 22.61 35.12
C ALA F 175 -29.99 23.46 33.97
N ASN F 176 -28.93 22.97 33.34
CA ASN F 176 -28.16 23.76 32.39
C ASN F 176 -27.65 22.84 31.30
N ASP F 177 -27.43 23.43 30.11
CA ASP F 177 -26.98 22.68 28.94
C ASP F 177 -25.86 23.45 28.27
N SER F 178 -24.83 22.74 27.86
CA SER F 178 -23.75 23.30 27.04
C SER F 178 -22.99 24.46 27.70
N PHE F 179 -22.88 24.44 29.02
CA PHE F 179 -22.08 25.46 29.73
C PHE F 179 -20.59 25.19 29.55
N ARG F 180 -19.80 26.25 29.69
CA ARG F 180 -18.33 26.15 29.67
C ARG F 180 -17.69 26.98 30.76
N VAL F 181 -16.69 26.38 31.40
CA VAL F 181 -15.82 27.06 32.34
C VAL F 181 -14.41 26.71 31.90
N THR F 182 -13.68 27.72 31.43
CA THR F 182 -12.38 27.51 30.79
C THR F 182 -11.37 28.57 31.18
N ASP F 183 -10.11 28.14 31.28
CA ASP F 183 -9.00 29.05 31.53
C ASP F 183 -9.09 29.89 32.82
N MET F 184 -9.95 29.50 33.75
CA MET F 184 -10.15 30.27 34.97
C MET F 184 -9.01 30.06 35.96
N GLY F 185 -8.92 31.00 36.89
CA GLY F 185 -8.15 30.82 38.11
C GLY F 185 -9.12 31.00 39.28
N PHE F 186 -9.12 30.04 40.19
CA PHE F 186 -9.87 30.13 41.44
C PHE F 186 -8.90 29.94 42.61
N VAL F 187 -9.03 30.76 43.63
CA VAL F 187 -8.10 30.71 44.77
C VAL F 187 -8.78 31.18 46.05
N TYR F 188 -8.50 30.48 47.14
CA TYR F 188 -8.96 30.85 48.48
C TYR F 188 -10.48 30.97 48.63
N LEU F 189 -11.19 30.05 47.97
CA LEU F 189 -12.63 29.92 48.11
C LEU F 189 -12.94 28.61 48.82
N GLU F 190 -13.91 28.62 49.74
CA GLU F 190 -14.33 27.37 50.36
C GLU F 190 -14.85 26.39 49.30
N ASN F 191 -15.59 26.91 48.32
CA ASN F 191 -16.01 26.15 47.13
C ASN F 191 -15.69 26.95 45.87
N ALA F 192 -14.90 26.38 44.98
CA ALA F 192 -14.57 27.10 43.74
C ALA F 192 -15.77 27.13 42.78
N LEU F 193 -16.23 25.94 42.42
CA LEU F 193 -17.14 25.75 41.32
C LEU F 193 -18.12 24.63 41.63
N THR F 194 -19.39 24.98 41.76
CA THR F 194 -20.45 23.99 42.06
C THR F 194 -21.56 24.12 41.04
N ILE F 195 -21.80 23.04 40.28
CA ILE F 195 -22.76 23.06 39.19
C ILE F 195 -23.77 21.94 39.39
N HIS F 196 -25.02 22.35 39.57
CA HIS F 196 -26.14 21.40 39.72
C HIS F 196 -26.73 21.07 38.36
N LYS F 197 -27.13 19.82 38.18
CA LYS F 197 -28.00 19.40 37.08
C LYS F 197 -27.41 19.74 35.69
N ALA F 198 -26.15 19.38 35.51
CA ALA F 198 -25.42 19.73 34.28
C ALA F 198 -25.63 18.74 33.14
N ASP F 199 -25.83 19.28 31.94
CA ASP F 199 -25.89 18.50 30.72
C ASP F 199 -24.85 19.06 29.75
N ALA F 200 -23.98 18.18 29.25
CA ALA F 200 -23.03 18.53 28.20
C ALA F 200 -22.16 19.74 28.60
N LEU F 201 -21.75 19.73 29.86
CA LEU F 201 -20.89 20.74 30.42
C LEU F 201 -19.44 20.43 30.10
N SER F 202 -18.65 21.47 29.86
CA SER F 202 -17.20 21.34 29.75
C SER F 202 -16.49 22.24 30.75
N ILE F 203 -15.74 21.62 31.65
CA ILE F 203 -14.85 22.33 32.57
C ILE F 203 -13.45 21.98 32.10
N HIS F 204 -12.80 22.94 31.43
CA HIS F 204 -11.61 22.67 30.62
C HIS F 204 -10.50 23.68 30.86
N HIS F 205 -9.31 23.17 31.14
CA HIS F 205 -8.10 23.99 31.23
C HIS F 205 -8.16 25.13 32.24
N ASN F 206 -8.68 24.82 33.42
CA ASN F 206 -8.70 25.77 34.53
C ASN F 206 -7.57 25.50 35.50
N PHE F 207 -7.36 26.47 36.39
CA PHE F 207 -6.46 26.34 37.52
C PHE F 207 -7.29 26.60 38.77
N ILE F 208 -7.56 25.55 39.54
CA ILE F 208 -8.52 25.58 40.63
C ILE F 208 -7.78 25.07 41.85
N ALA F 209 -7.23 25.97 42.64
CA ALA F 209 -6.29 25.58 43.71
C ALA F 209 -6.45 26.38 44.99
N GLU F 210 -6.04 25.76 46.10
CA GLU F 210 -6.15 26.38 47.43
C GLU F 210 -7.59 26.82 47.69
N CYS F 211 -8.51 25.93 47.32
CA CYS F 211 -9.92 26.08 47.63
C CYS F 211 -10.31 24.88 48.45
N GLY F 212 -11.28 25.03 49.36
CA GLY F 212 -11.68 23.93 50.24
C GLY F 212 -12.14 22.73 49.44
N SER F 213 -13.08 22.99 48.54
CA SER F 213 -13.46 22.06 47.48
C SER F 213 -13.34 22.79 46.14
N CYS F 214 -12.92 22.05 45.11
CA CYS F 214 -12.73 22.64 43.79
C CYS F 214 -13.92 22.49 42.84
N ILE F 215 -14.15 21.31 42.30
CA ILE F 215 -15.22 21.08 41.33
C ILE F 215 -16.23 20.14 41.99
N GLU F 216 -17.47 20.57 42.12
CA GLU F 216 -18.58 19.70 42.58
C GLU F 216 -19.69 19.72 41.56
N LEU F 217 -20.03 18.55 41.01
CA LEU F 217 -21.18 18.41 40.14
C LEU F 217 -22.30 17.72 40.92
N ARG F 218 -23.33 18.47 41.24
CA ARG F 218 -24.37 18.02 42.17
C ARG F 218 -25.71 17.76 41.50
N GLY F 219 -26.57 17.05 42.23
CA GLY F 219 -27.94 16.75 41.81
C GLY F 219 -27.91 15.53 40.90
N TRP F 220 -27.70 15.81 39.62
CA TRP F 220 -27.55 14.81 38.61
C TRP F 220 -26.85 15.45 37.42
N GLY F 221 -26.56 14.66 36.39
CA GLY F 221 -26.06 15.22 35.16
C GLY F 221 -25.76 14.19 34.12
N GLN F 222 -25.42 14.66 32.93
CA GLN F 222 -25.11 13.77 31.84
C GLN F 222 -24.16 14.38 30.85
N ALA F 223 -23.45 13.49 30.15
CA ALA F 223 -22.72 13.82 28.93
C ALA F 223 -21.71 14.96 29.09
N SER F 224 -21.11 15.07 30.27
CA SER F 224 -20.22 16.20 30.58
C SER F 224 -18.77 15.77 30.62
N LYS F 225 -17.87 16.76 30.71
CA LYS F 225 -16.45 16.47 30.76
C LYS F 225 -15.66 17.47 31.60
N ILE F 226 -14.66 16.95 32.29
CA ILE F 226 -13.74 17.70 33.13
C ILE F 226 -12.36 17.32 32.63
N THR F 227 -11.73 18.25 31.91
CA THR F 227 -10.52 17.95 31.15
C THR F 227 -9.44 19.01 31.30
N ASP F 228 -8.20 18.54 31.43
CA ASP F 228 -7.03 19.42 31.30
C ASP F 228 -6.95 20.49 32.39
N ASN F 229 -7.45 20.19 33.59
CA ASN F 229 -7.41 21.12 34.72
C ASN F 229 -6.24 20.80 35.64
N LEU F 230 -5.75 21.86 36.28
CA LEU F 230 -4.85 21.77 37.44
C LEU F 230 -5.70 22.04 38.66
N VAL F 231 -5.67 21.11 39.62
CA VAL F 231 -6.65 21.09 40.71
C VAL F 231 -5.97 20.73 42.03
N GLY F 232 -6.21 21.53 43.08
CA GLY F 232 -5.78 21.19 44.45
C GLY F 232 -6.73 21.73 45.51
N ALA F 233 -7.28 20.84 46.32
CA ALA F 233 -8.30 21.21 47.29
C ALA F 233 -7.75 21.18 48.72
N GLY F 234 -8.66 21.18 49.69
CA GLY F 234 -8.32 21.13 51.11
C GLY F 234 -8.79 19.83 51.75
N PRO F 235 -8.26 19.53 52.95
CA PRO F 235 -8.40 18.16 53.48
C PRO F 235 -9.79 17.70 53.90
N ARG F 236 -10.75 18.61 54.02
CA ARG F 236 -12.15 18.23 54.26
C ARG F 236 -13.00 18.31 53.01
N GLY F 237 -12.39 18.64 51.87
CA GLY F 237 -13.14 18.92 50.65
C GLY F 237 -12.82 18.03 49.47
N HIS F 238 -13.57 18.24 48.40
CA HIS F 238 -13.42 17.49 47.16
C HIS F 238 -12.52 18.21 46.15
N SER F 239 -11.75 17.44 45.38
CA SER F 239 -11.03 17.99 44.24
C SER F 239 -11.98 17.96 43.04
N ILE F 240 -12.40 16.75 42.66
CA ILE F 240 -13.41 16.53 41.65
C ILE F 240 -14.47 15.64 42.29
N TYR F 241 -15.71 16.13 42.33
CA TYR F 241 -16.84 15.37 42.89
C TYR F 241 -17.98 15.38 41.90
N ALA F 242 -18.67 14.26 41.79
CA ALA F 242 -19.87 14.18 40.96
C ALA F 242 -20.83 13.20 41.60
N GLU F 243 -22.12 13.52 41.55
CA GLU F 243 -23.16 12.62 41.99
C GLU F 243 -24.23 12.47 40.93
N ASN F 244 -24.69 11.23 40.76
CA ASN F 244 -25.78 10.91 39.83
C ASN F 244 -25.54 11.45 38.43
N HIS F 245 -24.30 11.32 37.97
CA HIS F 245 -23.94 11.67 36.61
C HIS F 245 -23.84 10.39 35.79
N GLY F 246 -24.33 10.43 34.56
CA GLY F 246 -24.07 9.40 33.54
C GLY F 246 -23.22 9.96 32.42
N GLY F 247 -22.27 9.17 31.92
CA GLY F 247 -21.47 9.59 30.77
C GLY F 247 -20.53 10.77 30.96
N LEU F 248 -19.99 10.87 32.17
CA LEU F 248 -18.99 11.88 32.51
C LEU F 248 -17.62 11.41 32.08
N LEU F 249 -16.83 12.32 31.51
CA LEU F 249 -15.46 12.01 31.14
C LEU F 249 -14.53 12.91 31.95
N VAL F 250 -13.68 12.29 32.77
CA VAL F 250 -12.72 13.02 33.59
C VAL F 250 -11.35 12.58 33.13
N THR F 251 -10.65 13.47 32.42
CA THR F 251 -9.39 13.08 31.81
C THR F 251 -8.41 14.23 31.65
N ALA F 252 -7.14 13.84 31.61
CA ALA F 252 -6.01 14.76 31.39
C ALA F 252 -5.92 15.84 32.47
N ASN F 253 -6.41 15.53 33.67
CA ASN F 253 -6.27 16.46 34.80
C ASN F 253 -5.03 16.13 35.59
N ASN F 254 -4.38 17.17 36.10
CA ASN F 254 -3.29 17.01 37.06
C ASN F 254 -3.83 17.50 38.40
N VAL F 255 -4.17 16.54 39.26
CA VAL F 255 -4.78 16.78 40.56
C VAL F 255 -3.69 16.57 41.58
N PHE F 256 -3.37 17.62 42.32
CA PHE F 256 -2.33 17.59 43.35
C PHE F 256 -3.00 17.79 44.69
N PRO F 257 -2.24 17.68 45.80
CA PRO F 257 -2.87 17.81 47.11
C PRO F 257 -3.54 19.18 47.37
N ARG F 258 -4.41 19.29 48.38
CA ARG F 258 -4.58 18.32 49.48
C ARG F 258 -6.05 18.09 49.81
N GLY F 259 -6.86 17.84 48.79
CA GLY F 259 -8.25 17.41 48.98
C GLY F 259 -8.38 16.12 49.79
N ALA F 260 -9.53 15.94 50.44
CA ALA F 260 -9.86 14.66 51.06
C ALA F 260 -9.68 13.50 50.07
N SER F 261 -10.03 13.77 48.82
CA SER F 261 -9.90 12.83 47.72
C SER F 261 -9.53 13.60 46.45
N SER F 262 -9.12 12.85 45.44
CA SER F 262 -8.84 13.35 44.11
C SER F 262 -10.10 13.34 43.22
N VAL F 263 -10.79 12.21 43.20
CA VAL F 263 -12.06 12.05 42.46
C VAL F 263 -13.00 11.26 43.37
N HIS F 264 -14.20 11.78 43.54
CA HIS F 264 -15.20 11.15 44.41
C HIS F 264 -16.52 11.12 43.63
N PHE F 265 -17.02 9.91 43.40
CA PHE F 265 -18.29 9.68 42.74
C PHE F 265 -19.27 9.08 43.71
N LYS F 266 -20.51 9.57 43.68
CA LYS F 266 -21.63 8.94 44.36
C LYS F 266 -22.74 8.70 43.35
N GLY F 267 -23.13 7.43 43.15
CA GLY F 267 -24.16 7.08 42.15
C GLY F 267 -23.82 7.48 40.71
N VAL F 268 -22.53 7.46 40.37
CA VAL F 268 -22.08 7.82 39.03
C VAL F 268 -22.02 6.56 38.19
N THR F 269 -22.59 6.61 36.99
CA THR F 269 -22.64 5.44 36.11
C THR F 269 -22.06 5.73 34.74
N ARG F 270 -21.54 4.67 34.10
CA ARG F 270 -21.21 4.69 32.67
C ARG F 270 -20.32 5.89 32.30
N SER F 271 -19.32 6.11 33.14
CA SER F 271 -18.45 7.27 33.05
C SER F 271 -17.01 6.79 33.01
N SER F 272 -16.08 7.71 32.77
CA SER F 272 -14.67 7.36 32.61
C SER F 272 -13.77 8.34 33.37
N VAL F 273 -12.91 7.78 34.22
CA VAL F 273 -11.86 8.52 34.92
C VAL F 273 -10.55 7.93 34.42
N THR F 274 -9.98 8.59 33.41
CA THR F 274 -8.94 7.99 32.60
C THR F 274 -7.85 9.00 32.28
N ASN F 275 -6.60 8.54 32.32
CA ASN F 275 -5.46 9.34 31.95
C ASN F 275 -5.38 10.65 32.74
N ASN F 276 -5.48 10.53 34.06
CA ASN F 276 -5.20 11.66 34.94
C ASN F 276 -3.95 11.37 35.73
N ARG F 277 -3.30 12.43 36.19
CA ARG F 277 -2.22 12.33 37.18
C ARG F 277 -2.81 12.79 38.50
N LEU F 278 -2.73 11.92 39.52
CA LEU F 278 -3.40 12.13 40.80
C LEU F 278 -2.37 12.00 41.90
N HIS F 279 -2.24 13.04 42.73
CA HIS F 279 -1.32 13.03 43.87
C HIS F 279 -2.08 13.43 45.13
N ALA F 280 -2.00 12.57 46.14
CA ALA F 280 -2.63 12.80 47.43
C ALA F 280 -1.65 12.57 48.56
N PHE F 281 -1.90 13.26 49.67
CA PHE F 281 -1.20 13.01 50.93
C PHE F 281 -1.97 12.07 51.86
N TYR F 282 -3.13 11.57 51.43
CA TYR F 282 -4.00 10.72 52.25
C TYR F 282 -4.59 9.57 51.43
N PRO F 283 -5.03 8.49 52.11
CA PRO F 283 -5.80 7.44 51.43
C PRO F 283 -7.15 7.92 50.93
N GLY F 284 -7.83 7.11 50.12
CA GLY F 284 -9.15 7.44 49.61
C GLY F 284 -9.09 8.45 48.47
N MET F 285 -8.13 8.23 47.57
CA MET F 285 -7.88 9.16 46.46
C MET F 285 -9.00 9.15 45.44
N VAL F 286 -9.44 7.96 45.05
CA VAL F 286 -10.55 7.81 44.12
C VAL F 286 -11.60 6.92 44.75
N ARG F 287 -12.79 7.47 44.92
CA ARG F 287 -13.87 6.82 45.65
C ARG F 287 -15.08 6.70 44.74
N LEU F 288 -15.47 5.47 44.44
CA LEU F 288 -16.69 5.16 43.71
C LEU F 288 -17.64 4.60 44.77
N GLU F 289 -18.66 5.38 45.10
CA GLU F 289 -19.57 5.04 46.19
C GLU F 289 -21.03 5.02 45.74
N GLU F 290 -21.85 4.38 46.55
CA GLU F 290 -23.31 4.45 46.43
C GLU F 290 -23.77 4.00 45.04
N ASN F 291 -23.45 2.76 44.71
CA ASN F 291 -23.82 2.16 43.41
C ASN F 291 -23.22 2.92 42.21
N SER F 292 -21.93 3.24 42.26
CA SER F 292 -21.21 3.77 41.11
C SER F 292 -20.77 2.60 40.23
N SER F 293 -21.40 2.49 39.06
CA SER F 293 -21.38 1.26 38.29
C SER F 293 -21.03 1.50 36.85
N GLU F 294 -20.43 0.49 36.21
CA GLU F 294 -20.11 0.50 34.78
C GLU F 294 -19.19 1.67 34.39
N ASN F 295 -18.28 2.03 35.29
CA ASN F 295 -17.31 3.08 35.02
C ASN F 295 -15.96 2.49 34.62
N LEU F 296 -15.23 3.24 33.79
CA LEU F 296 -13.86 2.91 33.41
C LEU F 296 -12.93 3.79 34.23
N VAL F 297 -11.98 3.17 34.93
CA VAL F 297 -10.90 3.87 35.64
C VAL F 297 -9.62 3.30 35.08
N ALA F 298 -9.02 4.02 34.11
CA ALA F 298 -7.93 3.49 33.33
C ALA F 298 -6.76 4.43 33.19
N THR F 299 -5.57 3.85 33.12
CA THR F 299 -4.33 4.55 32.79
C THR F 299 -4.12 5.88 33.52
N ASN F 300 -4.51 5.89 34.80
CA ASN F 300 -4.18 7.00 35.69
C ASN F 300 -2.88 6.70 36.41
N HIS F 301 -2.16 7.75 36.76
CA HIS F 301 -1.02 7.64 37.64
C HIS F 301 -1.46 8.12 39.02
N PHE F 302 -1.42 7.22 40.00
CA PHE F 302 -1.73 7.53 41.40
C PHE F 302 -0.42 7.62 42.18
N LEU F 303 -0.25 8.70 42.95
CA LEU F 303 0.80 8.79 43.97
C LEU F 303 0.16 9.14 45.29
N ARG F 304 0.38 8.31 46.30
CA ARG F 304 0.05 8.64 47.70
C ARG F 304 1.35 8.67 48.49
N ASP F 305 1.60 9.81 49.14
CA ASP F 305 2.76 9.96 50.03
C ASP F 305 2.42 10.85 51.23
N HIS F 306 3.42 11.26 52.02
CA HIS F 306 3.17 12.10 53.18
C HIS F 306 3.35 13.60 52.87
N GLU F 307 2.48 14.42 53.45
CA GLU F 307 2.62 15.88 53.43
C GLU F 307 4.03 16.29 53.84
N PRO F 308 4.77 17.04 52.99
CA PRO F 308 6.11 17.46 53.37
C PRO F 308 6.24 18.86 53.97
N TRP F 309 5.14 19.63 53.97
CA TRP F 309 5.18 21.05 54.35
C TRP F 309 4.64 21.24 55.77
N THR F 310 5.48 21.83 56.63
CA THR F 310 5.23 21.87 58.08
C THR F 310 3.84 22.35 58.50
N PRO F 311 3.34 23.47 57.92
CA PRO F 311 2.02 23.94 58.37
C PRO F 311 0.86 22.94 58.28
N PHE F 312 0.95 21.96 57.37
CA PHE F 312 -0.09 20.94 57.21
C PHE F 312 0.40 19.52 57.51
N PHE F 313 1.61 19.39 58.07
CA PHE F 313 2.25 18.10 58.26
C PHE F 313 1.38 17.10 59.04
N GLY F 314 0.73 17.57 60.11
CA GLY F 314 -0.13 16.72 60.95
C GLY F 314 -1.61 16.70 60.59
N VAL F 315 -1.97 17.36 59.50
CA VAL F 315 -3.37 17.50 59.07
C VAL F 315 -3.64 16.37 58.09
N ASP F 316 -4.78 15.70 58.24
CA ASP F 316 -5.17 14.65 57.29
C ASP F 316 -6.69 14.53 57.13
N ASN F 317 -7.12 13.56 56.34
CA ASN F 317 -8.54 13.40 56.00
C ASN F 317 -9.27 12.36 56.87
N GLY F 318 -8.64 11.91 57.95
CA GLY F 318 -9.26 10.99 58.89
C GLY F 318 -9.31 9.52 58.48
N LEU F 319 -8.75 9.16 57.33
CA LEU F 319 -8.88 7.82 56.77
C LEU F 319 -7.61 7.02 56.96
N ASP F 320 -7.76 5.75 57.33
CA ASP F 320 -6.61 4.89 57.61
C ASP F 320 -6.11 4.20 56.33
N ASP F 321 -5.01 3.47 56.45
CA ASP F 321 -4.37 2.85 55.28
C ASP F 321 -5.06 1.60 54.76
N LEU F 322 -6.05 1.10 55.48
CA LEU F 322 -6.90 0.02 54.97
C LEU F 322 -7.98 0.54 54.00
N THR F 323 -8.12 1.86 53.88
CA THR F 323 -9.14 2.48 53.02
C THR F 323 -8.98 2.07 51.55
N GLY F 324 -7.74 2.05 51.09
CA GLY F 324 -7.44 1.96 49.66
C GLY F 324 -7.15 3.33 49.07
N LEU F 325 -6.29 3.35 48.05
CA LEU F 325 -6.13 4.51 47.16
C LEU F 325 -7.32 4.64 46.22
N LEU F 326 -7.79 3.50 45.72
CA LEU F 326 -8.99 3.39 44.91
C LEU F 326 -9.98 2.47 45.64
N SER F 327 -11.14 3.01 46.01
CA SER F 327 -12.18 2.24 46.70
C SER F 327 -13.43 2.21 45.85
N ILE F 328 -14.00 1.02 45.66
CA ILE F 328 -15.15 0.82 44.76
C ILE F 328 -16.31 0.11 45.46
N SER F 329 -17.47 0.77 45.46
CA SER F 329 -18.72 0.19 45.88
C SER F 329 -19.71 0.36 44.73
N GLY F 330 -19.88 -0.69 43.94
CA GLY F 330 -20.73 -0.67 42.74
C GLY F 330 -20.41 -1.83 41.83
N ASN F 331 -21.20 -1.98 40.77
CA ASN F 331 -21.14 -3.13 39.90
C ASN F 331 -20.47 -2.83 38.56
N ASN F 332 -19.76 -3.85 38.04
CA ASN F 332 -19.43 -3.90 36.62
C ASN F 332 -18.48 -2.79 36.15
N ASN F 333 -17.67 -2.29 37.08
CA ASN F 333 -16.67 -1.30 36.75
C ASN F 333 -15.46 -1.99 36.09
N SER F 334 -14.62 -1.16 35.48
CA SER F 334 -13.43 -1.60 34.78
C SER F 334 -12.24 -0.77 35.29
N VAL F 335 -11.26 -1.43 35.90
CA VAL F 335 -10.07 -0.79 36.45
C VAL F 335 -8.85 -1.37 35.73
N ILE F 336 -8.31 -0.62 34.77
CA ILE F 336 -7.35 -1.16 33.83
C ILE F 336 -6.14 -0.25 33.62
N GLY F 337 -4.94 -0.80 33.77
CA GLY F 337 -3.74 -0.13 33.29
C GLY F 337 -3.29 1.05 34.12
N ASN F 338 -3.62 1.07 35.40
CA ASN F 338 -3.23 2.16 36.28
C ASN F 338 -1.89 1.86 36.92
N HIS F 339 -1.20 2.94 37.27
CA HIS F 339 0.03 2.88 38.05
C HIS F 339 -0.27 3.44 39.42
N PHE F 340 0.15 2.73 40.47
CA PHE F 340 0.02 3.20 41.83
C PHE F 340 1.39 3.24 42.52
N SER F 341 1.78 4.41 42.98
CA SER F 341 2.95 4.56 43.86
C SER F 341 2.45 4.87 45.27
N GLU F 342 2.85 4.03 46.23
CA GLU F 342 2.43 4.12 47.62
C GLU F 342 3.71 4.36 48.41
N VAL F 343 3.91 5.57 48.92
CA VAL F 343 5.18 5.95 49.55
C VAL F 343 4.86 6.42 50.94
N VAL F 344 5.00 5.55 51.94
CA VAL F 344 4.55 5.83 53.30
C VAL F 344 5.58 5.41 54.34
N ASP F 345 5.42 5.94 55.55
CA ASP F 345 6.28 5.59 56.68
C ASP F 345 5.70 4.36 57.34
N ALA F 346 6.41 3.23 57.23
CA ALA F 346 5.93 1.92 57.72
C ALA F 346 5.53 1.92 59.20
N ASN F 347 6.27 2.65 60.04
CA ASN F 347 5.95 2.69 61.47
C ASN F 347 4.85 3.70 61.85
N GLU F 348 4.25 4.37 60.86
CA GLU F 348 3.08 5.23 61.07
C GLU F 348 1.84 4.72 60.30
N ILE F 349 1.89 3.48 59.81
CA ILE F 349 0.72 2.86 59.15
C ILE F 349 -0.39 2.70 60.19
N ARG F 350 -1.61 3.03 59.79
CA ARG F 350 -2.79 2.98 60.67
C ARG F 350 -3.85 2.08 60.04
N PRO F 351 -4.52 1.22 60.82
CA PRO F 351 -4.21 0.97 62.25
C PRO F 351 -2.93 0.17 62.40
N GLU F 352 -2.32 0.16 63.59
CA GLU F 352 -1.06 -0.57 63.75
C GLU F 352 -1.26 -2.07 63.53
N GLY F 353 -0.34 -2.68 62.80
CA GLY F 353 -0.44 -4.07 62.38
C GLY F 353 -1.04 -4.26 61.00
N ALA F 354 -1.66 -3.22 60.44
CA ALA F 354 -2.27 -3.30 59.11
C ALA F 354 -1.24 -3.32 57.99
N THR F 355 -1.67 -3.86 56.86
CA THR F 355 -0.93 -3.80 55.61
C THR F 355 -1.70 -2.81 54.72
N PRO F 356 -1.02 -1.79 54.18
CA PRO F 356 -1.77 -0.81 53.38
C PRO F 356 -2.44 -1.44 52.16
N VAL F 357 -3.64 -0.99 51.83
CA VAL F 357 -4.33 -1.52 50.65
C VAL F 357 -4.34 -0.45 49.56
N ILE F 358 -4.26 -0.93 48.32
CA ILE F 358 -4.20 -0.05 47.16
C ILE F 358 -5.59 0.04 46.52
N ILE F 359 -6.08 -1.07 45.97
CA ILE F 359 -7.43 -1.14 45.39
C ILE F 359 -8.31 -1.95 46.34
N ARG F 360 -9.44 -1.37 46.76
CA ARG F 360 -10.39 -2.09 47.61
C ARG F 360 -11.76 -2.14 46.96
N LEU F 361 -12.32 -3.35 46.89
CA LEU F 361 -13.68 -3.59 46.38
C LEU F 361 -14.54 -3.90 47.60
N THR F 362 -15.37 -2.93 48.01
CA THR F 362 -16.14 -3.04 49.25
C THR F 362 -17.53 -3.65 49.06
N ALA F 363 -18.11 -3.43 47.89
CA ALA F 363 -19.43 -3.97 47.56
C ALA F 363 -19.62 -3.96 46.07
N GLY F 364 -20.52 -4.83 45.58
CA GLY F 364 -20.81 -4.95 44.16
C GLY F 364 -20.25 -6.18 43.49
N THR F 365 -20.77 -6.47 42.30
CA THR F 365 -20.37 -7.63 41.52
C THR F 365 -19.84 -7.23 40.14
N GLY F 366 -19.04 -8.11 39.56
CA GLY F 366 -18.66 -8.01 38.16
C GLY F 366 -17.62 -6.97 37.85
N ASN F 367 -16.87 -6.54 38.86
CA ASN F 367 -15.79 -5.57 38.60
C ASN F 367 -14.62 -6.28 37.98
N PHE F 368 -14.06 -5.65 36.95
CA PHE F 368 -12.95 -6.18 36.14
C PHE F 368 -11.76 -5.31 36.45
N VAL F 369 -10.74 -5.89 37.09
CA VAL F 369 -9.55 -5.20 37.51
C VAL F 369 -8.38 -5.91 36.84
N SER F 370 -7.73 -5.25 35.87
CA SER F 370 -6.66 -5.92 35.13
C SER F 370 -5.49 -5.00 34.83
N THR F 371 -4.28 -5.56 34.94
CA THR F 371 -3.06 -4.94 34.40
C THR F 371 -2.74 -3.63 35.12
N ASN F 372 -2.64 -3.69 36.44
CA ASN F 372 -2.34 -2.53 37.25
C ASN F 372 -1.02 -2.80 37.94
N HIS F 373 -0.15 -1.79 38.00
CA HIS F 373 1.19 -1.94 38.62
C HIS F 373 1.20 -1.18 39.92
N VAL F 374 1.51 -1.89 41.01
CA VAL F 374 1.63 -1.30 42.34
C VAL F 374 3.11 -1.25 42.72
N VAL F 375 3.54 -0.10 43.23
CA VAL F 375 4.91 0.12 43.69
C VAL F 375 4.78 0.71 45.09
N ALA F 376 5.35 0.04 46.09
CA ALA F 376 5.22 0.52 47.45
C ALA F 376 6.58 0.60 48.14
N MET F 377 6.76 1.65 48.93
CA MET F 377 8.03 2.01 49.57
C MET F 377 7.81 2.53 50.97
N ASP F 378 8.81 2.26 51.82
CA ASP F 378 8.86 2.73 53.19
C ASP F 378 9.84 3.90 53.27
N VAL F 379 9.34 5.11 53.56
CA VAL F 379 10.20 6.29 53.74
C VAL F 379 9.74 7.07 54.97
N ASP F 380 10.69 7.59 55.74
CA ASP F 380 10.39 8.51 56.86
C ASP F 380 9.76 9.79 56.34
N ALA F 381 8.71 10.24 57.00
CA ALA F 381 8.09 11.52 56.70
C ALA F 381 8.98 12.67 57.20
N ALA F 382 9.46 13.51 56.28
CA ALA F 382 10.17 14.76 56.61
C ALA F 382 9.18 15.94 56.64
N SER F 383 9.42 16.90 57.52
CA SER F 383 8.68 18.17 57.51
C SER F 383 9.67 19.29 57.24
N SER F 384 9.32 20.19 56.33
CA SER F 384 10.12 21.37 56.04
C SER F 384 9.22 22.58 55.91
N ASP F 385 9.76 23.76 56.24
CA ASP F 385 9.02 25.02 56.16
C ASP F 385 8.95 25.62 54.77
N SER F 386 9.82 25.18 53.86
CA SER F 386 9.93 25.79 52.54
C SER F 386 9.08 24.97 51.58
N ALA F 387 7.93 25.52 51.19
CA ALA F 387 6.88 24.74 50.52
C ALA F 387 7.33 24.07 49.23
N PHE F 388 7.72 24.85 48.22
CA PHE F 388 7.97 24.26 46.91
C PHE F 388 9.24 23.42 46.88
N GLU F 389 10.27 23.81 47.61
CA GLU F 389 11.49 23.01 47.71
C GLU F 389 11.19 21.64 48.31
N ALA F 390 10.44 21.62 49.41
CA ALA F 390 10.06 20.38 50.10
C ALA F 390 9.21 19.50 49.19
N GLN F 391 8.25 20.11 48.50
CA GLN F 391 7.35 19.38 47.58
C GLN F 391 8.10 18.72 46.42
N VAL F 392 8.98 19.46 45.77
CA VAL F 392 9.76 18.92 44.64
C VAL F 392 10.73 17.83 45.09
N ASP F 393 11.46 18.07 46.19
CA ASP F 393 12.40 17.08 46.72
C ASP F 393 11.71 15.75 47.06
N ALA F 394 10.54 15.83 47.69
CA ALA F 394 9.75 14.65 48.04
C ALA F 394 9.28 13.87 46.80
N LEU F 395 8.86 14.58 45.75
CA LEU F 395 8.46 13.91 44.50
C LEU F 395 9.62 13.19 43.82
N LEU F 396 10.82 13.77 43.88
CA LEU F 396 12.00 13.22 43.21
C LEU F 396 12.74 12.13 43.99
N ALA F 397 12.59 12.14 45.32
CA ALA F 397 13.29 11.16 46.18
C ALA F 397 12.72 9.75 45.97
N THR F 398 13.58 8.79 45.64
CA THR F 398 13.18 7.36 45.55
C THR F 398 14.06 6.43 46.41
N GLU F 399 14.82 7.01 47.35
CA GLU F 399 15.62 6.25 48.32
C GLU F 399 14.67 5.59 49.34
N ALA F 400 14.51 4.27 49.26
CA ALA F 400 13.50 3.58 50.08
C ALA F 400 13.67 2.07 50.19
N ALA F 401 13.08 1.50 51.24
CA ALA F 401 12.98 0.06 51.45
C ALA F 401 11.62 -0.40 50.92
N ASP F 402 11.58 -1.59 50.32
CA ASP F 402 10.32 -2.10 49.77
C ASP F 402 9.34 -2.49 50.88
N LEU F 403 8.07 -2.19 50.63
CA LEU F 403 7.01 -2.34 51.62
C LEU F 403 5.97 -3.30 51.03
N ALA F 404 5.65 -4.36 51.77
CA ALA F 404 4.58 -5.26 51.37
C ALA F 404 3.24 -4.51 51.45
N VAL F 405 2.42 -4.67 50.42
CA VAL F 405 1.08 -4.07 50.42
C VAL F 405 0.04 -5.05 49.87
N THR F 406 -1.22 -4.74 50.14
CA THR F 406 -2.33 -5.45 49.54
C THR F 406 -2.76 -4.65 48.30
N ALA F 407 -2.32 -5.14 47.14
CA ALA F 407 -2.67 -4.51 45.85
C ALA F 407 -4.18 -4.48 45.60
N VAL F 408 -4.86 -5.59 45.93
CA VAL F 408 -6.30 -5.68 45.78
C VAL F 408 -6.87 -6.40 46.98
N LEU F 409 -7.80 -5.74 47.68
CA LEU F 409 -8.58 -6.33 48.76
C LEU F 409 -10.04 -6.41 48.29
N VAL F 410 -10.58 -7.63 48.18
CA VAL F 410 -11.98 -7.82 47.83
C VAL F 410 -12.69 -8.21 49.10
N ASP F 411 -13.50 -7.30 49.64
CA ASP F 411 -14.30 -7.61 50.82
C ASP F 411 -15.30 -8.73 50.51
N PRO F 412 -15.71 -9.51 51.54
CA PRO F 412 -16.72 -10.55 51.28
C PRO F 412 -18.04 -10.03 50.69
N GLY F 413 -18.39 -8.77 50.96
CA GLY F 413 -19.57 -8.13 50.38
C GLY F 413 -19.50 -7.78 48.88
N SER F 414 -18.34 -7.99 48.26
CA SER F 414 -18.18 -7.86 46.81
C SER F 414 -17.74 -9.21 46.23
N ALA F 415 -18.45 -9.72 45.24
CA ALA F 415 -18.20 -11.07 44.71
C ALA F 415 -18.32 -11.08 43.21
N ARG F 416 -17.86 -12.16 42.59
CA ARG F 416 -17.93 -12.37 41.14
C ARG F 416 -17.19 -11.27 40.39
N ASN F 417 -16.03 -10.89 40.92
CA ASN F 417 -15.12 -9.96 40.28
C ASN F 417 -14.05 -10.75 39.55
N THR F 418 -13.35 -10.04 38.67
CA THR F 418 -12.24 -10.60 37.87
C THR F 418 -11.03 -9.72 38.15
N ILE F 419 -9.97 -10.32 38.71
CA ILE F 419 -8.77 -9.63 39.13
C ILE F 419 -7.58 -10.28 38.40
N LEU F 420 -6.99 -9.58 37.44
CA LEU F 420 -5.94 -10.13 36.58
C LEU F 420 -4.67 -9.28 36.62
N ASP F 421 -3.52 -9.92 36.82
CA ASP F 421 -2.23 -9.23 36.71
C ASP F 421 -2.21 -7.87 37.43
N SER F 422 -2.75 -7.88 38.64
CA SER F 422 -2.79 -6.68 39.49
C SER F 422 -2.16 -6.98 40.85
N GLY F 423 -1.33 -8.01 40.90
CA GLY F 423 -0.65 -8.40 42.12
C GLY F 423 -0.41 -9.88 42.20
N SER F 424 0.61 -10.26 42.95
CA SER F 424 0.85 -11.67 43.29
C SER F 424 -0.30 -12.17 44.15
N ASP F 425 -0.33 -13.48 44.38
CA ASP F 425 -1.35 -14.07 45.25
C ASP F 425 -1.35 -13.47 46.65
N THR F 426 -0.17 -13.26 47.22
CA THR F 426 -0.05 -12.62 48.54
C THR F 426 -0.60 -11.19 48.55
N GLN F 427 -0.42 -10.48 47.44
CA GLN F 427 -0.92 -9.10 47.31
C GLN F 427 -2.43 -8.98 47.05
N VAL F 428 -3.07 -10.09 46.67
CA VAL F 428 -4.51 -10.09 46.35
C VAL F 428 -5.26 -10.89 47.41
N VAL F 429 -5.96 -10.18 48.28
CA VAL F 429 -6.74 -10.76 49.36
C VAL F 429 -8.19 -10.82 48.90
N ALA F 430 -8.65 -12.04 48.66
CA ALA F 430 -9.93 -12.29 47.99
C ALA F 430 -10.28 -13.76 48.04
N ASP F 431 -11.58 -14.03 48.12
CA ASP F 431 -12.10 -15.39 48.08
C ASP F 431 -12.02 -15.95 46.67
N ARG F 432 -11.07 -16.86 46.43
CA ARG F 432 -10.89 -17.47 45.12
C ARG F 432 -12.08 -18.30 44.62
N ALA F 433 -12.95 -18.75 45.53
CA ALA F 433 -14.09 -19.58 45.14
C ALA F 433 -15.16 -18.79 44.40
N VAL F 434 -15.24 -17.48 44.64
CA VAL F 434 -16.32 -16.64 44.11
C VAL F 434 -15.81 -15.41 43.34
N ASN F 435 -14.52 -15.41 42.99
CA ASN F 435 -13.94 -14.41 42.11
C ASN F 435 -13.00 -15.13 41.14
N ALA F 436 -12.72 -14.50 40.00
CA ALA F 436 -11.76 -15.01 39.03
C ALA F 436 -10.46 -14.26 39.24
N ILE F 437 -9.43 -14.96 39.72
CA ILE F 437 -8.17 -14.31 40.07
C ILE F 437 -6.99 -14.94 39.31
N ARG F 438 -6.21 -14.09 38.65
CA ARG F 438 -4.95 -14.52 38.05
C ARG F 438 -3.86 -13.65 38.62
N ALA F 439 -3.01 -14.28 39.41
CA ALA F 439 -1.86 -13.61 39.99
C ALA F 439 -0.92 -13.14 38.89
N THR F 440 -0.34 -11.96 39.09
CA THR F 440 0.77 -11.54 38.27
C THR F 440 1.87 -12.59 38.39
N PRO F 441 2.42 -13.08 37.26
CA PRO F 441 3.54 -14.02 37.35
C PRO F 441 4.71 -13.43 38.15
N THR F 442 5.41 -14.26 38.90
CA THR F 442 6.53 -13.81 39.74
C THR F 442 7.86 -14.45 39.35
N VAL F 443 8.93 -13.98 39.97
CA VAL F 443 10.18 -14.76 40.11
C VAL F 443 10.82 -14.48 41.46
C1 9F3 G . 29.41 -11.54 -24.08
C2 9F3 G . 30.79 -12.16 -24.49
C3 9F3 G . 28.70 -12.69 -23.33
C4 9F3 G . 27.74 -11.29 -27.53
C5 9F3 G . 30.09 -12.07 -26.81
C6 9F3 G . 29.82 -13.73 -23.02
O1 9F3 G . 30.74 -12.81 -25.79
C9 9F3 G . 31.90 -11.13 -24.57
O7 9F3 G . 32.03 -10.53 -23.27
O2 9F3 G . 31.06 -13.19 -23.56
C10 9F3 G . 29.50 -15.09 -23.64
O8 9F3 G . 30.53 -16.00 -23.17
O4 9F3 G . 28.05 -12.17 -22.14
O 9F3 G . 28.58 -11.07 -25.20
C 9F3 G . 28.63 -11.92 -26.43
O3 9F3 G . 28.10 -13.28 -26.25
C8 9F3 G . 26.75 -13.27 -26.78
C11 9F3 G . 26.17 -14.65 -27.01
O9 9F3 G . 27.13 -15.41 -27.75
C7 9F3 G . 26.96 -12.49 -28.07
O6 9F3 G . 25.76 -12.03 -28.58
O5 9F3 G . 28.41 -10.66 -28.64
C1 9F3 H . -7.98 -8.46 -11.44
C2 9F3 H . -8.08 -8.21 -9.91
C3 9F3 H . -7.64 -9.95 -11.59
C4 9F3 H . -4.88 -6.38 -12.26
C5 9F3 H . -6.08 -6.85 -9.99
C6 9F3 H . -7.92 -10.56 -10.18
O1 9F3 H . -6.82 -7.87 -9.32
C9 9F3 H . -9.13 -7.17 -9.51
O7 9F3 H . -10.39 -7.61 -10.06
O2 9F3 H . -8.40 -9.49 -9.33
C10 9F3 H . -6.66 -11.19 -9.58
O8 9F3 H . -7.05 -11.90 -8.38
O4 9F3 H . -8.48 -10.52 -12.64
O 9F3 H . -7.00 -7.63 -12.12
C 9F3 H . -5.74 -7.35 -11.39
O3 9F3 H . -4.94 -8.56 -11.24
C8 9F3 H . -3.93 -8.54 -12.28
C11 9F3 H . -2.78 -9.53 -12.03
O9 9F3 H . -2.39 -9.43 -10.65
C7 9F3 H . -3.49 -7.06 -12.26
O6 9F3 H . -2.79 -6.73 -13.42
O5 9F3 H . -4.80 -5.01 -11.78
C1 9F3 I . -29.57 16.03 21.04
C2 9F3 I . -30.87 15.49 21.73
C3 9F3 I . -28.60 14.84 21.09
C4 9F3 I . -28.42 18.54 23.73
C5 9F3 I . -30.48 17.00 23.56
C6 9F3 I . -29.47 13.60 21.41
O1 9F3 I . -30.85 15.69 23.16
C9 9F3 I . -32.11 16.14 21.16
O7 9F3 I . -32.21 15.72 19.77
O2 9F3 I . -30.86 14.07 21.60
C10 9F3 I . -28.85 12.90 22.62
O8 9F3 I . -29.70 11.78 22.93
O4 9F3 I . -27.86 14.74 19.83
O 9F3 I . -28.95 17.21 21.67
C 9F3 I . -29.02 17.22 23.17
O3 9F3 I . -28.23 16.16 23.82
C8 9F3 I . -27.00 16.79 24.27
C11 9F3 I . -26.22 15.89 25.23
O9 9F3 I . -27.09 15.52 26.29
C7 9F3 I . -27.54 18.06 24.87
O6 9F3 I . -26.54 19.01 25.06
O5 9F3 I . -29.36 19.49 24.30
C1 9F3 J . -0.31 -25.23 -46.44
C2 9F3 J . -1.51 -26.07 -46.93
C3 9F3 J . 0.33 -26.09 -45.34
C4 9F3 J . -2.22 -22.43 -44.66
C5 9F3 J . -3.05 -24.47 -46.02
C6 9F3 J . -0.25 -27.50 -45.51
O1 9F3 J . -2.75 -25.82 -46.22
C9 9F3 J . -1.78 -26.01 -48.42
O7 9F3 J . -0.56 -26.31 -49.10
O2 9F3 J . -1.16 -27.43 -46.67
C10 9F3 J . -1.14 -27.89 -44.33
O8 9F3 J . -1.31 -29.33 -44.40
O4 9F3 J . 1.77 -26.02 -45.44
O 9F3 J . -0.67 -23.94 -45.87
C 9F3 J . -1.96 -23.89 -45.13
O3 9F3 J . -1.96 -24.66 -43.87
C8 9F3 J . -1.75 -23.70 -42.79
C11 9F3 J . -2.03 -24.38 -41.46
O9 9F3 J . -3.39 -24.83 -41.45
C7 9F3 J . -2.69 -22.58 -43.20
O6 9F3 J . -2.40 -21.37 -42.55
O5 9F3 J . -3.18 -21.67 -45.40
C1 9F3 K . 8.09 19.60 9.05
C2 9F3 K . 8.32 18.95 7.63
C3 9F3 K . 7.98 18.38 10.02
C4 9F3 K . 4.54 20.95 8.48
C5 9F3 K . 6.12 19.67 6.94
C6 9F3 K . 8.54 17.19 9.21
O1 9F3 K . 7.10 18.66 6.93
C9 9F3 K . 9.24 19.68 6.70
O7 9F3 K . 10.44 20.04 7.42
O2 9F3 K . 8.95 17.70 7.90
C10 9F3 K . 7.48 16.10 9.08
O8 9F3 K . 8.15 14.98 8.47
O4 9F3 K . 8.71 18.62 11.26
O 9F3 K . 6.90 20.44 9.13
C 9F3 K . 5.71 19.94 8.36
O3 9F3 K . 5.19 18.71 8.92
C8 9F3 K . 4.02 19.05 9.71
C11 9F3 K . 3.11 17.83 10.00
O9 9F3 K . 2.89 17.12 8.79
C7 9F3 K . 3.35 20.07 8.83
O6 9F3 K . 2.43 20.82 9.58
O5 9F3 K . 4.20 21.68 7.30
C1 9F3 L . -1.04 24.34 47.30
C2 9F3 L . 0.19 24.21 48.25
C3 9F3 L . -1.39 22.91 46.87
C4 9F3 L . 0.72 26.07 44.32
C5 9F3 L . 1.55 25.36 46.66
C6 9F3 L . -0.65 22.00 47.89
O1 9F3 L . 1.45 24.26 47.56
C9 9F3 L . 0.26 25.26 49.35
O7 9F3 L . -0.91 25.15 50.16
O2 9F3 L . 0.09 22.89 48.80
C10 9F3 L . 0.35 21.08 47.17
O8 9F3 L . 0.85 20.18 48.19
O4 9F3 L . -2.85 22.73 46.85
O 9F3 L . -0.77 25.16 46.09
C 9F3 L . 0.59 25.09 45.52
O3 9F3 L . 0.94 23.77 44.97
C8 9F3 L . 0.64 23.84 43.53
C11 9F3 L . 1.24 22.73 42.67
O9 9F3 L . 2.51 22.39 43.20
C7 9F3 L . 1.22 25.19 43.17
O6 9F3 L . 0.66 25.66 41.96
O5 9F3 L . 1.64 27.20 44.43
#